data_9PC6
#
_entry.id   9PC6
#
_cell.length_a   1.00
_cell.length_b   1.00
_cell.length_c   1.00
_cell.angle_alpha   90.00
_cell.angle_beta   90.00
_cell.angle_gamma   90.00
#
_symmetry.space_group_name_H-M   'P 1'
#
loop_
_entity.id
_entity.type
_entity.pdbx_description
1 polymer '6-deoxyerythronolide-B synthase,RifR'
2 polymer 'Antibody Fragment 1B2 Heavy Chain'
3 polymer 'Antibody Fragment 1B2 Light Chain'
#
loop_
_entity_poly.entity_id
_entity_poly.type
_entity_poly.pdbx_seq_one_letter_code
_entity_poly.pdbx_strand_id
1 'polypeptide(L)'
;MASTDSEKVAEYLRRATLDLRAARQRIRELEGEPIAIVGMACRLPGGVASPEDLWRLVAERVDAVSEFPGDRGWDLDSLI
DPDRERAGTSYVGQGGFLHDAGEFDAGFFGISPREAVAMDPQQRLLLETSWEALENAGVDPIALKGTDTGVFSGLMGQGY
GSGAVAPELEGFVTTGVASSVASGRVSYVLGLEGPAVTVDTACSSSLVAMHLAAQALRQGECSMALAGGVTVMATPGSFV
EFSRQRALAPDGRCKAFAAAADGTGWSEGVGVVVLERLSVARERGHRILAVLRGSAVNQDGASNGLTAPNGLSQQRVIRR
ALAAAGLAPSDVDVVEAHGTGTTLGDPIEAQALLATYGQERKQPLWLGSLKSNIGHAQAAAGVAGVIKMVQALRHETLPP
TLHVDKPTLEVDWSAGAIELLTEARAWPRNGRPRRAGVSSFGVSGTNAHLILEEAPAEEPVAAPELPVVPLVVSARSTES
LSGQAERLASLLEGDVSLTEVAGALVSRRAVLDERAVVVAGSREEAVTGLRALNTAGSGTPGKVVWVFPGQGTQWAGMGR
ELLAESPVFAERIAECAAALAPWIDWSLVDVLRGEGDLGRVDVLQPACFAVMVGLAAVWESVGVRPDAVVGHSQGEIAAA
CVSGALSLEDAAKVVALRSQAIAAELSGRGGMASVALGEDDVVSRLVDGVEVAAVNGPSSVVIAGDAHALDATLEILSGE
GIRVRRVAVDYASHTRHVEDIRDTLAETLAGISAQAPAVPFYSTVTSEWVRDAGVLDGGYWYRNLRNQVRFGAAATALLE
QGHTVFVEVSAHPVTVQPLSELTGDAIGTLRREDGGLRRLLASMGELFVRGIDVDWTAMVPAAGWVDLPTYAFEHRHYWL
EPAEPASAGDPLLGTVVSTPGSDRLTAVAQWSRRAQPWAVDGLVPNAALVEAAIRLGDLAGTPVVGELVVDAPVVLPRRG
SREVQLIVGEPGEQRRRPIEVFSREADEPWTRHAHGTLAPAAAAVPEPAAAGDATDVTVAGLRDADRYGIHPALLDAAVR
TVVGDDLLPSVWTGVSLLASGATAVTVTPTATGLRLTDPAGQPVLTVESVRGTPFVAEQGTTDALFRVDWPEIPLPTAET
ADFLPYEATSAEATLSALQAWLADPAETRLAVVTGDCTEPGAAAIWGLVRSAQSEHPGRIVLADLDDPAVLPAVVASGEP
QVRVRNGVASVPRLTRVTPRQDARPLDPEGTVLITGGTGTLGALTARHLVTAHGVRHLVLVSRRGEAPELQEELTALGAS
VAIAACDVADRAQLEAVLRAIPAEHPLTAVIHTAGVLDDGVVTELTPDRLATVRRPKVDAARLLDELTREADLAAFVLFS
SAAGVLGNPGQAGYAAANAELDALARQRNSLDLPAVSIAWGYWATVSGMTEHLGDADLRRNQRIGMSGLPADEGMALLDA
AIATGGTLVAAKFDVAALRATAKAGGPVPPLLRGLAPLPRRAAAKTASLTERLAGLAETEQAAALLDLVRRHAAEVLGHS
GAESVHSGRTFKDAGFD(4HH)LTAVELRNRLAAATGLTLSPAMIFDYPKPPALADHLRAKLFGSGGGGSGGGGSHRPEA
EKWLRRFERAPDARARLVCLPHAGGSASFFFPLAKALAPAVEVLAVQYPGRQDRRHEPPVDSIGGLTNRLLEVLRPFGDR
PLALFGHSMGAIIGYELALRMPEAGLPAPVHLFASGRRAPSRYRDDDVRGASDERLVAELRKLGGSDAAMLADPELLAMV
LPAIRSDYRAVETYRHEPGRRVDCPVTVFTGDHDPRVSVGEARAWEEHTTGPADLRVLPGGHFFLVDQAAPMIATMTEKL
AGPALTGSTGGNSGNSSSVDKLAAALEHHHHHH
;
A,B
2 'polypeptide(L)'
;MAEVQLVQSGGGLVQPGRSLRLSCTASGFTFGDYAMSWVRQAPGKGLEWVGFIRSKAYGGTTEYAASVKGRFTISRDDSK
SIAYLQMNSLKTEDTAVYYCTRGGTLFDYWGQGTLVTVSSASTKGPSVFPLAPSSKSTSGGTAALGCLVKDYFPEPVTVS
WNSGALTSGVHTFPAVLQSSGLYSLSSVVTVPSSSLGTQTYICNVNHKPSNTKVDKKVEPKSCAALVPRGSAHHHHHHAA
DYKDDDDKA
;
J,K
3 'polypeptide(L)'
;LFAIPLVVPFYSHSALDVVMTQSPLSLPVTPGEPASISCRSSQSLLHSNGYNYLDWYLQKPGQSPQLLIYLGSNRASGVP
DRFSGSGSGTDFTLKISRVEAEDVGVYYCMQSLQTPRLTFGPGTKVDIKRTVAAPSVFIFPPSDEQLKSGTASVVCLLNN
FYPRGAKVQWKVDNALQSGNSQESVTEQDSKDSTYSLSSTLTLSKADYEKHKVYACEVTHQGLSSPVTKSFNRGEC
;
I,L
#
# COMPACT_ATOMS: atom_id res chain seq x y z
N MET A 1 -20.14 -63.39 33.38
CA MET A 1 -19.53 -62.33 34.17
C MET A 1 -19.61 -61.00 33.42
N ALA A 2 -19.92 -61.09 32.13
CA ALA A 2 -20.06 -59.91 31.28
C ALA A 2 -21.52 -59.49 31.10
N SER A 3 -22.38 -59.86 32.06
CA SER A 3 -23.80 -59.52 31.95
C SER A 3 -24.07 -58.04 32.15
N THR A 4 -23.08 -57.27 32.62
CA THR A 4 -23.25 -55.84 32.84
C THR A 4 -23.21 -55.13 31.50
N ASP A 5 -24.34 -55.15 30.80
CA ASP A 5 -24.42 -54.53 29.48
C ASP A 5 -25.66 -53.68 29.24
N SER A 6 -26.74 -53.86 29.98
CA SER A 6 -28.01 -53.17 29.68
C SER A 6 -28.01 -51.75 30.22
N GLU A 7 -27.90 -51.61 31.54
CA GLU A 7 -27.99 -50.29 32.16
C GLU A 7 -26.74 -49.46 31.90
N LYS A 8 -25.61 -50.13 31.70
CA LYS A 8 -24.31 -49.48 31.78
C LYS A 8 -24.15 -48.38 30.73
N VAL A 9 -24.41 -48.70 29.47
CA VAL A 9 -24.03 -47.84 28.35
C VAL A 9 -24.74 -46.49 28.41
N ALA A 10 -26.00 -46.49 28.85
CA ALA A 10 -26.78 -45.25 28.89
C ALA A 10 -26.13 -44.23 29.81
N GLU A 11 -25.85 -44.63 31.05
CA GLU A 11 -25.17 -43.71 31.97
C GLU A 11 -23.73 -43.49 31.57
N TYR A 12 -23.13 -44.46 30.87
CA TYR A 12 -21.75 -44.34 30.44
C TYR A 12 -21.58 -43.17 29.49
N LEU A 13 -22.48 -43.04 28.52
CA LEU A 13 -22.29 -42.06 27.46
C LEU A 13 -23.39 -41.01 27.37
N ARG A 14 -24.25 -40.90 28.37
CA ARG A 14 -25.11 -39.73 28.46
C ARG A 14 -24.26 -38.47 28.52
N ARG A 15 -23.05 -38.57 29.05
CA ARG A 15 -22.11 -37.47 29.02
C ARG A 15 -21.31 -37.42 27.73
N ALA A 16 -21.00 -38.57 27.13
CA ALA A 16 -20.23 -38.58 25.90
C ALA A 16 -21.00 -37.89 24.78
N THR A 17 -22.30 -38.17 24.68
CA THR A 17 -23.10 -37.57 23.61
C THR A 17 -23.14 -36.05 23.75
N LEU A 18 -23.35 -35.56 24.97
CA LEU A 18 -23.45 -34.12 25.16
C LEU A 18 -22.09 -33.47 24.99
N ASP A 19 -21.03 -34.18 25.37
CA ASP A 19 -19.67 -33.69 25.12
C ASP A 19 -19.44 -33.49 23.63
N LEU A 20 -19.80 -34.49 22.83
CA LEU A 20 -19.46 -34.44 21.42
C LEU A 20 -20.37 -33.45 20.69
N ARG A 21 -21.61 -33.31 21.17
CA ARG A 21 -22.48 -32.24 20.67
C ARG A 21 -21.93 -30.87 21.02
N ALA A 22 -21.37 -30.72 22.23
CA ALA A 22 -20.73 -29.47 22.60
C ALA A 22 -19.53 -29.18 21.71
N ALA A 23 -18.80 -30.23 21.34
CA ALA A 23 -17.71 -30.05 20.39
C ALA A 23 -18.22 -29.56 19.04
N ARG A 24 -19.35 -30.12 18.59
CA ARG A 24 -19.96 -29.63 17.35
C ARG A 24 -20.34 -28.16 17.46
N GLN A 25 -20.94 -27.77 18.58
CA GLN A 25 -21.24 -26.36 18.81
C GLN A 25 -19.96 -25.53 18.81
N ARG A 26 -18.86 -26.10 19.31
CA ARG A 26 -17.58 -25.42 19.29
C ARG A 26 -17.13 -25.15 17.87
N ILE A 27 -17.28 -26.13 16.98
CA ILE A 27 -16.89 -25.88 15.59
C ILE A 27 -17.78 -24.81 14.99
N ARG A 28 -19.07 -24.83 15.33
CA ARG A 28 -19.99 -23.86 14.76
C ARG A 28 -19.61 -22.44 15.18
N GLU A 29 -19.32 -22.25 16.47
CA GLU A 29 -18.92 -20.92 16.92
C GLU A 29 -17.55 -20.54 16.38
N LEU A 30 -16.62 -21.50 16.27
CA LEU A 30 -15.30 -21.17 15.75
C LEU A 30 -15.38 -20.66 14.33
N GLU A 31 -16.20 -21.29 13.50
CA GLU A 31 -16.35 -20.80 12.13
C GLU A 31 -17.25 -19.58 12.04
N GLY A 32 -18.14 -19.37 13.01
CA GLY A 32 -19.10 -18.29 12.88
C GLY A 32 -19.40 -17.47 14.12
N GLU A 33 -18.42 -17.31 15.01
CA GLU A 33 -18.65 -16.51 16.21
C GLU A 33 -18.92 -15.07 15.83
N PRO A 34 -20.02 -14.48 16.30
CA PRO A 34 -20.22 -13.04 16.09
C PRO A 34 -19.13 -12.25 16.78
N ILE A 35 -18.68 -11.19 16.12
CA ILE A 35 -17.62 -10.36 16.66
C ILE A 35 -18.27 -9.11 17.23
N ALA A 36 -17.61 -8.50 18.22
CA ALA A 36 -18.18 -7.38 18.95
C ALA A 36 -17.36 -6.12 18.72
N ILE A 37 -18.06 -4.98 18.74
CA ILE A 37 -17.45 -3.67 18.58
C ILE A 37 -17.48 -2.97 19.92
N VAL A 38 -16.34 -2.45 20.36
CA VAL A 38 -16.26 -1.71 21.61
C VAL A 38 -15.63 -0.34 21.45
N GLY A 39 -14.80 -0.10 20.44
CA GLY A 39 -14.16 1.19 20.28
C GLY A 39 -14.67 1.97 19.08
N MET A 40 -14.51 3.29 19.10
CA MET A 40 -15.07 4.14 18.06
C MET A 40 -14.27 5.42 17.98
N ALA A 41 -13.85 5.80 16.77
CA ALA A 41 -13.28 7.12 16.56
C ALA A 41 -13.37 7.46 15.07
N CYS A 42 -13.69 8.72 14.79
CA CYS A 42 -13.83 9.18 13.42
C CYS A 42 -13.44 10.64 13.33
N ARG A 43 -12.96 11.03 12.16
CA ARG A 43 -12.61 12.43 11.89
C ARG A 43 -12.96 12.72 10.44
N LEU A 44 -13.90 13.62 10.24
CA LEU A 44 -14.45 13.93 8.93
C LEU A 44 -14.51 15.44 8.75
N PRO A 45 -14.50 15.92 7.50
CA PRO A 45 -14.65 17.36 7.26
C PRO A 45 -15.94 17.90 7.84
N GLY A 46 -16.01 19.23 7.90
CA GLY A 46 -17.12 19.87 8.56
C GLY A 46 -17.01 19.95 10.06
N GLY A 47 -15.81 19.78 10.61
CA GLY A 47 -15.61 19.84 12.04
C GLY A 47 -15.98 18.60 12.81
N VAL A 48 -16.22 17.47 12.12
CA VAL A 48 -16.59 16.25 12.79
C VAL A 48 -15.38 15.68 13.51
N ALA A 49 -15.43 15.65 14.84
CA ALA A 49 -14.35 15.11 15.65
C ALA A 49 -14.78 13.96 16.55
N SER A 50 -16.07 13.77 16.75
CA SER A 50 -16.58 12.68 17.57
C SER A 50 -17.75 12.02 16.85
N PRO A 51 -17.98 10.72 17.09
CA PRO A 51 -19.07 10.04 16.37
C PRO A 51 -20.44 10.66 16.60
N GLU A 52 -20.72 11.11 17.81
CA GLU A 52 -22.03 11.70 18.09
C GLU A 52 -22.21 13.01 17.34
N ASP A 53 -21.13 13.76 17.15
CA ASP A 53 -21.21 14.96 16.32
C ASP A 53 -21.61 14.61 14.90
N LEU A 54 -21.02 13.55 14.34
CA LEU A 54 -21.40 13.11 13.01
C LEU A 54 -22.85 12.66 12.96
N TRP A 55 -23.28 11.91 13.97
CA TRP A 55 -24.67 11.44 13.99
C TRP A 55 -25.64 12.62 14.03
N ARG A 56 -25.36 13.61 14.87
CA ARG A 56 -26.21 14.79 14.93
C ARG A 56 -26.18 15.55 13.61
N LEU A 57 -25.00 15.68 13.00
CA LEU A 57 -24.88 16.38 11.74
C LEU A 57 -25.73 15.72 10.66
N VAL A 58 -25.68 14.39 10.58
CA VAL A 58 -26.52 13.68 9.62
C VAL A 58 -27.99 13.85 9.98
N ALA A 59 -28.30 13.89 11.28
CA ALA A 59 -29.69 14.06 11.70
C ALA A 59 -30.25 15.40 11.24
N GLU A 60 -29.44 16.46 11.25
CA GLU A 60 -29.91 17.77 10.86
C GLU A 60 -29.69 18.07 9.39
N ARG A 61 -29.40 17.05 8.57
CA ARG A 61 -29.30 17.19 7.12
C ARG A 61 -28.27 18.25 6.73
N VAL A 62 -27.17 18.31 7.47
CA VAL A 62 -26.16 19.34 7.26
C VAL A 62 -25.11 18.79 6.28
N ASP A 63 -24.92 19.51 5.18
CA ASP A 63 -23.87 19.17 4.23
C ASP A 63 -22.51 19.61 4.78
N ALA A 64 -21.46 18.92 4.31
CA ALA A 64 -20.10 19.21 4.74
C ALA A 64 -19.16 19.47 3.57
N VAL A 65 -19.67 19.66 2.37
CA VAL A 65 -18.81 19.96 1.23
C VAL A 65 -18.19 21.34 1.43
N SER A 66 -16.88 21.39 1.53
CA SER A 66 -16.14 22.61 1.81
C SER A 66 -15.47 23.11 0.54
N GLU A 67 -14.67 24.16 0.69
CA GLU A 67 -13.89 24.72 -0.39
C GLU A 67 -12.49 24.12 -0.39
N PHE A 68 -11.84 24.17 -1.55
CA PHE A 68 -10.52 23.58 -1.68
C PHE A 68 -9.52 24.32 -0.80
N PRO A 69 -8.78 23.63 0.05
CA PRO A 69 -7.83 24.31 0.93
C PRO A 69 -6.63 24.83 0.15
N GLY A 70 -5.98 25.83 0.73
CA GLY A 70 -4.81 26.44 0.11
C GLY A 70 -3.55 26.33 0.94
N ASP A 71 -3.68 25.80 2.16
CA ASP A 71 -2.54 25.67 3.05
C ASP A 71 -1.53 24.62 2.59
N ARG A 72 -1.89 23.80 1.61
CA ARG A 72 -1.00 22.75 1.11
C ARG A 72 -0.11 23.23 -0.02
N GLY A 73 -0.14 24.51 -0.36
CA GLY A 73 0.68 25.02 -1.43
C GLY A 73 0.15 24.71 -2.82
N TRP A 74 -1.16 24.58 -2.97
CA TRP A 74 -1.75 24.27 -4.26
C TRP A 74 -1.89 25.53 -5.11
N ASP A 75 -1.57 25.40 -6.40
CA ASP A 75 -1.81 26.47 -7.38
C ASP A 75 -3.25 26.35 -7.85
N LEU A 76 -4.17 26.84 -7.01
CA LEU A 76 -5.59 26.60 -7.24
C LEU A 76 -6.08 27.22 -8.54
N ASP A 77 -5.62 28.43 -8.85
CA ASP A 77 -6.11 29.12 -10.03
C ASP A 77 -5.80 28.36 -11.32
N SER A 78 -4.65 27.67 -11.34
CA SER A 78 -4.26 26.92 -12.53
C SER A 78 -5.10 25.67 -12.74
N LEU A 79 -5.93 25.29 -11.77
CA LEU A 79 -6.71 24.06 -11.87
C LEU A 79 -8.21 24.28 -12.00
N ILE A 80 -8.69 25.50 -11.79
CA ILE A 80 -10.12 25.80 -11.79
C ILE A 80 -10.45 26.55 -13.08
N ASP A 81 -11.43 26.04 -13.81
CA ASP A 81 -11.84 26.62 -15.08
C ASP A 81 -13.11 25.89 -15.55
N PRO A 82 -13.87 26.50 -16.45
CA PRO A 82 -14.98 25.77 -17.10
C PRO A 82 -14.54 24.91 -18.28
N ASP A 83 -13.25 24.91 -18.61
CA ASP A 83 -12.71 24.08 -19.69
C ASP A 83 -12.35 22.72 -19.11
N ARG A 84 -13.24 21.75 -19.24
CA ARG A 84 -12.96 20.40 -18.78
C ARG A 84 -11.87 19.72 -19.60
N GLU A 85 -11.56 20.23 -20.80
CA GLU A 85 -10.54 19.64 -21.65
C GLU A 85 -9.18 20.30 -21.49
N ARG A 86 -9.08 21.39 -20.74
CA ARG A 86 -7.81 22.06 -20.55
C ARG A 86 -6.87 21.19 -19.73
N ALA A 87 -5.58 21.23 -20.07
CA ALA A 87 -4.60 20.37 -19.43
C ALA A 87 -4.41 20.75 -17.97
N GLY A 88 -4.41 19.75 -17.09
CA GLY A 88 -4.18 19.98 -15.67
C GLY A 88 -5.18 20.88 -15.00
N THR A 89 -6.47 20.69 -15.30
CA THR A 89 -7.52 21.54 -14.74
C THR A 89 -8.67 20.67 -14.27
N SER A 90 -9.36 21.16 -13.22
CA SER A 90 -10.51 20.48 -12.66
C SER A 90 -11.71 21.43 -12.73
N TYR A 91 -12.82 20.94 -13.28
CA TYR A 91 -14.04 21.74 -13.35
C TYR A 91 -14.76 21.82 -12.01
N VAL A 92 -14.14 21.35 -10.94
CA VAL A 92 -14.71 21.42 -9.60
C VAL A 92 -13.72 22.11 -8.68
N GLY A 93 -14.22 23.04 -7.87
CA GLY A 93 -13.38 23.77 -6.93
C GLY A 93 -13.91 23.69 -5.52
N GLN A 94 -14.99 22.95 -5.34
CA GLN A 94 -15.63 22.81 -4.04
C GLN A 94 -15.62 21.34 -3.63
N GLY A 95 -15.11 21.06 -2.45
CA GLY A 95 -15.05 19.69 -1.96
C GLY A 95 -14.77 19.59 -0.48
N GLY A 96 -15.26 18.53 0.16
CA GLY A 96 -15.04 18.35 1.58
C GLY A 96 -13.58 18.02 1.87
N PHE A 97 -12.95 18.79 2.74
CA PHE A 97 -11.59 18.54 3.17
C PHE A 97 -11.49 18.67 4.68
N LEU A 98 -10.66 17.82 5.28
CA LEU A 98 -10.37 17.90 6.71
C LEU A 98 -9.26 18.92 6.91
N HIS A 99 -9.62 20.12 7.36
CA HIS A 99 -8.68 21.23 7.45
C HIS A 99 -7.71 21.09 8.62
N ASP A 100 -7.90 20.10 9.49
CA ASP A 100 -7.04 19.89 10.65
C ASP A 100 -5.93 18.89 10.35
N ALA A 101 -5.60 18.68 9.08
CA ALA A 101 -4.62 17.67 8.70
C ALA A 101 -3.24 17.99 9.27
N GLY A 102 -2.82 19.24 9.15
CA GLY A 102 -1.48 19.61 9.61
C GLY A 102 -1.32 19.61 11.11
N GLU A 103 -2.42 19.71 11.84
CA GLU A 103 -2.36 19.75 13.30
C GLU A 103 -2.01 18.37 13.86
N PHE A 104 -1.19 18.36 14.91
CA PHE A 104 -0.73 17.12 15.51
C PHE A 104 -0.05 17.43 16.83
N ASP A 105 -0.06 16.45 17.74
CA ASP A 105 0.61 16.54 19.02
C ASP A 105 1.80 15.58 19.00
N ALA A 106 2.99 16.13 18.74
CA ALA A 106 4.18 15.30 18.71
C ALA A 106 4.67 14.93 20.10
N GLY A 107 4.50 15.83 21.07
CA GLY A 107 5.03 15.59 22.41
C GLY A 107 4.31 14.49 23.16
N PHE A 108 3.05 14.23 22.82
CA PHE A 108 2.31 13.19 23.53
C PHE A 108 2.96 11.83 23.36
N PHE A 109 3.38 11.50 22.13
CA PHE A 109 4.06 10.26 21.85
C PHE A 109 5.57 10.38 21.92
N GLY A 110 6.09 11.55 22.28
CA GLY A 110 7.52 11.75 22.32
C GLY A 110 8.13 11.71 20.94
N ILE A 111 7.77 12.67 20.10
CA ILE A 111 8.20 12.71 18.71
C ILE A 111 8.91 14.04 18.47
N SER A 112 10.11 13.97 17.90
CA SER A 112 10.87 15.17 17.62
C SER A 112 10.20 15.99 16.51
N PRO A 113 10.30 17.31 16.55
CA PRO A 113 9.65 18.13 15.52
C PRO A 113 10.14 17.85 14.11
N ARG A 114 11.42 17.53 13.93
CA ARG A 114 11.93 17.31 12.58
C ARG A 114 11.26 16.09 11.94
N GLU A 115 11.22 14.97 12.66
CA GLU A 115 10.51 13.83 12.12
C GLU A 115 9.01 14.09 12.07
N ALA A 116 8.50 14.90 13.00
CA ALA A 116 7.08 15.21 13.02
C ALA A 116 6.64 15.89 11.73
N VAL A 117 7.38 16.93 11.30
CA VAL A 117 7.06 17.56 10.03
C VAL A 117 7.37 16.62 8.88
N ALA A 118 8.47 15.87 8.99
CA ALA A 118 8.80 14.89 7.97
C ALA A 118 7.82 13.73 7.93
N MET A 119 7.09 13.49 9.02
CA MET A 119 6.24 12.31 9.09
C MET A 119 4.99 12.54 8.24
N ASP A 120 4.51 11.47 7.64
CA ASP A 120 3.29 11.54 6.84
C ASP A 120 2.10 11.89 7.74
N PRO A 121 1.29 12.90 7.37
CA PRO A 121 0.12 13.23 8.21
C PRO A 121 -0.81 12.05 8.43
N GLN A 122 -0.93 11.15 7.45
CA GLN A 122 -1.80 9.99 7.60
C GLN A 122 -1.44 9.21 8.86
N GLN A 123 -0.15 9.00 9.10
CA GLN A 123 0.29 8.20 10.23
C GLN A 123 0.02 8.89 11.56
N ARG A 124 0.34 10.18 11.67
CA ARG A 124 0.08 10.90 12.91
C ARG A 124 -1.41 10.90 13.23
N LEU A 125 -2.23 11.15 12.21
CA LEU A 125 -3.67 11.15 12.40
C LEU A 125 -4.17 9.76 12.76
N LEU A 126 -3.57 8.71 12.19
CA LEU A 126 -3.84 7.34 12.61
C LEU A 126 -3.59 7.17 14.10
N LEU A 127 -2.42 7.62 14.57
CA LEU A 127 -2.09 7.45 15.98
C LEU A 127 -3.11 8.16 16.87
N GLU A 128 -3.44 9.41 16.50
CA GLU A 128 -4.40 10.18 17.30
C GLU A 128 -5.75 9.49 17.36
N THR A 129 -6.30 9.12 16.20
CA THR A 129 -7.63 8.52 16.21
C THR A 129 -7.61 7.14 16.86
N SER A 130 -6.50 6.41 16.76
CA SER A 130 -6.40 5.12 17.42
C SER A 130 -6.44 5.28 18.93
N TRP A 131 -5.68 6.24 19.46
CA TRP A 131 -5.75 6.49 20.89
C TRP A 131 -7.15 6.91 21.31
N GLU A 132 -7.79 7.76 20.51
CA GLU A 132 -9.14 8.21 20.85
C GLU A 132 -10.12 7.04 20.89
N ALA A 133 -10.05 6.15 19.89
CA ALA A 133 -10.94 5.00 19.86
C ALA A 133 -10.67 4.07 21.03
N LEU A 134 -9.40 3.81 21.33
CA LEU A 134 -9.07 2.91 22.44
C LEU A 134 -9.58 3.49 23.75
N GLU A 135 -9.45 4.80 23.94
CA GLU A 135 -10.02 5.42 25.12
C GLU A 135 -11.54 5.29 25.13
N ASN A 136 -12.18 5.47 23.97
CA ASN A 136 -13.63 5.37 23.90
C ASN A 136 -14.11 3.99 24.31
N ALA A 137 -13.29 2.96 24.11
CA ALA A 137 -13.62 1.62 24.58
C ALA A 137 -13.52 1.50 26.09
N GLY A 138 -13.01 2.51 26.77
CA GLY A 138 -12.85 2.44 28.21
C GLY A 138 -11.82 1.43 28.65
N VAL A 139 -10.70 1.34 27.92
CA VAL A 139 -9.63 0.41 28.22
C VAL A 139 -8.35 1.20 28.44
N ASP A 140 -7.63 0.87 29.51
CA ASP A 140 -6.39 1.56 29.82
C ASP A 140 -5.36 1.28 28.73
N PRO A 141 -4.90 2.31 28.01
CA PRO A 141 -3.85 2.08 27.01
C PRO A 141 -2.56 1.54 27.60
N ILE A 142 -2.23 1.95 28.82
CA ILE A 142 -1.01 1.46 29.45
C ILE A 142 -1.10 -0.05 29.69
N ALA A 143 -2.26 -0.52 30.13
CA ALA A 143 -2.45 -1.94 30.38
C ALA A 143 -2.29 -2.78 29.12
N LEU A 144 -2.45 -2.18 27.94
CA LEU A 144 -2.28 -2.90 26.69
C LEU A 144 -0.83 -3.30 26.43
N LYS A 145 0.12 -2.77 27.21
CA LYS A 145 1.52 -3.12 27.02
C LYS A 145 1.73 -4.62 27.22
N GLY A 146 2.42 -5.25 26.26
CA GLY A 146 2.72 -6.65 26.34
C GLY A 146 1.57 -7.57 25.96
N THR A 147 0.42 -7.03 25.58
CA THR A 147 -0.72 -7.85 25.20
C THR A 147 -0.56 -8.34 23.76
N ASP A 148 -1.42 -9.29 23.38
CA ASP A 148 -1.34 -9.93 22.08
C ASP A 148 -2.23 -9.27 21.04
N THR A 149 -2.82 -8.13 21.35
CA THR A 149 -3.70 -7.46 20.40
C THR A 149 -2.94 -7.03 19.16
N GLY A 150 -3.61 -7.09 18.00
CA GLY A 150 -3.03 -6.73 16.74
C GLY A 150 -3.70 -5.52 16.13
N VAL A 151 -3.10 -5.03 15.04
CA VAL A 151 -3.57 -3.84 14.35
C VAL A 151 -3.62 -4.11 12.86
N PHE A 152 -4.72 -3.69 12.24
CA PHE A 152 -4.90 -3.76 10.80
C PHE A 152 -5.42 -2.42 10.30
N SER A 153 -4.89 -1.98 9.16
CA SER A 153 -5.25 -0.68 8.63
C SER A 153 -5.24 -0.73 7.12
N GLY A 154 -5.92 0.24 6.50
CA GLY A 154 -5.95 0.34 5.06
C GLY A 154 -5.70 1.74 4.57
N LEU A 155 -4.73 1.90 3.67
CA LEU A 155 -4.37 3.21 3.15
C LEU A 155 -3.52 3.04 1.91
N MET A 156 -3.69 3.95 0.95
CA MET A 156 -2.86 3.98 -0.24
C MET A 156 -1.82 5.09 -0.13
N GLY A 157 -0.73 4.92 -0.87
CA GLY A 157 0.31 5.92 -0.87
C GLY A 157 -0.16 7.22 -1.52
N GLN A 158 0.44 8.32 -1.08
CA GLN A 158 0.12 9.63 -1.63
C GLN A 158 1.34 10.48 -1.96
N GLY A 159 2.54 10.04 -1.58
CA GLY A 159 3.74 10.79 -1.89
C GLY A 159 3.86 12.13 -1.20
N TYR A 160 3.53 12.19 0.08
CA TYR A 160 3.70 13.42 0.85
C TYR A 160 5.19 13.75 0.95
N GLY A 161 5.57 14.90 0.41
CA GLY A 161 6.97 15.29 0.40
C GLY A 161 7.81 14.59 -0.65
N SER A 162 7.18 13.98 -1.66
CA SER A 162 7.93 13.28 -2.68
C SER A 162 8.69 14.22 -3.62
N GLY A 163 8.36 15.51 -3.60
CA GLY A 163 9.01 16.46 -4.47
C GLY A 163 10.33 16.97 -3.93
N ALA A 164 10.51 18.29 -3.93
CA ALA A 164 11.74 18.89 -3.44
C ALA A 164 11.97 18.50 -1.98
N VAL A 165 13.19 18.11 -1.67
CA VAL A 165 13.54 17.59 -0.35
C VAL A 165 14.70 18.41 0.21
N ALA A 166 14.56 18.85 1.46
CA ALA A 166 15.62 19.56 2.13
C ALA A 166 16.72 18.60 2.58
N PRO A 167 17.96 19.08 2.73
CA PRO A 167 19.04 18.18 3.14
C PRO A 167 19.14 18.04 4.66
N GLU A 168 18.11 18.47 5.37
CA GLU A 168 18.08 18.39 6.82
C GLU A 168 17.24 17.24 7.35
N LEU A 169 16.00 17.13 6.89
CA LEU A 169 15.10 16.07 7.35
C LEU A 169 15.39 14.73 6.70
N GLU A 170 16.52 14.59 6.03
CA GLU A 170 16.89 13.32 5.41
C GLU A 170 17.06 12.24 6.46
N GLY A 171 16.78 11.00 6.06
CA GLY A 171 16.80 9.86 6.96
C GLY A 171 15.46 9.51 7.55
N PHE A 172 14.45 10.36 7.39
CA PHE A 172 13.13 10.09 7.90
C PHE A 172 12.08 9.92 6.81
N VAL A 173 12.39 10.29 5.57
CA VAL A 173 11.39 10.23 4.50
C VAL A 173 11.00 8.79 4.20
N THR A 174 11.98 7.89 4.16
CA THR A 174 11.68 6.48 3.88
C THR A 174 10.75 5.90 4.94
N THR A 175 11.09 6.10 6.21
CA THR A 175 10.17 5.72 7.27
C THR A 175 8.94 6.60 7.31
N GLY A 176 9.04 7.83 6.78
CA GLY A 176 7.90 8.73 6.80
C GLY A 176 6.77 8.27 5.90
N VAL A 177 7.11 7.76 4.71
CA VAL A 177 6.11 7.49 3.68
C VAL A 177 5.82 6.02 3.49
N ALA A 178 6.60 5.12 4.08
CA ALA A 178 6.34 3.69 3.91
C ALA A 178 5.07 3.29 4.63
N SER A 179 4.22 2.53 3.94
CA SER A 179 2.87 2.26 4.45
C SER A 179 2.92 1.35 5.68
N SER A 180 3.75 0.31 5.65
CA SER A 180 3.83 -0.62 6.78
C SER A 180 4.25 0.08 8.06
N VAL A 181 5.00 1.18 7.92
CA VAL A 181 5.44 1.93 9.09
C VAL A 181 4.27 2.46 9.89
N ALA A 182 3.11 2.66 9.26
CA ALA A 182 1.93 3.11 10.02
C ALA A 182 1.60 2.14 11.14
N SER A 183 1.26 0.90 10.78
CA SER A 183 0.94 -0.10 11.79
C SER A 183 2.14 -0.39 12.68
N GLY A 184 3.34 -0.45 12.09
CA GLY A 184 4.52 -0.68 12.90
C GLY A 184 4.69 0.35 14.00
N ARG A 185 4.52 1.62 13.65
CA ARG A 185 4.68 2.71 14.59
C ARG A 185 3.59 2.71 15.64
N VAL A 186 2.35 2.46 15.23
CA VAL A 186 1.27 2.48 16.22
C VAL A 186 1.47 1.35 17.22
N SER A 187 1.88 0.17 16.75
CA SER A 187 2.13 -0.93 17.68
C SER A 187 3.35 -0.64 18.55
N TYR A 188 4.40 -0.04 17.98
CA TYR A 188 5.60 0.25 18.73
C TYR A 188 5.34 1.26 19.83
N VAL A 189 4.61 2.33 19.52
CA VAL A 189 4.29 3.33 20.53
C VAL A 189 3.32 2.75 21.55
N LEU A 190 2.44 1.85 21.14
CA LEU A 190 1.56 1.19 22.09
C LEU A 190 2.17 -0.05 22.70
N GLY A 191 3.32 -0.51 22.20
CA GLY A 191 3.96 -1.68 22.77
C GLY A 191 3.13 -2.95 22.67
N LEU A 192 2.50 -3.17 21.53
CA LEU A 192 1.65 -4.34 21.35
C LEU A 192 2.48 -5.52 20.87
N GLU A 193 1.83 -6.65 20.64
CA GLU A 193 2.51 -7.84 20.15
C GLU A 193 1.79 -8.56 19.02
N GLY A 194 0.52 -8.27 18.76
CA GLY A 194 -0.21 -8.95 17.72
C GLY A 194 0.26 -8.52 16.34
N PRO A 195 -0.24 -9.19 15.31
CA PRO A 195 0.17 -8.85 13.94
C PRO A 195 -0.18 -7.41 13.58
N ALA A 196 0.70 -6.78 12.82
CA ALA A 196 0.51 -5.42 12.33
C ALA A 196 0.49 -5.46 10.82
N VAL A 197 -0.66 -5.16 10.23
CA VAL A 197 -0.87 -5.32 8.79
C VAL A 197 -1.45 -4.05 8.22
N THR A 198 -0.89 -3.58 7.11
CA THR A 198 -1.45 -2.52 6.30
C THR A 198 -1.79 -3.08 4.93
N VAL A 199 -3.00 -2.80 4.45
CA VAL A 199 -3.49 -3.37 3.21
C VAL A 199 -3.86 -2.24 2.25
N ASP A 200 -4.31 -2.62 1.05
CA ASP A 200 -4.73 -1.63 0.06
C ASP A 200 -5.63 -2.31 -0.95
N THR A 201 -6.90 -1.91 -1.00
CA THR A 201 -7.82 -2.32 -2.05
C THR A 201 -8.60 -1.11 -2.54
N ALA A 202 -7.91 0.01 -2.71
CA ALA A 202 -8.50 1.27 -3.17
C ALA A 202 -9.57 1.70 -2.16
N CYS A 203 -10.73 2.18 -2.61
CA CYS A 203 -11.71 2.76 -1.71
C CYS A 203 -12.26 1.77 -0.69
N SER A 204 -12.14 0.47 -0.97
CA SER A 204 -12.63 -0.55 -0.06
C SER A 204 -11.60 -0.98 0.98
N SER A 205 -10.43 -0.33 1.00
CA SER A 205 -9.31 -0.83 1.79
C SER A 205 -9.66 -0.98 3.27
N SER A 206 -10.51 -0.11 3.80
CA SER A 206 -10.91 -0.26 5.20
C SER A 206 -11.78 -1.50 5.39
N LEU A 207 -12.81 -1.66 4.55
CA LEU A 207 -13.81 -2.68 4.80
C LEU A 207 -13.20 -4.08 4.78
N VAL A 208 -12.31 -4.33 3.83
CA VAL A 208 -11.62 -5.62 3.81
C VAL A 208 -10.77 -5.78 5.06
N ALA A 209 -10.06 -4.72 5.47
CA ALA A 209 -9.09 -4.83 6.55
C ALA A 209 -9.73 -5.37 7.82
N MET A 210 -10.82 -4.73 8.26
CA MET A 210 -11.50 -5.20 9.46
C MET A 210 -11.97 -6.63 9.28
N HIS A 211 -12.44 -6.98 8.08
CA HIS A 211 -12.82 -8.36 7.80
C HIS A 211 -11.66 -9.30 8.11
N LEU A 212 -10.46 -8.95 7.66
CA LEU A 212 -9.28 -9.76 7.97
C LEU A 212 -9.13 -9.91 9.47
N ALA A 213 -9.27 -8.81 10.21
CA ALA A 213 -9.16 -8.87 11.66
C ALA A 213 -10.10 -9.93 12.23
N ALA A 214 -11.33 -9.98 11.70
CA ALA A 214 -12.30 -10.96 12.16
C ALA A 214 -11.70 -12.35 12.13
N GLN A 215 -11.11 -12.73 11.00
CA GLN A 215 -10.50 -14.05 10.89
C GLN A 215 -9.49 -14.26 12.01
N ALA A 216 -8.60 -13.29 12.20
CA ALA A 216 -7.62 -13.40 13.27
C ALA A 216 -8.34 -13.56 14.61
N LEU A 217 -9.34 -12.71 14.86
CA LEU A 217 -10.08 -12.82 16.12
C LEU A 217 -10.80 -14.16 16.21
N ARG A 218 -11.22 -14.71 15.08
CA ARG A 218 -11.79 -16.05 15.11
C ARG A 218 -10.72 -17.10 15.25
N GLN A 219 -9.54 -16.87 14.67
CA GLN A 219 -8.50 -17.90 14.71
C GLN A 219 -7.86 -18.00 16.07
N GLY A 220 -7.56 -16.87 16.71
CA GLY A 220 -7.06 -16.89 18.06
C GLY A 220 -5.62 -16.44 18.22
N GLU A 221 -5.16 -15.53 17.36
CA GLU A 221 -3.83 -14.95 17.51
C GLU A 221 -3.85 -13.64 18.26
N CYS A 222 -5.01 -13.13 18.63
CA CYS A 222 -5.11 -11.84 19.30
C CYS A 222 -6.41 -11.78 20.08
N SER A 223 -6.40 -11.01 21.17
CA SER A 223 -7.60 -10.86 21.97
C SER A 223 -8.53 -9.81 21.38
N MET A 224 -8.07 -8.56 21.31
CA MET A 224 -8.77 -7.52 20.57
C MET A 224 -7.96 -7.14 19.35
N ALA A 225 -8.54 -6.30 18.50
CA ALA A 225 -7.88 -5.84 17.29
C ALA A 225 -8.32 -4.43 16.95
N LEU A 226 -7.49 -3.75 16.17
CA LEU A 226 -7.75 -2.40 15.71
C LEU A 226 -7.92 -2.40 14.19
N ALA A 227 -8.96 -1.73 13.71
CA ALA A 227 -9.22 -1.67 12.28
C ALA A 227 -9.61 -0.25 11.89
N GLY A 228 -9.51 0.04 10.60
CA GLY A 228 -9.92 1.33 10.10
C GLY A 228 -9.07 1.77 8.92
N GLY A 229 -9.25 3.02 8.56
CA GLY A 229 -8.51 3.59 7.45
C GLY A 229 -8.59 5.10 7.44
N VAL A 230 -7.59 5.72 6.82
CA VAL A 230 -7.53 7.17 6.67
C VAL A 230 -7.10 7.50 5.25
N THR A 231 -7.66 8.58 4.70
CA THR A 231 -7.25 9.11 3.42
C THR A 231 -7.23 10.63 3.52
N VAL A 232 -6.04 11.22 3.36
CA VAL A 232 -5.88 12.66 3.25
C VAL A 232 -4.96 12.92 2.06
N MET A 233 -5.36 13.87 1.21
CA MET A 233 -4.67 14.13 -0.05
C MET A 233 -3.88 15.43 0.05
N ALA A 234 -2.61 15.37 -0.36
CA ALA A 234 -1.75 16.55 -0.39
C ALA A 234 -1.63 17.16 -1.76
N THR A 235 -1.79 16.38 -2.82
CA THR A 235 -1.71 16.88 -4.18
C THR A 235 -3.07 16.73 -4.86
N PRO A 236 -3.56 17.78 -5.52
CA PRO A 236 -4.87 17.68 -6.18
C PRO A 236 -4.82 16.88 -7.47
N GLY A 237 -3.68 16.22 -7.70
CA GLY A 237 -3.49 15.52 -8.97
C GLY A 237 -4.56 14.50 -9.28
N SER A 238 -5.22 13.98 -8.24
CA SER A 238 -6.33 13.07 -8.47
C SER A 238 -7.48 13.78 -9.18
N PHE A 239 -7.92 14.92 -8.63
CA PHE A 239 -9.10 15.58 -9.15
C PHE A 239 -8.96 15.89 -10.63
N VAL A 240 -7.88 16.58 -11.00
CA VAL A 240 -7.65 16.91 -12.40
C VAL A 240 -7.64 15.64 -13.23
N GLU A 241 -6.97 14.60 -12.73
CA GLU A 241 -6.98 13.31 -13.42
C GLU A 241 -8.40 12.87 -13.70
N PHE A 242 -9.23 12.84 -12.66
CA PHE A 242 -10.62 12.45 -12.85
C PHE A 242 -11.37 13.51 -13.65
N SER A 243 -10.99 14.77 -13.51
CA SER A 243 -11.58 15.81 -14.34
C SER A 243 -11.33 15.54 -15.81
N ARG A 244 -10.30 14.78 -16.14
CA ARG A 244 -10.06 14.45 -17.54
C ARG A 244 -11.12 13.50 -18.08
N GLN A 245 -11.63 12.58 -17.24
CA GLN A 245 -12.76 11.76 -17.64
C GLN A 245 -14.09 12.31 -17.15
N ARG A 246 -14.08 13.47 -16.48
CA ARG A 246 -15.30 14.12 -16.01
C ARG A 246 -16.11 13.21 -15.09
N ALA A 247 -15.43 12.39 -14.29
CA ALA A 247 -16.13 11.50 -13.37
C ALA A 247 -16.67 12.24 -12.16
N LEU A 248 -16.16 13.43 -11.88
CA LEU A 248 -16.57 14.17 -10.68
C LEU A 248 -17.79 15.02 -10.97
N ALA A 249 -18.52 15.34 -9.91
CA ALA A 249 -19.64 16.27 -10.01
C ALA A 249 -19.11 17.69 -9.99
N PRO A 250 -19.54 18.55 -10.93
CA PRO A 250 -19.04 19.93 -10.94
C PRO A 250 -19.31 20.68 -9.65
N ASP A 251 -20.42 20.42 -8.99
CA ASP A 251 -20.70 21.02 -7.68
C ASP A 251 -19.99 20.31 -6.54
N GLY A 252 -19.33 19.19 -6.81
CA GLY A 252 -18.64 18.46 -5.77
C GLY A 252 -19.55 17.69 -4.83
N ARG A 253 -20.76 17.36 -5.26
CA ARG A 253 -21.72 16.63 -4.44
C ARG A 253 -22.15 15.37 -5.17
N CYS A 254 -22.00 14.23 -4.51
CA CYS A 254 -22.35 12.95 -5.10
C CYS A 254 -23.85 12.71 -4.92
N LYS A 255 -24.58 12.65 -6.04
CA LYS A 255 -26.02 12.42 -6.00
C LYS A 255 -26.25 10.92 -5.99
N ALA A 256 -26.54 10.37 -4.82
CA ALA A 256 -26.71 8.93 -4.66
C ALA A 256 -28.03 8.50 -5.30
N PHE A 257 -27.94 7.92 -6.48
CA PHE A 257 -29.09 7.36 -7.21
C PHE A 257 -30.17 8.41 -7.47
N ALA A 258 -29.82 9.69 -7.43
CA ALA A 258 -30.79 10.73 -7.68
C ALA A 258 -30.99 10.94 -9.17
N ALA A 259 -31.97 11.78 -9.51
CA ALA A 259 -32.18 12.15 -10.90
C ALA A 259 -30.98 12.89 -11.46
N ALA A 260 -30.39 13.78 -10.67
CA ALA A 260 -29.25 14.58 -11.08
C ALA A 260 -27.93 13.88 -10.83
N ALA A 261 -27.93 12.55 -10.75
CA ALA A 261 -26.70 11.79 -10.57
C ALA A 261 -25.85 11.94 -11.82
N ASP A 262 -24.79 12.74 -11.71
CA ASP A 262 -23.96 13.06 -12.88
C ASP A 262 -22.48 13.10 -12.59
N GLY A 263 -22.04 12.77 -11.38
CA GLY A 263 -20.62 12.83 -11.08
C GLY A 263 -20.35 12.35 -9.67
N THR A 264 -19.10 12.50 -9.26
CA THR A 264 -18.64 12.10 -7.94
C THR A 264 -18.00 13.28 -7.23
N GLY A 265 -17.50 13.03 -6.03
CA GLY A 265 -16.82 14.04 -5.25
C GLY A 265 -15.94 13.43 -4.18
N TRP A 266 -14.71 13.91 -4.07
CA TRP A 266 -13.73 13.33 -3.16
C TRP A 266 -13.71 14.08 -1.84
N SER A 267 -13.21 13.39 -0.81
CA SER A 267 -13.06 13.98 0.50
C SER A 267 -12.07 13.15 1.31
N GLU A 268 -11.53 13.76 2.36
CA GLU A 268 -10.64 13.09 3.28
C GLU A 268 -11.46 12.45 4.41
N GLY A 269 -10.91 11.38 5.00
CA GLY A 269 -11.65 10.66 6.01
C GLY A 269 -10.73 9.95 6.98
N VAL A 270 -11.20 9.79 8.21
CA VAL A 270 -10.48 9.09 9.27
C VAL A 270 -11.46 8.19 10.01
N GLY A 271 -11.13 6.90 10.12
CA GLY A 271 -11.96 6.02 10.91
C GLY A 271 -11.21 4.88 11.57
N VAL A 272 -11.49 4.63 12.85
CA VAL A 272 -10.86 3.55 13.60
C VAL A 272 -11.89 2.93 14.54
N VAL A 273 -11.86 1.60 14.63
CA VAL A 273 -12.80 0.84 15.44
C VAL A 273 -12.08 -0.34 16.08
N VAL A 274 -12.48 -0.66 17.30
CA VAL A 274 -11.90 -1.78 18.06
C VAL A 274 -12.83 -2.98 17.92
N LEU A 275 -12.25 -4.13 17.58
CA LEU A 275 -13.00 -5.38 17.42
C LEU A 275 -12.59 -6.37 18.50
N GLU A 276 -13.58 -7.14 18.98
CA GLU A 276 -13.36 -8.06 20.08
C GLU A 276 -14.36 -9.20 19.97
N ARG A 277 -13.95 -10.39 20.41
CA ARG A 277 -14.85 -11.54 20.40
C ARG A 277 -16.03 -11.30 21.34
N LEU A 278 -17.20 -11.77 20.93
CA LEU A 278 -18.42 -11.50 21.69
C LEU A 278 -18.35 -12.10 23.09
N SER A 279 -17.96 -13.36 23.19
CA SER A 279 -17.89 -14.01 24.50
C SER A 279 -16.85 -13.35 25.39
N VAL A 280 -15.67 -13.07 24.83
CA VAL A 280 -14.61 -12.45 25.63
C VAL A 280 -15.01 -11.05 26.08
N ALA A 281 -15.62 -10.27 25.18
CA ALA A 281 -16.08 -8.94 25.56
C ALA A 281 -17.16 -9.02 26.63
N ARG A 282 -18.07 -9.99 26.49
CA ARG A 282 -19.11 -10.17 27.50
C ARG A 282 -18.51 -10.49 28.86
N GLU A 283 -17.51 -11.36 28.88
CA GLU A 283 -16.84 -11.70 30.13
C GLU A 283 -16.12 -10.48 30.71
N ARG A 284 -15.43 -9.72 29.86
CA ARG A 284 -14.60 -8.62 30.34
C ARG A 284 -15.39 -7.44 30.86
N GLY A 285 -16.70 -7.41 30.65
CA GLY A 285 -17.52 -6.33 31.13
C GLY A 285 -17.52 -5.08 30.26
N HIS A 286 -16.80 -5.10 29.14
CA HIS A 286 -16.84 -3.96 28.22
C HIS A 286 -18.23 -3.83 27.62
N ARG A 287 -18.69 -2.59 27.48
CA ARG A 287 -19.97 -2.36 26.84
C ARG A 287 -19.92 -2.76 25.37
N ILE A 288 -21.05 -3.20 24.85
CA ILE A 288 -21.14 -3.68 23.48
C ILE A 288 -21.82 -2.61 22.63
N LEU A 289 -21.14 -2.18 21.58
CA LEU A 289 -21.73 -1.21 20.66
C LEU A 289 -22.64 -1.91 19.66
N ALA A 290 -22.09 -2.82 18.87
CA ALA A 290 -22.86 -3.59 17.91
C ALA A 290 -22.08 -4.85 17.58
N VAL A 291 -22.77 -5.82 16.99
CA VAL A 291 -22.20 -7.13 16.71
C VAL A 291 -22.23 -7.38 15.20
N LEU A 292 -21.11 -7.85 14.67
CA LEU A 292 -21.05 -8.29 13.28
C LEU A 292 -21.42 -9.76 13.20
N ARG A 293 -22.18 -10.12 12.18
CA ARG A 293 -22.55 -11.51 11.99
C ARG A 293 -21.72 -12.21 10.92
N GLY A 294 -21.10 -11.46 10.02
CA GLY A 294 -20.31 -12.07 8.96
C GLY A 294 -19.75 -11.01 8.04
N SER A 295 -19.00 -11.47 7.06
CA SER A 295 -18.37 -10.57 6.10
C SER A 295 -18.10 -11.35 4.82
N ALA A 296 -17.87 -10.61 3.74
CA ALA A 296 -17.49 -11.26 2.49
C ALA A 296 -16.62 -10.33 1.66
N VAL A 297 -15.62 -10.92 1.00
CA VAL A 297 -14.73 -10.19 0.10
C VAL A 297 -14.53 -11.04 -1.15
N ASN A 298 -14.65 -10.43 -2.32
CA ASN A 298 -14.41 -11.16 -3.55
C ASN A 298 -14.02 -10.20 -4.67
N GLN A 299 -13.26 -10.70 -5.63
CA GLN A 299 -12.82 -9.88 -6.76
C GLN A 299 -13.78 -10.09 -7.94
N ASP A 300 -14.21 -8.99 -8.55
CA ASP A 300 -15.08 -9.09 -9.70
C ASP A 300 -14.39 -9.80 -10.86
N GLY A 301 -13.12 -9.49 -11.09
CA GLY A 301 -12.39 -10.15 -12.16
C GLY A 301 -12.73 -9.58 -13.51
N ALA A 302 -13.06 -10.45 -14.45
CA ALA A 302 -13.38 -10.01 -15.80
C ALA A 302 -14.63 -9.15 -15.81
N SER A 303 -14.61 -8.08 -16.60
CA SER A 303 -15.73 -7.17 -16.73
C SER A 303 -15.64 -6.49 -18.09
N ASN A 304 -16.52 -5.52 -18.33
CA ASN A 304 -16.47 -4.77 -19.57
C ASN A 304 -15.18 -3.99 -19.70
N GLY A 305 -14.62 -3.55 -18.58
CA GLY A 305 -13.34 -2.88 -18.55
C GLY A 305 -12.61 -3.24 -17.28
N LEU A 306 -11.81 -2.30 -16.77
CA LEU A 306 -11.12 -2.49 -15.51
C LEU A 306 -11.76 -1.75 -14.35
N THR A 307 -12.38 -0.59 -14.61
CA THR A 307 -12.98 0.20 -13.55
C THR A 307 -14.45 -0.11 -13.33
N ALA A 308 -15.14 -0.66 -14.33
CA ALA A 308 -16.56 -0.90 -14.14
C ALA A 308 -16.81 -2.26 -13.53
N PRO A 309 -17.54 -2.32 -12.42
CA PRO A 309 -17.83 -3.61 -11.78
C PRO A 309 -19.00 -4.33 -12.44
N ASN A 310 -19.12 -5.61 -12.09
CA ASN A 310 -20.18 -6.48 -12.60
C ASN A 310 -21.16 -6.77 -11.48
N GLY A 311 -22.45 -6.59 -11.76
CA GLY A 311 -23.47 -6.80 -10.75
C GLY A 311 -23.54 -8.23 -10.26
N LEU A 312 -23.18 -9.19 -11.12
CA LEU A 312 -23.23 -10.59 -10.70
C LEU A 312 -22.24 -10.85 -9.57
N SER A 313 -21.08 -10.21 -9.62
CA SER A 313 -20.15 -10.31 -8.49
C SER A 313 -20.76 -9.74 -7.23
N GLN A 314 -21.52 -8.65 -7.35
CA GLN A 314 -22.20 -8.10 -6.19
C GLN A 314 -23.21 -9.09 -5.63
N GLN A 315 -23.96 -9.75 -6.51
CA GLN A 315 -24.89 -10.77 -6.05
C GLN A 315 -24.16 -11.88 -5.32
N ARG A 316 -23.04 -12.34 -5.88
CA ARG A 316 -22.28 -13.42 -5.26
C ARG A 316 -21.78 -13.01 -3.88
N VAL A 317 -21.22 -11.81 -3.76
CA VAL A 317 -20.65 -11.39 -2.48
C VAL A 317 -21.76 -11.18 -1.45
N ILE A 318 -22.91 -10.65 -1.88
CA ILE A 318 -24.02 -10.47 -0.95
C ILE A 318 -24.50 -11.82 -0.43
N ARG A 319 -24.68 -12.78 -1.35
CA ARG A 319 -25.14 -14.10 -0.93
C ARG A 319 -24.13 -14.76 -0.01
N ARG A 320 -22.84 -14.65 -0.32
CA ARG A 320 -21.82 -15.27 0.52
C ARG A 320 -21.79 -14.63 1.90
N ALA A 321 -21.90 -13.31 1.98
CA ALA A 321 -21.92 -12.64 3.27
C ALA A 321 -23.14 -13.08 4.07
N LEU A 322 -24.30 -13.15 3.44
CA LEU A 322 -25.50 -13.56 4.14
C LEU A 322 -25.40 -15.00 4.64
N ALA A 323 -24.86 -15.89 3.80
CA ALA A 323 -24.73 -17.29 4.20
C ALA A 323 -23.74 -17.45 5.34
N ALA A 324 -22.59 -16.77 5.27
CA ALA A 324 -21.63 -16.84 6.35
C ALA A 324 -22.20 -16.27 7.63
N ALA A 325 -22.92 -15.15 7.53
CA ALA A 325 -23.59 -14.59 8.69
C ALA A 325 -24.79 -15.43 9.11
N GLY A 326 -25.28 -16.29 8.25
CA GLY A 326 -26.50 -17.03 8.55
C GLY A 326 -27.72 -16.14 8.63
N LEU A 327 -27.87 -15.20 7.70
CA LEU A 327 -29.01 -14.32 7.65
C LEU A 327 -29.72 -14.46 6.30
N ALA A 328 -30.90 -13.86 6.21
CA ALA A 328 -31.72 -13.86 5.01
C ALA A 328 -32.09 -12.43 4.67
N PRO A 329 -32.41 -12.15 3.40
CA PRO A 329 -32.76 -10.78 3.03
C PRO A 329 -33.96 -10.23 3.79
N SER A 330 -34.84 -11.11 4.27
CA SER A 330 -36.00 -10.65 5.03
C SER A 330 -35.57 -10.00 6.34
N ASP A 331 -34.59 -10.57 7.03
CA ASP A 331 -34.24 -10.08 8.36
C ASP A 331 -33.68 -8.67 8.32
N VAL A 332 -32.77 -8.40 7.38
CA VAL A 332 -32.21 -7.07 7.27
C VAL A 332 -33.28 -6.09 6.79
N ASP A 333 -33.14 -4.83 7.18
CA ASP A 333 -34.12 -3.81 6.82
C ASP A 333 -33.50 -2.50 6.32
N VAL A 334 -32.18 -2.35 6.39
CA VAL A 334 -31.50 -1.17 5.88
C VAL A 334 -30.13 -1.57 5.37
N VAL A 335 -29.76 -1.06 4.20
CA VAL A 335 -28.46 -1.34 3.60
C VAL A 335 -27.80 -0.02 3.25
N GLU A 336 -26.53 0.12 3.61
CA GLU A 336 -25.74 1.29 3.25
C GLU A 336 -25.04 1.00 1.93
N ALA A 337 -25.51 1.62 0.86
CA ALA A 337 -24.93 1.40 -0.45
C ALA A 337 -23.60 2.13 -0.57
N HIS A 338 -22.87 1.83 -1.65
CA HIS A 338 -21.63 2.54 -1.91
C HIS A 338 -21.88 4.02 -2.14
N GLY A 339 -22.93 4.37 -2.87
CA GLY A 339 -23.29 5.76 -3.08
C GLY A 339 -22.23 6.57 -3.79
N THR A 340 -21.60 5.99 -4.81
CA THR A 340 -20.54 6.69 -5.52
C THR A 340 -21.08 7.93 -6.24
N GLY A 341 -22.27 7.82 -6.82
CA GLY A 341 -22.83 8.88 -7.63
C GLY A 341 -22.43 8.83 -9.08
N THR A 342 -21.58 7.89 -9.47
CA THR A 342 -21.21 7.73 -10.87
C THR A 342 -22.42 7.32 -11.69
N THR A 343 -22.51 7.84 -12.92
CA THR A 343 -23.59 7.46 -13.82
C THR A 343 -23.54 5.99 -14.19
N LEU A 344 -22.39 5.34 -14.02
CA LEU A 344 -22.23 3.94 -14.38
C LEU A 344 -22.48 3.01 -13.20
N GLY A 345 -21.74 3.20 -12.11
CA GLY A 345 -21.81 2.27 -10.99
C GLY A 345 -23.16 2.30 -10.29
N ASP A 346 -23.78 3.47 -10.20
CA ASP A 346 -25.03 3.59 -9.44
C ASP A 346 -26.14 2.71 -9.99
N PRO A 347 -26.46 2.70 -11.29
CA PRO A 347 -27.49 1.76 -11.77
C PRO A 347 -27.14 0.30 -11.51
N ILE A 348 -25.87 -0.06 -11.66
CA ILE A 348 -25.46 -1.45 -11.46
C ILE A 348 -25.73 -1.85 -10.01
N GLU A 349 -25.30 -1.02 -9.07
CA GLU A 349 -25.55 -1.30 -7.66
C GLU A 349 -27.05 -1.33 -7.38
N ALA A 350 -27.80 -0.42 -7.99
CA ALA A 350 -29.23 -0.36 -7.75
C ALA A 350 -29.91 -1.68 -8.14
N GLN A 351 -29.67 -2.14 -9.36
CA GLN A 351 -30.25 -3.42 -9.75
C GLN A 351 -29.65 -4.58 -8.98
N ALA A 352 -28.42 -4.43 -8.47
CA ALA A 352 -27.84 -5.50 -7.65
C ALA A 352 -28.66 -5.71 -6.39
N LEU A 353 -28.89 -4.65 -5.62
CA LEU A 353 -29.77 -4.79 -4.46
C LEU A 353 -31.21 -5.09 -4.86
N LEU A 354 -31.64 -4.67 -6.06
CA LEU A 354 -32.95 -5.06 -6.53
C LEU A 354 -33.07 -6.58 -6.62
N ALA A 355 -32.09 -7.23 -7.24
CA ALA A 355 -32.16 -8.66 -7.47
C ALA A 355 -31.84 -9.45 -6.21
N THR A 356 -31.06 -8.89 -5.29
CA THR A 356 -30.64 -9.67 -4.12
C THR A 356 -31.44 -9.37 -2.87
N TYR A 357 -32.23 -8.29 -2.84
CA TYR A 357 -32.93 -7.92 -1.62
C TYR A 357 -34.42 -7.71 -1.89
N GLY A 358 -34.76 -7.15 -3.04
CA GLY A 358 -36.13 -6.80 -3.34
C GLY A 358 -37.00 -7.98 -3.72
N GLN A 359 -36.90 -9.06 -2.94
CA GLN A 359 -37.68 -10.26 -3.19
C GLN A 359 -38.31 -10.73 -1.89
N GLU A 360 -39.52 -11.29 -2.01
CA GLU A 360 -40.31 -11.83 -0.90
C GLU A 360 -40.20 -11.00 0.37
N ARG A 361 -40.23 -9.67 0.24
CA ARG A 361 -40.13 -8.77 1.38
C ARG A 361 -41.52 -8.46 1.91
N LYS A 362 -41.81 -8.90 3.13
CA LYS A 362 -43.05 -8.52 3.77
C LYS A 362 -43.07 -7.05 4.15
N GLN A 363 -41.89 -6.41 4.22
CA GLN A 363 -41.77 -5.01 4.53
C GLN A 363 -40.82 -4.35 3.53
N PRO A 364 -41.18 -3.18 2.99
CA PRO A 364 -40.32 -2.52 2.01
C PRO A 364 -39.04 -2.01 2.66
N LEU A 365 -37.91 -2.54 2.21
CA LEU A 365 -36.62 -2.22 2.82
C LEU A 365 -36.23 -0.78 2.52
N TRP A 366 -35.37 -0.22 3.37
CA TRP A 366 -34.96 1.17 3.27
C TRP A 366 -33.50 1.26 2.84
N LEU A 367 -33.21 2.15 1.90
CA LEU A 367 -31.87 2.34 1.39
C LEU A 367 -31.42 3.78 1.64
N GLY A 368 -30.19 3.94 2.13
CA GLY A 368 -29.63 5.25 2.35
C GLY A 368 -28.14 5.25 2.10
N SER A 369 -27.56 6.45 2.18
CA SER A 369 -26.12 6.61 1.97
C SER A 369 -25.66 7.86 2.71
N LEU A 370 -24.34 7.95 2.89
CA LEU A 370 -23.74 9.10 3.56
C LEU A 370 -22.99 10.02 2.60
N LYS A 371 -22.58 9.53 1.44
CA LYS A 371 -21.82 10.35 0.52
C LYS A 371 -22.60 11.56 0.03
N SER A 372 -23.92 11.49 0.04
CA SER A 372 -24.72 12.68 -0.23
C SER A 372 -24.61 13.69 0.90
N ASN A 373 -24.13 13.28 2.07
CA ASN A 373 -23.97 14.16 3.21
C ASN A 373 -22.56 14.70 3.36
N ILE A 374 -21.55 13.89 3.05
CA ILE A 374 -20.15 14.30 3.15
C ILE A 374 -19.43 14.14 1.82
N GLY A 375 -19.54 12.98 1.20
CA GLY A 375 -18.88 12.69 -0.05
C GLY A 375 -18.15 11.37 0.02
N HIS A 376 -17.21 11.18 -0.90
CA HIS A 376 -16.42 9.97 -0.96
C HIS A 376 -15.08 10.19 -0.26
N ALA A 377 -14.76 9.29 0.66
CA ALA A 377 -13.54 9.42 1.47
C ALA A 377 -12.51 8.35 1.13
N GLN A 378 -12.58 7.78 -0.08
CA GLN A 378 -11.64 6.76 -0.55
C GLN A 378 -11.64 5.62 0.45
N ALA A 379 -10.47 5.16 0.92
CA ALA A 379 -10.41 3.96 1.75
C ALA A 379 -11.22 4.10 3.02
N ALA A 380 -11.12 5.25 3.69
CA ALA A 380 -11.87 5.46 4.92
C ALA A 380 -13.38 5.42 4.67
N ALA A 381 -13.81 5.79 3.46
CA ALA A 381 -15.24 5.94 3.18
C ALA A 381 -16.01 4.70 3.60
N GLY A 382 -15.51 3.52 3.24
CA GLY A 382 -16.10 2.27 3.65
C GLY A 382 -16.37 2.23 5.14
N VAL A 383 -15.31 2.33 5.95
CA VAL A 383 -15.50 2.24 7.39
C VAL A 383 -16.40 3.37 7.89
N ALA A 384 -16.45 4.47 7.15
CA ALA A 384 -17.32 5.58 7.53
C ALA A 384 -18.75 5.11 7.70
N GLY A 385 -19.21 4.24 6.79
CA GLY A 385 -20.57 3.71 6.93
C GLY A 385 -20.78 3.03 8.26
N VAL A 386 -19.82 2.18 8.65
CA VAL A 386 -19.92 1.49 9.93
C VAL A 386 -20.04 2.48 11.07
N ILE A 387 -19.41 3.65 10.93
CA ILE A 387 -19.48 4.66 11.98
C ILE A 387 -20.91 5.12 12.19
N LYS A 388 -21.66 5.35 11.12
CA LYS A 388 -22.96 5.99 11.29
C LYS A 388 -24.05 4.99 11.62
N MET A 389 -24.06 3.83 10.96
CA MET A 389 -25.08 2.82 11.25
C MET A 389 -25.09 2.48 12.74
N VAL A 390 -23.92 2.17 13.31
CA VAL A 390 -23.87 1.83 14.72
C VAL A 390 -24.38 2.97 15.57
N GLN A 391 -24.16 4.21 15.13
CA GLN A 391 -24.76 5.34 15.83
C GLN A 391 -26.25 5.41 15.57
N ALA A 392 -26.67 5.24 14.32
CA ALA A 392 -28.08 5.25 14.00
C ALA A 392 -28.81 4.12 14.71
N LEU A 393 -28.19 2.94 14.75
CA LEU A 393 -28.76 1.84 15.52
C LEU A 393 -28.75 2.15 17.01
N ARG A 394 -27.76 2.94 17.47
CA ARG A 394 -27.73 3.31 18.88
C ARG A 394 -28.89 4.22 19.23
N HIS A 395 -29.20 5.19 18.38
CA HIS A 395 -30.25 6.15 18.65
C HIS A 395 -31.62 5.67 18.20
N GLU A 396 -31.71 4.47 17.62
CA GLU A 396 -32.97 3.89 17.19
C GLU A 396 -33.69 4.81 16.20
N THR A 397 -32.92 5.49 15.36
CA THR A 397 -33.47 6.43 14.39
C THR A 397 -32.76 6.25 13.05
N LEU A 398 -33.54 6.18 11.98
CA LEU A 398 -32.97 6.05 10.65
C LEU A 398 -32.60 7.43 10.11
N PRO A 399 -31.34 7.70 9.81
CA PRO A 399 -30.95 9.02 9.33
C PRO A 399 -31.30 9.19 7.86
N PRO A 400 -31.65 10.40 7.44
CA PRO A 400 -31.98 10.62 6.03
C PRO A 400 -30.75 10.94 5.20
N THR A 401 -30.95 11.21 3.91
CA THR A 401 -29.88 11.58 3.00
C THR A 401 -30.23 12.90 2.33
N LEU A 402 -29.42 13.29 1.35
CA LEU A 402 -29.52 14.60 0.73
C LEU A 402 -29.62 14.48 -0.79
N HIS A 403 -30.01 15.58 -1.42
CA HIS A 403 -30.10 15.70 -2.87
C HIS A 403 -31.02 14.64 -3.47
N VAL A 404 -32.15 14.42 -2.84
CA VAL A 404 -33.13 13.43 -3.30
C VAL A 404 -34.23 14.21 -4.02
N ASP A 405 -34.05 14.39 -5.33
CA ASP A 405 -35.12 14.98 -6.14
C ASP A 405 -36.16 13.93 -6.50
N LYS A 406 -35.76 12.91 -7.24
CA LYS A 406 -36.53 11.69 -7.40
C LYS A 406 -35.58 10.60 -7.89
N PRO A 407 -35.85 9.33 -7.57
CA PRO A 407 -34.87 8.28 -7.88
C PRO A 407 -34.58 8.20 -9.36
N THR A 408 -33.33 7.86 -9.67
CA THR A 408 -32.90 7.81 -11.07
C THR A 408 -33.73 6.82 -11.86
N LEU A 409 -34.05 7.21 -13.10
CA LEU A 409 -34.95 6.43 -13.95
C LEU A 409 -34.34 5.13 -14.45
N GLU A 410 -33.03 4.94 -14.27
CA GLU A 410 -32.38 3.72 -14.74
C GLU A 410 -32.72 2.51 -13.88
N VAL A 411 -33.54 2.67 -12.85
CA VAL A 411 -33.87 1.60 -11.91
C VAL A 411 -35.36 1.34 -11.97
N ASP A 412 -35.74 0.09 -12.22
CA ASP A 412 -37.14 -0.33 -12.15
C ASP A 412 -37.45 -0.66 -10.70
N TRP A 413 -37.77 0.38 -9.93
CA TRP A 413 -38.01 0.21 -8.50
C TRP A 413 -39.21 -0.68 -8.22
N SER A 414 -40.08 -0.89 -9.21
CA SER A 414 -41.19 -1.82 -9.04
C SER A 414 -40.71 -3.26 -8.90
N ALA A 415 -39.54 -3.57 -9.48
CA ALA A 415 -39.03 -4.94 -9.42
C ALA A 415 -38.75 -5.35 -7.98
N GLY A 416 -38.14 -4.46 -7.19
CA GLY A 416 -37.83 -4.75 -5.81
C GLY A 416 -38.75 -4.04 -4.84
N ALA A 417 -38.60 -4.40 -3.56
CA ALA A 417 -39.33 -3.75 -2.48
C ALA A 417 -38.54 -2.63 -1.82
N ILE A 418 -37.36 -2.34 -2.33
CA ILE A 418 -36.52 -1.28 -1.77
C ILE A 418 -37.18 0.08 -2.02
N GLU A 419 -36.92 1.02 -1.12
CA GLU A 419 -37.18 2.42 -1.40
C GLU A 419 -36.12 3.27 -0.72
N LEU A 420 -35.85 4.43 -1.32
CA LEU A 420 -34.81 5.30 -0.81
C LEU A 420 -35.21 5.91 0.51
N LEU A 421 -34.31 5.90 1.48
CA LEU A 421 -34.56 6.49 2.80
C LEU A 421 -34.20 7.97 2.72
N THR A 422 -35.14 8.74 2.17
CA THR A 422 -34.95 10.18 2.00
C THR A 422 -35.42 10.99 3.20
N GLU A 423 -36.05 10.36 4.18
CA GLU A 423 -36.58 11.06 5.34
C GLU A 423 -36.20 10.32 6.61
N ALA A 424 -35.86 11.09 7.65
CA ALA A 424 -35.53 10.49 8.93
C ALA A 424 -36.72 9.73 9.50
N ARG A 425 -36.46 8.52 10.00
CA ARG A 425 -37.52 7.66 10.51
C ARG A 425 -37.06 7.02 11.81
N ALA A 426 -38.03 6.70 12.66
CA ALA A 426 -37.76 6.00 13.91
C ALA A 426 -37.45 4.53 13.64
N TRP A 427 -36.48 3.99 14.38
CA TRP A 427 -36.04 2.60 14.22
C TRP A 427 -35.97 1.95 15.59
N PRO A 428 -37.11 1.78 16.26
CA PRO A 428 -37.10 1.34 17.66
C PRO A 428 -36.97 -0.17 17.81
N ARG A 429 -36.62 -0.58 19.02
CA ARG A 429 -36.62 -1.99 19.37
C ARG A 429 -38.04 -2.53 19.38
N ASN A 430 -38.21 -3.76 18.90
CA ASN A 430 -39.53 -4.37 18.86
C ASN A 430 -39.50 -5.84 19.26
N GLY A 431 -38.40 -6.34 19.80
CA GLY A 431 -38.24 -7.75 20.06
C GLY A 431 -37.66 -8.54 18.90
N ARG A 432 -37.67 -7.97 17.70
CA ARG A 432 -37.02 -8.57 16.55
C ARG A 432 -35.71 -7.86 16.30
N PRO A 433 -34.58 -8.58 16.24
CA PRO A 433 -33.28 -7.92 16.09
C PRO A 433 -33.21 -7.12 14.80
N ARG A 434 -32.54 -5.97 14.88
CA ARG A 434 -32.39 -5.07 13.75
C ARG A 434 -31.05 -5.32 13.08
N ARG A 435 -31.04 -5.30 11.75
CA ARG A 435 -29.86 -5.60 10.97
C ARG A 435 -29.65 -4.54 9.90
N ALA A 436 -28.38 -4.26 9.62
CA ALA A 436 -28.00 -3.24 8.65
C ALA A 436 -26.89 -3.78 7.75
N GLY A 437 -26.96 -3.42 6.47
CA GLY A 437 -25.99 -3.87 5.48
C GLY A 437 -25.07 -2.75 5.07
N VAL A 438 -23.78 -3.08 4.92
CA VAL A 438 -22.77 -2.14 4.45
C VAL A 438 -22.04 -2.78 3.28
N SER A 439 -21.66 -1.97 2.30
CA SER A 439 -20.98 -2.52 1.13
C SER A 439 -19.99 -1.51 0.60
N SER A 440 -18.99 -2.03 -0.12
CA SER A 440 -17.98 -1.17 -0.76
C SER A 440 -17.46 -1.87 -2.00
N PHE A 441 -17.25 -1.08 -3.05
CA PHE A 441 -16.78 -1.57 -4.35
C PHE A 441 -15.56 -0.75 -4.75
N GLY A 442 -14.38 -1.25 -4.41
CA GLY A 442 -13.15 -0.55 -4.78
C GLY A 442 -12.95 -0.55 -6.28
N VAL A 443 -12.34 0.53 -6.78
CA VAL A 443 -12.05 0.63 -8.20
C VAL A 443 -11.02 -0.41 -8.62
N SER A 444 -10.22 -0.92 -7.68
CA SER A 444 -9.25 -1.95 -8.00
C SER A 444 -9.89 -3.27 -8.42
N GLY A 445 -11.19 -3.42 -8.21
CA GLY A 445 -11.89 -4.62 -8.63
C GLY A 445 -12.52 -5.38 -7.50
N THR A 446 -11.83 -5.42 -6.36
CA THR A 446 -12.35 -6.15 -5.20
C THR A 446 -13.57 -5.44 -4.64
N ASN A 447 -14.47 -6.24 -4.05
CA ASN A 447 -15.67 -5.75 -3.43
C ASN A 447 -15.86 -6.46 -2.10
N ALA A 448 -16.41 -5.74 -1.12
CA ALA A 448 -16.60 -6.27 0.21
C ALA A 448 -17.97 -5.89 0.73
N HIS A 449 -18.52 -6.75 1.58
CA HIS A 449 -19.80 -6.50 2.21
C HIS A 449 -19.77 -6.95 3.65
N LEU A 450 -20.53 -6.22 4.49
CA LEU A 450 -20.57 -6.39 5.92
C LEU A 450 -22.02 -6.38 6.39
N ILE A 451 -22.27 -7.11 7.47
CA ILE A 451 -23.60 -7.21 8.06
C ILE A 451 -23.47 -6.86 9.55
N LEU A 452 -24.35 -5.99 10.03
CA LEU A 452 -24.32 -5.53 11.41
C LEU A 452 -25.65 -5.85 12.08
N GLU A 453 -25.58 -6.31 13.32
CA GLU A 453 -26.76 -6.59 14.12
C GLU A 453 -26.72 -5.76 15.39
N GLU A 454 -27.90 -5.43 15.90
CA GLU A 454 -27.99 -4.58 17.07
C GLU A 454 -27.39 -5.26 18.29
N ALA A 455 -26.91 -4.44 19.22
CA ALA A 455 -26.36 -4.98 20.45
C ALA A 455 -27.47 -5.67 21.25
N PRO A 456 -27.11 -6.66 22.07
CA PRO A 456 -28.14 -7.36 22.85
C PRO A 456 -28.81 -6.45 23.87
N ALA A 457 -29.79 -6.97 24.59
CA ALA A 457 -30.49 -6.19 25.60
C ALA A 457 -29.75 -6.29 26.92
N GLU A 458 -29.39 -5.14 27.49
CA GLU A 458 -28.70 -5.08 28.77
C GLU A 458 -29.54 -4.27 29.74
N GLU A 459 -29.83 -4.84 30.90
CA GLU A 459 -30.66 -4.17 31.88
C GLU A 459 -29.90 -3.01 32.51
N PRO A 460 -30.53 -1.85 32.66
CA PRO A 460 -29.89 -0.76 33.39
C PRO A 460 -29.84 -1.07 34.88
N VAL A 461 -28.80 -0.57 35.54
CA VAL A 461 -28.58 -0.79 36.96
C VAL A 461 -28.59 0.56 37.67
N ALA A 462 -29.40 0.65 38.72
CA ALA A 462 -29.48 1.87 39.52
C ALA A 462 -28.51 1.78 40.70
N ALA A 463 -27.84 2.88 40.98
CA ALA A 463 -26.86 2.93 42.05
C ALA A 463 -27.11 4.14 42.94
N PRO A 464 -26.79 4.05 44.22
CA PRO A 464 -26.96 5.19 45.11
C PRO A 464 -25.96 6.29 44.78
N GLU A 465 -26.34 7.53 45.10
CA GLU A 465 -25.48 8.69 44.87
C GLU A 465 -24.65 8.95 46.11
N LEU A 466 -23.33 8.93 45.95
CA LEU A 466 -22.45 9.18 47.08
C LEU A 466 -22.56 10.63 47.52
N PRO A 467 -22.49 10.90 48.82
CA PRO A 467 -22.54 12.29 49.30
C PRO A 467 -21.44 13.15 48.69
N VAL A 468 -20.18 12.72 48.85
CA VAL A 468 -19.04 13.44 48.33
C VAL A 468 -18.19 12.46 47.52
N VAL A 469 -17.38 13.02 46.62
CA VAL A 469 -16.58 12.21 45.71
C VAL A 469 -15.45 13.05 45.13
N PRO A 470 -14.28 12.47 44.87
CA PRO A 470 -13.25 13.18 44.13
C PRO A 470 -13.38 12.98 42.63
N LEU A 471 -12.89 13.97 41.90
CA LEU A 471 -12.79 13.93 40.44
C LEU A 471 -11.34 14.16 40.09
N VAL A 472 -10.74 13.21 39.37
CA VAL A 472 -9.33 13.26 39.06
C VAL A 472 -9.16 13.33 37.55
N VAL A 473 -8.02 13.87 37.13
CA VAL A 473 -7.70 13.99 35.71
C VAL A 473 -6.19 14.03 35.56
N SER A 474 -5.69 13.31 34.55
CA SER A 474 -4.26 13.24 34.28
C SER A 474 -4.00 13.44 32.79
N ALA A 475 -2.86 14.04 32.50
CA ALA A 475 -2.45 14.35 31.13
C ALA A 475 -0.94 14.58 31.12
N ARG A 476 -0.41 14.81 29.92
CA ARG A 476 1.02 15.03 29.75
C ARG A 476 1.43 16.49 29.76
N SER A 477 0.48 17.41 29.57
CA SER A 477 0.78 18.83 29.51
C SER A 477 -0.23 19.61 30.32
N THR A 478 0.22 20.74 30.87
CA THR A 478 -0.66 21.57 31.69
C THR A 478 -1.82 22.11 30.89
N GLU A 479 -1.54 22.60 29.68
CA GLU A 479 -2.62 23.11 28.83
C GLU A 479 -3.58 21.99 28.44
N SER A 480 -3.06 20.79 28.21
CA SER A 480 -3.94 19.65 27.95
C SER A 480 -4.80 19.36 29.17
N LEU A 481 -4.23 19.48 30.37
CA LEU A 481 -5.01 19.29 31.59
C LEU A 481 -6.14 20.31 31.68
N SER A 482 -5.84 21.57 31.36
CA SER A 482 -6.86 22.61 31.42
C SER A 482 -7.96 22.36 30.39
N GLY A 483 -7.58 21.97 29.18
CA GLY A 483 -8.58 21.67 28.16
C GLY A 483 -9.46 20.49 28.55
N GLN A 484 -8.85 19.44 29.11
CA GLN A 484 -9.62 18.32 29.61
C GLN A 484 -10.59 18.76 30.69
N ALA A 485 -10.12 19.57 31.64
CA ALA A 485 -10.98 20.03 32.73
C ALA A 485 -12.16 20.81 32.18
N GLU A 486 -11.91 21.69 31.22
CA GLU A 486 -13.00 22.42 30.58
C GLU A 486 -13.97 21.47 29.90
N ARG A 487 -13.45 20.40 29.27
CA ARG A 487 -14.32 19.47 28.58
C ARG A 487 -15.21 18.70 29.56
N LEU A 488 -14.65 18.21 30.66
CA LEU A 488 -15.51 17.57 31.65
C LEU A 488 -16.48 18.55 32.27
N ALA A 489 -16.09 19.81 32.42
CA ALA A 489 -17.04 20.82 32.91
C ALA A 489 -18.21 20.95 31.95
N SER A 490 -17.92 21.05 30.66
CA SER A 490 -18.98 21.17 29.67
C SER A 490 -19.87 19.94 29.67
N LEU A 491 -19.28 18.75 29.80
CA LEU A 491 -20.07 17.53 29.91
C LEU A 491 -20.94 17.54 31.17
N LEU A 492 -20.40 18.08 32.26
CA LEU A 492 -21.11 18.15 33.52
C LEU A 492 -22.25 19.16 33.50
N GLU A 493 -22.21 20.11 32.57
CA GLU A 493 -23.37 20.99 32.40
C GLU A 493 -24.63 20.19 32.10
N GLY A 494 -24.49 19.05 31.43
CA GLY A 494 -25.62 18.18 31.19
C GLY A 494 -26.04 17.40 32.42
N ASP A 495 -27.01 16.53 32.23
CA ASP A 495 -27.57 15.76 33.34
C ASP A 495 -26.83 14.44 33.42
N VAL A 496 -25.89 14.34 34.35
CA VAL A 496 -25.22 13.08 34.65
C VAL A 496 -25.09 12.96 36.17
N SER A 497 -25.04 11.72 36.66
CA SER A 497 -24.76 11.51 38.07
C SER A 497 -23.27 11.62 38.32
N LEU A 498 -22.91 12.13 39.50
CA LEU A 498 -21.50 12.38 39.80
C LEU A 498 -20.76 11.08 40.10
N THR A 499 -21.41 10.15 40.82
CA THR A 499 -20.73 8.92 41.20
C THR A 499 -20.33 8.10 39.98
N GLU A 500 -21.23 7.98 39.01
CA GLU A 500 -20.95 7.15 37.84
C GLU A 500 -19.80 7.73 37.01
N VAL A 501 -19.82 9.05 36.78
CA VAL A 501 -18.75 9.64 35.98
C VAL A 501 -17.43 9.56 36.74
N ALA A 502 -17.47 9.73 38.07
CA ALA A 502 -16.26 9.58 38.86
C ALA A 502 -15.68 8.17 38.72
N GLY A 503 -16.54 7.16 38.85
CA GLY A 503 -16.07 5.79 38.69
C GLY A 503 -15.53 5.53 37.30
N ALA A 504 -16.18 6.09 36.27
CA ALA A 504 -15.71 5.90 34.91
C ALA A 504 -14.32 6.52 34.72
N LEU A 505 -14.14 7.76 35.15
CA LEU A 505 -12.85 8.42 34.97
C LEU A 505 -11.77 7.80 35.85
N VAL A 506 -12.14 7.13 36.93
CA VAL A 506 -11.13 6.47 37.75
C VAL A 506 -10.85 5.04 37.31
N SER A 507 -11.72 4.43 36.50
CA SER A 507 -11.53 3.05 36.08
C SER A 507 -11.28 2.88 34.60
N ARG A 508 -11.55 3.91 33.79
CA ARG A 508 -11.42 3.81 32.34
C ARG A 508 -10.38 4.79 31.79
N ARG A 509 -9.42 5.18 32.62
CA ARG A 509 -8.40 6.13 32.22
C ARG A 509 -7.05 5.68 32.77
N ALA A 510 -5.99 6.23 32.18
CA ALA A 510 -4.63 5.93 32.62
C ALA A 510 -4.21 6.90 33.71
N VAL A 511 -2.93 6.89 34.07
CA VAL A 511 -2.36 7.81 35.04
C VAL A 511 -1.16 8.49 34.39
N LEU A 512 -1.13 9.81 34.43
CA LEU A 512 -0.09 10.58 33.77
C LEU A 512 0.61 11.49 34.78
N ASP A 513 1.67 12.15 34.32
CA ASP A 513 2.46 13.01 35.20
C ASP A 513 1.66 14.22 35.65
N GLU A 514 1.04 14.94 34.70
CA GLU A 514 0.22 16.08 35.05
C GLU A 514 -1.08 15.60 35.69
N ARG A 515 -1.32 16.00 36.93
CA ARG A 515 -2.44 15.47 37.69
C ARG A 515 -3.24 16.61 38.31
N ALA A 516 -4.53 16.37 38.50
CA ALA A 516 -5.39 17.34 39.16
C ALA A 516 -6.55 16.61 39.82
N VAL A 517 -6.93 17.07 41.01
CA VAL A 517 -7.99 16.46 41.80
C VAL A 517 -8.87 17.56 42.38
N VAL A 518 -10.19 17.36 42.31
CA VAL A 518 -11.14 18.28 42.89
C VAL A 518 -12.20 17.49 43.63
N VAL A 519 -12.44 17.84 44.90
CA VAL A 519 -13.43 17.15 45.71
C VAL A 519 -14.75 17.90 45.64
N ALA A 520 -15.84 17.18 45.37
CA ALA A 520 -17.13 17.84 45.26
C ALA A 520 -18.23 16.87 45.66
N GLY A 521 -19.38 17.43 46.02
CA GLY A 521 -20.52 16.64 46.42
C GLY A 521 -21.75 16.91 45.59
N SER A 522 -21.71 17.96 44.78
CA SER A 522 -22.83 18.33 43.94
C SER A 522 -22.33 18.67 42.54
N ARG A 523 -23.24 18.57 41.56
CA ARG A 523 -22.88 18.89 40.19
C ARG A 523 -22.45 20.35 40.08
N GLU A 524 -23.17 21.25 40.72
CA GLU A 524 -22.76 22.66 40.74
C GLU A 524 -21.40 22.82 41.41
N GLU A 525 -21.18 22.11 42.52
CA GLU A 525 -19.89 22.15 43.20
C GLU A 525 -18.77 21.76 42.26
N ALA A 526 -18.93 20.63 41.57
CA ALA A 526 -17.87 20.13 40.69
C ALA A 526 -17.67 21.05 39.49
N VAL A 527 -18.75 21.59 38.93
CA VAL A 527 -18.62 22.50 37.80
C VAL A 527 -17.84 23.74 38.21
N THR A 528 -18.19 24.31 39.37
CA THR A 528 -17.48 25.49 39.85
C THR A 528 -16.02 25.17 40.12
N GLY A 529 -15.75 24.02 40.73
CA GLY A 529 -14.37 23.65 41.00
C GLY A 529 -13.56 23.48 39.74
N LEU A 530 -14.12 22.76 38.76
CA LEU A 530 -13.40 22.52 37.51
C LEU A 530 -13.12 23.82 36.76
N ARG A 531 -14.14 24.67 36.64
CA ARG A 531 -13.92 25.95 35.98
C ARG A 531 -13.01 26.86 36.77
N ALA A 532 -12.87 26.62 38.08
CA ALA A 532 -11.98 27.42 38.91
C ALA A 532 -10.68 26.70 39.25
N LEU A 533 -10.55 25.42 38.95
CA LEU A 533 -9.33 24.70 39.26
C LEU A 533 -8.18 25.23 38.43
N ASN A 534 -7.18 25.79 39.10
CA ASN A 534 -6.02 26.32 38.42
C ASN A 534 -4.70 25.95 39.09
N THR A 535 -4.73 25.18 40.17
CA THR A 535 -3.54 24.76 40.89
C THR A 535 -3.28 23.30 40.60
N ALA A 536 -2.20 23.02 39.87
CA ALA A 536 -1.83 21.66 39.50
C ALA A 536 -0.35 21.46 39.74
N GLY A 537 0.01 20.27 40.22
CA GLY A 537 1.39 19.96 40.49
C GLY A 537 1.90 18.74 39.75
N SER A 538 2.84 18.94 38.83
CA SER A 538 3.50 17.83 38.15
C SER A 538 4.82 17.47 38.84
N GLY A 539 4.69 17.09 40.11
CA GLY A 539 5.85 16.86 40.93
C GLY A 539 6.57 15.56 40.63
N THR A 540 7.74 15.43 41.26
CA THR A 540 8.59 14.24 41.18
C THR A 540 8.60 13.52 42.53
N PRO A 541 8.57 12.19 42.52
CA PRO A 541 8.49 11.45 43.79
C PRO A 541 9.85 11.32 44.47
N GLY A 542 9.78 11.09 45.77
CA GLY A 542 10.97 10.83 46.57
C GLY A 542 10.77 9.61 47.44
N LYS A 543 10.96 9.78 48.76
CA LYS A 543 10.69 8.72 49.72
C LYS A 543 9.73 9.26 50.76
N VAL A 544 8.77 8.43 51.17
CA VAL A 544 7.65 8.86 52.00
C VAL A 544 7.94 8.54 53.46
N VAL A 545 7.74 9.54 54.32
CA VAL A 545 7.91 9.39 55.75
C VAL A 545 6.59 9.72 56.43
N TRP A 546 6.10 8.79 57.25
CA TRP A 546 4.90 8.99 58.04
C TRP A 546 5.30 9.65 59.35
N VAL A 547 4.88 10.90 59.53
CA VAL A 547 5.25 11.70 60.70
C VAL A 547 4.10 11.65 61.69
N PHE A 548 4.39 11.24 62.92
CA PHE A 548 3.37 11.04 63.95
C PHE A 548 3.56 12.06 65.05
N PRO A 549 2.73 13.08 65.14
CA PRO A 549 2.89 14.12 66.16
C PRO A 549 2.31 13.65 67.49
N GLY A 550 2.33 14.56 68.46
CA GLY A 550 1.77 14.29 69.76
C GLY A 550 0.52 15.10 70.06
N GLN A 551 0.67 16.16 70.85
CA GLN A 551 -0.45 16.98 71.27
C GLN A 551 -0.74 18.05 70.21
N GLY A 552 -1.78 18.85 70.48
CA GLY A 552 -2.15 19.93 69.60
C GLY A 552 -3.08 19.54 68.47
N THR A 553 -3.39 18.25 68.31
CA THR A 553 -4.26 17.78 67.24
C THR A 553 -5.62 17.34 67.73
N GLN A 554 -5.95 17.60 69.00
CA GLN A 554 -7.17 17.13 69.61
C GLN A 554 -8.18 18.27 69.71
N TRP A 555 -9.45 17.93 69.47
CA TRP A 555 -10.54 18.89 69.59
C TRP A 555 -11.83 18.11 69.81
N ALA A 556 -12.87 18.82 70.24
CA ALA A 556 -14.14 18.16 70.52
C ALA A 556 -14.65 17.45 69.28
N GLY A 557 -15.05 16.19 69.45
CA GLY A 557 -15.49 15.39 68.33
C GLY A 557 -14.35 15.01 67.42
N MET A 558 -13.46 14.14 67.90
CA MET A 558 -12.30 13.72 67.12
C MET A 558 -12.68 13.28 65.72
N GLY A 559 -13.47 12.21 65.62
CA GLY A 559 -13.80 11.64 64.32
C GLY A 559 -15.23 11.19 64.18
N ARG A 560 -16.15 11.88 64.86
CA ARG A 560 -17.56 11.46 64.84
C ARG A 560 -18.07 11.32 63.42
N GLU A 561 -17.89 12.35 62.60
CA GLU A 561 -18.23 12.25 61.19
C GLU A 561 -17.39 11.19 60.50
N LEU A 562 -16.08 11.18 60.78
CA LEU A 562 -15.21 10.19 60.18
C LEU A 562 -15.60 8.78 60.58
N LEU A 563 -15.92 8.57 61.85
CA LEU A 563 -16.39 7.27 62.30
C LEU A 563 -17.70 6.89 61.62
N ALA A 564 -18.62 7.85 61.48
CA ALA A 564 -19.91 7.55 60.87
C ALA A 564 -19.77 7.16 59.41
N GLU A 565 -18.90 7.85 58.66
CA GLU A 565 -18.82 7.61 57.22
C GLU A 565 -17.83 6.51 56.86
N SER A 566 -16.64 6.52 57.47
CA SER A 566 -15.61 5.55 57.09
C SER A 566 -15.91 4.20 57.74
N PRO A 567 -16.14 3.15 56.95
CA PRO A 567 -16.40 1.83 57.55
C PRO A 567 -15.13 1.18 58.07
N VAL A 568 -14.05 1.25 57.29
CA VAL A 568 -12.80 0.59 57.67
C VAL A 568 -12.23 1.23 58.94
N PHE A 569 -12.27 2.57 59.01
CA PHE A 569 -11.81 3.23 60.22
C PHE A 569 -12.69 2.86 61.41
N ALA A 570 -13.99 2.73 61.18
CA ALA A 570 -14.90 2.38 62.27
C ALA A 570 -14.59 0.99 62.82
N GLU A 571 -14.42 0.01 61.94
CA GLU A 571 -14.14 -1.33 62.43
C GLU A 571 -12.76 -1.38 63.09
N ARG A 572 -11.80 -0.65 62.55
CA ARG A 572 -10.47 -0.64 63.16
C ARG A 572 -10.51 -0.03 64.56
N ILE A 573 -11.21 1.10 64.71
CA ILE A 573 -11.27 1.73 66.02
C ILE A 573 -12.03 0.87 67.00
N ALA A 574 -13.07 0.17 66.54
CA ALA A 574 -13.74 -0.80 67.40
C ALA A 574 -12.77 -1.89 67.85
N GLU A 575 -11.93 -2.36 66.93
CA GLU A 575 -10.95 -3.39 67.28
C GLU A 575 -9.96 -2.88 68.33
N CYS A 576 -9.44 -1.66 68.16
CA CYS A 576 -8.52 -1.13 69.16
C CYS A 576 -9.21 -0.92 70.50
N ALA A 577 -10.46 -0.44 70.48
CA ALA A 577 -11.19 -0.27 71.72
C ALA A 577 -11.36 -1.59 72.44
N ALA A 578 -11.64 -2.66 71.69
CA ALA A 578 -11.67 -3.99 72.29
C ALA A 578 -10.31 -4.36 72.85
N ALA A 579 -9.23 -4.05 72.12
CA ALA A 579 -7.89 -4.34 72.61
C ALA A 579 -7.54 -3.47 73.81
N LEU A 580 -8.05 -2.25 73.87
CA LEU A 580 -7.78 -1.34 74.97
C LEU A 580 -8.75 -1.53 76.13
N ALA A 581 -9.74 -2.41 75.98
CA ALA A 581 -10.72 -2.63 77.04
C ALA A 581 -10.11 -3.02 78.39
N PRO A 582 -9.09 -3.90 78.49
CA PRO A 582 -8.64 -4.34 79.82
C PRO A 582 -8.07 -3.25 80.70
N TRP A 583 -8.00 -2.00 80.22
CA TRP A 583 -7.42 -0.93 81.00
C TRP A 583 -8.20 0.37 80.97
N ILE A 584 -9.32 0.43 80.26
CA ILE A 584 -10.11 1.65 80.21
C ILE A 584 -11.16 1.64 81.31
N ASP A 585 -11.69 2.81 81.61
CA ASP A 585 -12.87 2.96 82.46
C ASP A 585 -13.87 3.90 81.81
N TRP A 586 -13.92 3.91 80.48
CA TRP A 586 -14.83 4.76 79.73
C TRP A 586 -15.02 4.12 78.35
N SER A 587 -15.71 4.84 77.46
CA SER A 587 -16.02 4.36 76.12
C SER A 587 -15.23 5.15 75.10
N LEU A 588 -14.44 4.44 74.28
CA LEU A 588 -13.65 5.10 73.25
C LEU A 588 -14.55 5.78 72.22
N VAL A 589 -15.58 5.08 71.76
CA VAL A 589 -16.46 5.64 70.74
C VAL A 589 -17.18 6.86 71.26
N ASP A 590 -17.53 6.88 72.54
CA ASP A 590 -18.18 8.05 73.12
C ASP A 590 -17.26 9.27 73.08
N VAL A 591 -16.03 9.12 73.56
CA VAL A 591 -15.15 10.28 73.67
C VAL A 591 -14.68 10.75 72.30
N LEU A 592 -14.39 9.82 71.38
CA LEU A 592 -13.92 10.25 70.07
C LEU A 592 -15.00 11.01 69.32
N ARG A 593 -16.27 10.74 69.61
CA ARG A 593 -17.37 11.47 69.01
C ARG A 593 -17.60 12.82 69.67
N GLY A 594 -16.87 13.13 70.74
CA GLY A 594 -17.02 14.40 71.41
C GLY A 594 -18.04 14.37 72.52
N GLU A 595 -17.93 13.37 73.39
CA GLU A 595 -18.87 13.24 74.50
C GLU A 595 -18.18 12.94 75.82
N GLY A 596 -16.87 13.15 75.92
CA GLY A 596 -16.16 12.89 77.17
C GLY A 596 -15.43 14.11 77.69
N ASP A 597 -14.27 13.88 78.31
CA ASP A 597 -13.45 14.95 78.87
C ASP A 597 -12.16 15.05 78.07
N LEU A 598 -11.97 16.18 77.39
CA LEU A 598 -10.74 16.40 76.63
C LEU A 598 -9.58 16.82 77.52
N GLY A 599 -9.85 17.22 78.76
CA GLY A 599 -8.81 17.55 79.71
C GLY A 599 -8.30 16.37 80.51
N ARG A 600 -8.76 15.16 80.20
CA ARG A 600 -8.40 13.96 80.93
C ARG A 600 -7.29 13.27 80.15
N VAL A 601 -6.07 13.31 80.67
CA VAL A 601 -4.90 12.96 79.86
C VAL A 601 -4.86 11.46 79.57
N ASP A 602 -5.18 10.62 80.55
CA ASP A 602 -5.17 9.18 80.32
C ASP A 602 -6.35 8.71 79.51
N VAL A 603 -7.20 9.63 79.05
CA VAL A 603 -8.22 9.34 78.06
C VAL A 603 -7.83 9.89 76.69
N LEU A 604 -7.41 11.14 76.64
CA LEU A 604 -7.06 11.76 75.36
C LEU A 604 -5.86 11.06 74.73
N GLN A 605 -4.83 10.77 75.52
CA GLN A 605 -3.64 10.13 74.95
C GLN A 605 -3.94 8.76 74.35
N PRO A 606 -4.63 7.84 75.05
CA PRO A 606 -5.08 6.63 74.34
C PRO A 606 -6.03 6.93 73.21
N ALA A 607 -6.88 7.94 73.36
CA ALA A 607 -7.77 8.31 72.25
C ALA A 607 -6.98 8.81 71.05
N CYS A 608 -5.97 9.64 71.30
CA CYS A 608 -5.13 10.10 70.20
C CYS A 608 -4.42 8.93 69.53
N PHE A 609 -3.91 7.99 70.34
CA PHE A 609 -3.26 6.80 69.78
C PHE A 609 -4.23 6.00 68.93
N ALA A 610 -5.46 5.85 69.41
CA ALA A 610 -6.44 5.02 68.71
C ALA A 610 -6.86 5.67 67.39
N VAL A 611 -7.14 6.97 67.41
CA VAL A 611 -7.50 7.63 66.15
C VAL A 611 -6.31 7.65 65.21
N MET A 612 -5.09 7.70 65.76
CA MET A 612 -3.90 7.62 64.92
C MET A 612 -3.82 6.28 64.22
N VAL A 613 -4.09 5.20 64.96
CA VAL A 613 -4.10 3.87 64.36
C VAL A 613 -5.19 3.78 63.30
N GLY A 614 -6.35 4.36 63.57
CA GLY A 614 -7.41 4.36 62.58
C GLY A 614 -7.02 5.09 61.30
N LEU A 615 -6.39 6.26 61.43
CA LEU A 615 -5.95 6.99 60.25
C LEU A 615 -4.86 6.24 59.50
N ALA A 616 -3.96 5.57 60.24
CA ALA A 616 -2.95 4.76 59.58
C ALA A 616 -3.58 3.62 58.79
N ALA A 617 -4.60 2.98 59.36
CA ALA A 617 -5.33 1.94 58.63
C ALA A 617 -6.01 2.52 57.40
N VAL A 618 -6.56 3.72 57.51
CA VAL A 618 -7.19 4.37 56.36
C VAL A 618 -6.18 4.58 55.25
N TRP A 619 -5.01 5.10 55.60
CA TRP A 619 -3.95 5.29 54.62
C TRP A 619 -3.49 3.96 54.03
N GLU A 620 -3.52 2.90 54.83
CA GLU A 620 -3.22 1.57 54.30
C GLU A 620 -4.27 1.14 53.29
N SER A 621 -5.53 1.53 53.51
CA SER A 621 -6.59 1.14 52.59
C SER A 621 -6.35 1.71 51.19
N VAL A 622 -5.85 2.94 51.12
CA VAL A 622 -5.58 3.58 49.84
C VAL A 622 -4.19 3.17 49.37
N GLY A 623 -3.61 2.18 50.02
CA GLY A 623 -2.37 1.57 49.57
C GLY A 623 -1.17 2.49 49.56
N VAL A 624 -0.97 3.22 50.65
CA VAL A 624 0.20 4.06 50.81
C VAL A 624 1.24 3.29 51.60
N ARG A 625 2.37 2.99 50.95
CA ARG A 625 3.43 2.22 51.58
C ARG A 625 4.40 3.17 52.25
N PRO A 626 4.49 3.18 53.57
CA PRO A 626 5.43 4.09 54.25
C PRO A 626 6.87 3.64 54.09
N ASP A 627 7.68 4.40 53.35
CA ASP A 627 9.10 4.09 53.27
C ASP A 627 9.76 4.20 54.63
N ALA A 628 9.40 5.22 55.41
CA ALA A 628 9.90 5.36 56.77
C ALA A 628 8.77 5.86 57.65
N VAL A 629 8.88 5.55 58.94
CA VAL A 629 7.90 5.97 59.94
C VAL A 629 8.65 6.57 61.11
N VAL A 630 8.25 7.77 61.53
CA VAL A 630 8.84 8.43 62.68
C VAL A 630 7.73 9.12 63.46
N GLY A 631 7.84 9.11 64.79
CA GLY A 631 6.87 9.72 65.66
C GLY A 631 7.38 10.98 66.33
N HIS A 632 6.58 11.47 67.28
CA HIS A 632 6.93 12.63 68.09
C HIS A 632 6.49 12.36 69.51
N SER A 633 7.44 12.05 70.39
CA SER A 633 7.18 11.74 71.78
C SER A 633 6.15 10.63 71.93
N GLN A 634 4.97 10.96 72.45
CA GLN A 634 3.93 9.97 72.63
C GLN A 634 3.55 9.30 71.31
N GLY A 635 3.45 10.10 70.25
CA GLY A 635 3.14 9.54 68.94
C GLY A 635 4.16 8.53 68.46
N GLU A 636 5.38 8.57 69.00
CA GLU A 636 6.38 7.57 68.65
C GLU A 636 5.89 6.17 68.96
N ILE A 637 5.04 6.01 69.97
CA ILE A 637 4.46 4.70 70.26
C ILE A 637 3.68 4.20 69.05
N ALA A 638 2.86 5.08 68.46
CA ALA A 638 2.18 4.73 67.22
C ALA A 638 3.20 4.39 66.14
N ALA A 639 4.30 5.13 66.10
CA ALA A 639 5.37 4.80 65.16
C ALA A 639 5.88 3.39 65.39
N ALA A 640 6.01 2.99 66.65
CA ALA A 640 6.39 1.61 66.94
C ALA A 640 5.28 0.64 66.57
N CYS A 641 4.02 1.07 66.66
CA CYS A 641 2.92 0.16 66.43
C CYS A 641 2.80 -0.23 64.97
N VAL A 642 2.85 0.74 64.07
CA VAL A 642 2.53 0.48 62.67
C VAL A 642 3.74 0.11 61.82
N SER A 643 4.95 0.43 62.29
CA SER A 643 6.16 0.14 61.53
C SER A 643 6.57 -1.33 61.62
N GLY A 644 5.78 -2.17 62.28
CA GLY A 644 6.11 -3.56 62.46
C GLY A 644 7.06 -3.85 63.60
N ALA A 645 7.47 -2.83 64.34
CA ALA A 645 8.36 -3.04 65.49
C ALA A 645 7.62 -3.46 66.75
N LEU A 646 6.30 -3.28 66.79
CA LEU A 646 5.52 -3.62 67.97
C LEU A 646 4.19 -4.22 67.54
N SER A 647 3.61 -5.04 68.42
CA SER A 647 2.26 -5.53 68.21
C SER A 647 1.25 -4.45 68.62
N LEU A 648 0.10 -4.48 67.97
CA LEU A 648 -0.93 -3.49 68.27
C LEU A 648 -1.43 -3.62 69.71
N GLU A 649 -1.59 -4.86 70.19
CA GLU A 649 -1.99 -5.06 71.58
C GLU A 649 -0.91 -4.57 72.53
N ASP A 650 0.35 -4.89 72.25
CA ASP A 650 1.45 -4.41 73.09
C ASP A 650 1.53 -2.90 73.08
N ALA A 651 1.37 -2.28 71.92
CA ALA A 651 1.41 -0.82 71.83
C ALA A 651 0.26 -0.20 72.62
N ALA A 652 -0.94 -0.78 72.51
CA ALA A 652 -2.07 -0.25 73.27
C ALA A 652 -1.82 -0.39 74.76
N LYS A 653 -1.29 -1.52 75.19
CA LYS A 653 -0.96 -1.70 76.60
C LYS A 653 0.05 -0.66 77.07
N VAL A 654 1.10 -0.45 76.28
CA VAL A 654 2.16 0.47 76.67
C VAL A 654 1.62 1.89 76.78
N VAL A 655 0.84 2.32 75.78
CA VAL A 655 0.34 3.69 75.82
C VAL A 655 -0.66 3.87 76.95
N ALA A 656 -1.49 2.85 77.22
CA ALA A 656 -2.43 2.93 78.33
C ALA A 656 -1.70 3.07 79.65
N LEU A 657 -0.66 2.24 79.86
CA LEU A 657 0.09 2.33 81.11
C LEU A 657 0.81 3.66 81.25
N ARG A 658 1.41 4.15 80.16
CA ARG A 658 2.12 5.41 80.21
C ARG A 658 1.18 6.56 80.53
N SER A 659 0.01 6.59 79.88
CA SER A 659 -0.97 7.62 80.15
C SER A 659 -1.46 7.55 81.59
N GLN A 660 -1.72 6.34 82.08
CA GLN A 660 -2.18 6.19 83.45
C GLN A 660 -1.13 6.67 84.44
N ALA A 661 0.14 6.34 84.20
CA ALA A 661 1.20 6.76 85.09
C ALA A 661 1.35 8.27 85.11
N ILE A 662 1.39 8.89 83.92
CA ILE A 662 1.56 10.34 83.88
C ILE A 662 0.35 11.04 84.49
N ALA A 663 -0.85 10.46 84.34
CA ALA A 663 -2.02 11.02 85.00
C ALA A 663 -1.89 10.94 86.52
N ALA A 664 -1.49 9.78 87.03
CA ALA A 664 -1.38 9.61 88.48
C ALA A 664 -0.25 10.44 89.07
N GLU A 665 0.75 10.81 88.28
CA GLU A 665 1.92 11.50 88.80
C GLU A 665 2.09 12.91 88.28
N LEU A 666 2.13 13.09 86.96
CA LEU A 666 2.59 14.34 86.37
C LEU A 666 1.66 15.52 86.61
N SER A 667 0.44 15.28 87.09
CA SER A 667 -0.56 16.35 87.17
C SER A 667 -0.06 17.52 88.00
N GLY A 668 -0.26 18.74 87.47
CA GLY A 668 0.08 19.95 88.18
C GLY A 668 1.55 20.14 88.48
N ARG A 669 2.42 19.93 87.48
CA ARG A 669 3.85 20.02 87.69
C ARG A 669 4.58 20.80 86.60
N GLY A 670 3.87 21.37 85.63
CA GLY A 670 4.53 22.18 84.62
C GLY A 670 3.65 22.36 83.40
N GLY A 671 4.31 22.76 82.31
CA GLY A 671 3.62 22.96 81.04
C GLY A 671 4.62 23.28 79.94
N MET A 672 4.10 23.38 78.73
CA MET A 672 4.92 23.72 77.56
C MET A 672 4.82 25.20 77.23
N ALA A 673 5.95 25.78 76.87
CA ALA A 673 6.01 27.12 76.27
C ALA A 673 6.65 26.97 74.90
N SER A 674 5.90 27.30 73.86
CA SER A 674 6.42 27.32 72.50
C SER A 674 7.19 28.61 72.28
N VAL A 675 8.40 28.50 71.74
CA VAL A 675 9.31 29.63 71.58
C VAL A 675 9.82 29.59 70.14
N ALA A 676 9.58 30.69 69.42
CA ALA A 676 10.07 30.85 68.05
C ALA A 676 11.47 31.45 68.04
N LEU A 677 12.37 30.82 68.79
CA LEU A 677 13.75 31.25 68.89
C LEU A 677 14.68 30.06 68.78
N GLY A 678 15.91 30.33 68.35
CA GLY A 678 16.88 29.28 68.17
C GLY A 678 17.29 28.64 69.48
N GLU A 679 17.81 27.41 69.37
CA GLU A 679 18.21 26.67 70.56
C GLU A 679 19.33 27.38 71.31
N ASP A 680 20.28 27.97 70.58
CA ASP A 680 21.33 28.73 71.23
C ASP A 680 20.76 30.00 71.88
N ASP A 681 19.82 30.66 71.21
CA ASP A 681 19.17 31.82 71.80
C ASP A 681 18.38 31.44 73.05
N VAL A 682 17.68 30.31 72.99
CA VAL A 682 16.94 29.83 74.16
C VAL A 682 17.90 29.52 75.31
N VAL A 683 19.03 28.88 74.99
CA VAL A 683 20.03 28.58 76.02
C VAL A 683 20.55 29.85 76.65
N SER A 684 20.82 30.87 75.83
CA SER A 684 21.21 32.18 76.37
C SER A 684 20.11 32.75 77.26
N ARG A 685 18.86 32.56 76.87
CA ARG A 685 17.71 33.04 77.62
C ARG A 685 17.26 32.06 78.69
N LEU A 686 17.92 30.91 78.81
CA LEU A 686 17.46 29.85 79.70
C LEU A 686 17.67 30.26 81.16
N VAL A 687 16.57 30.41 81.90
CA VAL A 687 16.61 30.66 83.33
C VAL A 687 16.56 29.32 84.05
N ASP A 688 16.90 29.31 85.34
CA ASP A 688 16.93 28.09 86.11
C ASP A 688 15.53 27.47 86.22
N GLY A 689 15.49 26.15 86.31
CA GLY A 689 14.24 25.43 86.40
C GLY A 689 13.55 25.16 85.09
N VAL A 690 14.13 25.59 83.97
CA VAL A 690 13.54 25.45 82.65
C VAL A 690 14.45 24.60 81.78
N GLU A 691 13.86 23.64 81.08
CA GLU A 691 14.59 22.80 80.15
C GLU A 691 13.88 22.80 78.80
N VAL A 692 14.65 22.71 77.73
CA VAL A 692 14.07 22.65 76.39
C VAL A 692 13.33 21.33 76.25
N ALA A 693 12.01 21.40 76.09
CA ALA A 693 11.23 20.18 75.91
C ALA A 693 11.62 19.46 74.63
N ALA A 694 11.81 20.21 73.55
CA ALA A 694 12.18 19.63 72.27
C ALA A 694 12.69 20.72 71.34
N VAL A 695 13.48 20.29 70.35
CA VAL A 695 13.97 21.16 69.29
C VAL A 695 13.45 20.61 67.97
N ASN A 696 12.80 21.47 67.18
CA ASN A 696 12.15 21.05 65.96
C ASN A 696 12.65 21.77 64.72
N GLY A 697 13.50 22.79 64.86
CA GLY A 697 14.00 23.52 63.73
C GLY A 697 15.07 24.51 64.13
N PRO A 698 15.53 25.32 63.16
CA PRO A 698 16.54 26.33 63.49
C PRO A 698 16.09 27.32 64.55
N SER A 699 14.80 27.62 64.60
CA SER A 699 14.27 28.58 65.57
C SER A 699 13.02 28.07 66.27
N SER A 700 12.65 26.79 66.09
CA SER A 700 11.46 26.23 66.71
C SER A 700 11.90 25.43 67.93
N VAL A 701 11.65 25.97 69.11
CA VAL A 701 12.05 25.33 70.36
C VAL A 701 10.87 25.32 71.32
N VAL A 702 10.53 24.14 71.84
CA VAL A 702 9.52 24.01 72.88
C VAL A 702 10.25 23.76 74.19
N ILE A 703 9.87 24.51 75.23
CA ILE A 703 10.53 24.41 76.52
C ILE A 703 9.50 24.01 77.58
N ALA A 704 10.00 23.44 78.67
CA ALA A 704 9.14 22.99 79.75
C ALA A 704 9.88 23.14 81.08
N GLY A 705 9.11 23.21 82.15
CA GLY A 705 9.68 23.36 83.47
C GLY A 705 8.59 23.69 84.48
N ASP A 706 9.03 24.07 85.67
CA ASP A 706 8.08 24.48 86.72
C ASP A 706 7.33 25.73 86.28
N ALA A 707 6.03 25.75 86.58
CA ALA A 707 5.16 26.81 86.09
C ALA A 707 5.65 28.20 86.50
N HIS A 708 6.24 28.31 87.68
CA HIS A 708 6.75 29.60 88.14
C HIS A 708 7.92 30.07 87.29
N ALA A 709 8.87 29.17 87.02
CA ALA A 709 10.00 29.52 86.17
C ALA A 709 9.53 29.81 84.74
N LEU A 710 8.55 29.05 84.25
CA LEU A 710 7.98 29.34 82.94
C LEU A 710 7.36 30.73 82.90
N ASP A 711 6.62 31.10 83.95
CA ASP A 711 6.02 32.43 84.01
C ASP A 711 7.09 33.50 84.02
N ALA A 712 8.15 33.31 84.80
CA ALA A 712 9.23 34.29 84.84
C ALA A 712 9.88 34.44 83.47
N THR A 713 10.17 33.32 82.81
CA THR A 713 10.79 33.37 81.49
C THR A 713 9.88 34.06 80.48
N LEU A 714 8.58 33.76 80.54
CA LEU A 714 7.63 34.41 79.64
C LEU A 714 7.53 35.90 79.90
N GLU A 715 7.61 36.30 81.18
CA GLU A 715 7.60 37.72 81.49
C GLU A 715 8.83 38.42 80.91
N ILE A 716 10.01 37.80 81.04
CA ILE A 716 11.19 38.42 80.44
C ILE A 716 11.08 38.44 78.92
N LEU A 717 10.50 37.40 78.32
CA LEU A 717 10.31 37.37 76.88
C LEU A 717 9.39 38.49 76.43
N SER A 718 8.28 38.70 77.14
CA SER A 718 7.35 39.77 76.81
C SER A 718 8.00 41.13 77.00
N GLY A 719 8.85 41.27 78.02
CA GLY A 719 9.64 42.47 78.15
C GLY A 719 10.56 42.69 76.96
N GLU A 720 11.11 41.60 76.43
CA GLU A 720 11.88 41.66 75.19
C GLU A 720 11.00 41.67 73.96
N GLY A 721 9.70 41.39 74.10
CA GLY A 721 8.77 41.47 72.98
C GLY A 721 9.03 40.50 71.85
N ILE A 722 9.24 39.22 72.17
CA ILE A 722 9.47 38.19 71.16
C ILE A 722 8.34 37.19 71.23
N ARG A 723 8.02 36.59 70.08
CA ARG A 723 6.87 35.71 69.95
C ARG A 723 7.05 34.41 70.73
N VAL A 724 6.27 34.26 71.81
CA VAL A 724 6.25 33.05 72.62
C VAL A 724 4.83 32.79 73.06
N ARG A 725 4.47 31.52 73.19
CA ARG A 725 3.11 31.15 73.53
C ARG A 725 3.13 30.05 74.59
N ARG A 726 2.01 29.92 75.30
CA ARG A 726 1.83 28.88 76.31
C ARG A 726 0.96 27.76 75.77
N VAL A 727 1.07 26.60 76.41
CA VAL A 727 0.24 25.45 76.09
C VAL A 727 -0.49 25.03 77.36
N ALA A 728 -1.81 24.87 77.26
CA ALA A 728 -2.64 24.58 78.42
C ALA A 728 -2.51 23.12 78.84
N VAL A 729 -1.34 22.74 79.34
CA VAL A 729 -1.09 21.39 79.82
C VAL A 729 -0.44 21.49 81.19
N ASP A 730 -0.84 20.63 82.11
CA ASP A 730 -0.51 20.77 83.53
C ASP A 730 0.65 19.86 83.96
N TYR A 731 1.64 19.66 83.09
CA TYR A 731 2.82 18.90 83.47
C TYR A 731 3.98 19.25 82.55
N ALA A 732 5.17 19.33 83.12
CA ALA A 732 6.40 19.60 82.36
C ALA A 732 7.06 18.27 82.07
N SER A 733 6.66 17.65 80.95
CA SER A 733 7.26 16.38 80.56
C SER A 733 8.67 16.59 80.01
N HIS A 734 9.40 15.50 79.89
CA HIS A 734 10.78 15.51 79.38
C HIS A 734 11.66 16.45 80.19
N THR A 735 11.49 16.42 81.51
CA THR A 735 12.25 17.27 82.41
C THR A 735 12.69 16.43 83.60
N ARG A 736 13.19 17.09 84.64
CA ARG A 736 13.63 16.39 85.84
C ARG A 736 12.48 15.65 86.51
N HIS A 737 11.25 16.10 86.29
CA HIS A 737 10.09 15.41 86.85
C HIS A 737 10.03 13.97 86.38
N VAL A 738 10.40 13.72 85.13
CA VAL A 738 10.41 12.35 84.60
C VAL A 738 11.37 11.47 85.40
N GLU A 739 12.38 12.05 86.03
CA GLU A 739 13.30 11.30 86.87
C GLU A 739 12.72 10.92 88.21
N ASP A 740 11.41 11.11 88.42
CA ASP A 740 10.77 10.79 89.69
C ASP A 740 9.93 9.52 89.66
N ILE A 741 9.44 9.12 88.48
CA ILE A 741 8.55 7.97 88.39
C ILE A 741 9.20 6.88 87.55
N ARG A 742 10.53 6.77 87.63
CA ARG A 742 11.24 5.78 86.84
C ARG A 742 10.83 4.36 87.20
N ASP A 743 10.69 4.07 88.49
CA ASP A 743 10.45 2.71 88.93
C ASP A 743 9.10 2.19 88.43
N THR A 744 8.06 3.01 88.53
CA THR A 744 6.73 2.58 88.10
C THR A 744 6.70 2.30 86.61
N LEU A 745 7.30 3.19 85.81
CA LEU A 745 7.34 2.97 84.36
C LEU A 745 8.13 1.72 84.01
N ALA A 746 9.27 1.50 84.69
CA ALA A 746 10.05 0.30 84.44
C ALA A 746 9.27 -0.95 84.79
N GLU A 747 8.55 -0.93 85.92
CA GLU A 747 7.74 -2.08 86.32
C GLU A 747 6.63 -2.35 85.33
N THR A 748 5.94 -1.30 84.87
CA THR A 748 4.80 -1.49 83.99
C THR A 748 5.22 -2.03 82.64
N LEU A 749 6.08 -1.30 81.93
CA LEU A 749 6.51 -1.70 80.58
C LEU A 749 7.56 -2.81 80.70
N ALA A 750 7.07 -4.01 81.00
CA ALA A 750 7.91 -5.18 81.18
C ALA A 750 7.39 -6.32 80.31
N GLY A 751 8.34 -7.11 79.79
CA GLY A 751 7.97 -8.25 78.96
C GLY A 751 7.32 -7.88 77.65
N ILE A 752 7.76 -6.81 77.00
CA ILE A 752 7.17 -6.38 75.74
C ILE A 752 7.88 -7.08 74.59
N SER A 753 7.09 -7.61 73.65
CA SER A 753 7.62 -8.34 72.51
C SER A 753 8.04 -7.33 71.44
N ALA A 754 9.19 -6.70 71.67
CA ALA A 754 9.73 -5.71 70.75
C ALA A 754 10.45 -6.44 69.62
N GLN A 755 9.72 -6.70 68.55
CA GLN A 755 10.29 -7.38 67.39
C GLN A 755 10.94 -6.36 66.45
N ALA A 756 11.58 -6.89 65.41
CA ALA A 756 12.27 -6.03 64.46
C ALA A 756 11.26 -5.19 63.68
N PRO A 757 11.58 -3.93 63.37
CA PRO A 757 10.63 -3.07 62.65
C PRO A 757 10.49 -3.51 61.20
N ALA A 758 9.25 -3.79 60.79
CA ALA A 758 8.98 -4.08 59.39
C ALA A 758 9.31 -2.88 58.51
N VAL A 759 8.91 -1.70 58.95
CA VAL A 759 9.26 -0.44 58.29
C VAL A 759 10.40 0.19 59.07
N PRO A 760 11.45 0.68 58.42
CA PRO A 760 12.56 1.30 59.14
C PRO A 760 12.07 2.47 60.00
N PHE A 761 12.58 2.53 61.23
CA PHE A 761 12.17 3.53 62.20
C PHE A 761 13.39 4.34 62.62
N TYR A 762 13.37 5.63 62.34
CA TYR A 762 14.44 6.54 62.75
C TYR A 762 14.01 7.19 64.05
N SER A 763 14.58 6.72 65.16
CA SER A 763 14.19 7.24 66.46
C SER A 763 14.92 8.54 66.77
N THR A 764 14.19 9.49 67.34
CA THR A 764 14.79 10.75 67.76
C THR A 764 15.46 10.64 69.12
N VAL A 765 15.19 9.58 69.88
CA VAL A 765 15.89 9.37 71.15
C VAL A 765 17.36 9.12 70.89
N THR A 766 17.67 8.28 69.89
CA THR A 766 19.03 8.10 69.41
C THR A 766 19.31 8.90 68.15
N SER A 767 18.29 9.48 67.52
CA SER A 767 18.42 10.12 66.22
C SER A 767 19.10 9.18 65.23
N GLU A 768 18.63 7.93 65.22
CA GLU A 768 19.32 6.87 64.52
C GLU A 768 18.30 5.81 64.08
N TRP A 769 18.63 5.12 63.01
CA TRP A 769 17.77 4.05 62.49
C TRP A 769 17.85 2.83 63.39
N VAL A 770 16.71 2.18 63.60
CA VAL A 770 16.61 0.99 64.43
C VAL A 770 16.46 -0.22 63.53
N ARG A 771 17.34 -1.22 63.71
CA ARG A 771 17.33 -2.42 62.89
C ARG A 771 17.39 -3.69 63.73
N ASP A 772 16.95 -3.62 64.98
CA ASP A 772 17.06 -4.75 65.90
C ASP A 772 15.76 -4.96 66.65
N ALA A 773 15.57 -6.18 67.13
CA ALA A 773 14.39 -6.57 67.90
C ALA A 773 14.73 -6.59 69.38
N GLY A 774 13.87 -5.96 70.18
CA GLY A 774 14.06 -5.92 71.62
C GLY A 774 14.85 -4.74 72.13
N VAL A 775 15.58 -4.04 71.26
CA VAL A 775 16.31 -2.86 71.70
C VAL A 775 15.35 -1.78 72.18
N LEU A 776 14.26 -1.58 71.47
CA LEU A 776 13.24 -0.60 71.83
C LEU A 776 12.38 -1.19 72.95
N ASP A 777 12.78 -0.92 74.18
CA ASP A 777 12.17 -1.51 75.35
C ASP A 777 11.40 -0.46 76.14
N GLY A 778 10.87 -0.88 77.29
CA GLY A 778 10.21 0.05 78.19
C GLY A 778 11.16 1.12 78.69
N GLY A 779 12.42 0.76 78.91
CA GLY A 779 13.42 1.76 79.25
C GLY A 779 13.61 2.76 78.15
N TYR A 780 13.51 2.32 76.89
CA TYR A 780 13.58 3.25 75.78
C TYR A 780 12.42 4.23 75.81
N TRP A 781 11.22 3.74 76.14
CA TRP A 781 10.07 4.65 76.23
C TRP A 781 10.21 5.60 77.41
N TYR A 782 10.80 5.14 78.51
CA TYR A 782 11.09 6.04 79.61
C TYR A 782 12.08 7.13 79.20
N ARG A 783 13.10 6.74 78.43
CA ARG A 783 14.05 7.72 77.92
C ARG A 783 13.38 8.71 77.00
N ASN A 784 12.49 8.23 76.13
CA ASN A 784 11.74 9.12 75.24
C ASN A 784 10.91 10.10 76.04
N LEU A 785 10.22 9.62 77.08
CA LEU A 785 9.49 10.51 77.98
C LEU A 785 10.44 11.42 78.76
N ARG A 786 11.70 11.05 78.87
CA ARG A 786 12.69 11.81 79.63
C ARG A 786 13.58 12.67 78.75
N ASN A 787 14.26 12.05 77.79
CA ASN A 787 15.21 12.79 76.96
C ASN A 787 14.49 13.70 75.97
N GLN A 788 15.18 14.74 75.56
CA GLN A 788 14.60 15.74 74.66
C GLN A 788 14.51 15.20 73.24
N VAL A 789 13.61 15.78 72.47
CA VAL A 789 13.38 15.35 71.09
C VAL A 789 14.13 16.28 70.15
N ARG A 790 15.04 15.70 69.37
CA ARG A 790 15.75 16.44 68.32
C ARG A 790 15.00 16.32 66.99
N PHE A 791 13.78 16.89 66.99
CA PHE A 791 12.92 16.77 65.82
C PHE A 791 13.53 17.45 64.60
N GLY A 792 14.13 18.63 64.79
CA GLY A 792 14.79 19.29 63.69
C GLY A 792 15.97 18.51 63.17
N ALA A 793 16.79 17.96 64.06
CA ALA A 793 17.91 17.12 63.65
C ALA A 793 17.41 15.87 62.93
N ALA A 794 16.31 15.29 63.43
CA ALA A 794 15.74 14.12 62.76
C ALA A 794 15.28 14.45 61.35
N ALA A 795 14.62 15.60 61.19
CA ALA A 795 14.17 16.01 59.86
C ALA A 795 15.34 16.26 58.93
N THR A 796 16.39 16.91 59.44
CA THR A 796 17.57 17.15 58.61
C THR A 796 18.21 15.83 58.18
N ALA A 797 18.29 14.87 59.11
CA ALA A 797 18.85 13.56 58.77
C ALA A 797 18.01 12.86 57.72
N LEU A 798 16.68 12.91 57.87
CA LEU A 798 15.81 12.30 56.88
C LEU A 798 15.89 13.00 55.54
N LEU A 799 16.27 14.27 55.52
CA LEU A 799 16.35 15.02 54.26
C LEU A 799 17.37 14.40 53.32
N GLU A 800 18.65 14.37 53.73
CA GLU A 800 19.70 13.89 52.85
C GLU A 800 19.58 12.40 52.54
N GLN A 801 18.78 11.66 53.30
CA GLN A 801 18.57 10.24 53.04
C GLN A 801 17.51 9.99 51.97
N GLY A 802 17.17 11.00 51.18
CA GLY A 802 16.24 10.84 50.08
C GLY A 802 14.77 10.93 50.44
N HIS A 803 14.44 11.13 51.72
CA HIS A 803 13.05 11.21 52.14
C HIS A 803 12.54 12.63 51.94
N THR A 804 11.53 12.78 51.09
CA THR A 804 10.97 14.08 50.77
C THR A 804 9.49 14.18 51.12
N VAL A 805 8.68 13.21 50.70
CA VAL A 805 7.25 13.26 50.93
C VAL A 805 6.98 12.99 52.41
N PHE A 806 6.54 14.00 53.13
CA PHE A 806 6.31 13.91 54.56
C PHE A 806 4.85 14.17 54.86
N VAL A 807 4.23 13.26 55.60
CA VAL A 807 2.80 13.33 55.92
C VAL A 807 2.64 13.41 57.43
N GLU A 808 1.95 14.44 57.88
CA GLU A 808 1.61 14.63 59.29
C GLU A 808 0.23 14.01 59.52
N VAL A 809 0.22 12.77 59.99
CA VAL A 809 -1.03 12.08 60.28
C VAL A 809 -1.56 12.62 61.61
N SER A 810 -2.67 13.36 61.55
CA SER A 810 -3.28 13.93 62.74
C SER A 810 -4.62 14.54 62.34
N ALA A 811 -5.42 14.84 63.36
CA ALA A 811 -6.69 15.52 63.14
C ALA A 811 -6.53 17.01 62.93
N HIS A 812 -5.34 17.56 63.20
CA HIS A 812 -5.09 18.97 63.00
C HIS A 812 -3.61 19.14 62.69
N PRO A 813 -3.25 19.97 61.71
CA PRO A 813 -1.84 20.14 61.35
C PRO A 813 -1.10 20.91 62.43
N VAL A 814 -0.06 20.28 63.01
CA VAL A 814 0.77 20.91 64.02
C VAL A 814 2.23 20.97 63.59
N THR A 815 2.75 19.89 63.00
CA THR A 815 4.13 19.84 62.56
C THR A 815 4.30 20.22 61.10
N VAL A 816 3.26 20.75 60.47
CA VAL A 816 3.34 21.09 59.05
C VAL A 816 4.36 22.21 58.82
N GLN A 817 4.25 23.29 59.58
CA GLN A 817 5.13 24.43 59.34
C GLN A 817 6.56 24.26 59.89
N PRO A 818 6.79 23.70 61.08
CA PRO A 818 8.18 23.56 61.55
C PRO A 818 8.99 22.57 60.75
N LEU A 819 8.37 21.88 59.79
CA LEU A 819 9.07 21.08 58.80
C LEU A 819 9.04 21.73 57.43
N SER A 820 7.94 22.36 57.07
CA SER A 820 7.82 23.00 55.75
C SER A 820 8.81 24.14 55.61
N GLU A 821 9.00 24.93 56.66
CA GLU A 821 9.99 26.00 56.58
C GLU A 821 11.38 25.44 56.32
N LEU A 822 11.64 24.21 56.78
CA LEU A 822 12.90 23.55 56.45
C LEU A 822 12.89 23.03 55.01
N THR A 823 11.80 22.43 54.58
CA THR A 823 11.77 21.77 53.28
C THR A 823 10.62 22.23 52.38
N GLY A 824 9.43 22.42 52.94
CA GLY A 824 8.27 22.76 52.16
C GLY A 824 7.44 21.58 51.68
N ASP A 825 7.91 20.35 51.88
CA ASP A 825 7.18 19.16 51.48
C ASP A 825 6.58 18.54 52.73
N ALA A 826 5.41 19.03 53.13
CA ALA A 826 4.70 18.53 54.29
C ALA A 826 3.20 18.61 54.00
N ILE A 827 2.51 17.49 54.19
CA ILE A 827 1.08 17.41 53.90
C ILE A 827 0.35 16.98 55.16
N GLY A 828 -0.73 17.70 55.47
CA GLY A 828 -1.55 17.35 56.62
C GLY A 828 -2.58 16.28 56.30
N THR A 829 -3.31 15.88 57.33
CA THR A 829 -4.35 14.88 57.21
C THR A 829 -5.75 15.45 57.45
N LEU A 830 -5.97 16.10 58.59
CA LEU A 830 -7.25 16.71 58.90
C LEU A 830 -7.00 18.07 59.54
N ARG A 831 -8.08 18.78 59.83
CA ARG A 831 -8.03 20.11 60.43
C ARG A 831 -9.04 20.18 61.57
N ARG A 832 -8.78 21.10 62.49
CA ARG A 832 -9.69 21.30 63.62
C ARG A 832 -11.09 21.61 63.12
N GLU A 833 -12.08 20.96 63.71
CA GLU A 833 -13.50 21.07 63.33
C GLU A 833 -13.74 20.71 61.87
N ASP A 834 -12.77 20.06 61.22
CA ASP A 834 -12.87 19.66 59.82
C ASP A 834 -12.71 18.16 59.68
N GLY A 835 -13.35 17.41 60.57
CA GLY A 835 -13.33 15.97 60.51
C GLY A 835 -14.13 15.37 59.39
N GLY A 836 -14.79 16.20 58.60
CA GLY A 836 -15.57 15.70 57.48
C GLY A 836 -14.71 15.04 56.43
N LEU A 837 -15.36 14.22 55.61
CA LEU A 837 -14.66 13.41 54.62
C LEU A 837 -14.01 14.27 53.54
N ARG A 838 -14.52 15.49 53.31
CA ARG A 838 -14.01 16.33 52.23
C ARG A 838 -12.55 16.69 52.47
N ARG A 839 -12.21 17.05 53.70
CA ARG A 839 -10.82 17.41 54.00
C ARG A 839 -9.90 16.22 53.78
N LEU A 840 -10.34 15.03 54.18
CA LEU A 840 -9.52 13.84 53.97
C LEU A 840 -9.32 13.56 52.48
N LEU A 841 -10.39 13.69 51.70
CA LEU A 841 -10.27 13.50 50.25
C LEU A 841 -9.29 14.51 49.66
N ALA A 842 -9.38 15.77 50.09
CA ALA A 842 -8.39 16.76 49.66
C ALA A 842 -6.99 16.34 50.07
N SER A 843 -6.89 15.72 51.25
CA SER A 843 -5.57 15.30 51.76
C SER A 843 -4.92 14.34 50.77
N MET A 844 -5.57 13.21 50.45
CA MET A 844 -4.86 12.31 49.54
C MET A 844 -4.91 12.80 48.10
N GLY A 845 -5.80 13.73 47.76
CA GLY A 845 -5.71 14.34 46.45
C GLY A 845 -4.42 15.12 46.27
N GLU A 846 -4.08 15.93 47.28
CA GLU A 846 -2.81 16.64 47.26
C GLU A 846 -1.65 15.65 47.31
N LEU A 847 -1.79 14.58 48.09
CA LEU A 847 -0.72 13.58 48.16
C LEU A 847 -0.48 12.95 46.79
N PHE A 848 -1.55 12.62 46.07
CA PHE A 848 -1.41 12.04 44.75
C PHE A 848 -0.80 13.03 43.76
N VAL A 849 -1.33 14.26 43.76
CA VAL A 849 -0.82 15.26 42.83
C VAL A 849 0.63 15.60 43.13
N ARG A 850 1.09 15.32 44.35
CA ARG A 850 2.51 15.47 44.63
C ARG A 850 3.35 14.50 43.80
N GLY A 851 2.77 13.35 43.45
CA GLY A 851 3.47 12.40 42.60
C GLY A 851 3.34 10.96 43.05
N ILE A 852 2.61 10.73 44.13
CA ILE A 852 2.45 9.39 44.68
C ILE A 852 1.24 8.73 44.03
N ASP A 853 1.16 7.40 44.16
CA ASP A 853 0.11 6.61 43.54
C ASP A 853 -1.01 6.35 44.54
N VAL A 854 -2.25 6.56 44.11
CA VAL A 854 -3.43 6.35 44.93
C VAL A 854 -4.45 5.56 44.12
N ASP A 855 -5.00 4.51 44.73
CA ASP A 855 -6.02 3.68 44.08
C ASP A 855 -7.38 4.15 44.58
N TRP A 856 -7.96 5.12 43.89
CA TRP A 856 -9.26 5.67 44.29
C TRP A 856 -10.39 4.67 44.11
N THR A 857 -10.16 3.55 43.42
CA THR A 857 -11.18 2.51 43.34
C THR A 857 -11.51 1.93 44.71
N ALA A 858 -10.64 2.14 45.70
CA ALA A 858 -10.86 1.57 47.02
C ALA A 858 -12.14 2.09 47.65
N MET A 859 -12.39 3.39 47.59
CA MET A 859 -13.60 3.96 48.17
C MET A 859 -14.57 4.52 47.14
N VAL A 860 -14.16 4.68 45.88
CA VAL A 860 -15.09 5.07 44.84
C VAL A 860 -15.67 3.80 44.22
N PRO A 861 -16.98 3.61 44.25
CA PRO A 861 -17.57 2.35 43.77
C PRO A 861 -17.80 2.34 42.27
N ALA A 862 -17.78 1.13 41.72
CA ALA A 862 -18.10 0.94 40.31
C ALA A 862 -19.57 1.22 40.07
N ALA A 863 -19.88 1.82 38.92
CA ALA A 863 -21.24 2.22 38.59
C ALA A 863 -21.48 1.94 37.12
N GLY A 864 -22.58 2.49 36.59
CA GLY A 864 -22.93 2.28 35.21
C GLY A 864 -22.01 3.03 34.26
N TRP A 865 -22.18 2.72 32.97
CA TRP A 865 -21.31 3.28 31.96
C TRP A 865 -21.63 4.75 31.71
N VAL A 866 -20.59 5.54 31.46
CA VAL A 866 -20.72 6.96 31.13
C VAL A 866 -19.76 7.26 29.99
N ASP A 867 -20.24 8.02 29.00
CA ASP A 867 -19.43 8.35 27.83
C ASP A 867 -18.63 9.62 28.11
N LEU A 868 -17.39 9.44 28.55
CA LEU A 868 -16.53 10.57 28.84
C LEU A 868 -15.93 11.13 27.56
N PRO A 869 -15.60 12.41 27.54
CA PRO A 869 -14.91 12.99 26.37
C PRO A 869 -13.49 12.49 26.28
N THR A 870 -12.94 12.58 25.07
CA THR A 870 -11.63 12.04 24.77
C THR A 870 -10.52 12.97 25.25
N TYR A 871 -9.27 12.57 24.99
CA TYR A 871 -8.12 13.37 25.38
C TYR A 871 -8.07 14.66 24.58
N ALA A 872 -7.60 15.73 25.23
CA ALA A 872 -7.46 17.03 24.59
C ALA A 872 -6.01 17.19 24.14
N PHE A 873 -5.79 17.14 22.83
CA PHE A 873 -4.44 17.15 22.28
C PHE A 873 -4.01 18.58 21.95
N GLU A 874 -2.69 18.77 21.93
CA GLU A 874 -2.09 20.00 21.44
C GLU A 874 -1.85 19.89 19.94
N HIS A 875 -1.73 21.03 19.29
CA HIS A 875 -1.63 21.03 17.84
C HIS A 875 -0.72 22.16 17.36
N ARG A 876 0.30 21.79 16.59
CA ARG A 876 1.09 22.75 15.82
C ARG A 876 1.13 22.26 14.39
N HIS A 877 0.67 23.10 13.46
CA HIS A 877 0.52 22.68 12.08
C HIS A 877 1.87 22.30 11.48
N TYR A 878 1.96 21.08 10.95
CA TYR A 878 3.18 20.58 10.33
C TYR A 878 2.86 20.17 8.90
N TRP A 879 3.68 20.64 7.97
CA TRP A 879 3.43 20.38 6.56
C TRP A 879 4.72 20.62 5.79
N LEU A 880 4.91 19.84 4.72
CA LEU A 880 6.04 20.01 3.82
C LEU A 880 5.52 20.24 2.42
N GLU A 881 5.97 21.33 1.79
CA GLU A 881 5.54 21.42 0.41
C GLU A 881 6.75 21.37 -0.52
N PRO A 882 6.59 20.79 -1.71
CA PRO A 882 7.71 20.70 -2.64
C PRO A 882 7.84 21.93 -3.53
N ALA A 883 8.81 21.92 -4.42
CA ALA A 883 9.00 22.96 -5.42
C ALA A 883 8.64 22.43 -6.79
N GLU A 884 8.63 23.33 -7.78
CA GLU A 884 8.26 22.97 -9.13
C GLU A 884 9.30 23.49 -10.11
N PRO A 885 9.62 22.70 -11.14
CA PRO A 885 10.52 23.19 -12.19
C PRO A 885 9.88 24.30 -13.01
N ALA A 886 10.73 25.16 -13.55
CA ALA A 886 10.27 26.26 -14.38
C ALA A 886 9.70 25.72 -15.70
N SER A 887 8.88 26.54 -16.33
CA SER A 887 8.26 26.15 -17.60
C SER A 887 9.31 25.96 -18.67
N ALA A 888 9.19 24.86 -19.43
CA ALA A 888 10.09 24.55 -20.52
C ALA A 888 9.49 25.08 -21.81
N GLY A 889 9.96 26.25 -22.25
CA GLY A 889 9.47 26.86 -23.46
C GLY A 889 9.99 26.17 -24.71
N ASP A 890 10.12 26.93 -25.78
CA ASP A 890 10.65 26.38 -27.02
C ASP A 890 12.08 25.89 -26.78
N PRO A 891 12.41 24.66 -27.18
CA PRO A 891 13.77 24.16 -26.92
C PRO A 891 14.84 24.99 -27.60
N LEU A 892 14.54 25.57 -28.75
CA LEU A 892 15.48 26.45 -29.43
C LEU A 892 15.42 27.88 -28.92
N LEU A 893 14.54 28.18 -27.95
CA LEU A 893 14.46 29.49 -27.35
C LEU A 893 14.86 29.49 -25.88
N GLY A 894 14.25 28.62 -25.07
CA GLY A 894 14.58 28.58 -23.66
C GLY A 894 13.94 29.71 -22.89
N THR A 895 14.74 30.69 -22.48
CA THR A 895 14.25 31.89 -21.82
C THR A 895 14.58 33.11 -22.67
N VAL A 896 13.78 34.16 -22.49
CA VAL A 896 13.94 35.42 -23.23
C VAL A 896 14.09 36.55 -22.22
N VAL A 897 15.09 37.40 -22.44
CA VAL A 897 15.37 38.53 -21.56
C VAL A 897 15.29 39.80 -22.38
N SER A 898 14.56 40.78 -21.86
CA SER A 898 14.42 42.10 -22.48
C SER A 898 15.25 43.11 -21.70
N THR A 899 16.11 43.83 -22.41
CA THR A 899 16.98 44.80 -21.76
C THR A 899 16.16 45.99 -21.29
N PRO A 900 16.22 46.34 -20.00
CA PRO A 900 15.53 47.56 -19.55
C PRO A 900 16.08 48.79 -20.25
N GLY A 901 15.17 49.71 -20.59
CA GLY A 901 15.56 50.89 -21.32
C GLY A 901 16.02 50.65 -22.73
N SER A 902 15.64 49.52 -23.32
CA SER A 902 16.03 49.20 -24.69
C SER A 902 15.08 48.16 -25.26
N ASP A 903 15.09 48.05 -26.58
CA ASP A 903 14.34 47.02 -27.28
C ASP A 903 15.16 45.77 -27.55
N ARG A 904 16.46 45.80 -27.23
CA ARG A 904 17.30 44.63 -27.46
C ARG A 904 16.81 43.44 -26.65
N LEU A 905 16.75 42.28 -27.30
CA LEU A 905 16.29 41.06 -26.68
C LEU A 905 17.36 39.98 -26.79
N THR A 906 17.35 39.05 -25.85
CA THR A 906 18.31 37.94 -25.85
C THR A 906 17.61 36.66 -25.46
N ALA A 907 17.65 35.67 -26.35
CA ALA A 907 17.10 34.35 -26.07
C ALA A 907 18.25 33.43 -25.69
N VAL A 908 18.22 32.92 -24.46
CA VAL A 908 19.25 32.04 -23.92
C VAL A 908 18.66 30.67 -23.70
N ALA A 909 19.34 29.64 -24.18
CA ALA A 909 18.87 28.27 -24.06
C ALA A 909 20.05 27.34 -23.85
N GLN A 910 19.75 26.15 -23.34
CA GLN A 910 20.73 25.08 -23.17
C GLN A 910 20.38 23.98 -24.16
N TRP A 911 21.28 23.72 -25.09
CA TRP A 911 21.04 22.73 -26.15
C TRP A 911 21.85 21.48 -25.88
N SER A 912 21.17 20.35 -25.79
CA SER A 912 21.81 19.06 -25.56
C SER A 912 21.26 18.05 -26.54
N ARG A 913 22.10 17.08 -26.91
CA ARG A 913 21.67 16.04 -27.84
C ARG A 913 20.48 15.27 -27.30
N ARG A 914 20.40 15.10 -25.98
CA ARG A 914 19.22 14.49 -25.38
C ARG A 914 17.98 15.35 -25.61
N ALA A 915 18.12 16.67 -25.45
CA ALA A 915 16.99 17.58 -25.67
C ALA A 915 16.68 17.77 -27.14
N GLN A 916 17.66 17.59 -28.02
CA GLN A 916 17.48 17.73 -29.47
C GLN A 916 18.02 16.48 -30.15
N PRO A 917 17.30 15.36 -30.05
CA PRO A 917 17.78 14.11 -30.67
C PRO A 917 17.93 14.21 -32.17
N TRP A 918 17.10 15.01 -32.84
CA TRP A 918 17.17 15.12 -34.29
C TRP A 918 18.51 15.67 -34.77
N ALA A 919 19.18 16.45 -33.92
CA ALA A 919 20.48 17.01 -34.29
C ALA A 919 21.50 15.88 -34.38
N VAL A 920 22.05 15.69 -35.58
CA VAL A 920 23.00 14.61 -35.80
C VAL A 920 24.29 14.87 -35.03
N ASP A 921 24.79 13.82 -34.36
CA ASP A 921 26.09 13.74 -33.72
C ASP A 921 26.55 15.05 -33.08
N GLY A 922 25.62 15.74 -32.42
CA GLY A 922 25.93 17.03 -31.83
C GLY A 922 25.82 18.18 -32.82
N LEU A 923 26.06 17.92 -34.09
CA LEU A 923 25.97 18.95 -35.11
C LEU A 923 24.53 19.42 -35.26
N VAL A 924 24.34 20.73 -35.32
CA VAL A 924 23.01 21.33 -35.41
C VAL A 924 22.81 21.80 -36.84
N PRO A 925 21.81 21.30 -37.55
CA PRO A 925 21.53 21.82 -38.89
C PRO A 925 21.09 23.27 -38.83
N ASN A 926 21.41 24.02 -39.89
CA ASN A 926 21.07 25.44 -39.94
C ASN A 926 19.56 25.67 -39.99
N ALA A 927 18.78 24.66 -40.37
CA ALA A 927 17.34 24.79 -40.35
C ALA A 927 16.83 25.06 -38.94
N ALA A 928 17.45 24.43 -37.95
CA ALA A 928 17.10 24.72 -36.56
C ALA A 928 17.40 26.18 -36.22
N LEU A 929 18.51 26.71 -36.71
CA LEU A 929 18.83 28.11 -36.48
C LEU A 929 17.80 29.02 -37.11
N VAL A 930 17.37 28.71 -38.34
CA VAL A 930 16.34 29.52 -38.99
C VAL A 930 15.04 29.47 -38.20
N GLU A 931 14.66 28.28 -37.75
CA GLU A 931 13.43 28.14 -36.98
C GLU A 931 13.51 28.92 -35.68
N ALA A 932 14.65 28.87 -35.00
CA ALA A 932 14.82 29.65 -33.76
C ALA A 932 14.76 31.14 -34.04
N ALA A 933 15.34 31.57 -35.16
CA ALA A 933 15.27 32.98 -35.53
C ALA A 933 13.82 33.41 -35.73
N ILE A 934 13.02 32.61 -36.43
CA ILE A 934 11.61 32.93 -36.59
C ILE A 934 10.89 32.91 -35.25
N ARG A 935 11.25 31.95 -34.39
CA ARG A 935 10.63 31.85 -33.07
C ARG A 935 10.83 33.12 -32.28
N LEU A 936 12.06 33.64 -32.27
CA LEU A 936 12.31 34.91 -31.60
C LEU A 936 11.64 36.07 -32.34
N GLY A 937 11.55 35.98 -33.67
CA GLY A 937 10.95 37.06 -34.43
C GLY A 937 9.48 37.26 -34.15
N ASP A 938 8.76 36.18 -33.81
CA ASP A 938 7.34 36.34 -33.49
C ASP A 938 7.15 37.29 -32.32
N LEU A 939 7.90 37.09 -31.24
CA LEU A 939 7.81 38.04 -30.13
C LEU A 939 8.43 39.38 -30.51
N ALA A 940 9.48 39.37 -31.34
CA ALA A 940 10.08 40.61 -31.80
C ALA A 940 9.18 41.38 -32.76
N GLY A 941 8.10 40.77 -33.23
CA GLY A 941 7.24 41.42 -34.21
C GLY A 941 7.79 41.41 -35.62
N THR A 942 8.88 40.70 -35.86
CA THR A 942 9.53 40.66 -37.17
C THR A 942 9.69 39.20 -37.57
N PRO A 943 8.62 38.57 -38.04
CA PRO A 943 8.71 37.14 -38.39
C PRO A 943 9.49 36.86 -39.65
N VAL A 944 9.70 37.85 -40.51
CA VAL A 944 10.37 37.65 -41.79
C VAL A 944 11.87 37.80 -41.58
N VAL A 945 12.62 36.76 -41.96
CA VAL A 945 14.07 36.80 -41.85
C VAL A 945 14.62 37.54 -43.07
N GLY A 946 15.05 38.79 -42.85
CA GLY A 946 15.60 39.56 -43.96
C GLY A 946 16.88 38.96 -44.51
N GLU A 947 17.80 38.58 -43.61
CA GLU A 947 19.05 37.97 -44.03
C GLU A 947 19.64 37.21 -42.85
N LEU A 948 20.16 36.02 -43.13
CA LEU A 948 20.85 35.20 -42.14
C LEU A 948 22.03 34.51 -42.79
N VAL A 949 23.21 34.68 -42.20
CA VAL A 949 24.43 34.01 -42.64
C VAL A 949 24.97 33.24 -41.45
N VAL A 950 25.05 31.92 -41.58
CA VAL A 950 25.56 31.05 -40.54
C VAL A 950 27.07 31.01 -40.71
N ASP A 951 27.79 31.70 -39.81
CA ASP A 951 29.25 31.72 -39.88
C ASP A 951 29.83 30.33 -39.65
N ALA A 952 29.28 29.59 -38.69
CA ALA A 952 29.76 28.25 -38.39
C ALA A 952 28.63 27.45 -37.75
N PRO A 953 28.42 26.21 -38.15
CA PRO A 953 27.40 25.39 -37.51
C PRO A 953 27.76 25.06 -36.07
N VAL A 954 26.73 24.80 -35.27
CA VAL A 954 26.91 24.54 -33.84
C VAL A 954 26.98 23.03 -33.62
N VAL A 955 27.98 22.59 -32.87
CA VAL A 955 28.16 21.19 -32.52
C VAL A 955 27.87 21.04 -31.03
N LEU A 956 26.84 20.27 -30.71
CA LEU A 956 26.51 20.04 -29.32
C LEU A 956 27.57 19.18 -28.64
N PRO A 957 27.89 19.45 -27.38
CA PRO A 957 28.82 18.57 -26.66
C PRO A 957 28.23 17.19 -26.47
N ARG A 958 29.12 16.19 -26.45
CA ARG A 958 28.66 14.82 -26.21
C ARG A 958 28.00 14.70 -24.84
N ARG A 959 28.60 15.30 -23.83
CA ARG A 959 28.04 15.34 -22.48
C ARG A 959 27.71 16.77 -22.12
N GLY A 960 26.58 16.96 -21.45
CA GLY A 960 26.14 18.29 -21.07
C GLY A 960 25.48 19.02 -22.23
N SER A 961 25.15 20.28 -21.96
CA SER A 961 24.48 21.13 -22.93
C SER A 961 25.28 22.41 -23.14
N ARG A 962 25.16 22.97 -24.33
CA ARG A 962 25.85 24.19 -24.71
C ARG A 962 24.90 25.38 -24.58
N GLU A 963 25.40 26.47 -24.02
CA GLU A 963 24.61 27.69 -23.90
C GLU A 963 24.58 28.41 -25.24
N VAL A 964 23.38 28.64 -25.76
CA VAL A 964 23.18 29.31 -27.04
C VAL A 964 22.39 30.59 -26.77
N GLN A 965 22.91 31.71 -27.26
CA GLN A 965 22.31 33.02 -27.04
C GLN A 965 22.09 33.70 -28.38
N LEU A 966 20.83 34.00 -28.69
CA LEU A 966 20.46 34.77 -29.86
C LEU A 966 20.17 36.19 -29.40
N ILE A 967 20.99 37.14 -29.84
CA ILE A 967 20.90 38.52 -29.40
C ILE A 967 20.42 39.37 -30.56
N VAL A 968 19.26 40.01 -30.40
CA VAL A 968 18.68 40.87 -31.42
C VAL A 968 18.69 42.30 -30.90
N GLY A 969 19.19 43.22 -31.74
CA GLY A 969 19.30 44.61 -31.37
C GLY A 969 18.06 45.41 -31.72
N GLU A 970 18.11 46.69 -31.36
CA GLU A 970 16.99 47.58 -31.58
C GLU A 970 16.75 47.78 -33.08
N PRO A 971 15.50 47.99 -33.50
CA PRO A 971 15.20 48.13 -34.92
C PRO A 971 15.85 49.37 -35.52
N GLY A 972 16.15 49.28 -36.81
CA GLY A 972 16.68 50.41 -37.55
C GLY A 972 15.82 50.77 -38.74
N GLU A 973 16.41 50.80 -39.92
CA GLU A 973 15.65 51.09 -41.13
C GLU A 973 14.65 49.97 -41.40
N GLN A 974 13.45 50.35 -41.84
CA GLN A 974 12.37 49.41 -42.13
C GLN A 974 12.05 48.52 -40.93
N ARG A 975 12.33 49.03 -39.73
CA ARG A 975 12.17 48.28 -38.48
C ARG A 975 12.99 46.99 -38.48
N ARG A 976 14.00 46.90 -39.33
CA ARG A 976 14.87 45.72 -39.34
C ARG A 976 15.78 45.74 -38.12
N ARG A 977 15.97 44.56 -37.53
CA ARG A 977 16.72 44.44 -36.29
C ARG A 977 17.95 43.58 -36.52
N PRO A 978 19.14 44.05 -36.17
CA PRO A 978 20.32 43.19 -36.24
C PRO A 978 20.19 42.02 -35.29
N ILE A 979 20.68 40.86 -35.73
CA ILE A 979 20.59 39.63 -34.94
C ILE A 979 21.91 38.89 -35.06
N GLU A 980 22.40 38.36 -33.95
CA GLU A 980 23.61 37.57 -33.90
C GLU A 980 23.38 36.33 -33.03
N VAL A 981 24.18 35.31 -33.28
CA VAL A 981 24.08 34.04 -32.59
C VAL A 981 25.43 33.72 -31.96
N PHE A 982 25.42 33.37 -30.67
CA PHE A 982 26.62 32.97 -29.97
C PHE A 982 26.38 31.63 -29.28
N SER A 983 27.44 30.84 -29.17
CA SER A 983 27.34 29.55 -28.51
C SER A 983 28.62 29.30 -27.74
N ARG A 984 28.47 28.85 -26.49
CA ARG A 984 29.63 28.57 -25.67
C ARG A 984 29.30 27.45 -24.69
N GLU A 985 30.32 26.70 -24.30
CA GLU A 985 30.19 25.64 -23.32
C GLU A 985 30.82 26.10 -22.01
N ALA A 986 30.04 26.10 -20.94
CA ALA A 986 30.47 26.51 -19.60
C ALA A 986 30.99 27.95 -19.69
N ASP A 987 32.27 28.21 -19.42
CA ASP A 987 32.82 29.57 -19.43
C ASP A 987 33.84 29.77 -20.52
N GLU A 988 33.75 29.01 -21.61
CA GLU A 988 34.65 29.19 -22.73
C GLU A 988 34.36 30.53 -23.42
N PRO A 989 35.32 31.06 -24.17
CA PRO A 989 35.07 32.30 -24.90
C PRO A 989 33.88 32.16 -25.85
N TRP A 990 33.08 33.21 -25.93
CA TRP A 990 31.89 33.18 -26.76
C TRP A 990 32.26 33.06 -28.24
N THR A 991 31.54 32.21 -28.96
CA THR A 991 31.80 31.94 -30.36
C THR A 991 30.59 32.36 -31.18
N ARG A 992 30.79 33.27 -32.12
CA ARG A 992 29.71 33.70 -33.00
C ARG A 992 29.51 32.68 -34.10
N HIS A 993 28.25 32.29 -34.33
CA HIS A 993 27.92 31.27 -35.32
C HIS A 993 27.09 31.78 -36.47
N ALA A 994 26.33 32.86 -36.29
CA ALA A 994 25.48 33.38 -37.35
C ALA A 994 25.18 34.85 -37.07
N HIS A 995 24.80 35.55 -38.13
CA HIS A 995 24.47 36.97 -38.01
C HIS A 995 23.61 37.38 -39.19
N GLY A 996 22.87 38.48 -39.01
CA GLY A 996 22.05 38.99 -40.08
C GLY A 996 21.08 40.04 -39.58
N THR A 997 19.99 40.19 -40.32
CA THR A 997 18.96 41.17 -40.01
C THR A 997 17.59 40.52 -40.09
N LEU A 998 16.70 40.94 -39.19
CA LEU A 998 15.35 40.45 -39.10
C LEU A 998 14.39 41.52 -39.61
N ALA A 999 13.49 41.13 -40.50
CA ALA A 999 12.58 42.07 -41.14
C ALA A 999 11.15 41.90 -40.63
N PRO A 1000 10.36 42.96 -40.62
CA PRO A 1000 8.95 42.84 -40.22
C PRO A 1000 8.17 42.02 -41.24
N ALA A 1001 6.95 41.66 -40.84
CA ALA A 1001 6.09 40.88 -41.71
C ALA A 1001 5.82 41.63 -43.01
N ALA A 1002 6.10 40.97 -44.14
CA ALA A 1002 5.88 41.58 -45.43
C ALA A 1002 4.39 41.64 -45.77
N ALA A 1003 4.03 42.61 -46.60
CA ALA A 1003 2.63 42.75 -47.00
C ALA A 1003 2.26 41.70 -48.04
N ALA A 1004 2.92 41.72 -49.20
CA ALA A 1004 2.64 40.80 -50.28
C ALA A 1004 3.81 39.84 -50.46
N VAL A 1005 3.49 38.57 -50.75
CA VAL A 1005 4.50 37.55 -50.97
C VAL A 1005 4.40 37.06 -52.41
N PRO A 1006 5.23 37.57 -53.32
CA PRO A 1006 5.21 37.07 -54.71
C PRO A 1006 5.52 35.58 -54.76
N GLU A 1007 4.87 34.90 -55.70
CA GLU A 1007 5.08 33.47 -55.90
C GLU A 1007 5.93 33.26 -57.15
N PRO A 1008 7.19 32.87 -57.02
CA PRO A 1008 8.03 32.67 -58.21
C PRO A 1008 7.60 31.45 -59.00
N ALA A 1009 8.06 31.41 -60.26
CA ALA A 1009 7.77 30.28 -61.12
C ALA A 1009 8.44 29.01 -60.58
N ALA A 1010 7.78 27.88 -60.78
CA ALA A 1010 8.30 26.60 -60.32
C ALA A 1010 9.57 26.25 -61.09
N ALA A 1011 10.67 26.07 -60.37
CA ALA A 1011 11.95 25.75 -60.97
C ALA A 1011 12.27 24.26 -60.89
N GLY A 1012 11.31 23.43 -60.50
CA GLY A 1012 11.55 22.01 -60.41
C GLY A 1012 10.29 21.28 -60.00
N ASP A 1013 10.41 19.96 -59.93
CA ASP A 1013 9.28 19.11 -59.58
C ASP A 1013 8.91 19.30 -58.11
N ALA A 1014 7.62 19.11 -57.82
CA ALA A 1014 7.14 19.15 -56.45
C ALA A 1014 7.51 17.85 -55.75
N THR A 1015 8.27 17.95 -54.67
CA THR A 1015 8.76 16.78 -53.94
C THR A 1015 8.07 16.69 -52.59
N ASP A 1016 7.50 15.53 -52.29
CA ASP A 1016 6.84 15.31 -51.02
C ASP A 1016 7.86 14.76 -50.03
N VAL A 1017 8.07 15.48 -48.93
CA VAL A 1017 9.07 15.14 -47.93
C VAL A 1017 8.36 14.84 -46.61
N THR A 1018 8.63 13.65 -46.07
CA THR A 1018 8.13 13.25 -44.77
C THR A 1018 9.29 12.73 -43.93
N VAL A 1019 9.22 12.95 -42.63
CA VAL A 1019 10.24 12.51 -41.70
C VAL A 1019 9.62 11.49 -40.75
N ALA A 1020 10.09 10.25 -40.80
CA ALA A 1020 9.60 9.22 -39.91
C ALA A 1020 10.10 9.47 -38.49
N GLY A 1021 9.27 9.11 -37.52
CA GLY A 1021 9.63 9.31 -36.13
C GLY A 1021 9.62 10.76 -35.69
N LEU A 1022 8.94 11.63 -36.42
CA LEU A 1022 8.84 13.04 -36.03
C LEU A 1022 8.02 13.15 -34.75
N ARG A 1023 8.53 13.91 -33.79
CA ARG A 1023 7.90 14.03 -32.48
C ARG A 1023 7.85 15.50 -32.07
N ASP A 1024 6.72 15.87 -31.46
CA ASP A 1024 6.54 17.21 -30.86
C ASP A 1024 6.72 18.31 -31.91
N ALA A 1025 6.33 18.02 -33.16
CA ALA A 1025 6.44 19.00 -34.22
C ALA A 1025 5.54 20.21 -33.99
N ASP A 1026 4.52 20.07 -33.15
CA ASP A 1026 3.60 21.19 -32.89
C ASP A 1026 4.33 22.35 -32.23
N ARG A 1027 5.22 22.06 -31.28
CA ARG A 1027 5.94 23.11 -30.57
C ARG A 1027 6.88 23.90 -31.46
N TYR A 1028 7.19 23.39 -32.65
CA TYR A 1028 7.92 24.13 -33.67
C TYR A 1028 6.95 24.64 -34.72
N GLY A 1029 7.27 25.79 -35.31
CA GLY A 1029 6.60 26.18 -36.54
C GLY A 1029 6.87 25.16 -37.65
N ILE A 1030 8.07 24.60 -37.65
CA ILE A 1030 8.42 23.46 -38.48
C ILE A 1030 9.58 22.75 -37.81
N HIS A 1031 9.50 21.43 -37.74
CA HIS A 1031 10.53 20.67 -37.05
C HIS A 1031 11.87 20.85 -37.74
N PRO A 1032 12.96 21.06 -37.00
CA PRO A 1032 14.26 21.32 -37.64
C PRO A 1032 14.71 20.22 -38.58
N ALA A 1033 14.47 18.96 -38.22
CA ALA A 1033 14.88 17.86 -39.09
C ALA A 1033 14.11 17.88 -40.41
N LEU A 1034 12.80 18.15 -40.34
CA LEU A 1034 12.00 18.22 -41.57
C LEU A 1034 12.49 19.36 -42.47
N LEU A 1035 12.75 20.53 -41.88
CA LEU A 1035 13.25 21.65 -42.68
C LEU A 1035 14.60 21.34 -43.28
N ASP A 1036 15.49 20.71 -42.51
CA ASP A 1036 16.81 20.34 -43.02
C ASP A 1036 16.69 19.38 -44.19
N ALA A 1037 15.83 18.36 -44.06
CA ALA A 1037 15.66 17.40 -45.13
C ALA A 1037 15.07 18.06 -46.38
N ALA A 1038 14.11 18.97 -46.20
CA ALA A 1038 13.52 19.65 -47.34
C ALA A 1038 14.54 20.54 -48.04
N VAL A 1039 15.37 21.24 -47.28
CA VAL A 1039 16.36 22.13 -47.87
C VAL A 1039 17.45 21.33 -48.58
N ARG A 1040 17.83 20.17 -48.02
CA ARG A 1040 18.90 19.38 -48.60
C ARG A 1040 18.62 18.95 -50.03
N THR A 1041 17.36 18.90 -50.44
CA THR A 1041 17.03 18.56 -51.81
C THR A 1041 17.57 19.60 -52.79
N VAL A 1042 17.46 20.88 -52.45
CA VAL A 1042 17.88 21.95 -53.33
C VAL A 1042 19.32 22.35 -53.09
N VAL A 1043 19.70 22.54 -51.82
CA VAL A 1043 21.07 22.95 -51.51
C VAL A 1043 22.05 21.82 -51.77
N GLY A 1044 21.71 20.61 -51.37
CA GLY A 1044 22.58 19.47 -51.51
C GLY A 1044 23.09 18.98 -50.17
N ASP A 1045 23.26 17.67 -50.07
CA ASP A 1045 23.73 17.08 -48.81
C ASP A 1045 25.14 17.53 -48.48
N ASP A 1046 26.02 17.59 -49.48
CA ASP A 1046 27.41 17.97 -49.23
C ASP A 1046 27.57 19.44 -48.89
N LEU A 1047 26.54 20.26 -49.09
CA LEU A 1047 26.60 21.68 -48.81
C LEU A 1047 25.69 21.99 -47.63
N LEU A 1048 26.27 22.59 -46.59
CA LEU A 1048 25.47 23.08 -45.48
C LEU A 1048 24.86 24.42 -45.85
N PRO A 1049 23.54 24.54 -45.88
CA PRO A 1049 22.93 25.82 -46.28
C PRO A 1049 23.09 26.89 -45.22
N SER A 1050 23.95 27.88 -45.50
CA SER A 1050 24.27 28.90 -44.51
C SER A 1050 23.67 30.27 -44.83
N VAL A 1051 23.25 30.52 -46.07
CA VAL A 1051 22.65 31.79 -46.45
C VAL A 1051 21.15 31.60 -46.56
N TRP A 1052 20.39 32.44 -45.88
CA TRP A 1052 18.93 32.36 -45.88
C TRP A 1052 18.36 33.77 -45.98
N THR A 1053 17.56 34.00 -47.01
CA THR A 1053 16.93 35.30 -47.22
C THR A 1053 15.44 35.11 -47.53
N GLY A 1054 14.65 36.08 -47.11
CA GLY A 1054 13.23 36.09 -47.40
C GLY A 1054 12.48 34.91 -46.82
N VAL A 1055 12.75 34.59 -45.56
CA VAL A 1055 12.07 33.47 -44.89
C VAL A 1055 10.77 33.99 -44.29
N SER A 1056 9.64 33.45 -44.75
CA SER A 1056 8.33 33.86 -44.28
C SER A 1056 7.48 32.62 -44.08
N LEU A 1057 7.06 32.38 -42.84
CA LEU A 1057 6.28 31.20 -42.49
C LEU A 1057 4.80 31.55 -42.43
N LEU A 1058 3.96 30.66 -42.97
CA LEU A 1058 2.53 30.86 -42.98
C LEU A 1058 1.77 29.85 -42.14
N ALA A 1059 2.31 28.66 -41.94
CA ALA A 1059 1.62 27.62 -41.18
C ALA A 1059 2.61 26.97 -40.22
N SER A 1060 2.07 26.38 -39.16
CA SER A 1060 2.87 25.74 -38.13
C SER A 1060 2.39 24.30 -37.93
N GLY A 1061 3.26 23.49 -37.33
CA GLY A 1061 2.92 22.11 -37.05
C GLY A 1061 2.92 21.19 -38.23
N ALA A 1062 3.62 21.55 -39.31
CA ALA A 1062 3.67 20.70 -40.48
C ALA A 1062 4.47 19.43 -40.21
N THR A 1063 3.98 18.31 -40.72
CA THR A 1063 4.66 17.03 -40.63
C THR A 1063 5.16 16.55 -41.99
N ALA A 1064 4.25 16.44 -42.96
CA ALA A 1064 4.62 16.17 -44.34
C ALA A 1064 4.52 17.46 -45.13
N VAL A 1065 5.47 17.67 -46.04
CA VAL A 1065 5.57 18.93 -46.76
C VAL A 1065 5.71 18.66 -48.25
N THR A 1066 5.37 19.67 -49.04
CA THR A 1066 5.57 19.65 -50.48
C THR A 1066 6.51 20.79 -50.83
N VAL A 1067 7.63 20.45 -51.46
CA VAL A 1067 8.70 21.39 -51.78
C VAL A 1067 8.64 21.69 -53.27
N THR A 1068 8.49 22.96 -53.60
CA THR A 1068 8.58 23.45 -54.97
C THR A 1068 9.75 24.41 -55.06
N PRO A 1069 10.87 24.02 -55.66
CA PRO A 1069 11.98 24.96 -55.81
C PRO A 1069 11.61 26.11 -56.73
N THR A 1070 12.19 27.28 -56.43
CA THR A 1070 11.97 28.49 -57.20
C THR A 1070 13.30 28.93 -57.81
N ALA A 1071 13.30 30.14 -58.39
CA ALA A 1071 14.51 30.63 -59.06
C ALA A 1071 15.67 30.74 -58.09
N THR A 1072 15.42 31.25 -56.89
CA THR A 1072 16.47 31.40 -55.88
C THR A 1072 16.16 30.68 -54.58
N GLY A 1073 14.91 30.72 -54.13
CA GLY A 1073 14.53 30.06 -52.89
C GLY A 1073 13.67 28.82 -53.12
N LEU A 1074 12.66 28.63 -52.28
CA LEU A 1074 11.77 27.50 -52.42
C LEU A 1074 10.45 27.81 -51.71
N ARG A 1075 9.44 27.00 -52.02
CA ARG A 1075 8.13 27.10 -51.40
C ARG A 1075 7.76 25.76 -50.76
N LEU A 1076 7.22 25.81 -49.56
CA LEU A 1076 6.82 24.63 -48.80
C LEU A 1076 5.35 24.74 -48.50
N THR A 1077 4.58 23.74 -48.91
CA THR A 1077 3.14 23.72 -48.71
C THR A 1077 2.73 22.46 -47.95
N ASP A 1078 1.53 22.50 -47.37
CA ASP A 1078 0.98 21.35 -46.68
C ASP A 1078 0.51 20.32 -47.69
N PRO A 1079 0.23 19.09 -47.25
CA PRO A 1079 -0.36 18.11 -48.18
C PRO A 1079 -1.67 18.56 -48.79
N ALA A 1080 -2.40 19.46 -48.12
CA ALA A 1080 -3.58 20.07 -48.71
C ALA A 1080 -3.24 21.10 -49.78
N GLY A 1081 -1.97 21.46 -49.93
CA GLY A 1081 -1.55 22.38 -50.96
C GLY A 1081 -1.39 23.82 -50.52
N GLN A 1082 -1.93 24.18 -49.37
CA GLN A 1082 -1.82 25.56 -48.91
C GLN A 1082 -0.37 25.91 -48.58
N PRO A 1083 0.10 27.08 -48.98
CA PRO A 1083 1.50 27.44 -48.69
C PRO A 1083 1.77 27.54 -47.20
N VAL A 1084 2.98 27.15 -46.82
CA VAL A 1084 3.39 27.12 -45.41
C VAL A 1084 4.61 28.00 -45.17
N LEU A 1085 5.62 27.91 -46.03
CA LEU A 1085 6.86 28.64 -45.81
C LEU A 1085 7.54 28.98 -47.13
N THR A 1086 7.89 30.24 -47.31
CA THR A 1086 8.58 30.70 -48.51
C THR A 1086 9.97 31.20 -48.15
N VAL A 1087 10.95 30.82 -48.96
CA VAL A 1087 12.33 31.28 -48.80
C VAL A 1087 12.76 31.95 -50.10
N GLU A 1088 13.18 33.22 -50.00
CA GLU A 1088 13.56 33.96 -51.20
C GLU A 1088 14.79 33.36 -51.86
N SER A 1089 15.81 33.01 -51.07
CA SER A 1089 17.03 32.43 -51.62
C SER A 1089 17.76 31.68 -50.53
N VAL A 1090 18.58 30.72 -50.94
CA VAL A 1090 19.39 29.92 -50.03
C VAL A 1090 20.68 29.53 -50.73
N ARG A 1091 21.79 29.54 -49.99
CA ARG A 1091 23.10 29.18 -50.51
C ARG A 1091 23.79 28.25 -49.53
N GLY A 1092 24.38 27.18 -50.05
CA GLY A 1092 25.04 26.17 -49.24
C GLY A 1092 26.54 26.20 -49.45
N THR A 1093 27.26 26.30 -48.33
CA THR A 1093 28.71 26.29 -48.33
C THR A 1093 29.25 24.91 -48.00
N PRO A 1094 30.41 24.53 -48.52
CA PRO A 1094 31.00 23.23 -48.16
C PRO A 1094 31.30 23.17 -46.66
N PHE A 1095 31.17 21.97 -46.12
CA PHE A 1095 31.44 21.76 -44.70
C PHE A 1095 32.87 22.11 -44.37
N VAL A 1096 33.07 22.90 -43.32
CA VAL A 1096 34.39 23.31 -42.86
C VAL A 1096 34.56 22.83 -41.42
N ALA A 1097 35.64 22.09 -41.17
CA ALA A 1097 35.92 21.59 -39.83
C ALA A 1097 36.34 22.75 -38.94
N GLU A 1098 35.52 23.07 -37.95
CA GLU A 1098 35.84 24.15 -37.03
C GLU A 1098 37.05 23.77 -36.18
N GLN A 1099 37.97 24.72 -36.04
CA GLN A 1099 39.19 24.47 -35.29
C GLN A 1099 38.88 24.30 -33.80
N GLY A 1100 39.73 23.52 -33.12
CA GLY A 1100 39.53 23.28 -31.71
C GLY A 1100 39.64 24.57 -30.91
N THR A 1101 38.84 24.65 -29.84
CA THR A 1101 38.82 25.84 -29.01
C THR A 1101 40.12 26.00 -28.25
N THR A 1102 40.70 27.19 -28.33
CA THR A 1102 41.94 27.51 -27.62
C THR A 1102 41.65 28.25 -26.32
N ASP A 1103 40.94 27.55 -25.42
CA ASP A 1103 40.51 28.12 -24.15
C ASP A 1103 41.41 27.73 -22.99
N ALA A 1104 42.53 27.06 -23.27
CA ALA A 1104 43.45 26.63 -22.22
C ALA A 1104 44.62 27.59 -22.02
N LEU A 1105 44.50 28.83 -22.50
CA LEU A 1105 45.54 29.83 -22.34
C LEU A 1105 45.31 30.59 -21.04
N PHE A 1106 46.35 30.68 -20.21
CA PHE A 1106 46.24 31.29 -18.89
C PHE A 1106 47.39 32.26 -18.65
N ARG A 1107 47.05 33.42 -18.10
CA ARG A 1107 48.00 34.49 -17.82
C ARG A 1107 48.12 34.60 -16.30
N VAL A 1108 49.34 34.84 -15.82
CA VAL A 1108 49.59 34.94 -14.39
C VAL A 1108 49.42 36.41 -14.02
N ASP A 1109 48.17 36.81 -13.81
CA ASP A 1109 47.84 38.19 -13.49
C ASP A 1109 48.18 38.48 -12.03
N TRP A 1110 48.26 39.77 -11.71
CA TRP A 1110 48.66 40.22 -10.37
C TRP A 1110 47.63 41.23 -9.84
N PRO A 1111 46.49 40.75 -9.38
CA PRO A 1111 45.53 41.64 -8.71
C PRO A 1111 45.92 41.92 -7.27
N GLU A 1112 45.35 43.00 -6.74
CA GLU A 1112 45.64 43.41 -5.37
C GLU A 1112 44.98 42.50 -4.36
N ILE A 1113 45.63 42.36 -3.21
CA ILE A 1113 45.13 41.56 -2.09
C ILE A 1113 45.29 42.38 -0.81
N PRO A 1114 44.48 42.16 0.21
CA PRO A 1114 44.68 42.88 1.47
C PRO A 1114 45.96 42.44 2.17
N LEU A 1115 46.56 43.37 2.90
CA LEU A 1115 47.74 43.11 3.71
C LEU A 1115 47.42 43.39 5.17
N PRO A 1116 47.20 42.37 6.00
CA PRO A 1116 46.91 42.62 7.42
C PRO A 1116 48.08 43.30 8.12
N THR A 1117 47.75 44.14 9.09
CA THR A 1117 48.75 44.94 9.80
C THR A 1117 49.39 44.08 10.88
N ALA A 1118 50.66 43.74 10.70
CA ALA A 1118 51.41 42.96 11.67
C ALA A 1118 52.87 43.37 11.63
N GLU A 1119 53.57 43.16 12.74
CA GLU A 1119 54.98 43.52 12.87
C GLU A 1119 55.91 42.33 12.99
N THR A 1120 55.56 41.33 13.80
CA THR A 1120 56.40 40.16 14.02
C THR A 1120 55.59 38.89 13.86
N ALA A 1121 56.25 37.85 13.36
CA ALA A 1121 55.60 36.56 13.14
C ALA A 1121 56.68 35.48 13.14
N ASP A 1122 56.23 34.23 13.17
CA ASP A 1122 57.14 33.08 13.20
C ASP A 1122 57.60 32.81 11.77
N PHE A 1123 58.62 33.53 11.35
CA PHE A 1123 59.17 33.36 10.01
C PHE A 1123 60.65 33.73 10.01
N LEU A 1124 61.45 32.92 9.33
CA LEU A 1124 62.86 33.22 9.13
C LEU A 1124 63.01 33.99 7.82
N PRO A 1125 63.50 35.23 7.85
CA PRO A 1125 63.73 35.95 6.60
C PRO A 1125 64.97 35.44 5.89
N TYR A 1126 64.97 35.60 4.56
CA TYR A 1126 66.13 35.24 3.76
C TYR A 1126 66.04 35.97 2.44
N GLU A 1127 67.00 36.85 2.16
CA GLU A 1127 67.03 37.56 0.89
C GLU A 1127 67.63 36.67 -0.19
N ALA A 1128 66.88 36.44 -1.27
CA ALA A 1128 67.32 35.59 -2.36
C ALA A 1128 67.79 36.43 -3.53
N THR A 1129 69.02 36.20 -3.98
CA THR A 1129 69.61 36.97 -5.06
C THR A 1129 69.89 36.17 -6.32
N SER A 1130 70.24 34.89 -6.20
CA SER A 1130 70.52 34.05 -7.36
C SER A 1130 69.85 32.69 -7.17
N ALA A 1131 69.60 32.02 -8.29
CA ALA A 1131 68.94 30.72 -8.24
C ALA A 1131 69.79 29.69 -7.50
N GLU A 1132 71.09 29.66 -7.75
CA GLU A 1132 71.96 28.72 -7.07
C GLU A 1132 72.04 29.00 -5.58
N ALA A 1133 72.18 30.28 -5.21
CA ALA A 1133 72.20 30.65 -3.80
C ALA A 1133 70.86 30.31 -3.13
N THR A 1134 69.76 30.55 -3.85
CA THR A 1134 68.44 30.20 -3.30
C THR A 1134 68.32 28.71 -3.07
N LEU A 1135 68.79 27.90 -4.02
CA LEU A 1135 68.74 26.45 -3.86
C LEU A 1135 69.59 26.01 -2.68
N SER A 1136 70.79 26.57 -2.54
CA SER A 1136 71.67 26.19 -1.43
C SER A 1136 71.05 26.57 -0.09
N ALA A 1137 70.50 27.78 0.01
CA ALA A 1137 69.89 28.21 1.26
C ALA A 1137 68.64 27.37 1.58
N LEU A 1138 67.84 27.04 0.56
CA LEU A 1138 66.68 26.20 0.78
C LEU A 1138 67.09 24.81 1.25
N GLN A 1139 68.14 24.25 0.65
CA GLN A 1139 68.64 22.95 1.12
C GLN A 1139 69.11 23.03 2.56
N ALA A 1140 69.83 24.09 2.91
CA ALA A 1140 70.32 24.25 4.28
C ALA A 1140 69.15 24.37 5.27
N TRP A 1141 68.13 25.15 4.90
CA TRP A 1141 67.01 25.34 5.81
C TRP A 1141 66.14 24.09 5.91
N LEU A 1142 65.99 23.34 4.81
CA LEU A 1142 65.26 22.08 4.87
C LEU A 1142 66.00 21.06 5.72
N ALA A 1143 67.33 21.01 5.60
CA ALA A 1143 68.12 20.20 6.50
C ALA A 1143 68.07 20.73 7.93
N ASP A 1144 67.81 22.02 8.11
CA ASP A 1144 67.67 22.58 9.45
C ASP A 1144 66.42 22.01 10.11
N PRO A 1145 66.53 21.47 11.33
CA PRO A 1145 65.35 20.91 11.99
C PRO A 1145 64.25 21.92 12.27
N ALA A 1146 64.56 23.23 12.25
CA ALA A 1146 63.56 24.24 12.51
C ALA A 1146 62.43 24.15 11.49
N GLU A 1147 61.19 24.18 12.00
CA GLU A 1147 60.00 24.06 11.18
C GLU A 1147 59.31 25.39 10.94
N THR A 1148 59.99 26.50 11.23
CA THR A 1148 59.41 27.82 11.01
C THR A 1148 59.28 28.10 9.53
N ARG A 1149 58.31 28.94 9.19
CA ARG A 1149 58.11 29.34 7.80
C ARG A 1149 59.32 30.14 7.32
N LEU A 1150 59.50 30.15 5.99
CA LEU A 1150 60.62 30.85 5.37
C LEU A 1150 60.08 31.98 4.51
N ALA A 1151 60.67 33.18 4.67
CA ALA A 1151 60.29 34.35 3.89
C ALA A 1151 61.39 34.62 2.88
N VAL A 1152 61.19 34.14 1.66
CA VAL A 1152 62.16 34.31 0.58
C VAL A 1152 61.91 35.66 -0.08
N VAL A 1153 62.83 36.59 0.11
CA VAL A 1153 62.73 37.94 -0.45
C VAL A 1153 63.66 38.02 -1.64
N THR A 1154 63.08 38.27 -2.82
CA THR A 1154 63.82 38.41 -4.06
C THR A 1154 63.55 39.76 -4.68
N GLY A 1155 64.32 40.07 -5.73
CA GLY A 1155 64.09 41.29 -6.48
C GLY A 1155 62.80 41.22 -7.27
N ASP A 1156 62.67 42.16 -8.21
CA ASP A 1156 61.48 42.22 -9.06
C ASP A 1156 61.26 40.90 -9.77
N CYS A 1157 60.13 40.26 -9.48
CA CYS A 1157 59.85 38.92 -10.00
C CYS A 1157 59.85 38.88 -11.52
N THR A 1158 59.55 40.00 -12.18
CA THR A 1158 59.60 40.03 -13.64
C THR A 1158 61.02 39.85 -14.17
N GLU A 1159 62.04 40.15 -13.37
CA GLU A 1159 63.41 39.96 -13.81
C GLU A 1159 63.73 38.47 -13.93
N PRO A 1160 64.48 38.07 -14.96
CA PRO A 1160 64.80 36.64 -15.11
C PRO A 1160 65.54 36.04 -13.93
N GLY A 1161 66.47 36.80 -13.34
CA GLY A 1161 67.19 36.30 -12.19
C GLY A 1161 66.28 36.03 -11.01
N ALA A 1162 65.33 36.94 -10.75
CA ALA A 1162 64.33 36.70 -9.73
C ALA A 1162 63.28 35.69 -10.20
N ALA A 1163 63.04 35.60 -11.50
CA ALA A 1163 62.06 34.64 -12.01
C ALA A 1163 62.51 33.20 -11.75
N ALA A 1164 63.79 32.91 -11.97
CA ALA A 1164 64.30 31.56 -11.71
C ALA A 1164 64.18 31.22 -10.22
N ILE A 1165 64.50 32.18 -9.35
CA ILE A 1165 64.36 31.97 -7.91
C ILE A 1165 62.90 31.72 -7.56
N TRP A 1166 61.99 32.50 -8.15
CA TRP A 1166 60.56 32.33 -7.88
C TRP A 1166 60.09 30.94 -8.30
N GLY A 1167 60.54 30.47 -9.47
CA GLY A 1167 60.15 29.14 -9.91
C GLY A 1167 60.70 28.05 -9.01
N LEU A 1168 61.96 28.18 -8.60
CA LEU A 1168 62.56 27.19 -7.71
C LEU A 1168 61.83 27.15 -6.36
N VAL A 1169 61.53 28.32 -5.79
CA VAL A 1169 60.82 28.35 -4.52
C VAL A 1169 59.40 27.83 -4.69
N ARG A 1170 58.75 28.10 -5.82
CA ARG A 1170 57.41 27.56 -6.06
C ARG A 1170 57.44 26.03 -6.11
N SER A 1171 58.43 25.46 -6.79
CA SER A 1171 58.55 24.00 -6.81
C SER A 1171 58.85 23.45 -5.41
N ALA A 1172 59.68 24.14 -4.64
CA ALA A 1172 59.96 23.72 -3.28
C ALA A 1172 58.70 23.76 -2.42
N GLN A 1173 57.88 24.80 -2.60
CA GLN A 1173 56.60 24.89 -1.89
C GLN A 1173 55.66 23.77 -2.31
N SER A 1174 55.69 23.40 -3.59
CA SER A 1174 54.93 22.24 -4.04
C SER A 1174 55.40 20.98 -3.33
N GLU A 1175 56.73 20.83 -3.15
CA GLU A 1175 57.25 19.73 -2.37
C GLU A 1175 56.84 19.86 -0.90
N HIS A 1176 56.86 21.07 -0.36
CA HIS A 1176 56.67 21.32 1.07
C HIS A 1176 55.58 22.36 1.24
N PRO A 1177 54.31 21.95 1.20
CA PRO A 1177 53.21 22.92 1.30
C PRO A 1177 53.21 23.65 2.63
N GLY A 1178 52.87 24.94 2.58
CA GLY A 1178 52.76 25.75 3.77
C GLY A 1178 54.05 25.88 4.56
N ARG A 1179 55.18 26.00 3.89
CA ARG A 1179 56.47 26.12 4.57
C ARG A 1179 57.33 27.27 4.08
N ILE A 1180 57.21 27.66 2.81
CA ILE A 1180 58.06 28.68 2.21
C ILE A 1180 57.18 29.75 1.59
N VAL A 1181 57.60 31.01 1.71
CA VAL A 1181 56.87 32.16 1.18
C VAL A 1181 57.82 32.96 0.30
N LEU A 1182 57.33 33.36 -0.88
CA LEU A 1182 58.09 34.19 -1.81
C LEU A 1182 57.71 35.65 -1.60
N ALA A 1183 58.72 36.52 -1.59
CA ALA A 1183 58.50 37.95 -1.39
C ALA A 1183 59.25 38.73 -2.47
N ASP A 1184 58.55 39.66 -3.11
CA ASP A 1184 59.13 40.60 -4.06
C ASP A 1184 58.62 41.99 -3.64
N LEU A 1185 59.33 42.62 -2.72
CA LEU A 1185 58.86 43.84 -2.09
C LEU A 1185 59.79 45.01 -2.42
N ASP A 1186 59.19 46.16 -2.69
CA ASP A 1186 59.93 47.41 -2.74
C ASP A 1186 60.25 47.95 -1.35
N ASP A 1187 59.69 47.33 -0.30
CA ASP A 1187 59.93 47.69 1.09
C ASP A 1187 59.80 46.44 1.95
N PRO A 1188 60.87 46.00 2.59
CA PRO A 1188 60.78 44.80 3.46
C PRO A 1188 59.95 45.01 4.72
N ALA A 1189 59.53 46.25 5.00
CA ALA A 1189 58.71 46.51 6.19
C ALA A 1189 57.38 45.78 6.12
N VAL A 1190 56.89 45.50 4.90
CA VAL A 1190 55.66 44.75 4.73
C VAL A 1190 55.90 43.24 4.67
N LEU A 1191 57.14 42.81 4.84
CA LEU A 1191 57.43 41.37 4.79
C LEU A 1191 56.66 40.58 5.86
N PRO A 1192 56.64 40.99 7.14
CA PRO A 1192 55.75 40.28 8.09
C PRO A 1192 54.29 40.35 7.67
N ALA A 1193 53.84 41.50 7.15
CA ALA A 1193 52.47 41.59 6.66
C ALA A 1193 52.22 40.61 5.53
N VAL A 1194 53.18 40.50 4.60
CA VAL A 1194 53.12 39.46 3.58
C VAL A 1194 53.09 38.10 4.25
N VAL A 1195 53.92 37.90 5.27
CA VAL A 1195 53.83 36.68 6.07
C VAL A 1195 52.46 36.58 6.73
N ALA A 1196 51.95 37.71 7.23
CA ALA A 1196 50.59 37.74 7.75
C ALA A 1196 49.56 37.58 6.65
N SER A 1197 49.92 37.87 5.39
CA SER A 1197 49.01 37.67 4.28
C SER A 1197 48.67 36.18 4.11
N GLY A 1198 49.66 35.31 4.25
CA GLY A 1198 49.47 33.88 4.08
C GLY A 1198 49.66 33.38 2.67
N GLU A 1199 49.64 34.27 1.68
CA GLU A 1199 49.86 33.85 0.31
C GLU A 1199 51.36 33.62 0.07
N PRO A 1200 51.75 32.45 -0.44
CA PRO A 1200 53.19 32.18 -0.63
C PRO A 1200 53.86 33.11 -1.61
N GLN A 1201 53.11 33.77 -2.51
CA GLN A 1201 53.70 34.60 -3.56
C GLN A 1201 53.02 35.95 -3.54
N VAL A 1202 53.72 36.97 -3.04
CA VAL A 1202 53.20 38.33 -2.95
C VAL A 1202 54.27 39.29 -3.45
N ARG A 1203 53.87 40.27 -4.28
CA ARG A 1203 54.75 41.34 -4.72
C ARG A 1203 54.16 42.67 -4.27
N VAL A 1204 54.90 43.42 -3.46
CA VAL A 1204 54.41 44.67 -2.91
C VAL A 1204 55.07 45.84 -3.62
N ARG A 1205 54.24 46.76 -4.14
CA ARG A 1205 54.69 47.98 -4.76
C ARG A 1205 53.85 49.14 -4.24
N ASN A 1206 54.52 50.19 -3.75
CA ASN A 1206 53.85 51.39 -3.25
C ASN A 1206 52.80 51.07 -2.20
N GLY A 1207 53.11 50.10 -1.35
CA GLY A 1207 52.20 49.71 -0.28
C GLY A 1207 51.02 48.87 -0.72
N VAL A 1208 50.98 48.43 -1.97
CA VAL A 1208 49.89 47.62 -2.51
C VAL A 1208 50.46 46.25 -2.86
N ALA A 1209 49.81 45.20 -2.38
CA ALA A 1209 50.26 43.83 -2.60
C ALA A 1209 49.51 43.22 -3.77
N SER A 1210 50.25 42.62 -4.69
CA SER A 1210 49.69 41.92 -5.84
C SER A 1210 50.05 40.45 -5.76
N VAL A 1211 49.14 39.61 -6.25
CA VAL A 1211 49.29 38.16 -6.10
C VAL A 1211 49.17 37.48 -7.47
N PRO A 1212 50.04 36.53 -7.78
CA PRO A 1212 49.93 35.80 -9.05
C PRO A 1212 48.72 34.87 -9.04
N ARG A 1213 47.92 34.96 -10.10
CA ARG A 1213 46.73 34.14 -10.25
C ARG A 1213 46.58 33.75 -11.72
N LEU A 1214 46.25 32.49 -11.97
CA LEU A 1214 46.05 32.02 -13.32
C LEU A 1214 44.66 32.42 -13.79
N THR A 1215 44.58 33.19 -14.87
CA THR A 1215 43.31 33.66 -15.42
C THR A 1215 43.22 33.27 -16.88
N ARG A 1216 42.04 32.83 -17.30
CA ARG A 1216 41.84 32.42 -18.69
C ARG A 1216 42.09 33.59 -19.63
N VAL A 1217 42.69 33.29 -20.78
CA VAL A 1217 43.08 34.30 -21.76
C VAL A 1217 42.24 34.10 -23.02
N THR A 1218 41.65 35.19 -23.52
CA THR A 1218 40.93 35.15 -24.79
C THR A 1218 41.92 35.41 -25.91
N PRO A 1219 42.20 34.44 -26.77
CA PRO A 1219 43.19 34.65 -27.83
C PRO A 1219 42.72 35.65 -28.87
N ARG A 1220 43.68 36.32 -29.49
CA ARG A 1220 43.39 37.30 -30.53
C ARG A 1220 43.10 36.60 -31.86
N GLN A 1221 42.11 37.12 -32.58
CA GLN A 1221 41.74 36.58 -33.88
C GLN A 1221 42.62 37.08 -35.01
N ASP A 1222 43.08 38.34 -34.94
CA ASP A 1222 43.88 38.93 -36.00
C ASP A 1222 45.33 38.49 -35.86
N ALA A 1223 45.54 37.20 -36.15
CA ALA A 1223 46.88 36.64 -36.13
C ALA A 1223 47.71 37.20 -37.28
N ARG A 1224 49.02 37.35 -37.03
CA ARG A 1224 49.93 37.74 -38.09
C ARG A 1224 50.34 36.50 -38.87
N PRO A 1225 49.86 36.34 -40.10
CA PRO A 1225 50.14 35.12 -40.85
C PRO A 1225 51.64 34.97 -41.13
N LEU A 1226 52.10 33.72 -41.07
CA LEU A 1226 53.51 33.45 -41.32
C LEU A 1226 53.85 33.67 -42.79
N ASP A 1227 55.13 33.92 -43.04
CA ASP A 1227 55.58 34.15 -44.42
C ASP A 1227 55.50 32.86 -45.20
N PRO A 1228 54.71 32.80 -46.28
CA PRO A 1228 54.66 31.56 -47.07
C PRO A 1228 56.01 31.16 -47.65
N GLU A 1229 56.81 32.13 -48.06
CA GLU A 1229 58.14 31.87 -48.59
C GLU A 1229 59.23 31.94 -47.52
N GLY A 1230 58.88 32.31 -46.29
CA GLY A 1230 59.85 32.41 -45.24
C GLY A 1230 60.23 31.05 -44.65
N THR A 1231 61.41 31.01 -44.05
CA THR A 1231 61.92 29.82 -43.38
C THR A 1231 61.66 29.94 -41.89
N VAL A 1232 61.16 28.86 -41.28
CA VAL A 1232 60.89 28.80 -39.86
C VAL A 1232 61.92 27.89 -39.20
N LEU A 1233 62.60 28.41 -38.19
CA LEU A 1233 63.62 27.67 -37.46
C LEU A 1233 63.03 27.15 -36.16
N ILE A 1234 63.12 25.83 -35.95
CA ILE A 1234 62.60 25.18 -34.76
C ILE A 1234 63.74 24.49 -34.04
N THR A 1235 63.91 24.79 -32.77
CA THR A 1235 64.93 24.16 -31.95
C THR A 1235 64.43 22.82 -31.42
N GLY A 1236 65.32 21.82 -31.42
CA GLY A 1236 64.93 20.49 -31.01
C GLY A 1236 63.87 19.87 -31.91
N GLY A 1237 64.03 20.00 -33.22
CA GLY A 1237 63.03 19.54 -34.16
C GLY A 1237 62.97 18.05 -34.37
N THR A 1238 63.95 17.31 -33.85
CA THR A 1238 63.93 15.85 -33.95
C THR A 1238 63.12 15.19 -32.85
N GLY A 1239 62.65 15.95 -31.86
CA GLY A 1239 61.78 15.41 -30.85
C GLY A 1239 60.34 15.28 -31.32
N THR A 1240 59.52 14.66 -30.49
CA THR A 1240 58.11 14.48 -30.83
C THR A 1240 57.39 15.82 -30.93
N LEU A 1241 57.67 16.73 -30.00
CA LEU A 1241 57.06 18.05 -30.05
C LEU A 1241 57.47 18.81 -31.31
N GLY A 1242 58.75 18.75 -31.67
CA GLY A 1242 59.20 19.40 -32.89
C GLY A 1242 58.56 18.82 -34.13
N ALA A 1243 58.44 17.49 -34.18
CA ALA A 1243 57.79 16.85 -35.32
C ALA A 1243 56.32 17.26 -35.41
N LEU A 1244 55.62 17.28 -34.27
CA LEU A 1244 54.22 17.68 -34.28
C LEU A 1244 54.06 19.12 -34.73
N THR A 1245 54.91 20.02 -34.23
CA THR A 1245 54.82 21.42 -34.62
C THR A 1245 55.12 21.60 -36.10
N ALA A 1246 56.13 20.90 -36.62
CA ALA A 1246 56.46 21.00 -38.04
C ALA A 1246 55.31 20.50 -38.91
N ARG A 1247 54.74 19.35 -38.55
CA ARG A 1247 53.63 18.80 -39.31
C ARG A 1247 52.43 19.74 -39.28
N HIS A 1248 52.12 20.30 -38.10
CA HIS A 1248 51.00 21.24 -37.99
C HIS A 1248 51.26 22.48 -38.83
N LEU A 1249 52.49 23.00 -38.79
CA LEU A 1249 52.82 24.19 -39.58
C LEU A 1249 52.64 23.91 -41.07
N VAL A 1250 53.15 22.78 -41.55
CA VAL A 1250 53.03 22.46 -42.97
C VAL A 1250 51.56 22.26 -43.36
N THR A 1251 50.79 21.59 -42.51
CA THR A 1251 49.41 21.27 -42.87
C THR A 1251 48.52 22.52 -42.86
N ALA A 1252 48.64 23.36 -41.83
CA ALA A 1252 47.75 24.50 -41.67
C ALA A 1252 48.37 25.81 -42.16
N HIS A 1253 49.52 26.19 -41.61
CA HIS A 1253 50.15 27.45 -41.98
C HIS A 1253 50.83 27.39 -43.34
N GLY A 1254 50.97 26.21 -43.93
CA GLY A 1254 51.62 26.09 -45.22
C GLY A 1254 53.08 26.48 -45.21
N VAL A 1255 53.81 26.12 -44.15
CA VAL A 1255 55.23 26.45 -44.07
C VAL A 1255 56.00 25.52 -45.00
N ARG A 1256 56.63 26.11 -46.02
CA ARG A 1256 57.33 25.35 -47.05
C ARG A 1256 58.82 25.15 -46.73
N HIS A 1257 59.34 25.80 -45.69
CA HIS A 1257 60.75 25.73 -45.35
C HIS A 1257 60.89 25.68 -43.84
N LEU A 1258 61.33 24.54 -43.32
CA LEU A 1258 61.52 24.33 -41.90
C LEU A 1258 62.94 23.85 -41.64
N VAL A 1259 63.64 24.52 -40.73
CA VAL A 1259 64.98 24.13 -40.33
C VAL A 1259 64.90 23.66 -38.88
N LEU A 1260 65.10 22.36 -38.68
CA LEU A 1260 65.02 21.74 -37.37
C LEU A 1260 66.44 21.56 -36.82
N VAL A 1261 66.77 22.33 -35.79
CA VAL A 1261 68.09 22.26 -35.14
C VAL A 1261 67.93 21.49 -33.84
N SER A 1262 68.75 20.44 -33.68
CA SER A 1262 68.68 19.62 -32.48
C SER A 1262 70.07 19.07 -32.18
N ARG A 1263 70.19 18.45 -31.00
CA ARG A 1263 71.47 17.85 -30.61
C ARG A 1263 71.82 16.69 -31.52
N ARG A 1264 70.89 15.75 -31.72
CA ARG A 1264 71.16 14.61 -32.59
C ARG A 1264 71.10 15.02 -34.06
N GLY A 1265 70.11 15.82 -34.44
CA GLY A 1265 70.00 16.29 -35.80
C GLY A 1265 69.80 15.21 -36.84
N GLU A 1266 69.27 14.05 -36.45
CA GLU A 1266 69.05 12.94 -37.37
C GLU A 1266 67.58 12.58 -37.34
N ALA A 1267 66.90 12.76 -38.48
CA ALA A 1267 65.50 12.40 -38.60
C ALA A 1267 65.11 12.25 -40.07
N PRO A 1268 65.64 11.24 -40.78
CA PRO A 1268 65.27 11.08 -42.19
C PRO A 1268 63.79 10.81 -42.40
N GLU A 1269 63.15 10.10 -41.48
CA GLU A 1269 61.73 9.79 -41.63
C GLU A 1269 60.88 11.06 -41.53
N LEU A 1270 61.17 11.90 -40.53
CA LEU A 1270 60.44 13.16 -40.40
C LEU A 1270 60.73 14.08 -41.59
N GLN A 1271 61.97 14.08 -42.07
CA GLN A 1271 62.31 14.86 -43.25
C GLN A 1271 61.48 14.42 -44.44
N GLU A 1272 61.36 13.10 -44.66
CA GLU A 1272 60.55 12.59 -45.76
C GLU A 1272 59.08 12.95 -45.57
N GLU A 1273 58.58 12.83 -44.34
CA GLU A 1273 57.17 13.14 -44.08
C GLU A 1273 56.85 14.60 -44.36
N LEU A 1274 57.75 15.50 -43.95
CA LEU A 1274 57.50 16.92 -44.19
C LEU A 1274 57.74 17.31 -45.65
N THR A 1275 58.63 16.59 -46.34
CA THR A 1275 58.87 16.88 -47.75
C THR A 1275 57.72 16.40 -48.63
N ALA A 1276 57.15 15.24 -48.31
CA ALA A 1276 56.04 14.72 -49.09
C ALA A 1276 54.83 15.65 -49.04
N LEU A 1277 54.68 16.40 -47.95
CA LEU A 1277 53.63 17.40 -47.84
C LEU A 1277 53.96 18.68 -48.60
N GLY A 1278 55.20 18.84 -49.04
CA GLY A 1278 55.59 19.99 -49.84
C GLY A 1278 56.55 20.96 -49.19
N ALA A 1279 57.11 20.64 -48.02
CA ALA A 1279 57.99 21.54 -47.30
C ALA A 1279 59.45 21.15 -47.49
N SER A 1280 60.33 22.15 -47.40
CA SER A 1280 61.78 21.94 -47.51
C SER A 1280 62.35 21.76 -46.11
N VAL A 1281 62.86 20.56 -45.84
CA VAL A 1281 63.35 20.20 -44.51
C VAL A 1281 64.86 20.35 -44.48
N ALA A 1282 65.36 21.09 -43.49
CA ALA A 1282 66.81 21.22 -43.25
C ALA A 1282 67.06 20.82 -41.80
N ILE A 1283 67.60 19.63 -41.59
CA ILE A 1283 67.84 19.09 -40.26
C ILE A 1283 69.31 19.29 -39.92
N ALA A 1284 69.57 19.87 -38.76
CA ALA A 1284 70.92 20.19 -38.33
C ALA A 1284 71.19 19.63 -36.94
N ALA A 1285 72.39 19.08 -36.76
CA ALA A 1285 72.85 18.59 -35.47
C ALA A 1285 73.67 19.71 -34.83
N CYS A 1286 73.00 20.54 -34.02
CA CYS A 1286 73.61 21.74 -33.47
C CYS A 1286 73.15 21.93 -32.03
N ASP A 1287 73.96 22.66 -31.26
CA ASP A 1287 73.64 23.01 -29.89
C ASP A 1287 73.04 24.42 -29.89
N VAL A 1288 71.82 24.54 -29.35
CA VAL A 1288 71.11 25.81 -29.39
C VAL A 1288 71.84 26.86 -28.57
N ALA A 1289 72.43 26.47 -27.44
CA ALA A 1289 73.20 27.40 -26.63
C ALA A 1289 74.55 27.74 -27.24
N ASP A 1290 74.97 27.03 -28.28
CA ASP A 1290 76.24 27.31 -28.94
C ASP A 1290 76.07 28.45 -29.93
N ARG A 1291 76.83 29.53 -29.74
CA ARG A 1291 76.70 30.70 -30.60
C ARG A 1291 77.17 30.40 -32.01
N ALA A 1292 78.30 29.72 -32.17
CA ALA A 1292 78.87 29.50 -33.49
C ALA A 1292 77.96 28.62 -34.34
N GLN A 1293 77.50 27.50 -33.79
CA GLN A 1293 76.68 26.58 -34.57
C GLN A 1293 75.30 27.15 -34.85
N LEU A 1294 74.72 27.86 -33.86
CA LEU A 1294 73.43 28.50 -34.09
C LEU A 1294 73.54 29.59 -35.15
N GLU A 1295 74.62 30.38 -35.11
CA GLU A 1295 74.84 31.38 -36.13
C GLU A 1295 75.03 30.75 -37.50
N ALA A 1296 75.72 29.61 -37.56
CA ALA A 1296 75.89 28.90 -38.82
C ALA A 1296 74.54 28.42 -39.37
N VAL A 1297 73.70 27.85 -38.50
CA VAL A 1297 72.41 27.33 -38.96
C VAL A 1297 71.49 28.48 -39.36
N LEU A 1298 71.63 29.64 -38.71
CA LEU A 1298 70.86 30.81 -39.12
C LEU A 1298 71.35 31.32 -40.47
N ARG A 1299 72.67 31.37 -40.67
CA ARG A 1299 73.23 31.78 -41.95
C ARG A 1299 72.99 30.73 -43.03
N ALA A 1300 72.80 29.46 -42.62
CA ALA A 1300 72.48 28.41 -43.57
C ALA A 1300 71.10 28.61 -44.19
N ILE A 1301 70.27 29.45 -43.59
CA ILE A 1301 68.99 29.81 -44.17
C ILE A 1301 69.26 30.77 -45.33
N PRO A 1302 68.94 30.39 -46.56
CA PRO A 1302 69.27 31.25 -47.71
C PRO A 1302 68.47 32.53 -47.72
N ALA A 1303 69.00 33.53 -48.42
CA ALA A 1303 68.35 34.84 -48.48
C ALA A 1303 67.03 34.82 -49.25
N GLU A 1304 66.86 33.87 -50.19
CA GLU A 1304 65.61 33.80 -50.93
C GLU A 1304 64.45 33.30 -50.08
N HIS A 1305 64.74 32.75 -48.91
CA HIS A 1305 63.71 32.41 -47.92
C HIS A 1305 64.15 33.01 -46.59
N PRO A 1306 63.92 34.30 -46.38
CA PRO A 1306 64.36 34.94 -45.13
C PRO A 1306 63.67 34.34 -43.91
N LEU A 1307 64.41 34.29 -42.80
CA LEU A 1307 63.87 33.73 -41.57
C LEU A 1307 62.67 34.55 -41.10
N THR A 1308 61.56 33.86 -40.85
CA THR A 1308 60.33 34.51 -40.45
C THR A 1308 59.80 34.08 -39.08
N ALA A 1309 60.27 32.96 -38.54
CA ALA A 1309 59.78 32.50 -37.25
C ALA A 1309 60.83 31.61 -36.60
N VAL A 1310 61.02 31.81 -35.30
CA VAL A 1310 61.92 30.99 -34.49
C VAL A 1310 61.12 30.42 -33.35
N ILE A 1311 61.00 29.09 -33.31
CA ILE A 1311 60.30 28.37 -32.24
C ILE A 1311 61.34 27.63 -31.43
N HIS A 1312 61.36 27.87 -30.12
CA HIS A 1312 62.40 27.36 -29.23
C HIS A 1312 61.80 26.23 -28.39
N THR A 1313 62.08 24.99 -28.78
CA THR A 1313 61.58 23.81 -28.08
C THR A 1313 62.67 22.90 -27.54
N ALA A 1314 63.94 23.18 -27.83
CA ALA A 1314 65.03 22.33 -27.37
C ALA A 1314 65.18 22.39 -25.86
N GLY A 1315 65.51 21.26 -25.26
CA GLY A 1315 65.71 21.20 -23.83
C GLY A 1315 66.00 19.78 -23.38
N VAL A 1316 66.60 19.70 -22.19
CA VAL A 1316 66.97 18.43 -21.57
C VAL A 1316 66.32 18.39 -20.18
N LEU A 1317 65.64 17.29 -19.88
CA LEU A 1317 64.92 17.14 -18.62
C LEU A 1317 65.77 16.37 -17.62
N ASP A 1318 65.85 16.87 -16.39
CA ASP A 1318 66.59 16.22 -15.31
C ASP A 1318 65.82 16.47 -14.03
N ASP A 1319 64.99 15.50 -13.64
CA ASP A 1319 64.16 15.64 -12.45
C ASP A 1319 64.98 15.42 -11.19
N GLY A 1320 64.45 15.91 -10.07
CA GLY A 1320 65.08 15.76 -8.78
C GLY A 1320 64.53 16.73 -7.75
N VAL A 1321 64.32 16.23 -6.52
CA VAL A 1321 63.73 17.07 -5.48
C VAL A 1321 64.71 18.18 -5.08
N VAL A 1322 64.17 19.17 -4.37
CA VAL A 1322 64.95 20.37 -4.03
C VAL A 1322 66.14 20.02 -3.15
N THR A 1323 65.95 19.08 -2.21
CA THR A 1323 66.99 18.80 -1.23
C THR A 1323 68.26 18.28 -1.89
N GLU A 1324 68.12 17.38 -2.87
CA GLU A 1324 69.26 16.74 -3.49
C GLU A 1324 69.73 17.44 -4.77
N LEU A 1325 69.17 18.59 -5.10
CA LEU A 1325 69.56 19.29 -6.32
C LEU A 1325 70.96 19.90 -6.18
N THR A 1326 71.64 20.02 -7.31
CA THR A 1326 72.99 20.55 -7.39
C THR A 1326 73.04 21.65 -8.44
N PRO A 1327 73.98 22.60 -8.31
CA PRO A 1327 74.09 23.66 -9.31
C PRO A 1327 74.38 23.15 -10.71
N ASP A 1328 75.11 22.03 -10.84
CA ASP A 1328 75.39 21.49 -12.17
C ASP A 1328 74.11 21.06 -12.87
N ARG A 1329 73.19 20.42 -12.15
CA ARG A 1329 71.92 20.03 -12.75
C ARG A 1329 71.10 21.25 -13.15
N LEU A 1330 71.13 22.30 -12.32
CA LEU A 1330 70.45 23.54 -12.67
C LEU A 1330 71.01 24.13 -13.96
N ALA A 1331 72.35 24.16 -14.07
CA ALA A 1331 72.96 24.70 -15.27
C ALA A 1331 72.64 23.85 -16.49
N THR A 1332 72.65 22.53 -16.34
CA THR A 1332 72.34 21.64 -17.45
C THR A 1332 70.90 21.80 -17.91
N VAL A 1333 69.98 22.02 -16.98
CA VAL A 1333 68.59 22.25 -17.35
C VAL A 1333 68.43 23.62 -18.01
N ARG A 1334 69.10 24.64 -17.47
CA ARG A 1334 68.89 26.01 -17.93
C ARG A 1334 69.59 26.30 -19.25
N ARG A 1335 70.68 25.59 -19.56
CA ARG A 1335 71.46 25.90 -20.76
C ARG A 1335 70.67 25.74 -22.06
N PRO A 1336 69.96 24.64 -22.31
CA PRO A 1336 69.27 24.51 -23.61
C PRO A 1336 68.02 25.36 -23.74
N LYS A 1337 67.48 25.90 -22.65
CA LYS A 1337 66.28 26.72 -22.72
C LYS A 1337 66.60 28.22 -22.63
N VAL A 1338 67.18 28.65 -21.50
CA VAL A 1338 67.25 30.07 -21.21
C VAL A 1338 68.35 30.76 -22.03
N ASP A 1339 69.58 30.24 -21.95
CA ASP A 1339 70.67 30.82 -22.73
C ASP A 1339 70.41 30.69 -24.21
N ALA A 1340 69.77 29.59 -24.63
CA ALA A 1340 69.42 29.42 -26.03
C ALA A 1340 68.38 30.44 -26.48
N ALA A 1341 67.38 30.72 -25.64
CA ALA A 1341 66.40 31.73 -25.97
C ALA A 1341 67.04 33.11 -26.05
N ARG A 1342 67.95 33.41 -25.12
CA ARG A 1342 68.67 34.68 -25.19
C ARG A 1342 69.48 34.79 -26.47
N LEU A 1343 70.16 33.71 -26.84
CA LEU A 1343 70.97 33.71 -28.06
C LEU A 1343 70.09 33.90 -29.29
N LEU A 1344 68.97 33.19 -29.36
CA LEU A 1344 68.08 33.30 -30.50
C LEU A 1344 67.48 34.69 -30.61
N ASP A 1345 67.04 35.25 -29.49
CA ASP A 1345 66.47 36.60 -29.50
C ASP A 1345 67.52 37.63 -29.91
N GLU A 1346 68.74 37.51 -29.38
CA GLU A 1346 69.79 38.47 -29.69
C GLU A 1346 70.18 38.39 -31.17
N LEU A 1347 70.31 37.18 -31.71
CA LEU A 1347 70.63 37.03 -33.12
C LEU A 1347 69.45 37.34 -34.04
N THR A 1348 68.23 37.39 -33.50
CA THR A 1348 67.05 37.70 -34.29
C THR A 1348 66.36 38.98 -33.84
N ARG A 1349 67.02 39.79 -33.00
CA ARG A 1349 66.43 41.05 -32.57
C ARG A 1349 66.21 42.00 -33.75
N GLU A 1350 67.20 42.09 -34.65
CA GLU A 1350 67.03 42.89 -35.85
C GLU A 1350 65.95 42.31 -36.76
N ALA A 1351 65.85 40.99 -36.84
CA ALA A 1351 64.89 40.35 -37.73
C ALA A 1351 63.47 40.60 -37.25
N ASP A 1352 62.55 40.73 -38.20
CA ASP A 1352 61.12 40.92 -37.92
C ASP A 1352 60.44 39.56 -38.01
N LEU A 1353 60.63 38.75 -36.97
CA LEU A 1353 60.06 37.41 -36.95
C LEU A 1353 58.55 37.45 -36.79
N ALA A 1354 57.87 36.56 -37.53
CA ALA A 1354 56.42 36.48 -37.44
C ALA A 1354 55.94 35.61 -36.28
N ALA A 1355 56.84 34.84 -35.67
CA ALA A 1355 56.45 34.00 -34.53
C ALA A 1355 57.71 33.64 -33.76
N PHE A 1356 57.80 34.09 -32.51
CA PHE A 1356 58.91 33.75 -31.62
C PHE A 1356 58.32 33.02 -30.42
N VAL A 1357 58.40 31.70 -30.42
CA VAL A 1357 57.78 30.86 -29.40
C VAL A 1357 58.88 30.24 -28.55
N LEU A 1358 58.74 30.37 -27.23
CA LEU A 1358 59.61 29.69 -26.27
C LEU A 1358 58.79 28.58 -25.62
N PHE A 1359 59.09 27.33 -25.98
CA PHE A 1359 58.34 26.21 -25.45
C PHE A 1359 58.70 25.99 -23.98
N SER A 1360 57.92 26.59 -23.08
CA SER A 1360 58.18 26.53 -21.66
C SER A 1360 57.43 25.34 -21.05
N SER A 1361 57.37 25.30 -19.73
CA SER A 1361 56.59 24.29 -19.01
C SER A 1361 55.82 24.96 -17.89
N ALA A 1362 54.56 24.55 -17.72
CA ALA A 1362 53.71 25.13 -16.68
C ALA A 1362 54.25 24.88 -15.27
N ALA A 1363 55.07 23.84 -15.09
CA ALA A 1363 55.60 23.52 -13.78
C ALA A 1363 56.45 24.64 -13.21
N GLY A 1364 56.89 25.57 -14.06
CA GLY A 1364 57.63 26.72 -13.57
C GLY A 1364 56.82 27.70 -12.76
N VAL A 1365 55.50 27.73 -12.94
CA VAL A 1365 54.64 28.69 -12.28
C VAL A 1365 53.86 28.05 -11.13
N LEU A 1366 53.04 27.04 -11.44
CA LEU A 1366 52.30 26.35 -10.39
C LEU A 1366 53.22 25.54 -9.48
N GLY A 1367 54.41 25.21 -9.93
CA GLY A 1367 55.32 24.41 -9.15
C GLY A 1367 55.00 22.93 -9.24
N ASN A 1368 56.03 22.10 -9.42
CA ASN A 1368 55.85 20.66 -9.50
C ASN A 1368 57.00 20.03 -8.70
N PRO A 1369 56.70 19.10 -7.79
CA PRO A 1369 57.77 18.50 -6.99
C PRO A 1369 58.82 17.82 -7.86
N GLY A 1370 60.07 17.93 -7.45
CA GLY A 1370 61.17 17.32 -8.18
C GLY A 1370 61.58 18.04 -9.44
N GLN A 1371 61.11 19.28 -9.65
CA GLN A 1371 61.42 20.02 -10.86
C GLN A 1371 61.76 21.47 -10.53
N ALA A 1372 62.57 21.68 -9.49
CA ALA A 1372 62.92 23.05 -9.12
C ALA A 1372 63.83 23.69 -10.16
N GLY A 1373 64.81 22.94 -10.66
CA GLY A 1373 65.65 23.47 -11.73
C GLY A 1373 64.89 23.70 -13.02
N TYR A 1374 64.02 22.74 -13.38
CA TYR A 1374 63.17 22.92 -14.55
C TYR A 1374 62.24 24.11 -14.38
N ALA A 1375 61.71 24.30 -13.17
CA ALA A 1375 60.86 25.45 -12.90
C ALA A 1375 61.63 26.75 -13.03
N ALA A 1376 62.86 26.80 -12.51
CA ALA A 1376 63.67 28.00 -12.64
C ALA A 1376 63.97 28.31 -14.10
N ALA A 1377 64.33 27.29 -14.88
CA ALA A 1377 64.60 27.49 -16.29
C ALA A 1377 63.37 27.99 -17.03
N ASN A 1378 62.21 27.39 -16.76
CA ASN A 1378 60.99 27.79 -17.46
C ASN A 1378 60.55 29.20 -17.07
N ALA A 1379 60.67 29.56 -15.79
CA ALA A 1379 60.33 30.91 -15.37
C ALA A 1379 61.28 31.94 -15.98
N GLU A 1380 62.57 31.62 -16.05
CA GLU A 1380 63.51 32.51 -16.72
C GLU A 1380 63.19 32.62 -18.21
N LEU A 1381 62.76 31.53 -18.83
CA LEU A 1381 62.33 31.56 -20.23
C LEU A 1381 61.13 32.48 -20.42
N ASP A 1382 60.16 32.41 -19.51
CA ASP A 1382 59.00 33.29 -19.59
C ASP A 1382 59.39 34.74 -19.42
N ALA A 1383 60.32 35.00 -18.49
CA ALA A 1383 60.82 36.37 -18.31
C ALA A 1383 61.52 36.87 -19.56
N LEU A 1384 62.30 36.00 -20.21
CA LEU A 1384 62.97 36.38 -21.46
C LEU A 1384 61.96 36.72 -22.55
N ALA A 1385 60.91 35.91 -22.67
CA ALA A 1385 59.89 36.19 -23.68
C ALA A 1385 59.16 37.50 -23.38
N ARG A 1386 58.88 37.76 -22.09
CA ARG A 1386 58.26 39.04 -21.73
C ARG A 1386 59.17 40.20 -22.07
N GLN A 1387 60.48 40.05 -21.82
CA GLN A 1387 61.43 41.09 -22.20
C GLN A 1387 61.43 41.32 -23.71
N ARG A 1388 61.41 40.23 -24.49
CA ARG A 1388 61.40 40.37 -25.94
C ARG A 1388 60.14 41.07 -26.42
N ASN A 1389 59.00 40.74 -25.82
CA ASN A 1389 57.75 41.43 -26.16
C ASN A 1389 57.82 42.91 -25.79
N SER A 1390 58.40 43.23 -24.64
CA SER A 1390 58.54 44.62 -24.23
C SER A 1390 59.56 45.37 -25.08
N LEU A 1391 60.44 44.65 -25.80
CA LEU A 1391 61.41 45.27 -26.68
C LEU A 1391 60.87 45.47 -28.09
N ASP A 1392 59.55 45.61 -28.25
CA ASP A 1392 58.89 45.81 -29.54
C ASP A 1392 59.21 44.67 -30.50
N LEU A 1393 59.19 43.45 -29.99
CA LEU A 1393 59.41 42.25 -30.80
C LEU A 1393 58.30 41.25 -30.49
N PRO A 1394 57.60 40.75 -31.50
CA PRO A 1394 56.52 39.78 -31.23
C PRO A 1394 57.09 38.45 -30.76
N ALA A 1395 56.66 38.02 -29.58
CA ALA A 1395 57.12 36.77 -29.00
C ALA A 1395 56.06 36.26 -28.04
N VAL A 1396 56.13 34.98 -27.73
CA VAL A 1396 55.18 34.34 -26.82
C VAL A 1396 55.92 33.33 -25.95
N SER A 1397 55.53 33.27 -24.68
CA SER A 1397 55.97 32.23 -23.76
C SER A 1397 54.77 31.38 -23.41
N ILE A 1398 54.77 30.13 -23.87
CA ILE A 1398 53.68 29.20 -23.64
C ILE A 1398 54.11 28.24 -22.54
N ALA A 1399 53.44 28.31 -21.40
CA ALA A 1399 53.73 27.44 -20.26
C ALA A 1399 52.90 26.17 -20.39
N TRP A 1400 53.35 25.28 -21.25
CA TRP A 1400 52.67 24.01 -21.44
C TRP A 1400 52.73 23.17 -20.17
N GLY A 1401 51.65 22.47 -19.88
CA GLY A 1401 51.66 21.51 -18.79
C GLY A 1401 52.11 20.17 -19.32
N TYR A 1402 51.25 19.15 -19.20
CA TYR A 1402 51.49 17.85 -19.80
C TYR A 1402 50.43 17.60 -20.86
N TRP A 1403 50.85 17.17 -22.04
CA TRP A 1403 49.93 16.89 -23.13
C TRP A 1403 49.13 15.63 -22.84
N ALA A 1404 48.16 15.34 -23.71
CA ALA A 1404 47.30 14.19 -23.52
C ALA A 1404 48.09 12.89 -23.70
N THR A 1405 47.58 11.83 -23.07
CA THR A 1405 48.19 10.51 -23.23
C THR A 1405 48.14 10.05 -24.68
N VAL A 1406 47.18 10.57 -25.46
CA VAL A 1406 47.14 10.27 -26.89
C VAL A 1406 48.34 10.88 -27.60
N SER A 1407 48.80 12.05 -27.16
CA SER A 1407 49.95 12.69 -27.78
C SER A 1407 51.22 11.85 -27.64
N GLY A 1408 51.28 10.97 -26.63
CA GLY A 1408 52.39 10.05 -26.50
C GLY A 1408 53.56 10.53 -25.65
N MET A 1409 53.53 11.77 -25.17
CA MET A 1409 54.63 12.29 -24.36
C MET A 1409 54.48 11.93 -22.89
N THR A 1410 53.39 11.28 -22.49
CA THR A 1410 53.18 10.90 -21.09
C THR A 1410 53.96 9.65 -20.70
N GLU A 1411 54.93 9.23 -21.52
CA GLU A 1411 55.75 8.08 -21.18
C GLU A 1411 56.64 8.36 -19.97
N HIS A 1412 57.08 9.61 -19.81
CA HIS A 1412 57.98 9.99 -18.73
C HIS A 1412 57.23 10.51 -17.50
N LEU A 1413 55.91 10.41 -17.49
CA LEU A 1413 55.10 10.89 -16.37
C LEU A 1413 54.70 9.73 -15.48
N GLY A 1414 54.97 9.85 -14.18
CA GLY A 1414 54.57 8.85 -13.21
C GLY A 1414 53.13 9.00 -12.78
N ASP A 1415 52.68 8.03 -11.99
CA ASP A 1415 51.30 8.06 -11.50
C ASP A 1415 51.09 9.14 -10.46
N ALA A 1416 52.12 9.44 -9.65
CA ALA A 1416 51.99 10.48 -8.63
C ALA A 1416 51.80 11.85 -9.28
N ASP A 1417 52.53 12.12 -10.37
CA ASP A 1417 52.37 13.40 -11.07
C ASP A 1417 50.97 13.53 -11.65
N LEU A 1418 50.43 12.46 -12.23
CA LEU A 1418 49.06 12.50 -12.75
C LEU A 1418 48.05 12.67 -11.63
N ARG A 1419 48.29 12.06 -10.47
CA ARG A 1419 47.42 12.26 -9.32
C ARG A 1419 47.45 13.71 -8.87
N ARG A 1420 48.63 14.32 -8.84
CA ARG A 1420 48.72 15.73 -8.47
C ARG A 1420 48.01 16.61 -9.48
N ASN A 1421 48.15 16.29 -10.77
CA ASN A 1421 47.47 17.07 -11.81
C ASN A 1421 45.96 16.96 -11.69
N GLN A 1422 45.44 15.75 -11.44
CA GLN A 1422 44.01 15.59 -11.28
C GLN A 1422 43.50 16.18 -9.97
N ARG A 1423 44.38 16.30 -8.97
CA ARG A 1423 43.98 16.94 -7.72
C ARG A 1423 43.71 18.42 -7.91
N ILE A 1424 44.40 19.06 -8.84
CA ILE A 1424 44.20 20.47 -9.14
C ILE A 1424 43.26 20.66 -10.33
N GLY A 1425 42.54 19.61 -10.72
CA GLY A 1425 41.63 19.70 -11.84
C GLY A 1425 42.30 19.82 -13.19
N MET A 1426 43.57 19.45 -13.28
CA MET A 1426 44.35 19.58 -14.51
C MET A 1426 44.32 18.26 -15.27
N SER A 1427 43.97 18.33 -16.55
CA SER A 1427 43.88 17.17 -17.42
C SER A 1427 44.89 17.29 -18.55
N GLY A 1428 44.93 16.26 -19.40
CA GLY A 1428 45.87 16.25 -20.50
C GLY A 1428 45.51 17.24 -21.58
N LEU A 1429 46.48 17.46 -22.48
CA LEU A 1429 46.32 18.39 -23.59
C LEU A 1429 46.45 17.65 -24.92
N PRO A 1430 45.38 17.55 -25.71
CA PRO A 1430 45.50 16.85 -27.00
C PRO A 1430 46.47 17.55 -27.94
N ALA A 1431 47.07 16.74 -28.82
CA ALA A 1431 48.07 17.28 -29.73
C ALA A 1431 47.48 18.34 -30.66
N ASP A 1432 46.30 18.07 -31.22
CA ASP A 1432 45.65 19.06 -32.07
C ASP A 1432 45.25 20.29 -31.27
N GLU A 1433 44.70 20.11 -30.08
CA GLU A 1433 44.38 21.25 -29.23
C GLU A 1433 45.64 21.99 -28.81
N GLY A 1434 46.72 21.26 -28.54
CA GLY A 1434 47.97 21.91 -28.21
C GLY A 1434 48.51 22.77 -29.34
N MET A 1435 48.43 22.25 -30.58
CA MET A 1435 48.88 23.03 -31.72
C MET A 1435 47.98 24.25 -31.96
N ALA A 1436 46.67 24.08 -31.78
CA ALA A 1436 45.76 25.23 -31.89
C ALA A 1436 46.06 26.28 -30.84
N LEU A 1437 46.35 25.84 -29.61
CA LEU A 1437 46.74 26.77 -28.55
C LEU A 1437 48.04 27.47 -28.89
N LEU A 1438 48.99 26.75 -29.49
CA LEU A 1438 50.23 27.36 -29.93
C LEU A 1438 49.98 28.46 -30.96
N ASP A 1439 49.10 28.18 -31.94
CA ASP A 1439 48.78 29.18 -32.94
C ASP A 1439 48.07 30.38 -32.32
N ALA A 1440 47.14 30.13 -31.41
CA ALA A 1440 46.43 31.23 -30.75
C ALA A 1440 47.38 32.08 -29.92
N ALA A 1441 48.32 31.44 -29.22
CA ALA A 1441 49.32 32.18 -28.44
C ALA A 1441 50.22 32.99 -29.34
N ILE A 1442 50.61 32.44 -30.50
CA ILE A 1442 51.36 33.22 -31.48
C ILE A 1442 50.55 34.44 -31.90
N ALA A 1443 49.24 34.27 -32.10
CA ALA A 1443 48.38 35.38 -32.43
C ALA A 1443 48.37 36.44 -31.34
N THR A 1444 48.30 36.02 -30.08
CA THR A 1444 48.18 36.95 -28.96
C THR A 1444 49.53 37.32 -28.37
N GLY A 1445 50.38 36.32 -28.10
CA GLY A 1445 51.68 36.58 -27.51
C GLY A 1445 51.62 36.68 -25.99
N GLY A 1446 52.78 36.99 -25.41
CA GLY A 1446 52.88 37.15 -23.99
C GLY A 1446 52.98 35.84 -23.23
N THR A 1447 52.98 35.96 -21.91
CA THR A 1447 53.08 34.79 -21.03
C THR A 1447 51.73 34.12 -20.92
N LEU A 1448 51.59 32.96 -21.56
CA LEU A 1448 50.35 32.21 -21.53
C LEU A 1448 50.62 30.79 -21.02
N VAL A 1449 49.80 30.35 -20.08
CA VAL A 1449 49.95 29.03 -19.47
C VAL A 1449 48.97 28.10 -20.17
N ALA A 1450 49.48 27.26 -21.07
CA ALA A 1450 48.65 26.34 -21.84
C ALA A 1450 48.48 25.06 -21.02
N ALA A 1451 47.30 24.88 -20.45
CA ALA A 1451 46.97 23.69 -19.69
C ALA A 1451 45.47 23.63 -19.50
N LYS A 1452 44.91 22.42 -19.59
CA LYS A 1452 43.49 22.22 -19.44
C LYS A 1452 43.16 21.99 -17.97
N PHE A 1453 42.38 22.89 -17.38
CA PHE A 1453 41.98 22.81 -15.98
C PHE A 1453 40.48 22.57 -15.90
N ASP A 1454 40.08 21.64 -15.03
CA ASP A 1454 38.67 21.38 -14.76
C ASP A 1454 38.18 22.45 -13.80
N VAL A 1455 37.69 23.56 -14.36
CA VAL A 1455 37.24 24.68 -13.54
C VAL A 1455 36.04 24.27 -12.69
N ALA A 1456 35.17 23.43 -13.24
CA ALA A 1456 34.03 22.95 -12.47
C ALA A 1456 34.49 22.13 -11.27
N ALA A 1457 35.45 21.22 -11.48
CA ALA A 1457 35.96 20.42 -10.38
C ALA A 1457 36.68 21.28 -9.34
N LEU A 1458 37.47 22.26 -9.81
CA LEU A 1458 38.15 23.15 -8.88
C LEU A 1458 37.16 23.96 -8.05
N ARG A 1459 36.10 24.48 -8.70
CA ARG A 1459 35.10 25.25 -7.97
C ARG A 1459 34.33 24.37 -7.00
N ALA A 1460 34.07 23.11 -7.38
CA ALA A 1460 33.44 22.17 -6.46
C ALA A 1460 34.33 21.93 -5.25
N THR A 1461 35.63 21.78 -5.47
CA THR A 1461 36.57 21.62 -4.37
C THR A 1461 36.57 22.86 -3.48
N ALA A 1462 36.53 24.04 -4.08
CA ALA A 1462 36.56 25.28 -3.30
C ALA A 1462 35.30 25.43 -2.46
N LYS A 1463 34.12 25.19 -3.05
CA LYS A 1463 32.88 25.33 -2.30
C LYS A 1463 32.73 24.25 -1.24
N ALA A 1464 33.29 23.06 -1.49
CA ALA A 1464 33.30 22.01 -0.48
C ALA A 1464 34.33 22.27 0.61
N GLY A 1465 35.18 23.28 0.46
CA GLY A 1465 36.22 23.58 1.42
C GLY A 1465 37.56 22.93 1.13
N GLY A 1466 37.64 22.08 0.10
CA GLY A 1466 38.88 21.45 -0.27
C GLY A 1466 39.93 22.45 -0.67
N PRO A 1467 41.15 22.29 -0.14
CA PRO A 1467 42.23 23.23 -0.47
C PRO A 1467 42.53 23.25 -1.96
N VAL A 1468 42.84 24.44 -2.46
CA VAL A 1468 43.19 24.64 -3.86
C VAL A 1468 44.51 25.40 -3.91
N PRO A 1469 45.42 25.07 -4.83
CA PRO A 1469 46.66 25.84 -4.95
C PRO A 1469 46.38 27.31 -5.20
N PRO A 1470 47.17 28.21 -4.64
CA PRO A 1470 46.85 29.64 -4.71
C PRO A 1470 46.75 30.17 -6.14
N LEU A 1471 47.59 29.69 -7.05
CA LEU A 1471 47.58 30.22 -8.41
C LEU A 1471 46.26 29.91 -9.13
N LEU A 1472 45.58 28.85 -8.72
CA LEU A 1472 44.31 28.49 -9.33
C LEU A 1472 43.11 29.06 -8.58
N ARG A 1473 43.34 29.87 -7.55
CA ARG A 1473 42.23 30.51 -6.84
C ARG A 1473 41.44 31.44 -7.73
N GLY A 1474 42.04 31.95 -8.81
CA GLY A 1474 41.26 32.65 -9.81
C GLY A 1474 40.23 31.74 -10.46
N LEU A 1475 40.61 30.49 -10.70
CA LEU A 1475 39.66 29.50 -11.23
C LEU A 1475 38.72 29.00 -10.14
N ALA A 1476 39.23 28.85 -8.92
CA ALA A 1476 38.45 28.32 -7.80
C ALA A 1476 38.57 29.26 -6.60
N PRO A 1477 37.84 30.37 -6.60
CA PRO A 1477 37.89 31.27 -5.45
C PRO A 1477 37.31 30.62 -4.20
N LEU A 1478 37.91 30.95 -3.06
CA LEU A 1478 37.39 30.47 -1.79
C LEU A 1478 36.17 31.28 -1.38
N PRO A 1479 35.15 30.65 -0.81
CA PRO A 1479 34.00 31.40 -0.30
C PRO A 1479 34.39 32.19 0.94
N ARG A 1480 33.55 33.18 1.25
CA ARG A 1480 33.79 34.00 2.43
C ARG A 1480 33.66 33.15 3.70
N ARG A 1481 34.39 33.56 4.73
CA ARG A 1481 34.41 32.80 5.98
C ARG A 1481 33.01 32.72 6.58
N ALA A 1482 32.70 31.57 7.19
CA ALA A 1482 31.42 31.40 7.83
C ALA A 1482 31.36 32.18 9.13
N ALA A 1483 30.28 32.93 9.33
CA ALA A 1483 30.11 33.68 10.57
C ALA A 1483 29.67 32.73 11.68
N ALA A 1484 30.42 32.73 12.79
CA ALA A 1484 30.13 31.82 13.89
C ALA A 1484 28.78 32.15 14.51
N LYS A 1485 28.00 31.11 14.81
CA LYS A 1485 26.70 31.32 15.43
C LYS A 1485 26.83 31.83 16.86
N THR A 1486 27.89 31.43 17.55
CA THR A 1486 28.12 31.87 18.93
C THR A 1486 29.62 32.05 19.11
N ALA A 1487 30.07 32.16 20.36
CA ALA A 1487 31.47 32.27 20.65
C ALA A 1487 32.18 30.94 20.40
N SER A 1488 33.49 31.01 20.20
CA SER A 1488 34.28 29.82 19.94
C SER A 1488 34.52 29.03 21.22
N LEU A 1489 35.21 27.89 21.07
CA LEU A 1489 35.49 27.04 22.21
C LEU A 1489 36.39 27.73 23.22
N THR A 1490 37.35 28.52 22.74
CA THR A 1490 38.24 29.23 23.65
C THR A 1490 37.48 30.26 24.48
N GLU A 1491 36.60 31.03 23.82
CA GLU A 1491 35.82 32.04 24.53
C GLU A 1491 34.90 31.39 25.55
N ARG A 1492 34.28 30.27 25.17
CA ARG A 1492 33.45 29.54 26.13
C ARG A 1492 34.27 29.05 27.31
N LEU A 1493 35.41 28.39 27.04
CA LEU A 1493 36.26 27.88 28.11
C LEU A 1493 36.67 29.01 29.04
N ALA A 1494 36.86 30.22 28.50
CA ALA A 1494 37.03 31.39 29.34
C ALA A 1494 35.78 31.63 30.17
N GLY A 1495 34.61 31.50 29.55
CA GLY A 1495 33.35 31.64 30.28
C GLY A 1495 32.98 30.41 31.09
N LEU A 1496 33.37 29.22 30.65
CA LEU A 1496 33.13 27.98 31.40
C LEU A 1496 34.18 27.84 32.51
N ALA A 1497 34.08 28.72 33.50
CA ALA A 1497 34.97 28.64 34.65
C ALA A 1497 34.68 27.39 35.46
N GLU A 1498 35.75 26.80 36.01
CA GLU A 1498 35.59 25.60 36.83
C GLU A 1498 34.80 25.91 38.10
N THR A 1499 34.78 27.17 38.53
CA THR A 1499 33.95 27.55 39.67
C THR A 1499 32.47 27.34 39.36
N GLU A 1500 32.06 27.64 38.13
CA GLU A 1500 30.67 27.48 37.73
C GLU A 1500 30.28 26.01 37.77
N GLN A 1501 29.11 25.73 38.32
CA GLN A 1501 28.67 24.38 38.62
C GLN A 1501 28.18 23.69 37.35
N ALA A 1502 27.45 22.59 37.51
CA ALA A 1502 26.91 21.89 36.35
C ALA A 1502 25.71 22.65 35.79
N ALA A 1503 25.95 23.86 35.30
CA ALA A 1503 24.90 24.68 34.72
C ALA A 1503 25.21 25.04 33.27
N ALA A 1504 26.43 25.47 32.96
CA ALA A 1504 26.79 25.79 31.59
C ALA A 1504 26.71 24.56 30.70
N LEU A 1505 27.19 23.43 31.21
CA LEU A 1505 27.08 22.17 30.49
C LEU A 1505 25.61 21.82 30.26
N LEU A 1506 24.78 22.02 31.29
CA LEU A 1506 23.36 21.72 31.16
C LEU A 1506 22.71 22.57 30.07
N ASP A 1507 22.97 23.88 30.07
CA ASP A 1507 22.30 24.72 29.08
C ASP A 1507 22.85 24.47 27.68
N LEU A 1508 24.14 24.17 27.55
CA LEU A 1508 24.68 23.90 26.23
C LEU A 1508 24.13 22.59 25.66
N VAL A 1509 24.02 21.55 26.49
CA VAL A 1509 23.45 20.30 25.99
C VAL A 1509 21.97 20.47 25.70
N ARG A 1510 21.27 21.28 26.50
CA ARG A 1510 19.86 21.56 26.21
C ARG A 1510 19.72 22.27 24.86
N ARG A 1511 20.58 23.26 24.61
CA ARG A 1511 20.55 23.97 23.33
C ARG A 1511 20.86 23.03 22.17
N HIS A 1512 21.86 22.16 22.35
CA HIS A 1512 22.20 21.19 21.32
C HIS A 1512 21.04 20.26 21.01
N ALA A 1513 20.38 19.75 22.06
CA ALA A 1513 19.24 18.88 21.87
C ALA A 1513 18.09 19.60 21.17
N ALA A 1514 17.84 20.86 21.57
CA ALA A 1514 16.76 21.62 20.95
C ALA A 1514 17.03 21.86 19.47
N GLU A 1515 18.28 22.20 19.12
CA GLU A 1515 18.60 22.43 17.72
C GLU A 1515 18.62 21.13 16.93
N VAL A 1516 18.95 20.01 17.57
CA VAL A 1516 18.97 18.73 16.88
C VAL A 1516 17.58 18.37 16.38
N LEU A 1517 16.57 18.52 17.23
CA LEU A 1517 15.20 18.18 16.88
C LEU A 1517 14.46 19.32 16.20
N GLY A 1518 15.09 20.46 16.02
CA GLY A 1518 14.39 21.61 15.47
C GLY A 1518 13.44 22.26 16.43
N HIS A 1519 13.68 22.13 17.73
CA HIS A 1519 12.82 22.76 18.72
C HIS A 1519 12.90 24.28 18.61
N SER A 1520 11.82 24.96 19.02
CA SER A 1520 11.78 26.41 18.95
C SER A 1520 12.81 27.07 19.85
N GLY A 1521 13.24 26.39 20.91
CA GLY A 1521 14.25 26.95 21.79
C GLY A 1521 14.71 25.93 22.80
N ALA A 1522 15.80 26.28 23.50
CA ALA A 1522 16.36 25.38 24.50
C ALA A 1522 15.44 25.22 25.71
N GLU A 1523 14.46 26.10 25.89
CA GLU A 1523 13.52 25.96 26.98
C GLU A 1523 12.50 24.85 26.74
N SER A 1524 12.23 24.52 25.47
CA SER A 1524 11.23 23.50 25.17
C SER A 1524 11.69 22.12 25.63
N VAL A 1525 12.96 21.80 25.42
CA VAL A 1525 13.51 20.54 25.91
C VAL A 1525 13.74 20.66 27.42
N HIS A 1526 13.28 19.65 28.15
CA HIS A 1526 13.35 19.66 29.61
C HIS A 1526 14.16 18.47 30.09
N SER A 1527 15.00 18.70 31.11
CA SER A 1527 15.88 17.66 31.63
C SER A 1527 15.14 16.60 32.43
N GLY A 1528 13.86 16.80 32.74
CA GLY A 1528 13.13 15.80 33.49
C GLY A 1528 12.97 14.49 32.74
N ARG A 1529 12.72 14.56 31.44
CA ARG A 1529 12.60 13.37 30.62
C ARG A 1529 13.97 12.91 30.13
N THR A 1530 14.01 11.71 29.58
CA THR A 1530 15.21 11.17 28.97
C THR A 1530 15.21 11.44 27.47
N PHE A 1531 16.35 11.19 26.84
CA PHE A 1531 16.46 11.39 25.39
C PHE A 1531 15.52 10.46 24.63
N LYS A 1532 15.24 9.29 25.20
CA LYS A 1532 14.29 8.37 24.56
C LYS A 1532 12.89 8.98 24.51
N ASP A 1533 12.47 9.63 25.61
CA ASP A 1533 11.18 10.30 25.59
C ASP A 1533 11.18 11.47 24.63
N ALA A 1534 12.32 12.14 24.47
CA ALA A 1534 12.42 13.24 23.52
C ALA A 1534 12.37 12.77 22.07
N GLY A 1535 12.46 11.46 21.83
CA GLY A 1535 12.42 10.96 20.48
C GLY A 1535 13.76 10.94 19.78
N PHE A 1536 14.81 10.51 20.47
CA PHE A 1536 16.14 10.46 19.90
C PHE A 1536 16.45 9.08 19.34
N ASP A 1537 17.11 9.05 18.20
CA ASP A 1537 17.54 7.79 17.59
C ASP A 1537 19.05 7.81 17.36
O 4HH A 1538 22.64 8.04 15.53
C 4HH A 1538 21.46 7.59 15.54
CA 4HH A 1538 21.02 6.59 16.65
N 4HH A 1538 19.60 6.68 16.92
CB 4HH A 1538 21.47 5.18 16.20
OG 4HH A 1538 20.97 4.91 14.91
CJ 4HH A 1538 19.40 3.73 12.21
CK 4HH A 1538 18.46 2.71 11.55
CL1 4HH A 1538 17.01 3.20 11.65
CL2 4HH A 1538 18.57 1.38 12.29
CL3 4HH A 1538 20.01 1.52 9.90
CM 4HH A 1538 18.85 2.52 10.07
OM 4HH A 1538 19.23 3.74 9.44
NN 4HH A 1538 19.74 0.27 9.37
ON 4HH A 1538 21.16 1.85 10.26
P 4HH A 1538 19.51 4.22 14.78
O1P 4HH A 1538 18.58 5.30 14.33
O2P 4HH A 1538 19.20 3.30 15.89
O3P 4HH A 1538 19.86 3.30 13.45
CO 4HH A 1538 18.40 -0.10 8.97
CP 4HH A 1538 17.87 -1.34 9.68
CQ 4HH A 1538 17.08 -2.18 8.70
CS 4HH A 1538 16.40 -2.47 6.35
CT 4HH A 1538 15.15 -1.75 5.85
NR 4HH A 1538 17.09 -1.77 7.39
OR 4HH A 1538 16.47 -3.21 9.07
SU 4HH A 1538 14.53 -2.45 4.35
N LEU A 1539 20.53 7.93 14.64
CA LEU A 1539 20.79 8.94 13.63
C LEU A 1539 21.12 10.26 14.31
N THR A 1540 20.20 10.74 15.15
CA THR A 1540 20.44 11.96 15.89
C THR A 1540 21.54 11.80 16.91
N ALA A 1541 21.76 10.58 17.41
CA ALA A 1541 22.74 10.36 18.47
C ALA A 1541 24.15 10.71 18.00
N VAL A 1542 24.57 10.15 16.87
CA VAL A 1542 25.95 10.34 16.42
C VAL A 1542 26.17 11.79 16.01
N GLU A 1543 25.20 12.41 15.35
CA GLU A 1543 25.39 13.80 14.92
C GLU A 1543 25.37 14.76 16.11
N LEU A 1544 24.54 14.50 17.12
CA LEU A 1544 24.59 15.33 18.32
C LEU A 1544 25.92 15.14 19.05
N ARG A 1545 26.44 13.91 19.06
CA ARG A 1545 27.76 13.67 19.62
C ARG A 1545 28.82 14.47 18.88
N ASN A 1546 28.71 14.51 17.55
CA ASN A 1546 29.66 15.28 16.75
C ASN A 1546 29.56 16.76 17.07
N ARG A 1547 28.35 17.30 17.10
CA ARG A 1547 28.16 18.73 17.36
C ARG A 1547 28.51 19.11 18.78
N LEU A 1548 28.51 18.14 19.70
CA LEU A 1548 28.95 18.39 21.06
C LEU A 1548 30.46 18.28 21.22
N ALA A 1549 31.07 17.26 20.60
CA ALA A 1549 32.51 17.09 20.67
C ALA A 1549 33.23 18.24 19.98
N ALA A 1550 32.75 18.65 18.80
CA ALA A 1550 33.38 19.77 18.11
C ALA A 1550 33.26 21.05 18.94
N ALA A 1551 32.09 21.27 19.55
CA ALA A 1551 31.93 22.43 20.41
C ALA A 1551 32.86 22.39 21.60
N THR A 1552 33.04 21.22 22.21
CA THR A 1552 33.86 21.08 23.40
C THR A 1552 35.29 20.67 23.10
N GLY A 1553 35.58 20.20 21.88
CA GLY A 1553 36.93 19.79 21.52
C GLY A 1553 37.37 18.45 22.08
N LEU A 1554 36.53 17.77 22.84
CA LEU A 1554 36.90 16.51 23.46
C LEU A 1554 36.28 15.34 22.71
N THR A 1555 37.08 14.30 22.49
CA THR A 1555 36.58 13.09 21.84
C THR A 1555 35.57 12.38 22.74
N LEU A 1556 34.50 11.88 22.13
CA LEU A 1556 33.43 11.23 22.87
C LEU A 1556 33.03 9.94 22.17
N SER A 1557 32.50 9.01 22.96
CA SER A 1557 31.91 7.80 22.42
C SER A 1557 30.60 8.15 21.72
N PRO A 1558 30.10 7.25 20.87
CA PRO A 1558 28.79 7.48 20.24
C PRO A 1558 27.58 6.99 21.03
N ALA A 1559 27.72 6.67 22.32
CA ALA A 1559 26.63 5.97 22.99
C ALA A 1559 26.34 6.45 24.41
N MET A 1560 26.73 7.66 24.80
CA MET A 1560 26.35 8.13 26.13
C MET A 1560 24.85 8.39 26.26
N ILE A 1561 24.13 8.45 25.14
CA ILE A 1561 22.68 8.67 25.19
C ILE A 1561 22.00 7.58 25.99
N PHE A 1562 22.48 6.34 25.88
CA PHE A 1562 21.98 5.24 26.67
C PHE A 1562 22.73 5.06 27.98
N ASP A 1563 24.03 5.34 28.00
CA ASP A 1563 24.77 5.30 29.25
C ASP A 1563 24.27 6.38 30.21
N TYR A 1564 24.00 7.56 29.70
CA TYR A 1564 23.50 8.68 30.49
C TYR A 1564 22.14 9.10 29.94
N PRO A 1565 21.04 8.61 30.51
CA PRO A 1565 19.72 8.96 29.96
C PRO A 1565 19.28 10.38 30.28
N LYS A 1566 19.92 11.05 31.23
CA LYS A 1566 19.44 12.35 31.65
C LYS A 1566 20.44 13.46 31.29
N PRO A 1567 19.96 14.63 30.93
CA PRO A 1567 20.86 15.76 30.65
C PRO A 1567 21.77 16.09 31.83
N PRO A 1568 21.29 16.02 33.08
CA PRO A 1568 22.24 16.18 34.20
C PRO A 1568 23.35 15.15 34.19
N ALA A 1569 23.03 13.91 33.80
CA ALA A 1569 24.07 12.89 33.69
C ALA A 1569 25.12 13.27 32.65
N LEU A 1570 24.67 13.79 31.50
CA LEU A 1570 25.60 14.26 30.49
C LEU A 1570 26.46 15.40 31.03
N ALA A 1571 25.84 16.33 31.75
CA ALA A 1571 26.58 17.48 32.27
C ALA A 1571 27.67 17.02 33.24
N ASP A 1572 27.32 16.14 34.17
CA ASP A 1572 28.32 15.69 35.14
C ASP A 1572 29.39 14.85 34.47
N HIS A 1573 29.04 14.05 33.47
CA HIS A 1573 30.05 13.28 32.75
C HIS A 1573 31.00 14.21 32.02
N LEU A 1574 30.47 15.26 31.38
CA LEU A 1574 31.33 16.20 30.68
C LEU A 1574 32.18 17.02 31.64
N ARG A 1575 31.73 17.18 32.88
CA ARG A 1575 32.55 17.87 33.87
C ARG A 1575 33.86 17.13 34.09
N ALA A 1576 33.81 15.80 34.15
CA ALA A 1576 35.01 14.98 34.28
C ALA A 1576 35.87 15.07 33.02
N MET B 1 -42.36 -54.08 27.29
CA MET B 1 -42.48 -52.81 26.59
C MET B 1 -41.11 -52.15 26.43
N ALA B 2 -40.18 -52.47 27.34
CA ALA B 2 -38.83 -51.94 27.30
C ALA B 2 -37.79 -53.00 27.66
N SER B 3 -38.06 -54.26 27.32
CA SER B 3 -37.15 -55.34 27.70
C SER B 3 -35.82 -55.23 26.96
N THR B 4 -35.85 -55.30 25.63
CA THR B 4 -34.63 -55.21 24.84
C THR B 4 -34.34 -53.77 24.43
N ASP B 5 -34.35 -52.86 25.40
CA ASP B 5 -34.10 -51.46 25.10
C ASP B 5 -32.63 -51.22 24.79
N SER B 6 -31.73 -51.79 25.59
CA SER B 6 -30.30 -51.60 25.35
C SER B 6 -29.86 -52.18 24.02
N GLU B 7 -30.52 -53.26 23.58
CA GLU B 7 -30.18 -53.87 22.30
C GLU B 7 -30.39 -52.88 21.17
N LYS B 8 -31.51 -52.14 21.20
CA LYS B 8 -31.73 -51.10 20.20
C LYS B 8 -30.86 -49.88 20.46
N VAL B 9 -30.52 -49.64 21.74
CA VAL B 9 -29.74 -48.45 22.10
C VAL B 9 -28.34 -48.53 21.52
N ALA B 10 -27.73 -49.72 21.56
CA ALA B 10 -26.36 -49.86 21.06
C ALA B 10 -26.24 -49.42 19.61
N GLU B 11 -27.19 -49.84 18.77
CA GLU B 11 -27.18 -49.43 17.38
C GLU B 11 -27.71 -48.01 17.20
N TYR B 12 -28.59 -47.54 18.09
CA TYR B 12 -28.99 -46.14 18.08
C TYR B 12 -27.83 -45.23 18.44
N LEU B 13 -26.76 -45.81 18.95
CA LEU B 13 -25.71 -45.09 19.65
C LEU B 13 -24.37 -45.07 18.94
N ARG B 14 -23.93 -46.23 18.41
CA ARG B 14 -22.59 -46.33 17.85
C ARG B 14 -22.40 -45.39 16.67
N ARG B 15 -23.41 -45.30 15.80
CA ARG B 15 -23.31 -44.42 14.65
C ARG B 15 -23.18 -42.96 15.09
N ALA B 16 -23.94 -42.56 16.10
CA ALA B 16 -23.82 -41.21 16.62
C ALA B 16 -22.41 -40.96 17.15
N THR B 17 -21.89 -41.93 17.90
CA THR B 17 -20.53 -41.79 18.44
C THR B 17 -19.53 -41.56 17.33
N LEU B 18 -19.53 -42.43 16.31
CA LEU B 18 -18.53 -42.32 15.25
C LEU B 18 -18.74 -41.05 14.43
N ASP B 19 -19.99 -40.66 14.24
CA ASP B 19 -20.30 -39.45 13.46
C ASP B 19 -19.74 -38.21 14.14
N LEU B 20 -20.06 -38.03 15.42
CA LEU B 20 -19.57 -36.83 16.07
C LEU B 20 -18.09 -36.94 16.42
N ARG B 21 -17.51 -38.14 16.43
CA ARG B 21 -16.06 -38.25 16.47
C ARG B 21 -15.42 -37.76 15.17
N ALA B 22 -16.05 -38.08 14.04
CA ALA B 22 -15.62 -37.50 12.77
C ALA B 22 -15.72 -35.99 12.81
N ALA B 23 -16.77 -35.46 13.43
CA ALA B 23 -16.84 -34.02 13.63
C ALA B 23 -15.69 -33.51 14.49
N ARG B 24 -15.35 -34.25 15.56
CA ARG B 24 -14.23 -33.90 16.42
C ARG B 24 -12.92 -33.79 15.66
N GLN B 25 -12.64 -34.74 14.78
CA GLN B 25 -11.44 -34.61 13.95
C GLN B 25 -11.60 -33.57 12.85
N ARG B 26 -12.84 -33.27 12.47
CA ARG B 26 -13.09 -32.18 11.52
C ARG B 26 -12.61 -30.86 12.09
N ILE B 27 -12.85 -30.63 13.38
CA ILE B 27 -12.40 -29.35 13.97
C ILE B 27 -10.89 -29.24 13.84
N ARG B 28 -10.18 -30.34 14.11
CA ARG B 28 -8.73 -30.35 14.09
C ARG B 28 -8.22 -30.10 12.68
N GLU B 29 -8.84 -30.75 11.69
CA GLU B 29 -8.42 -30.54 10.32
C GLU B 29 -8.73 -29.12 9.86
N LEU B 30 -9.85 -28.56 10.30
CA LEU B 30 -10.25 -27.23 9.88
C LEU B 30 -9.28 -26.19 10.40
N GLU B 31 -8.83 -26.34 11.63
CA GLU B 31 -7.96 -25.31 12.23
C GLU B 31 -6.49 -25.72 12.13
N GLY B 32 -6.22 -26.84 11.47
CA GLY B 32 -4.84 -27.31 11.39
C GLY B 32 -4.40 -28.01 10.13
N GLU B 33 -5.17 -27.91 9.05
CA GLU B 33 -4.84 -28.65 7.84
C GLU B 33 -3.53 -28.14 7.22
N PRO B 34 -2.59 -29.03 6.91
CA PRO B 34 -1.42 -28.59 6.15
C PRO B 34 -1.81 -28.18 4.75
N ILE B 35 -1.04 -27.26 4.18
CA ILE B 35 -1.37 -26.66 2.88
C ILE B 35 -0.31 -27.07 1.88
N ALA B 36 -0.74 -27.72 0.80
CA ALA B 36 0.21 -28.20 -0.19
C ALA B 36 0.65 -27.06 -1.11
N ILE B 37 1.79 -27.26 -1.76
CA ILE B 37 2.32 -26.34 -2.75
C ILE B 37 2.38 -27.07 -4.09
N VAL B 38 1.89 -26.41 -5.14
CA VAL B 38 1.79 -27.05 -6.44
C VAL B 38 2.61 -26.36 -7.52
N GLY B 39 3.03 -25.11 -7.33
CA GLY B 39 3.79 -24.42 -8.36
C GLY B 39 4.56 -23.22 -7.86
N MET B 40 5.78 -23.04 -8.38
CA MET B 40 6.61 -21.91 -8.01
C MET B 40 7.20 -21.27 -9.26
N ALA B 41 7.46 -19.97 -9.16
CA ALA B 41 8.21 -19.25 -10.18
C ALA B 41 9.03 -18.17 -9.49
N CYS B 42 10.20 -17.90 -10.04
CA CYS B 42 11.13 -16.98 -9.40
C CYS B 42 12.01 -16.32 -10.44
N ARG B 43 12.30 -15.05 -10.22
CA ARG B 43 13.22 -14.29 -11.07
C ARG B 43 14.17 -13.52 -10.15
N LEU B 44 15.46 -13.80 -10.26
CA LEU B 44 16.47 -13.27 -9.38
C LEU B 44 17.62 -12.70 -10.21
N PRO B 45 18.37 -11.74 -9.66
CA PRO B 45 19.52 -11.20 -10.40
C PRO B 45 20.56 -12.28 -10.66
N GLY B 46 21.31 -12.10 -11.74
CA GLY B 46 22.23 -13.12 -12.20
C GLY B 46 21.68 -14.01 -13.28
N GLY B 47 20.56 -13.64 -13.89
CA GLY B 47 19.96 -14.43 -14.95
C GLY B 47 19.09 -15.58 -14.49
N VAL B 48 18.86 -15.72 -13.18
CA VAL B 48 18.05 -16.82 -12.68
C VAL B 48 16.59 -16.56 -13.04
N ALA B 49 16.03 -17.44 -13.86
CA ALA B 49 14.63 -17.33 -14.27
C ALA B 49 13.78 -18.52 -13.87
N SER B 50 14.38 -19.62 -13.43
CA SER B 50 13.64 -20.81 -13.05
C SER B 50 14.19 -21.35 -11.74
N PRO B 51 13.36 -22.07 -10.97
CA PRO B 51 13.85 -22.66 -9.72
C PRO B 51 15.03 -23.60 -9.91
N GLU B 52 15.06 -24.35 -11.02
CA GLU B 52 16.20 -25.21 -11.29
C GLU B 52 17.47 -24.39 -11.45
N ASP B 53 17.37 -23.25 -12.14
CA ASP B 53 18.53 -22.38 -12.29
C ASP B 53 19.02 -21.87 -10.94
N LEU B 54 18.09 -21.47 -10.07
CA LEU B 54 18.48 -21.01 -8.74
C LEU B 54 19.15 -22.12 -7.95
N TRP B 55 18.58 -23.33 -7.98
CA TRP B 55 19.17 -24.44 -7.25
C TRP B 55 20.57 -24.75 -7.77
N ARG B 56 20.74 -24.75 -9.09
CA ARG B 56 22.05 -24.99 -9.68
C ARG B 56 23.03 -23.92 -9.27
N LEU B 57 22.61 -22.65 -9.29
CA LEU B 57 23.49 -21.56 -8.91
C LEU B 57 23.94 -21.69 -7.46
N VAL B 58 23.02 -22.02 -6.56
CA VAL B 58 23.39 -22.15 -5.16
C VAL B 58 24.29 -23.37 -4.96
N ALA B 59 24.02 -24.46 -5.68
CA ALA B 59 24.90 -25.63 -5.60
C ALA B 59 26.27 -25.34 -6.21
N GLU B 60 26.38 -24.32 -7.04
CA GLU B 60 27.65 -23.94 -7.65
C GLU B 60 28.42 -22.91 -6.85
N ARG B 61 27.91 -22.52 -5.68
CA ARG B 61 28.59 -21.54 -4.81
C ARG B 61 28.85 -20.22 -5.56
N VAL B 62 27.88 -19.80 -6.36
CA VAL B 62 28.03 -18.64 -7.22
C VAL B 62 27.12 -17.53 -6.71
N ASP B 63 27.68 -16.36 -6.48
CA ASP B 63 26.93 -15.18 -6.11
C ASP B 63 26.57 -14.37 -7.35
N ALA B 64 25.55 -13.52 -7.21
CA ALA B 64 25.06 -12.70 -8.30
C ALA B 64 25.28 -11.22 -8.04
N VAL B 65 26.35 -10.87 -7.34
CA VAL B 65 26.64 -9.48 -7.03
C VAL B 65 27.12 -8.79 -8.31
N SER B 66 26.44 -7.70 -8.68
CA SER B 66 26.81 -6.95 -9.87
C SER B 66 27.00 -5.48 -9.53
N GLU B 67 27.14 -4.64 -10.53
CA GLU B 67 27.26 -3.20 -10.34
C GLU B 67 25.91 -2.53 -10.56
N PHE B 68 25.90 -1.21 -10.53
CA PHE B 68 24.66 -0.46 -10.67
C PHE B 68 24.33 -0.30 -12.16
N PRO B 69 23.21 -0.84 -12.64
CA PRO B 69 22.87 -0.68 -14.05
C PRO B 69 22.61 0.78 -14.39
N GLY B 70 23.02 1.18 -15.58
CA GLY B 70 22.87 2.55 -16.05
C GLY B 70 21.63 2.82 -16.86
N ASP B 71 20.80 1.81 -17.11
CA ASP B 71 19.59 2.00 -17.92
C ASP B 71 18.52 2.79 -17.20
N ARG B 72 18.69 3.06 -15.90
CA ARG B 72 17.71 3.79 -15.13
C ARG B 72 17.94 5.30 -15.14
N GLY B 73 18.94 5.77 -15.87
CA GLY B 73 19.24 7.19 -15.88
C GLY B 73 19.87 7.72 -14.62
N TRP B 74 20.47 6.85 -13.81
CA TRP B 74 21.11 7.26 -12.58
C TRP B 74 22.52 7.77 -12.86
N ASP B 75 22.82 8.97 -12.36
CA ASP B 75 24.16 9.53 -12.47
C ASP B 75 25.07 8.76 -11.50
N LEU B 76 25.82 7.81 -12.04
CA LEU B 76 26.66 6.96 -11.19
C LEU B 76 27.73 7.77 -10.47
N ASP B 77 28.32 8.75 -11.15
CA ASP B 77 29.35 9.57 -10.53
C ASP B 77 28.80 10.38 -9.37
N SER B 78 27.54 10.81 -9.46
CA SER B 78 26.96 11.66 -8.43
C SER B 78 26.85 10.92 -7.10
N LEU B 79 26.40 9.67 -7.12
CA LEU B 79 26.07 8.95 -5.90
C LEU B 79 27.18 8.02 -5.44
N ILE B 80 28.34 8.04 -6.10
CA ILE B 80 29.48 7.24 -5.70
C ILE B 80 30.60 8.19 -5.31
N ASP B 81 31.12 8.04 -4.09
CA ASP B 81 32.15 8.95 -3.61
C ASP B 81 32.89 8.33 -2.44
N PRO B 82 34.21 8.46 -2.37
CA PRO B 82 34.93 8.08 -1.14
C PRO B 82 34.51 8.91 0.06
N ASP B 83 33.95 10.10 -0.14
CA ASP B 83 33.41 10.90 0.95
C ASP B 83 32.16 10.22 1.48
N ARG B 84 32.29 9.57 2.64
CA ARG B 84 31.16 8.84 3.20
C ARG B 84 30.00 9.76 3.55
N GLU B 85 30.31 10.96 4.07
CA GLU B 85 29.30 11.88 4.55
C GLU B 85 28.87 12.91 3.51
N ARG B 86 29.35 12.80 2.28
CA ARG B 86 28.93 13.73 1.23
C ARG B 86 27.44 13.59 0.98
N ALA B 87 26.77 14.73 0.80
CA ALA B 87 25.33 14.72 0.60
C ALA B 87 24.96 14.05 -0.71
N GLY B 88 23.92 13.23 -0.66
CA GLY B 88 23.44 12.55 -1.86
C GLY B 88 24.44 11.59 -2.47
N THR B 89 25.10 10.78 -1.64
CA THR B 89 26.11 9.85 -2.12
C THR B 89 25.93 8.50 -1.42
N SER B 90 26.46 7.46 -2.06
CA SER B 90 26.46 6.12 -1.51
C SER B 90 27.85 5.54 -1.66
N TYR B 91 28.38 4.96 -0.59
CA TYR B 91 29.71 4.36 -0.62
C TYR B 91 29.72 2.99 -1.26
N VAL B 92 28.65 2.61 -1.96
CA VAL B 92 28.56 1.30 -2.60
C VAL B 92 28.12 1.51 -4.03
N GLY B 93 28.74 0.78 -4.96
CA GLY B 93 28.36 0.82 -6.35
C GLY B 93 28.02 -0.56 -6.86
N GLN B 94 27.96 -1.53 -5.95
CA GLN B 94 27.72 -2.92 -6.29
C GLN B 94 26.39 -3.38 -5.70
N GLY B 95 25.81 -4.39 -6.35
CA GLY B 95 24.57 -4.96 -5.88
C GLY B 95 23.93 -5.83 -6.94
N GLY B 96 22.93 -6.59 -6.51
CA GLY B 96 22.18 -7.44 -7.41
C GLY B 96 21.00 -6.70 -8.02
N PHE B 97 20.86 -6.84 -9.34
CA PHE B 97 19.80 -6.15 -10.06
C PHE B 97 19.33 -7.01 -11.21
N LEU B 98 18.08 -6.78 -11.61
CA LEU B 98 17.50 -7.44 -12.79
C LEU B 98 17.69 -6.52 -13.97
N HIS B 99 18.72 -6.80 -14.78
CA HIS B 99 19.02 -5.96 -15.94
C HIS B 99 17.96 -6.05 -17.02
N ASP B 100 17.03 -7.00 -16.91
CA ASP B 100 15.93 -7.17 -17.87
C ASP B 100 14.61 -6.69 -17.31
N ALA B 101 14.64 -5.80 -16.32
CA ALA B 101 13.41 -5.36 -15.67
C ALA B 101 12.50 -4.64 -16.65
N GLY B 102 13.06 -3.78 -17.49
CA GLY B 102 12.26 -3.03 -18.44
C GLY B 102 11.65 -3.86 -19.55
N GLU B 103 12.05 -5.12 -19.66
CA GLU B 103 11.53 -5.99 -20.70
C GLU B 103 10.18 -6.56 -20.30
N PHE B 104 9.25 -6.57 -21.25
CA PHE B 104 7.88 -6.98 -20.97
C PHE B 104 7.21 -7.40 -22.27
N ASP B 105 6.13 -8.17 -22.15
CA ASP B 105 5.32 -8.62 -23.28
C ASP B 105 3.92 -8.05 -23.09
N ALA B 106 3.71 -6.83 -23.58
CA ALA B 106 2.40 -6.20 -23.45
C ALA B 106 1.38 -6.84 -24.37
N GLY B 107 1.80 -7.31 -25.55
CA GLY B 107 0.87 -7.89 -26.49
C GLY B 107 0.26 -9.20 -26.03
N PHE B 108 0.92 -9.91 -25.12
CA PHE B 108 0.36 -11.16 -24.63
C PHE B 108 -0.97 -10.94 -23.90
N PHE B 109 -1.05 -9.89 -23.11
CA PHE B 109 -2.24 -9.59 -22.32
C PHE B 109 -3.10 -8.49 -22.93
N GLY B 110 -2.84 -8.14 -24.19
CA GLY B 110 -3.61 -7.08 -24.82
C GLY B 110 -3.43 -5.72 -24.17
N ILE B 111 -2.19 -5.35 -23.86
CA ILE B 111 -1.86 -4.10 -23.22
C ILE B 111 -1.21 -3.18 -24.25
N SER B 112 -1.69 -1.95 -24.32
CA SER B 112 -1.16 -1.01 -25.31
C SER B 112 0.29 -0.67 -24.99
N PRO B 113 1.13 -0.47 -26.01
CA PRO B 113 2.50 -0.03 -25.76
C PRO B 113 2.59 1.26 -24.97
N ARG B 114 1.67 2.20 -25.20
CA ARG B 114 1.66 3.42 -24.41
C ARG B 114 1.36 3.11 -22.94
N GLU B 115 0.63 2.03 -22.69
CA GLU B 115 0.50 1.56 -21.30
C GLU B 115 1.75 0.85 -20.84
N ALA B 116 2.38 0.07 -21.72
CA ALA B 116 3.51 -0.79 -21.39
C ALA B 116 4.56 -0.05 -20.58
N VAL B 117 4.77 1.23 -20.90
CA VAL B 117 5.66 2.06 -20.10
C VAL B 117 4.98 2.66 -18.88
N ALA B 118 3.65 2.71 -18.86
CA ALA B 118 2.94 3.46 -17.83
C ALA B 118 3.03 2.77 -16.47
N MET B 119 2.58 1.52 -16.40
CA MET B 119 2.42 0.91 -15.08
C MET B 119 3.77 0.62 -14.44
N ASP B 120 3.74 0.44 -13.13
CA ASP B 120 4.92 0.02 -12.40
C ASP B 120 5.40 -1.33 -12.94
N PRO B 121 6.68 -1.47 -13.28
CA PRO B 121 7.16 -2.77 -13.78
C PRO B 121 6.86 -3.92 -12.84
N GLN B 122 6.92 -3.68 -11.53
CA GLN B 122 6.57 -4.68 -10.52
C GLN B 122 5.34 -5.46 -10.94
N GLN B 123 4.32 -4.76 -11.44
CA GLN B 123 3.12 -5.43 -11.90
C GLN B 123 3.42 -6.34 -13.10
N ARG B 124 4.28 -5.89 -14.01
CA ARG B 124 4.59 -6.70 -15.18
C ARG B 124 5.31 -7.99 -14.78
N LEU B 125 6.34 -7.88 -13.94
CA LEU B 125 7.00 -9.08 -13.46
C LEU B 125 6.06 -9.96 -12.65
N LEU B 126 5.15 -9.36 -11.89
CA LEU B 126 4.17 -10.17 -11.16
C LEU B 126 3.31 -10.97 -12.12
N LEU B 127 2.84 -10.33 -13.20
CA LEU B 127 2.01 -11.03 -14.17
C LEU B 127 2.78 -12.18 -14.81
N GLU B 128 4.00 -11.89 -15.27
CA GLU B 128 4.78 -12.92 -15.95
C GLU B 128 5.09 -14.09 -15.02
N THR B 129 5.55 -13.78 -13.80
CA THR B 129 5.89 -14.83 -12.85
C THR B 129 4.67 -15.63 -12.43
N SER B 130 3.53 -14.95 -12.25
CA SER B 130 2.30 -15.66 -11.90
C SER B 130 1.90 -16.63 -12.99
N TRP B 131 1.95 -16.20 -14.25
CA TRP B 131 1.61 -17.11 -15.33
C TRP B 131 2.59 -18.28 -15.38
N GLU B 132 3.88 -18.00 -15.22
CA GLU B 132 4.86 -19.08 -15.27
C GLU B 132 4.65 -20.08 -14.15
N ALA B 133 4.37 -19.59 -12.93
CA ALA B 133 4.12 -20.50 -11.81
C ALA B 133 2.86 -21.31 -12.04
N LEU B 134 1.79 -20.67 -12.51
CA LEU B 134 0.54 -21.37 -12.72
C LEU B 134 0.68 -22.46 -13.77
N GLU B 135 1.42 -22.17 -14.85
CA GLU B 135 1.71 -23.21 -15.83
C GLU B 135 2.57 -24.31 -15.22
N ASN B 136 3.55 -23.93 -14.39
CA ASN B 136 4.40 -24.92 -13.74
C ASN B 136 3.59 -25.85 -12.86
N ALA B 137 2.49 -25.37 -12.29
CA ALA B 137 1.61 -26.23 -11.52
C ALA B 137 0.86 -27.23 -12.38
N GLY B 138 0.93 -27.10 -13.70
CA GLY B 138 0.21 -28.00 -14.58
C GLY B 138 -1.27 -27.72 -14.70
N VAL B 139 -1.71 -26.52 -14.37
CA VAL B 139 -3.11 -26.12 -14.43
C VAL B 139 -3.30 -25.16 -15.59
N ASP B 140 -4.28 -25.43 -16.42
CA ASP B 140 -4.55 -24.55 -17.56
C ASP B 140 -5.11 -23.23 -17.06
N PRO B 141 -4.48 -22.09 -17.41
CA PRO B 141 -5.00 -20.81 -16.92
C PRO B 141 -6.41 -20.48 -17.38
N ILE B 142 -6.77 -20.87 -18.61
CA ILE B 142 -8.10 -20.52 -19.12
C ILE B 142 -9.19 -21.20 -18.31
N ALA B 143 -8.95 -22.44 -17.87
CA ALA B 143 -9.93 -23.15 -17.07
C ALA B 143 -10.20 -22.45 -15.74
N LEU B 144 -9.27 -21.65 -15.25
CA LEU B 144 -9.46 -20.93 -14.00
C LEU B 144 -10.41 -19.75 -14.14
N LYS B 145 -10.82 -19.41 -15.36
CA LYS B 145 -11.74 -18.29 -15.56
C LYS B 145 -13.06 -18.58 -14.84
N GLY B 146 -13.51 -17.60 -14.05
CA GLY B 146 -14.73 -17.75 -13.29
C GLY B 146 -14.61 -18.53 -12.00
N THR B 147 -13.42 -19.02 -11.68
CA THR B 147 -13.22 -19.78 -10.45
C THR B 147 -13.10 -18.83 -9.27
N ASP B 148 -12.92 -19.40 -8.07
CA ASP B 148 -12.84 -18.63 -6.84
C ASP B 148 -11.43 -18.49 -6.32
N THR B 149 -10.42 -18.60 -7.19
CA THR B 149 -9.04 -18.52 -6.75
C THR B 149 -8.71 -17.07 -6.35
N GLY B 150 -8.11 -16.92 -5.18
CA GLY B 150 -7.71 -15.61 -4.70
C GLY B 150 -6.22 -15.38 -4.88
N VAL B 151 -5.82 -14.11 -4.79
CA VAL B 151 -4.43 -13.71 -4.95
C VAL B 151 -4.04 -12.76 -3.83
N PHE B 152 -2.82 -12.91 -3.34
CA PHE B 152 -2.29 -12.04 -2.29
C PHE B 152 -0.86 -11.70 -2.64
N SER B 153 -0.52 -10.41 -2.58
CA SER B 153 0.80 -9.97 -3.00
C SER B 153 1.28 -8.86 -2.07
N GLY B 154 2.60 -8.71 -2.00
CA GLY B 154 3.21 -7.68 -1.20
C GLY B 154 4.29 -6.92 -1.94
N LEU B 155 4.32 -5.61 -1.79
CA LEU B 155 5.31 -4.80 -2.50
C LEU B 155 5.45 -3.45 -1.82
N MET B 156 6.54 -2.77 -2.13
CA MET B 156 6.83 -1.43 -1.61
C MET B 156 6.70 -0.43 -2.75
N GLY B 157 5.97 0.65 -2.49
CA GLY B 157 5.83 1.70 -3.48
C GLY B 157 7.14 2.44 -3.72
N GLN B 158 7.73 2.23 -4.89
CA GLN B 158 9.01 2.85 -5.23
C GLN B 158 8.86 4.15 -6.01
N GLY B 159 7.63 4.59 -6.28
CA GLY B 159 7.42 5.83 -6.99
C GLY B 159 7.96 5.83 -8.40
N TYR B 160 7.69 4.76 -9.15
CA TYR B 160 8.10 4.71 -10.55
C TYR B 160 7.39 5.80 -11.33
N GLY B 161 8.16 6.55 -12.11
CA GLY B 161 7.61 7.67 -12.85
C GLY B 161 7.08 8.78 -11.97
N SER B 162 7.72 9.03 -10.83
CA SER B 162 7.22 10.05 -9.92
C SER B 162 7.52 11.47 -10.42
N GLY B 163 8.60 11.63 -11.17
CA GLY B 163 9.05 12.96 -11.54
C GLY B 163 8.28 13.57 -12.70
N ALA B 164 9.00 14.19 -13.63
CA ALA B 164 8.37 14.83 -14.78
C ALA B 164 7.54 13.82 -15.57
N VAL B 165 6.35 14.23 -15.95
CA VAL B 165 5.40 13.36 -16.64
C VAL B 165 4.99 14.02 -17.95
N ALA B 166 5.06 13.25 -19.04
CA ALA B 166 4.62 13.75 -20.32
C ALA B 166 3.10 13.84 -20.37
N PRO B 167 2.55 14.80 -21.11
CA PRO B 167 1.09 14.92 -21.22
C PRO B 167 0.44 13.89 -22.14
N GLU B 168 1.19 12.91 -22.63
CA GLU B 168 0.62 11.85 -23.46
C GLU B 168 0.22 10.65 -22.62
N LEU B 169 1.04 10.29 -21.62
CA LEU B 169 0.76 9.14 -20.78
C LEU B 169 -0.17 9.45 -19.62
N GLU B 170 -0.62 10.69 -19.49
CA GLU B 170 -1.52 11.04 -18.40
C GLU B 170 -2.83 10.26 -18.50
N GLY B 171 -3.38 9.91 -17.35
CA GLY B 171 -4.61 9.14 -17.28
C GLY B 171 -4.41 7.69 -16.88
N PHE B 172 -3.18 7.18 -16.90
CA PHE B 172 -2.91 5.81 -16.51
C PHE B 172 -1.85 5.69 -15.43
N VAL B 173 -1.19 6.78 -15.06
CA VAL B 173 -0.18 6.72 -14.00
C VAL B 173 -0.82 6.37 -12.67
N THR B 174 -2.00 6.95 -12.38
CA THR B 174 -2.66 6.68 -11.12
C THR B 174 -3.01 5.20 -10.97
N THR B 175 -3.47 4.58 -12.06
CA THR B 175 -3.67 3.14 -12.03
C THR B 175 -2.35 2.39 -12.14
N GLY B 176 -1.37 2.98 -12.82
CA GLY B 176 -0.11 2.29 -13.05
C GLY B 176 0.77 2.17 -11.83
N VAL B 177 0.56 3.00 -10.82
CA VAL B 177 1.41 3.02 -9.63
C VAL B 177 0.70 2.55 -8.37
N ALA B 178 -0.62 2.46 -8.37
CA ALA B 178 -1.33 2.05 -7.17
C ALA B 178 -1.00 0.59 -6.84
N SER B 179 -0.75 0.34 -5.55
CA SER B 179 -0.30 -0.98 -5.13
C SER B 179 -1.37 -2.05 -5.37
N SER B 180 -2.63 -1.75 -5.03
CA SER B 180 -3.69 -2.74 -5.19
C SER B 180 -3.90 -3.13 -6.65
N VAL B 181 -3.51 -2.25 -7.58
CA VAL B 181 -3.73 -2.52 -9.00
C VAL B 181 -2.98 -3.76 -9.44
N ALA B 182 -1.87 -4.10 -8.77
CA ALA B 182 -1.16 -5.33 -9.11
C ALA B 182 -2.09 -6.54 -9.02
N SER B 183 -2.60 -6.81 -7.82
CA SER B 183 -3.49 -7.94 -7.63
C SER B 183 -4.77 -7.78 -8.45
N GLY B 184 -5.32 -6.56 -8.49
CA GLY B 184 -6.53 -6.34 -9.26
C GLY B 184 -6.37 -6.70 -10.71
N ARG B 185 -5.28 -6.26 -11.32
CA ARG B 185 -5.05 -6.49 -12.74
C ARG B 185 -4.72 -7.95 -13.01
N VAL B 186 -3.94 -8.59 -12.14
CA VAL B 186 -3.64 -10.00 -12.40
C VAL B 186 -4.91 -10.84 -12.33
N SER B 187 -5.77 -10.56 -11.33
CA SER B 187 -7.03 -11.30 -11.24
C SER B 187 -7.93 -10.98 -12.43
N TYR B 188 -7.98 -9.71 -12.83
CA TYR B 188 -8.85 -9.31 -13.94
C TYR B 188 -8.41 -9.97 -15.25
N VAL B 189 -7.10 -10.02 -15.50
CA VAL B 189 -6.59 -10.69 -16.69
C VAL B 189 -6.89 -12.18 -16.62
N LEU B 190 -6.67 -12.79 -15.46
CA LEU B 190 -6.97 -14.21 -15.31
C LEU B 190 -8.45 -14.48 -15.10
N GLY B 191 -9.26 -13.44 -14.89
CA GLY B 191 -10.69 -13.62 -14.75
C GLY B 191 -11.09 -14.45 -13.55
N LEU B 192 -10.50 -14.15 -12.39
CA LEU B 192 -10.77 -14.89 -11.18
C LEU B 192 -11.90 -14.22 -10.39
N GLU B 193 -12.27 -14.83 -9.27
CA GLU B 193 -13.26 -14.25 -8.37
C GLU B 193 -12.85 -14.28 -6.91
N GLY B 194 -11.80 -14.99 -6.54
CA GLY B 194 -11.32 -15.00 -5.18
C GLY B 194 -10.79 -13.65 -4.78
N PRO B 195 -10.66 -13.41 -3.48
CA PRO B 195 -10.23 -12.09 -3.01
C PRO B 195 -8.84 -11.74 -3.52
N ALA B 196 -8.65 -10.47 -3.85
CA ALA B 196 -7.37 -9.93 -4.28
C ALA B 196 -6.88 -8.96 -3.20
N VAL B 197 -5.72 -9.24 -2.64
CA VAL B 197 -5.22 -8.48 -1.50
C VAL B 197 -3.79 -8.04 -1.77
N THR B 198 -3.48 -6.78 -1.43
CA THR B 198 -2.14 -6.24 -1.48
C THR B 198 -1.76 -5.77 -0.08
N VAL B 199 -0.72 -6.39 0.49
CA VAL B 199 -0.27 -6.07 1.83
C VAL B 199 1.19 -5.65 1.78
N ASP B 200 1.75 -5.28 2.94
CA ASP B 200 3.15 -4.93 3.02
C ASP B 200 3.62 -4.85 4.46
N THR B 201 4.74 -5.51 4.77
CA THR B 201 5.42 -5.37 6.04
C THR B 201 6.92 -5.23 5.79
N ALA B 202 7.27 -4.40 4.81
CA ALA B 202 8.65 -4.07 4.46
C ALA B 202 9.36 -5.34 4.02
N CYS B 203 10.44 -5.77 4.67
CA CYS B 203 11.20 -6.92 4.20
C CYS B 203 10.37 -8.20 4.24
N SER B 204 9.61 -8.39 5.31
CA SER B 204 8.81 -9.59 5.49
C SER B 204 7.42 -9.48 4.90
N SER B 205 7.23 -8.61 3.90
CA SER B 205 5.91 -8.42 3.33
C SER B 205 5.38 -9.69 2.68
N SER B 206 6.22 -10.43 1.97
CA SER B 206 5.78 -11.67 1.36
C SER B 206 5.41 -12.71 2.40
N LEU B 207 6.25 -12.87 3.42
CA LEU B 207 6.10 -14.01 4.34
C LEU B 207 4.77 -14.00 5.06
N VAL B 208 4.13 -12.83 5.18
CA VAL B 208 2.79 -12.81 5.74
C VAL B 208 1.73 -13.13 4.69
N ALA B 209 2.07 -12.97 3.41
CA ALA B 209 1.08 -13.16 2.35
C ALA B 209 0.58 -14.60 2.31
N MET B 210 1.49 -15.56 2.22
CA MET B 210 1.02 -16.94 2.19
C MET B 210 0.49 -17.41 3.54
N HIS B 211 0.91 -16.79 4.64
CA HIS B 211 0.31 -17.13 5.93
C HIS B 211 -1.18 -16.78 5.94
N LEU B 212 -1.50 -15.54 5.58
CA LEU B 212 -2.91 -15.17 5.53
C LEU B 212 -3.64 -15.90 4.41
N ALA B 213 -2.92 -16.27 3.35
CA ALA B 213 -3.52 -17.09 2.31
C ALA B 213 -3.92 -18.46 2.85
N ALA B 214 -3.05 -19.06 3.66
CA ALA B 214 -3.38 -20.33 4.28
C ALA B 214 -4.56 -20.18 5.23
N GLN B 215 -4.61 -19.07 5.97
CA GLN B 215 -5.76 -18.82 6.82
C GLN B 215 -7.05 -18.76 5.99
N ALA B 216 -7.01 -18.03 4.88
CA ALA B 216 -8.19 -17.94 4.01
C ALA B 216 -8.57 -19.31 3.44
N LEU B 217 -7.56 -20.08 3.04
CA LEU B 217 -7.82 -21.41 2.49
C LEU B 217 -8.46 -22.32 3.52
N ARG B 218 -7.99 -22.24 4.77
CA ARG B 218 -8.62 -22.99 5.84
C ARG B 218 -10.06 -22.54 6.03
N GLN B 219 -10.31 -21.24 5.90
CA GLN B 219 -11.68 -20.75 5.95
C GLN B 219 -12.53 -21.31 4.82
N GLY B 220 -11.91 -21.71 3.71
CA GLY B 220 -12.59 -22.46 2.68
C GLY B 220 -13.36 -21.68 1.65
N GLU B 221 -13.30 -20.34 1.69
CA GLU B 221 -14.03 -19.55 0.70
C GLU B 221 -13.30 -19.47 -0.63
N CYS B 222 -12.08 -19.98 -0.73
CA CYS B 222 -11.33 -20.01 -1.97
C CYS B 222 -10.73 -21.39 -2.17
N SER B 223 -10.56 -21.77 -3.44
CA SER B 223 -10.01 -23.08 -3.75
C SER B 223 -8.50 -23.10 -3.67
N MET B 224 -7.84 -22.29 -4.49
CA MET B 224 -6.38 -22.17 -4.47
C MET B 224 -6.01 -20.70 -4.44
N ALA B 225 -4.81 -20.41 -3.95
CA ALA B 225 -4.36 -19.05 -3.75
C ALA B 225 -3.03 -18.82 -4.42
N LEU B 226 -2.76 -17.56 -4.75
CA LEU B 226 -1.48 -17.14 -5.30
C LEU B 226 -0.82 -16.18 -4.32
N ALA B 227 0.41 -16.48 -3.93
CA ALA B 227 1.13 -15.65 -2.97
C ALA B 227 2.49 -15.31 -3.55
N GLY B 228 3.15 -14.33 -2.94
CA GLY B 228 4.49 -13.97 -3.33
C GLY B 228 4.71 -12.48 -3.21
N GLY B 229 5.81 -12.03 -3.82
CA GLY B 229 6.18 -10.63 -3.77
C GLY B 229 7.07 -10.25 -4.92
N VAL B 230 7.35 -8.95 -5.01
CA VAL B 230 8.18 -8.41 -6.07
C VAL B 230 8.79 -7.09 -5.61
N THR B 231 10.08 -6.91 -5.83
CA THR B 231 10.78 -5.67 -5.47
C THR B 231 11.73 -5.30 -6.59
N VAL B 232 11.48 -4.15 -7.23
CA VAL B 232 12.42 -3.52 -8.13
C VAL B 232 12.59 -2.08 -7.70
N MET B 233 13.77 -1.52 -7.96
CA MET B 233 14.11 -0.19 -7.50
C MET B 233 14.08 0.78 -8.67
N ALA B 234 13.23 1.81 -8.57
CA ALA B 234 13.19 2.85 -9.58
C ALA B 234 14.20 3.96 -9.31
N THR B 235 14.50 4.22 -8.06
CA THR B 235 15.45 5.25 -7.66
C THR B 235 16.49 4.64 -6.74
N PRO B 236 17.68 5.23 -6.68
CA PRO B 236 18.71 4.72 -5.76
C PRO B 236 18.50 5.23 -4.35
N GLY B 237 17.30 5.74 -4.06
CA GLY B 237 17.04 6.36 -2.78
C GLY B 237 17.39 5.49 -1.59
N SER B 238 17.15 4.18 -1.70
CA SER B 238 17.52 3.28 -0.62
C SER B 238 19.03 3.27 -0.39
N PHE B 239 19.80 3.26 -1.46
CA PHE B 239 21.25 3.18 -1.34
C PHE B 239 21.81 4.40 -0.60
N VAL B 240 21.46 5.60 -1.07
CA VAL B 240 21.94 6.81 -0.41
C VAL B 240 21.35 6.93 0.99
N GLU B 241 20.11 6.49 1.18
CA GLU B 241 19.48 6.58 2.49
C GLU B 241 20.25 5.76 3.52
N PHE B 242 20.51 4.49 3.21
CA PHE B 242 21.19 3.63 4.17
C PHE B 242 22.70 3.80 4.16
N SER B 243 23.26 4.47 3.16
CA SER B 243 24.67 4.80 3.21
C SER B 243 24.96 5.90 4.23
N ARG B 244 23.93 6.64 4.64
CA ARG B 244 24.11 7.75 5.56
C ARG B 244 24.47 7.31 6.97
N GLN B 245 24.28 6.02 7.30
CA GLN B 245 24.66 5.51 8.62
C GLN B 245 25.56 4.29 8.51
N ARG B 246 26.20 4.08 7.37
CA ARG B 246 27.06 2.91 7.14
C ARG B 246 26.31 1.60 7.37
N ALA B 247 25.03 1.58 7.03
CA ALA B 247 24.23 0.38 7.20
C ALA B 247 24.72 -0.76 6.31
N LEU B 248 25.06 -0.44 5.06
CA LEU B 248 25.41 -1.46 4.09
C LEU B 248 26.90 -1.79 4.15
N ALA B 249 27.24 -3.01 3.76
CA ALA B 249 28.64 -3.38 3.64
C ALA B 249 29.24 -2.71 2.41
N PRO B 250 30.46 -2.16 2.52
CA PRO B 250 31.05 -1.44 1.38
C PRO B 250 31.23 -2.31 0.14
N ASP B 251 31.53 -3.60 0.30
CA ASP B 251 31.76 -4.44 -0.87
C ASP B 251 30.46 -4.82 -1.57
N GLY B 252 29.32 -4.69 -0.90
CA GLY B 252 28.05 -5.07 -1.49
C GLY B 252 27.65 -6.51 -1.28
N ARG B 253 28.27 -7.20 -0.32
CA ARG B 253 27.96 -8.59 -0.03
C ARG B 253 27.55 -8.73 1.42
N CYS B 254 26.49 -9.52 1.66
CA CYS B 254 25.97 -9.73 3.00
C CYS B 254 26.65 -10.94 3.63
N LYS B 255 27.40 -10.71 4.70
CA LYS B 255 28.09 -11.78 5.41
C LYS B 255 27.21 -12.23 6.55
N ALA B 256 26.55 -13.36 6.39
CA ALA B 256 25.60 -13.86 7.38
C ALA B 256 26.36 -14.53 8.51
N PHE B 257 26.34 -13.90 9.68
CA PHE B 257 26.94 -14.41 10.91
C PHE B 257 28.44 -14.66 10.79
N ALA B 258 29.07 -14.16 9.73
CA ALA B 258 30.49 -14.36 9.55
C ALA B 258 31.29 -13.43 10.46
N ALA B 259 32.59 -13.71 10.57
CA ALA B 259 33.46 -12.83 11.34
C ALA B 259 33.52 -11.43 10.72
N ALA B 260 33.59 -11.36 9.39
CA ALA B 260 33.69 -10.10 8.68
C ALA B 260 32.35 -9.41 8.50
N ALA B 261 31.33 -9.81 9.26
CA ALA B 261 30.02 -9.18 9.16
C ALA B 261 30.12 -7.69 9.45
N ASP B 262 29.89 -6.87 8.43
CA ASP B 262 30.05 -5.43 8.58
C ASP B 262 28.96 -4.62 7.90
N GLY B 263 27.94 -5.25 7.33
CA GLY B 263 26.89 -4.51 6.66
C GLY B 263 26.00 -5.43 5.87
N THR B 264 25.09 -4.83 5.12
CA THR B 264 24.12 -5.55 4.31
C THR B 264 24.26 -5.15 2.85
N GLY B 265 23.38 -5.71 2.02
CA GLY B 265 23.31 -5.34 0.63
C GLY B 265 21.86 -5.33 0.16
N TRP B 266 21.66 -4.81 -1.04
CA TRP B 266 20.33 -4.69 -1.62
C TRP B 266 20.27 -5.42 -2.95
N SER B 267 19.10 -5.94 -3.27
CA SER B 267 18.88 -6.63 -4.52
C SER B 267 17.40 -6.60 -4.85
N GLU B 268 17.09 -6.91 -6.11
CA GLU B 268 15.72 -6.96 -6.60
C GLU B 268 15.32 -8.41 -6.83
N GLY B 269 14.03 -8.62 -7.05
CA GLY B 269 13.57 -9.97 -7.34
C GLY B 269 12.07 -10.18 -7.32
N VAL B 270 11.61 -11.28 -7.92
CA VAL B 270 10.20 -11.63 -7.99
C VAL B 270 10.03 -13.07 -7.58
N GLY B 271 9.02 -13.35 -6.77
CA GLY B 271 8.71 -14.71 -6.38
C GLY B 271 7.22 -14.95 -6.28
N VAL B 272 6.73 -16.05 -6.86
CA VAL B 272 5.31 -16.38 -6.85
C VAL B 272 5.16 -17.86 -6.55
N VAL B 273 4.20 -18.20 -5.69
CA VAL B 273 3.90 -19.58 -5.33
C VAL B 273 2.39 -19.79 -5.37
N VAL B 274 2.00 -21.03 -5.57
CA VAL B 274 0.59 -21.44 -5.61
C VAL B 274 0.32 -22.31 -4.40
N LEU B 275 -0.66 -21.93 -3.60
CA LEU B 275 -0.99 -22.61 -2.37
C LEU B 275 -2.34 -23.31 -2.52
N GLU B 276 -2.44 -24.51 -1.95
CA GLU B 276 -3.63 -25.33 -2.13
C GLU B 276 -3.72 -26.32 -0.99
N ARG B 277 -4.94 -26.60 -0.53
CA ARG B 277 -5.14 -27.55 0.56
C ARG B 277 -4.67 -28.93 0.17
N LEU B 278 -4.10 -29.64 1.15
CA LEU B 278 -3.47 -30.93 0.87
C LEU B 278 -4.48 -31.96 0.39
N SER B 279 -5.59 -32.11 1.11
CA SER B 279 -6.57 -33.15 0.77
C SER B 279 -7.16 -32.90 -0.61
N VAL B 280 -7.56 -31.65 -0.89
CA VAL B 280 -8.13 -31.33 -2.19
C VAL B 280 -7.10 -31.48 -3.28
N ALA B 281 -5.84 -31.14 -3.01
CA ALA B 281 -4.79 -31.34 -4.00
C ALA B 281 -4.62 -32.82 -4.32
N ARG B 282 -4.65 -33.68 -3.30
CA ARG B 282 -4.57 -35.11 -3.54
C ARG B 282 -5.76 -35.59 -4.35
N GLU B 283 -6.95 -35.05 -4.05
CA GLU B 283 -8.13 -35.42 -4.82
C GLU B 283 -7.98 -35.03 -6.28
N ARG B 284 -7.48 -33.83 -6.55
CA ARG B 284 -7.35 -33.35 -7.93
C ARG B 284 -6.19 -33.99 -8.68
N GLY B 285 -5.29 -34.69 -7.99
CA GLY B 285 -4.18 -35.33 -8.64
C GLY B 285 -2.99 -34.43 -8.93
N HIS B 286 -3.04 -33.17 -8.53
CA HIS B 286 -1.89 -32.29 -8.72
C HIS B 286 -0.70 -32.80 -7.93
N ARG B 287 0.48 -32.69 -8.52
CA ARG B 287 1.69 -33.14 -7.85
C ARG B 287 1.96 -32.27 -6.62
N ILE B 288 2.60 -32.87 -5.64
CA ILE B 288 2.88 -32.21 -4.37
C ILE B 288 4.35 -31.81 -4.34
N LEU B 289 4.61 -30.54 -4.10
CA LEU B 289 5.97 -30.04 -3.96
C LEU B 289 6.42 -30.10 -2.51
N ALA B 290 5.67 -29.48 -1.61
CA ALA B 290 5.94 -29.50 -0.19
C ALA B 290 4.65 -29.12 0.53
N VAL B 291 4.67 -29.18 1.86
CA VAL B 291 3.48 -28.88 2.65
C VAL B 291 3.83 -27.90 3.76
N LEU B 292 3.14 -26.76 3.78
CA LEU B 292 3.19 -25.86 4.91
C LEU B 292 2.45 -26.48 6.10
N ARG B 293 3.10 -26.49 7.26
CA ARG B 293 2.53 -27.07 8.46
C ARG B 293 1.99 -26.04 9.43
N GLY B 294 2.25 -24.77 9.19
CA GLY B 294 1.76 -23.72 10.07
C GLY B 294 2.59 -22.47 9.96
N SER B 295 2.04 -21.38 10.46
CA SER B 295 2.68 -20.08 10.39
C SER B 295 2.28 -19.25 11.60
N ALA B 296 3.10 -18.25 11.90
CA ALA B 296 2.82 -17.34 13.00
C ALA B 296 3.35 -15.96 12.65
N VAL B 297 2.58 -14.93 12.98
CA VAL B 297 2.95 -13.56 12.70
C VAL B 297 2.72 -12.74 13.98
N ASN B 298 3.70 -11.93 14.34
CA ASN B 298 3.57 -11.06 15.51
C ASN B 298 4.44 -9.83 15.29
N GLN B 299 4.15 -8.79 16.08
CA GLN B 299 4.90 -7.55 16.04
C GLN B 299 5.78 -7.44 17.28
N ASP B 300 7.04 -7.07 17.08
CA ASP B 300 7.95 -6.93 18.22
C ASP B 300 7.46 -5.86 19.19
N GLY B 301 7.00 -4.73 18.67
CA GLY B 301 6.51 -3.68 19.53
C GLY B 301 7.64 -2.91 20.16
N ALA B 302 7.62 -2.79 21.48
CA ALA B 302 8.62 -2.01 22.19
C ALA B 302 10.01 -2.63 22.02
N SER B 303 11.01 -1.77 21.89
CA SER B 303 12.40 -2.18 21.73
C SER B 303 13.29 -0.99 22.03
N ASN B 304 14.59 -1.13 21.77
CA ASN B 304 15.51 -0.02 21.96
C ASN B 304 15.14 1.15 21.06
N GLY B 305 14.83 0.88 19.80
CA GLY B 305 14.39 1.91 18.88
C GLY B 305 13.20 1.47 18.06
N LEU B 306 12.82 2.26 17.07
CA LEU B 306 11.69 1.88 16.22
C LEU B 306 11.99 0.62 15.42
N THR B 307 13.20 0.53 14.87
CA THR B 307 13.58 -0.60 14.03
C THR B 307 14.40 -1.64 14.78
N ALA B 308 14.65 -1.44 16.07
CA ALA B 308 15.43 -2.41 16.83
C ALA B 308 14.63 -3.69 17.03
N PRO B 309 15.24 -4.85 16.83
CA PRO B 309 14.55 -6.13 17.12
C PRO B 309 14.81 -6.62 18.53
N ASN B 310 13.86 -7.38 19.04
CA ASN B 310 13.95 -7.99 20.37
C ASN B 310 13.89 -9.49 20.24
N GLY B 311 14.86 -10.17 20.88
CA GLY B 311 14.90 -11.62 20.80
C GLY B 311 13.67 -12.29 21.39
N LEU B 312 13.03 -11.65 22.36
CA LEU B 312 11.84 -12.22 22.97
C LEU B 312 10.71 -12.37 21.95
N SER B 313 10.56 -11.39 21.06
CA SER B 313 9.55 -11.49 20.02
C SER B 313 9.81 -12.67 19.10
N GLN B 314 11.07 -12.86 18.70
CA GLN B 314 11.40 -14.00 17.86
C GLN B 314 11.15 -15.31 18.59
N GLN B 315 11.51 -15.37 19.87
CA GLN B 315 11.22 -16.57 20.66
C GLN B 315 9.73 -16.87 20.66
N ARG B 316 8.91 -15.85 20.94
CA ARG B 316 7.47 -16.06 21.01
C ARG B 316 6.89 -16.50 19.67
N VAL B 317 7.34 -15.86 18.58
CA VAL B 317 6.78 -16.22 17.27
C VAL B 317 7.21 -17.62 16.87
N ILE B 318 8.44 -18.00 17.19
CA ILE B 318 8.90 -19.35 16.88
C ILE B 318 8.08 -20.37 17.65
N ARG B 319 7.86 -20.12 18.94
CA ARG B 319 7.06 -21.03 19.74
C ARG B 319 5.63 -21.12 19.22
N ARG B 320 5.05 -19.98 18.84
CA ARG B 320 3.70 -19.98 18.31
C ARG B 320 3.60 -20.79 17.02
N ALA B 321 4.55 -20.59 16.11
CA ALA B 321 4.54 -21.33 14.86
C ALA B 321 4.71 -22.82 15.09
N LEU B 322 5.62 -23.18 16.01
CA LEU B 322 5.83 -24.60 16.29
C LEU B 322 4.59 -25.22 16.91
N ALA B 323 3.93 -24.51 17.83
CA ALA B 323 2.71 -25.02 18.42
C ALA B 323 1.61 -25.18 17.37
N ALA B 324 1.49 -24.20 16.46
CA ALA B 324 0.50 -24.32 15.40
C ALA B 324 0.78 -25.53 14.52
N ALA B 325 2.05 -25.75 14.17
CA ALA B 325 2.41 -26.95 13.43
C ALA B 325 2.28 -28.21 14.28
N GLY B 326 2.21 -28.07 15.60
CA GLY B 326 2.11 -29.22 16.48
C GLY B 326 3.33 -30.11 16.45
N LEU B 327 4.52 -29.54 16.33
CA LEU B 327 5.76 -30.28 16.29
C LEU B 327 6.64 -29.86 17.46
N ALA B 328 7.87 -30.37 17.47
CA ALA B 328 8.83 -30.12 18.53
C ALA B 328 10.12 -29.58 17.93
N PRO B 329 10.90 -28.83 18.70
CA PRO B 329 12.14 -28.27 18.14
C PRO B 329 13.09 -29.31 17.61
N SER B 330 13.13 -30.49 18.23
CA SER B 330 14.02 -31.55 17.74
C SER B 330 13.58 -32.11 16.40
N ASP B 331 12.31 -31.94 16.03
CA ASP B 331 11.83 -32.51 14.78
C ASP B 331 12.48 -31.83 13.58
N VAL B 332 12.55 -30.50 13.58
CA VAL B 332 13.18 -29.78 12.49
C VAL B 332 14.69 -29.96 12.57
N ASP B 333 15.35 -29.88 11.41
CA ASP B 333 16.80 -30.05 11.35
C ASP B 333 17.52 -28.97 10.56
N VAL B 334 16.80 -28.06 9.92
CA VAL B 334 17.42 -26.99 9.14
C VAL B 334 16.49 -25.79 9.14
N VAL B 335 17.07 -24.60 9.32
CA VAL B 335 16.31 -23.37 9.36
C VAL B 335 17.05 -22.32 8.55
N GLU B 336 16.31 -21.56 7.74
CA GLU B 336 16.87 -20.45 6.98
C GLU B 336 16.65 -19.17 7.77
N ALA B 337 17.71 -18.67 8.40
CA ALA B 337 17.62 -17.43 9.15
C ALA B 337 17.54 -16.24 8.20
N HIS B 338 17.26 -15.07 8.76
CA HIS B 338 17.19 -13.86 7.96
C HIS B 338 18.52 -13.54 7.32
N GLY B 339 19.60 -13.63 8.10
CA GLY B 339 20.94 -13.41 7.56
C GLY B 339 21.14 -12.07 6.90
N THR B 340 20.66 -11.00 7.54
CA THR B 340 20.75 -9.67 6.93
C THR B 340 22.20 -9.20 6.83
N GLY B 341 23.05 -9.64 7.74
CA GLY B 341 24.43 -9.20 7.77
C GLY B 341 24.69 -7.99 8.65
N THR B 342 23.66 -7.43 9.26
CA THR B 342 23.85 -6.31 10.18
C THR B 342 24.59 -6.77 11.42
N THR B 343 25.51 -5.94 11.90
CA THR B 343 26.24 -6.24 13.12
C THR B 343 25.34 -6.27 14.35
N LEU B 344 24.12 -5.77 14.25
CA LEU B 344 23.14 -5.79 15.33
C LEU B 344 22.11 -6.91 15.16
N GLY B 345 21.51 -7.01 13.98
CA GLY B 345 20.46 -7.99 13.77
C GLY B 345 20.96 -9.41 13.84
N ASP B 346 22.14 -9.68 13.26
CA ASP B 346 22.65 -11.04 13.24
C ASP B 346 22.90 -11.61 14.64
N PRO B 347 23.58 -10.91 15.57
CA PRO B 347 23.74 -11.47 16.91
C PRO B 347 22.41 -11.73 17.62
N ILE B 348 21.44 -10.83 17.46
CA ILE B 348 20.15 -11.03 18.13
C ILE B 348 19.44 -12.25 17.55
N GLU B 349 19.44 -12.38 16.23
CA GLU B 349 18.81 -13.54 15.61
C GLU B 349 19.50 -14.83 16.03
N ALA B 350 20.83 -14.82 16.09
CA ALA B 350 21.56 -16.00 16.51
C ALA B 350 21.24 -16.35 17.97
N GLN B 351 21.14 -15.35 18.83
CA GLN B 351 20.79 -15.60 20.22
C GLN B 351 19.41 -16.19 20.34
N ALA B 352 18.45 -15.66 19.57
CA ALA B 352 17.10 -16.22 19.58
C ALA B 352 17.11 -17.67 19.11
N LEU B 353 17.85 -17.95 18.04
CA LEU B 353 17.93 -19.32 17.54
C LEU B 353 18.54 -20.26 18.58
N LEU B 354 19.59 -19.81 19.26
CA LEU B 354 20.20 -20.62 20.30
C LEU B 354 19.23 -20.90 21.43
N ALA B 355 18.51 -19.86 21.88
CA ALA B 355 17.59 -20.02 22.99
C ALA B 355 16.37 -20.84 22.62
N THR B 356 16.00 -20.91 21.34
CA THR B 356 14.83 -21.65 20.93
C THR B 356 15.14 -23.04 20.40
N TYR B 357 16.40 -23.33 20.06
CA TYR B 357 16.75 -24.61 19.46
C TYR B 357 17.94 -25.29 20.12
N GLY B 358 18.86 -24.56 20.72
CA GLY B 358 20.04 -25.16 21.34
C GLY B 358 19.77 -25.95 22.59
N GLN B 359 18.51 -26.20 22.90
CA GLN B 359 18.10 -26.99 24.06
C GLN B 359 17.43 -28.26 23.55
N GLU B 360 17.83 -29.40 24.11
CA GLU B 360 17.22 -30.71 23.83
C GLU B 360 17.31 -31.05 22.33
N ARG B 361 18.54 -31.20 21.86
CA ARG B 361 18.73 -31.59 20.48
C ARG B 361 19.81 -32.68 20.42
N LYS B 362 19.47 -33.79 19.76
CA LYS B 362 20.42 -34.89 19.54
C LYS B 362 21.32 -34.66 18.33
N GLN B 363 21.01 -33.67 17.49
CA GLN B 363 21.80 -33.38 16.31
C GLN B 363 22.04 -31.88 16.23
N PRO B 364 23.22 -31.47 15.74
CA PRO B 364 23.47 -30.04 15.55
C PRO B 364 22.62 -29.48 14.42
N LEU B 365 22.29 -28.20 14.56
CA LEU B 365 21.45 -27.52 13.57
C LEU B 365 22.27 -27.12 12.35
N TRP B 366 21.59 -27.09 11.21
CA TRP B 366 22.16 -26.60 9.95
C TRP B 366 21.37 -25.38 9.52
N LEU B 367 22.07 -24.28 9.26
CA LEU B 367 21.40 -23.05 8.88
C LEU B 367 22.26 -22.30 7.88
N GLY B 368 21.60 -21.50 7.04
CA GLY B 368 22.27 -20.68 6.05
C GLY B 368 21.38 -19.52 5.67
N SER B 369 21.91 -18.69 4.78
CA SER B 369 21.17 -17.52 4.30
C SER B 369 21.27 -17.42 2.80
N LEU B 370 20.12 -17.21 2.15
CA LEU B 370 20.13 -16.94 0.72
C LEU B 370 20.81 -15.61 0.42
N LYS B 371 20.66 -14.63 1.31
CA LYS B 371 21.24 -13.31 1.09
C LYS B 371 22.76 -13.37 0.98
N SER B 372 23.39 -14.45 1.47
CA SER B 372 24.82 -14.62 1.27
C SER B 372 25.16 -14.77 -0.21
N ASN B 373 24.19 -15.17 -1.04
CA ASN B 373 24.41 -15.33 -2.47
C ASN B 373 23.86 -14.17 -3.28
N ILE B 374 22.65 -13.70 -2.96
CA ILE B 374 22.00 -12.66 -3.75
C ILE B 374 21.80 -11.37 -2.97
N GLY B 375 21.89 -11.39 -1.65
CA GLY B 375 21.64 -10.21 -0.87
C GLY B 375 20.16 -10.02 -0.58
N HIS B 376 19.88 -8.99 0.22
CA HIS B 376 18.50 -8.71 0.61
C HIS B 376 17.70 -8.24 -0.59
N ALA B 377 16.50 -8.81 -0.76
CA ALA B 377 15.61 -8.44 -1.85
C ALA B 377 14.33 -7.81 -1.33
N GLN B 378 14.35 -7.29 -0.11
CA GLN B 378 13.21 -6.59 0.52
C GLN B 378 12.03 -7.57 0.54
N ALA B 379 10.84 -7.14 0.12
CA ALA B 379 9.63 -7.95 0.31
C ALA B 379 9.75 -9.30 -0.38
N ALA B 380 10.25 -9.32 -1.62
CA ALA B 380 10.35 -10.56 -2.36
C ALA B 380 11.45 -11.47 -1.85
N ALA B 381 12.28 -11.01 -0.90
CA ALA B 381 13.39 -11.81 -0.43
C ALA B 381 12.90 -13.10 0.25
N GLY B 382 12.01 -12.95 1.23
CA GLY B 382 11.67 -14.08 2.08
C GLY B 382 11.09 -15.25 1.31
N VAL B 383 10.14 -14.97 0.42
CA VAL B 383 9.53 -16.04 -0.37
C VAL B 383 10.60 -16.77 -1.18
N ALA B 384 11.58 -16.02 -1.69
CA ALA B 384 12.68 -16.66 -2.41
C ALA B 384 13.33 -17.74 -1.57
N GLY B 385 13.59 -17.43 -0.30
CA GLY B 385 14.18 -18.43 0.58
C GLY B 385 13.36 -19.70 0.64
N VAL B 386 12.03 -19.55 0.71
CA VAL B 386 11.15 -20.71 0.74
C VAL B 386 11.44 -21.60 -0.46
N ILE B 387 11.54 -20.99 -1.65
CA ILE B 387 11.85 -21.77 -2.84
C ILE B 387 13.17 -22.50 -2.67
N LYS B 388 14.21 -21.78 -2.21
CA LYS B 388 15.51 -22.42 -2.07
C LYS B 388 15.48 -23.57 -1.08
N MET B 389 14.45 -23.64 -0.24
CA MET B 389 14.28 -24.83 0.60
C MET B 389 13.69 -25.98 -0.21
N VAL B 390 12.52 -25.75 -0.82
CA VAL B 390 11.78 -26.87 -1.40
C VAL B 390 12.59 -27.53 -2.51
N GLN B 391 13.18 -26.71 -3.39
CA GLN B 391 14.05 -27.26 -4.42
C GLN B 391 15.18 -28.07 -3.80
N ALA B 392 15.81 -27.52 -2.77
CA ALA B 392 16.81 -28.29 -2.03
C ALA B 392 16.18 -29.53 -1.42
N LEU B 393 15.00 -29.36 -0.80
CA LEU B 393 14.27 -30.51 -0.29
C LEU B 393 13.89 -31.46 -1.41
N ARG B 394 13.76 -30.96 -2.63
CA ARG B 394 13.53 -31.84 -3.78
C ARG B 394 14.76 -32.68 -4.07
N HIS B 395 15.95 -32.10 -3.93
CA HIS B 395 17.18 -32.77 -4.31
C HIS B 395 17.82 -33.54 -3.16
N GLU B 396 17.21 -33.52 -1.97
CA GLU B 396 17.74 -34.24 -0.81
C GLU B 396 19.18 -33.82 -0.51
N THR B 397 19.47 -32.54 -0.66
CA THR B 397 20.81 -32.02 -0.45
C THR B 397 20.73 -30.67 0.24
N LEU B 398 21.71 -30.39 1.09
CA LEU B 398 21.75 -29.13 1.82
C LEU B 398 22.70 -28.18 1.10
N PRO B 399 22.22 -27.09 0.51
CA PRO B 399 23.12 -26.17 -0.16
C PRO B 399 24.02 -25.47 0.83
N PRO B 400 25.23 -25.10 0.42
CA PRO B 400 26.15 -24.44 1.35
C PRO B 400 25.93 -22.94 1.44
N THR B 401 26.80 -22.25 2.17
CA THR B 401 26.72 -20.81 2.33
C THR B 401 28.08 -20.19 2.02
N LEU B 402 28.05 -18.97 1.47
CA LEU B 402 29.26 -18.29 1.04
C LEU B 402 29.70 -17.28 2.09
N HIS B 403 30.91 -16.76 1.89
CA HIS B 403 31.53 -15.76 2.77
C HIS B 403 31.66 -16.24 4.20
N VAL B 404 31.70 -17.55 4.42
CA VAL B 404 31.80 -18.10 5.78
C VAL B 404 33.29 -18.24 6.08
N ASP B 405 33.89 -17.14 6.50
CA ASP B 405 35.28 -17.18 6.93
C ASP B 405 35.41 -17.86 8.30
N LYS B 406 34.57 -17.46 9.24
CA LYS B 406 34.52 -18.01 10.58
C LYS B 406 33.28 -17.45 11.28
N PRO B 407 32.55 -18.27 12.04
CA PRO B 407 31.36 -17.75 12.73
C PRO B 407 31.73 -16.61 13.67
N THR B 408 30.86 -15.60 13.71
CA THR B 408 31.14 -14.41 14.50
C THR B 408 31.23 -14.74 15.98
N LEU B 409 32.12 -14.02 16.68
CA LEU B 409 32.39 -14.31 18.09
C LEU B 409 31.30 -13.80 19.02
N GLU B 410 30.36 -12.98 18.54
CA GLU B 410 29.30 -12.47 19.39
C GLU B 410 28.32 -13.56 19.83
N VAL B 411 28.39 -14.74 19.23
CA VAL B 411 27.45 -15.81 19.50
C VAL B 411 28.17 -16.90 20.27
N ASP B 412 27.60 -17.27 21.43
CA ASP B 412 28.14 -18.38 22.23
C ASP B 412 27.67 -19.68 21.59
N TRP B 413 28.40 -20.09 20.55
CA TRP B 413 28.02 -21.30 19.82
C TRP B 413 28.05 -22.54 20.70
N SER B 414 28.77 -22.51 21.81
CA SER B 414 28.74 -23.63 22.75
C SER B 414 27.42 -23.72 23.49
N ALA B 415 26.69 -22.61 23.62
CA ALA B 415 25.43 -22.61 24.36
C ALA B 415 24.32 -23.35 23.63
N GLY B 416 24.50 -23.70 22.37
CA GLY B 416 23.48 -24.41 21.63
C GLY B 416 24.08 -25.38 20.65
N ALA B 417 23.32 -26.43 20.33
CA ALA B 417 23.76 -27.44 19.36
C ALA B 417 23.43 -26.95 17.95
N ILE B 418 24.11 -25.88 17.57
CA ILE B 418 23.92 -25.24 16.27
C ILE B 418 25.27 -24.90 15.68
N GLU B 419 25.49 -25.27 14.42
CA GLU B 419 26.67 -24.84 13.69
C GLU B 419 26.25 -24.34 12.32
N LEU B 420 27.04 -23.41 11.78
CA LEU B 420 26.71 -22.82 10.49
C LEU B 420 26.92 -23.83 9.38
N LEU B 421 25.95 -23.90 8.47
CA LEU B 421 26.05 -24.78 7.30
C LEU B 421 26.84 -24.05 6.23
N THR B 422 28.13 -24.33 6.15
CA THR B 422 29.01 -23.68 5.18
C THR B 422 29.41 -24.56 4.02
N GLU B 423 29.23 -25.87 4.11
CA GLU B 423 29.63 -26.80 3.07
C GLU B 423 28.45 -27.67 2.68
N ALA B 424 28.30 -27.91 1.39
CA ALA B 424 27.16 -28.67 0.89
C ALA B 424 27.19 -30.10 1.42
N ARG B 425 26.02 -30.57 1.88
CA ARG B 425 25.90 -31.89 2.45
C ARG B 425 24.62 -32.54 1.98
N ALA B 426 24.64 -33.87 1.89
CA ALA B 426 23.46 -34.62 1.49
C ALA B 426 22.41 -34.60 2.59
N TRP B 427 21.14 -34.57 2.17
CA TRP B 427 20.00 -34.56 3.09
C TRP B 427 19.02 -35.64 2.64
N PRO B 428 19.42 -36.91 2.72
CA PRO B 428 18.63 -37.98 2.09
C PRO B 428 17.37 -38.31 2.88
N ARG B 429 16.41 -38.88 2.16
CA ARG B 429 15.22 -39.44 2.81
C ARG B 429 15.61 -40.63 3.66
N ASN B 430 15.01 -40.73 4.84
CA ASN B 430 15.39 -41.76 5.79
C ASN B 430 14.19 -42.41 6.48
N GLY B 431 12.97 -42.16 6.01
CA GLY B 431 11.79 -42.66 6.67
C GLY B 431 11.27 -41.79 7.79
N ARG B 432 12.08 -40.87 8.29
CA ARG B 432 11.64 -39.87 9.25
C ARG B 432 11.39 -38.56 8.53
N PRO B 433 10.20 -37.98 8.65
CA PRO B 433 9.87 -36.79 7.86
C PRO B 433 10.84 -35.65 8.12
N ARG B 434 11.20 -34.95 7.05
CA ARG B 434 12.13 -33.84 7.13
C ARG B 434 11.37 -32.52 7.20
N ARG B 435 11.89 -31.59 7.98
CA ARG B 435 11.23 -30.30 8.18
C ARG B 435 12.24 -29.18 8.06
N ALA B 436 11.76 -28.01 7.68
CA ALA B 436 12.60 -26.82 7.52
C ALA B 436 11.87 -25.62 8.11
N GLY B 437 12.66 -24.66 8.58
CA GLY B 437 12.12 -23.44 9.17
C GLY B 437 12.57 -22.22 8.39
N VAL B 438 11.67 -21.27 8.22
CA VAL B 438 11.95 -20.02 7.53
C VAL B 438 11.53 -18.87 8.42
N SER B 439 12.33 -17.81 8.45
CA SER B 439 12.02 -16.65 9.28
C SER B 439 12.21 -15.38 8.46
N SER B 440 11.47 -14.34 8.84
CA SER B 440 11.56 -13.06 8.16
C SER B 440 11.18 -11.95 9.15
N PHE B 441 12.05 -10.98 9.31
CA PHE B 441 11.86 -9.87 10.26
C PHE B 441 11.92 -8.56 9.48
N GLY B 442 10.75 -8.02 9.15
CA GLY B 442 10.72 -6.73 8.48
C GLY B 442 11.16 -5.60 9.37
N VAL B 443 11.64 -4.53 8.75
CA VAL B 443 12.12 -3.38 9.51
C VAL B 443 10.97 -2.69 10.24
N SER B 444 9.73 -2.86 9.76
CA SER B 444 8.59 -2.26 10.43
C SER B 444 8.37 -2.83 11.83
N GLY B 445 8.96 -3.98 12.13
CA GLY B 445 8.84 -4.57 13.45
C GLY B 445 8.20 -5.93 13.46
N THR B 446 7.28 -6.16 12.54
CA THR B 446 6.59 -7.44 12.48
C THR B 446 7.54 -8.55 12.08
N ASN B 447 7.25 -9.76 12.58
CA ASN B 447 8.07 -10.93 12.31
C ASN B 447 7.18 -12.08 11.91
N ALA B 448 7.72 -12.99 11.10
CA ALA B 448 6.97 -14.14 10.63
C ALA B 448 7.89 -15.35 10.55
N HIS B 449 7.31 -16.53 10.73
CA HIS B 449 8.05 -17.77 10.66
C HIS B 449 7.16 -18.85 10.06
N LEU B 450 7.76 -19.72 9.27
CA LEU B 450 7.05 -20.76 8.53
C LEU B 450 7.73 -22.10 8.73
N ILE B 451 6.92 -23.16 8.74
CA ILE B 451 7.39 -24.52 8.88
C ILE B 451 7.01 -25.28 7.62
N LEU B 452 8.02 -25.83 6.95
CA LEU B 452 7.84 -26.55 5.69
C LEU B 452 8.18 -28.02 5.90
N GLU B 453 7.44 -28.89 5.22
CA GLU B 453 7.63 -30.33 5.34
C GLU B 453 7.68 -30.95 3.95
N GLU B 454 8.46 -32.03 3.83
CA GLU B 454 8.63 -32.69 2.55
C GLU B 454 7.33 -33.30 2.07
N ALA B 455 7.20 -33.42 0.75
CA ALA B 455 6.01 -34.00 0.17
C ALA B 455 5.88 -35.45 0.61
N PRO B 456 4.66 -35.95 0.81
CA PRO B 456 4.50 -37.36 1.18
C PRO B 456 5.03 -38.28 0.11
N ALA B 457 5.57 -39.42 0.54
CA ALA B 457 6.13 -40.38 -0.39
C ALA B 457 5.06 -40.88 -1.36
N GLU B 458 5.42 -40.97 -2.63
CA GLU B 458 4.53 -41.43 -3.68
C GLU B 458 5.18 -42.55 -4.46
N GLU B 459 4.37 -43.47 -4.95
CA GLU B 459 4.86 -44.59 -5.75
C GLU B 459 5.04 -44.15 -7.19
N PRO B 460 6.22 -44.29 -7.78
CA PRO B 460 6.40 -43.91 -9.18
C PRO B 460 5.91 -45.02 -10.11
N VAL B 461 4.99 -44.66 -10.99
CA VAL B 461 4.39 -45.61 -11.94
C VAL B 461 5.23 -45.65 -13.19
N ALA B 462 5.24 -46.80 -13.85
CA ALA B 462 5.96 -47.00 -15.11
C ALA B 462 4.97 -47.31 -16.21
N ALA B 463 5.08 -46.59 -17.33
CA ALA B 463 4.18 -46.78 -18.45
C ALA B 463 4.97 -47.11 -19.72
N PRO B 464 4.47 -48.03 -20.54
CA PRO B 464 5.20 -48.37 -21.76
C PRO B 464 5.21 -47.22 -22.75
N GLU B 465 6.29 -47.16 -23.53
CA GLU B 465 6.38 -46.17 -24.58
C GLU B 465 5.46 -46.53 -25.74
N LEU B 466 5.19 -45.55 -26.60
CA LEU B 466 4.36 -45.80 -27.76
C LEU B 466 5.17 -45.55 -29.03
N PRO B 467 4.94 -46.34 -30.09
CA PRO B 467 5.78 -46.22 -31.30
C PRO B 467 5.94 -44.80 -31.83
N VAL B 468 4.84 -44.14 -32.18
CA VAL B 468 4.90 -42.79 -32.75
C VAL B 468 3.81 -41.95 -32.12
N VAL B 469 4.18 -40.78 -31.61
CA VAL B 469 3.25 -39.91 -30.91
C VAL B 469 3.32 -38.50 -31.49
N PRO B 470 2.26 -37.71 -31.36
CA PRO B 470 2.32 -36.32 -31.79
C PRO B 470 2.84 -35.40 -30.70
N LEU B 471 3.38 -34.27 -31.14
CA LEU B 471 3.86 -33.21 -30.26
C LEU B 471 3.20 -31.92 -30.73
N VAL B 472 2.53 -31.24 -29.80
CA VAL B 472 1.79 -30.02 -30.12
C VAL B 472 2.30 -28.88 -29.24
N VAL B 473 2.41 -27.70 -29.84
CA VAL B 473 2.79 -26.49 -29.12
C VAL B 473 1.86 -25.38 -29.55
N SER B 474 1.50 -24.51 -28.59
CA SER B 474 0.60 -23.41 -28.83
C SER B 474 1.15 -22.13 -28.21
N ALA B 475 0.90 -21.02 -28.87
CA ALA B 475 1.40 -19.72 -28.44
C ALA B 475 0.61 -18.63 -29.15
N ARG B 476 0.78 -17.39 -28.69
CA ARG B 476 0.09 -16.24 -29.26
C ARG B 476 0.85 -15.60 -30.41
N SER B 477 2.15 -15.88 -30.55
CA SER B 477 2.96 -15.26 -31.58
C SER B 477 3.82 -16.31 -32.28
N THR B 478 4.06 -16.09 -33.56
CA THR B 478 4.89 -17.02 -34.33
C THR B 478 6.30 -17.08 -33.79
N GLU B 479 6.88 -15.93 -33.45
CA GLU B 479 8.21 -15.89 -32.85
C GLU B 479 8.21 -16.57 -31.49
N SER B 480 7.14 -16.35 -30.70
CA SER B 480 7.01 -17.06 -29.44
C SER B 480 6.90 -18.56 -29.68
N LEU B 481 6.21 -18.96 -30.74
CA LEU B 481 6.11 -20.38 -31.08
C LEU B 481 7.48 -20.96 -31.42
N SER B 482 8.28 -20.21 -32.17
CA SER B 482 9.62 -20.67 -32.51
C SER B 482 10.50 -20.79 -31.27
N GLY B 483 10.41 -19.81 -30.37
CA GLY B 483 11.15 -19.91 -29.12
C GLY B 483 10.72 -21.10 -28.29
N GLN B 484 9.41 -21.35 -28.23
CA GLN B 484 8.90 -22.55 -27.59
C GLN B 484 9.56 -23.79 -28.17
N ALA B 485 9.39 -23.98 -29.49
CA ALA B 485 9.93 -25.15 -30.17
C ALA B 485 11.41 -25.33 -29.87
N GLU B 486 12.16 -24.24 -29.86
CA GLU B 486 13.58 -24.31 -29.49
C GLU B 486 13.74 -24.83 -28.08
N ARG B 487 12.90 -24.35 -27.15
CA ARG B 487 13.05 -24.77 -25.75
C ARG B 487 12.72 -26.26 -25.57
N LEU B 488 11.64 -26.74 -26.19
CA LEU B 488 11.34 -28.16 -26.06
C LEU B 488 12.40 -29.01 -26.77
N ALA B 489 12.96 -28.51 -27.88
CA ALA B 489 14.05 -29.23 -28.52
C ALA B 489 15.25 -29.34 -27.59
N SER B 490 15.59 -28.23 -26.92
CA SER B 490 16.70 -28.24 -25.97
C SER B 490 16.44 -29.22 -24.83
N LEU B 491 15.21 -29.25 -24.32
CA LEU B 491 14.87 -30.22 -23.28
C LEU B 491 15.00 -31.64 -23.80
N LEU B 492 14.53 -31.89 -25.02
CA LEU B 492 14.59 -33.21 -25.61
C LEU B 492 16.01 -33.64 -25.94
N GLU B 493 16.96 -32.71 -26.00
CA GLU B 493 18.37 -33.11 -26.11
C GLU B 493 18.77 -34.03 -24.97
N GLY B 494 18.17 -33.86 -23.79
CA GLY B 494 18.42 -34.72 -22.67
C GLY B 494 17.65 -36.03 -22.77
N ASP B 495 17.74 -36.81 -21.70
CA ASP B 495 17.09 -38.12 -21.65
C ASP B 495 15.72 -38.00 -21.01
N VAL B 496 14.68 -38.33 -21.77
CA VAL B 496 13.31 -38.31 -21.28
C VAL B 496 12.42 -39.07 -22.26
N SER B 497 11.42 -39.77 -21.74
CA SER B 497 10.51 -40.51 -22.60
C SER B 497 9.68 -39.56 -23.46
N LEU B 498 9.53 -39.90 -24.73
CA LEU B 498 8.72 -39.08 -25.62
C LEU B 498 7.24 -39.10 -25.21
N THR B 499 6.74 -40.27 -24.83
CA THR B 499 5.33 -40.41 -24.53
C THR B 499 4.92 -39.54 -23.34
N GLU B 500 5.73 -39.57 -22.27
CA GLU B 500 5.38 -38.77 -21.10
C GLU B 500 5.43 -37.29 -21.42
N VAL B 501 6.39 -36.85 -22.23
CA VAL B 501 6.47 -35.44 -22.60
C VAL B 501 5.25 -35.04 -23.40
N ALA B 502 4.86 -35.88 -24.37
CA ALA B 502 3.68 -35.58 -25.18
C ALA B 502 2.43 -35.48 -24.32
N GLY B 503 2.26 -36.44 -23.41
CA GLY B 503 1.11 -36.39 -22.53
C GLY B 503 1.08 -35.15 -21.66
N ALA B 504 2.25 -34.78 -21.12
CA ALA B 504 2.32 -33.59 -20.27
C ALA B 504 1.97 -32.34 -21.06
N LEU B 505 2.50 -32.20 -22.27
CA LEU B 505 2.23 -31.00 -23.04
C LEU B 505 0.82 -30.96 -23.61
N VAL B 506 0.16 -32.11 -23.77
CA VAL B 506 -1.19 -32.08 -24.30
C VAL B 506 -2.23 -31.95 -23.18
N SER B 507 -1.93 -32.42 -21.98
CA SER B 507 -2.92 -32.42 -20.91
C SER B 507 -2.78 -31.24 -19.97
N ARG B 508 -1.58 -30.71 -19.78
CA ARG B 508 -1.31 -29.67 -18.81
C ARG B 508 -0.89 -28.36 -19.47
N ARG B 509 -1.52 -28.03 -20.60
CA ARG B 509 -1.22 -26.80 -21.32
C ARG B 509 -2.51 -26.23 -21.88
N ALA B 510 -2.40 -25.01 -22.41
CA ALA B 510 -3.54 -24.32 -23.00
C ALA B 510 -3.53 -24.51 -24.51
N VAL B 511 -4.51 -23.90 -25.17
CA VAL B 511 -4.64 -23.94 -26.62
C VAL B 511 -4.70 -22.50 -27.13
N LEU B 512 -3.78 -22.14 -28.01
CA LEU B 512 -3.71 -20.79 -28.56
C LEU B 512 -3.84 -20.85 -30.07
N ASP B 513 -3.97 -19.66 -30.68
CA ASP B 513 -4.14 -19.58 -32.12
C ASP B 513 -2.91 -20.10 -32.86
N GLU B 514 -1.71 -19.71 -32.41
CA GLU B 514 -0.48 -20.14 -33.06
C GLU B 514 -0.21 -21.58 -32.66
N ARG B 515 -0.41 -22.51 -33.59
CA ARG B 515 -0.29 -23.93 -33.30
C ARG B 515 0.80 -24.54 -34.16
N ALA B 516 1.43 -25.58 -33.62
CA ALA B 516 2.41 -26.35 -34.39
C ALA B 516 2.37 -27.79 -33.91
N VAL B 517 2.40 -28.73 -34.86
CA VAL B 517 2.33 -30.15 -34.55
C VAL B 517 3.44 -30.87 -35.30
N VAL B 518 3.85 -32.01 -34.74
CA VAL B 518 4.86 -32.85 -35.38
C VAL B 518 4.74 -34.28 -34.87
N VAL B 519 4.72 -35.24 -35.77
CA VAL B 519 4.65 -36.65 -35.40
C VAL B 519 6.07 -37.18 -35.29
N ALA B 520 6.38 -37.87 -34.19
CA ALA B 520 7.72 -38.34 -33.94
C ALA B 520 7.70 -39.79 -33.47
N GLY B 521 8.80 -40.48 -33.70
CA GLY B 521 8.96 -41.84 -33.22
C GLY B 521 10.20 -42.00 -32.37
N SER B 522 11.15 -41.08 -32.52
CA SER B 522 12.40 -41.11 -31.77
C SER B 522 12.72 -39.72 -31.25
N ARG B 523 13.50 -39.69 -30.17
CA ARG B 523 13.86 -38.42 -29.55
C ARG B 523 14.69 -37.56 -30.50
N GLU B 524 15.70 -38.15 -31.14
CA GLU B 524 16.53 -37.41 -32.08
C GLU B 524 15.73 -36.96 -33.29
N GLU B 525 14.85 -37.83 -33.80
CA GLU B 525 13.98 -37.43 -34.89
C GLU B 525 13.05 -36.29 -34.47
N ALA B 526 12.54 -36.35 -33.25
CA ALA B 526 11.70 -35.27 -32.74
C ALA B 526 12.47 -33.96 -32.67
N VAL B 527 13.72 -34.01 -32.21
CA VAL B 527 14.54 -32.81 -32.15
C VAL B 527 14.78 -32.24 -33.54
N THR B 528 15.10 -33.12 -34.50
CA THR B 528 15.33 -32.68 -35.86
C THR B 528 14.08 -32.03 -36.43
N GLY B 529 12.91 -32.63 -36.20
CA GLY B 529 11.68 -32.03 -36.68
C GLY B 529 11.39 -30.69 -36.04
N LEU B 530 11.61 -30.60 -34.72
CA LEU B 530 11.35 -29.35 -34.01
C LEU B 530 12.23 -28.23 -34.55
N ARG B 531 13.52 -28.50 -34.72
CA ARG B 531 14.41 -27.48 -35.24
C ARG B 531 14.09 -27.15 -36.70
N ALA B 532 13.71 -28.15 -37.48
CA ALA B 532 13.42 -27.92 -38.89
C ALA B 532 12.07 -27.26 -39.12
N LEU B 533 11.09 -27.56 -38.26
CA LEU B 533 9.74 -27.03 -38.48
C LEU B 533 9.71 -25.52 -38.23
N ASN B 534 9.27 -24.78 -39.23
CA ASN B 534 9.11 -23.34 -39.11
C ASN B 534 7.79 -22.85 -39.69
N THR B 535 6.92 -23.75 -40.13
CA THR B 535 5.64 -23.38 -40.73
C THR B 535 4.55 -23.51 -39.68
N ALA B 536 3.85 -22.40 -39.42
CA ALA B 536 2.80 -22.35 -38.42
C ALA B 536 1.51 -21.87 -39.05
N GLY B 537 0.41 -22.51 -38.71
CA GLY B 537 -0.89 -22.12 -39.25
C GLY B 537 -1.78 -21.42 -38.26
N SER B 538 -1.89 -20.10 -38.38
CA SER B 538 -2.84 -19.32 -37.59
C SER B 538 -4.15 -19.12 -38.35
N GLY B 539 -4.76 -20.21 -38.81
CA GLY B 539 -5.94 -20.10 -39.64
C GLY B 539 -7.20 -19.88 -38.84
N THR B 540 -8.04 -18.97 -39.34
CA THR B 540 -9.35 -18.75 -38.74
C THR B 540 -10.31 -19.84 -39.19
N PRO B 541 -10.97 -20.55 -38.28
CA PRO B 541 -11.83 -21.65 -38.68
C PRO B 541 -13.07 -21.17 -39.41
N GLY B 542 -13.59 -22.03 -40.28
CA GLY B 542 -14.81 -21.76 -41.02
C GLY B 542 -15.81 -22.88 -40.80
N LYS B 543 -16.50 -23.24 -41.87
CA LYS B 543 -17.45 -24.35 -41.86
C LYS B 543 -16.81 -25.54 -42.55
N VAL B 544 -16.80 -26.68 -41.88
CA VAL B 544 -16.06 -27.85 -42.35
C VAL B 544 -16.96 -28.71 -43.22
N VAL B 545 -16.37 -29.32 -44.24
CA VAL B 545 -17.09 -30.18 -45.17
C VAL B 545 -16.33 -31.48 -45.30
N TRP B 546 -17.02 -32.60 -45.05
CA TRP B 546 -16.46 -33.91 -45.28
C TRP B 546 -16.78 -34.33 -46.71
N VAL B 547 -15.77 -34.81 -47.43
CA VAL B 547 -15.88 -35.16 -48.84
C VAL B 547 -15.53 -36.64 -48.98
N PHE B 548 -16.41 -37.38 -49.65
CA PHE B 548 -16.23 -38.81 -49.84
C PHE B 548 -16.01 -39.11 -51.31
N PRO B 549 -14.77 -39.38 -51.74
CA PRO B 549 -14.53 -39.68 -53.16
C PRO B 549 -14.90 -41.11 -53.51
N GLY B 550 -14.61 -41.53 -54.73
CA GLY B 550 -14.92 -42.87 -55.17
C GLY B 550 -13.70 -43.73 -55.41
N GLN B 551 -13.39 -43.98 -56.68
CA GLN B 551 -12.31 -44.87 -57.05
C GLN B 551 -10.97 -44.13 -57.01
N GLY B 552 -9.89 -44.87 -57.27
CA GLY B 552 -8.56 -44.31 -57.28
C GLY B 552 -7.88 -44.24 -55.94
N THR B 553 -8.57 -44.60 -54.86
CA THR B 553 -8.00 -44.55 -53.52
C THR B 553 -7.63 -45.93 -52.99
N GLN B 554 -7.61 -46.95 -53.86
CA GLN B 554 -7.33 -48.32 -53.45
C GLN B 554 -5.97 -48.75 -53.97
N TRP B 555 -5.28 -49.55 -53.17
CA TRP B 555 -3.95 -50.06 -53.53
C TRP B 555 -3.72 -51.34 -52.75
N ALA B 556 -2.47 -51.81 -52.72
CA ALA B 556 -2.14 -53.04 -52.03
C ALA B 556 -1.99 -52.78 -50.54
N GLY B 557 -2.68 -53.59 -49.74
CA GLY B 557 -2.62 -53.42 -48.30
C GLY B 557 -3.29 -52.14 -47.84
N MET B 558 -4.61 -52.08 -47.92
CA MET B 558 -5.35 -50.88 -47.55
C MET B 558 -5.04 -50.46 -46.12
N GLY B 559 -5.40 -51.29 -45.15
CA GLY B 559 -5.21 -50.95 -43.76
C GLY B 559 -4.64 -52.06 -42.91
N ARG B 560 -3.72 -52.86 -43.48
CA ARG B 560 -3.15 -53.97 -42.71
C ARG B 560 -2.49 -53.49 -41.43
N GLU B 561 -1.66 -52.45 -41.54
CA GLU B 561 -1.09 -51.84 -40.35
C GLU B 561 -2.11 -50.96 -39.64
N LEU B 562 -2.97 -50.27 -40.41
CA LEU B 562 -3.94 -49.36 -39.83
C LEU B 562 -4.90 -50.11 -38.91
N LEU B 563 -5.38 -51.27 -39.37
CA LEU B 563 -6.22 -52.11 -38.52
C LEU B 563 -5.47 -52.62 -37.30
N ALA B 564 -4.15 -52.65 -37.35
CA ALA B 564 -3.37 -53.13 -36.22
C ALA B 564 -3.23 -52.07 -35.13
N GLU B 565 -2.65 -50.92 -35.46
CA GLU B 565 -2.42 -49.90 -34.45
C GLU B 565 -3.73 -49.32 -33.93
N SER B 566 -4.72 -49.13 -34.80
CA SER B 566 -5.97 -48.50 -34.41
C SER B 566 -6.93 -49.56 -33.90
N PRO B 567 -7.28 -49.56 -32.61
CA PRO B 567 -8.23 -50.56 -32.12
C PRO B 567 -9.68 -50.22 -32.47
N VAL B 568 -10.01 -48.94 -32.40
CA VAL B 568 -11.37 -48.50 -32.71
C VAL B 568 -11.70 -48.76 -34.17
N PHE B 569 -10.75 -48.44 -35.06
CA PHE B 569 -10.97 -48.70 -36.48
C PHE B 569 -11.12 -50.18 -36.75
N ALA B 570 -10.30 -51.00 -36.09
CA ALA B 570 -10.42 -52.45 -36.26
C ALA B 570 -11.77 -52.95 -35.79
N GLU B 571 -12.25 -52.44 -34.66
CA GLU B 571 -13.58 -52.83 -34.17
C GLU B 571 -14.67 -52.43 -35.16
N ARG B 572 -14.57 -51.20 -35.70
CA ARG B 572 -15.57 -50.75 -36.66
C ARG B 572 -15.55 -51.61 -37.92
N ILE B 573 -14.35 -51.98 -38.38
CA ILE B 573 -14.23 -52.84 -39.55
C ILE B 573 -14.86 -54.19 -39.28
N ALA B 574 -14.60 -54.75 -38.10
CA ALA B 574 -15.21 -56.04 -37.75
C ALA B 574 -16.73 -55.92 -37.72
N GLU B 575 -17.24 -54.83 -37.14
CA GLU B 575 -18.68 -54.64 -37.05
C GLU B 575 -19.31 -54.56 -38.44
N CYS B 576 -18.73 -53.77 -39.34
CA CYS B 576 -19.32 -53.63 -40.66
C CYS B 576 -19.16 -54.91 -41.49
N ALA B 577 -18.06 -55.65 -41.29
CA ALA B 577 -17.91 -56.93 -41.94
C ALA B 577 -18.99 -57.91 -41.48
N ALA B 578 -19.27 -57.93 -40.18
CA ALA B 578 -20.36 -58.76 -39.67
C ALA B 578 -21.69 -58.32 -40.25
N ALA B 579 -21.89 -57.01 -40.36
CA ALA B 579 -23.15 -56.49 -40.92
C ALA B 579 -23.34 -56.93 -42.36
N LEU B 580 -22.28 -56.87 -43.16
CA LEU B 580 -22.36 -57.24 -44.57
C LEU B 580 -22.16 -58.73 -44.82
N ALA B 581 -21.87 -59.51 -43.79
CA ALA B 581 -21.71 -60.96 -43.95
C ALA B 581 -22.85 -61.64 -44.69
N PRO B 582 -24.14 -61.34 -44.44
CA PRO B 582 -25.21 -62.04 -45.17
C PRO B 582 -25.17 -61.84 -46.68
N TRP B 583 -24.25 -61.02 -47.18
CA TRP B 583 -24.19 -60.73 -48.60
C TRP B 583 -22.78 -60.77 -49.20
N ILE B 584 -21.74 -60.86 -48.39
CA ILE B 584 -20.40 -61.02 -48.93
C ILE B 584 -20.10 -62.49 -49.16
N ASP B 585 -19.05 -62.76 -49.93
CA ASP B 585 -18.54 -64.11 -50.12
C ASP B 585 -17.03 -64.12 -50.04
N TRP B 586 -16.47 -63.39 -49.08
CA TRP B 586 -15.02 -63.35 -48.86
C TRP B 586 -14.78 -62.77 -47.48
N SER B 587 -13.50 -62.53 -47.17
CA SER B 587 -13.09 -61.99 -45.87
C SER B 587 -12.64 -60.54 -46.06
N LEU B 588 -13.30 -59.62 -45.37
CA LEU B 588 -12.95 -58.20 -45.49
C LEU B 588 -11.56 -57.93 -44.94
N VAL B 589 -11.22 -58.52 -43.80
CA VAL B 589 -9.93 -58.25 -43.17
C VAL B 589 -8.79 -58.67 -44.09
N ASP B 590 -8.90 -59.84 -44.70
CA ASP B 590 -7.84 -60.33 -45.58
C ASP B 590 -7.65 -59.41 -46.78
N VAL B 591 -8.74 -59.01 -47.41
CA VAL B 591 -8.62 -58.21 -48.62
C VAL B 591 -8.13 -56.80 -48.30
N LEU B 592 -8.58 -56.21 -47.20
CA LEU B 592 -8.07 -54.90 -46.84
C LEU B 592 -6.60 -54.98 -46.43
N ARG B 593 -6.19 -56.08 -45.83
CA ARG B 593 -4.78 -56.29 -45.55
C ARG B 593 -3.95 -56.45 -46.82
N GLY B 594 -4.60 -56.69 -47.96
CA GLY B 594 -3.91 -56.75 -49.23
C GLY B 594 -3.61 -58.15 -49.71
N GLU B 595 -4.58 -59.06 -49.54
CA GLU B 595 -4.42 -60.44 -49.99
C GLU B 595 -5.63 -60.95 -50.76
N GLY B 596 -6.41 -60.04 -51.36
CA GLY B 596 -7.53 -60.43 -52.18
C GLY B 596 -7.37 -59.98 -53.61
N ASP B 597 -8.45 -60.06 -54.39
CA ASP B 597 -8.43 -59.61 -55.78
C ASP B 597 -8.71 -58.10 -55.79
N LEU B 598 -7.65 -57.31 -55.97
CA LEU B 598 -7.80 -55.86 -55.97
C LEU B 598 -8.58 -55.35 -57.17
N GLY B 599 -8.68 -56.14 -58.23
CA GLY B 599 -9.43 -55.74 -59.41
C GLY B 599 -10.85 -56.27 -59.40
N ARG B 600 -11.33 -56.70 -58.24
CA ARG B 600 -12.64 -57.30 -58.11
C ARG B 600 -13.60 -56.20 -57.64
N VAL B 601 -14.41 -55.69 -58.57
CA VAL B 601 -15.18 -54.48 -58.32
C VAL B 601 -16.20 -54.71 -57.20
N ASP B 602 -16.96 -55.81 -57.28
CA ASP B 602 -17.98 -56.09 -56.29
C ASP B 602 -17.40 -56.42 -54.93
N VAL B 603 -16.09 -56.59 -54.83
CA VAL B 603 -15.42 -56.73 -53.55
C VAL B 603 -14.76 -55.43 -53.13
N LEU B 604 -14.02 -54.79 -54.03
CA LEU B 604 -13.30 -53.58 -53.65
C LEU B 604 -14.25 -52.45 -53.28
N GLN B 605 -15.32 -52.27 -54.05
CA GLN B 605 -16.24 -51.17 -53.74
C GLN B 605 -16.87 -51.30 -52.37
N PRO B 606 -17.43 -52.45 -51.95
CA PRO B 606 -17.83 -52.58 -50.55
C PRO B 606 -16.67 -52.46 -49.59
N ALA B 607 -15.50 -52.99 -49.96
CA ALA B 607 -14.32 -52.81 -49.12
C ALA B 607 -13.95 -51.34 -49.01
N CYS B 608 -13.99 -50.62 -50.12
CA CYS B 608 -13.76 -49.19 -50.07
C CYS B 608 -14.75 -48.52 -49.12
N PHE B 609 -16.04 -48.83 -49.27
CA PHE B 609 -17.06 -48.24 -48.41
C PHE B 609 -16.76 -48.52 -46.94
N ALA B 610 -16.32 -49.74 -46.63
CA ALA B 610 -15.94 -50.07 -45.26
C ALA B 610 -14.77 -49.20 -44.80
N VAL B 611 -13.81 -48.96 -45.69
CA VAL B 611 -12.67 -48.12 -45.33
C VAL B 611 -13.13 -46.70 -44.99
N MET B 612 -14.00 -46.14 -45.81
CA MET B 612 -14.52 -44.80 -45.51
C MET B 612 -15.31 -44.79 -44.22
N VAL B 613 -16.09 -45.84 -43.95
CA VAL B 613 -16.85 -45.90 -42.71
C VAL B 613 -15.90 -45.91 -41.51
N GLY B 614 -14.84 -46.72 -41.59
CA GLY B 614 -13.88 -46.76 -40.51
C GLY B 614 -13.17 -45.43 -40.32
N LEU B 615 -12.82 -44.76 -41.41
CA LEU B 615 -12.18 -43.46 -41.30
C LEU B 615 -13.12 -42.43 -40.67
N ALA B 616 -14.40 -42.49 -41.03
CA ALA B 616 -15.38 -41.59 -40.42
C ALA B 616 -15.50 -41.86 -38.92
N ALA B 617 -15.49 -43.14 -38.53
CA ALA B 617 -15.52 -43.46 -37.11
C ALA B 617 -14.28 -42.94 -36.41
N VAL B 618 -13.12 -43.04 -37.06
CA VAL B 618 -11.89 -42.50 -36.48
C VAL B 618 -12.00 -41.00 -36.29
N TRP B 619 -12.51 -40.30 -37.30
CA TRP B 619 -12.70 -38.86 -37.18
C TRP B 619 -13.66 -38.52 -36.05
N GLU B 620 -14.67 -39.36 -35.86
CA GLU B 620 -15.56 -39.19 -34.71
C GLU B 620 -14.79 -39.35 -33.41
N SER B 621 -13.86 -40.31 -33.37
CA SER B 621 -13.08 -40.55 -32.16
C SER B 621 -12.26 -39.33 -31.77
N VAL B 622 -11.85 -38.53 -32.73
CA VAL B 622 -11.06 -37.33 -32.46
C VAL B 622 -11.94 -36.08 -32.42
N GLY B 623 -13.24 -36.25 -32.24
CA GLY B 623 -14.12 -35.13 -31.99
C GLY B 623 -14.24 -34.12 -33.12
N VAL B 624 -14.43 -34.61 -34.35
CA VAL B 624 -14.62 -33.75 -35.51
C VAL B 624 -16.09 -33.83 -35.91
N ARG B 625 -16.76 -32.68 -35.93
CA ARG B 625 -18.17 -32.63 -36.29
C ARG B 625 -18.31 -32.06 -37.69
N PRO B 626 -18.74 -32.84 -38.68
CA PRO B 626 -18.88 -32.31 -40.05
C PRO B 626 -20.03 -31.33 -40.13
N ASP B 627 -19.70 -30.07 -40.43
CA ASP B 627 -20.76 -29.08 -40.68
C ASP B 627 -21.56 -29.45 -41.91
N ALA B 628 -20.88 -29.92 -42.96
CA ALA B 628 -21.55 -30.40 -44.15
C ALA B 628 -20.91 -31.72 -44.58
N VAL B 629 -21.69 -32.55 -45.26
CA VAL B 629 -21.26 -33.86 -45.72
C VAL B 629 -21.64 -34.01 -47.19
N VAL B 630 -20.70 -34.50 -48.00
CA VAL B 630 -20.95 -34.70 -49.42
C VAL B 630 -20.07 -35.84 -49.90
N GLY B 631 -20.58 -36.59 -50.88
CA GLY B 631 -19.85 -37.69 -51.48
C GLY B 631 -19.61 -37.47 -52.97
N HIS B 632 -18.98 -38.48 -53.57
CA HIS B 632 -18.71 -38.48 -55.01
C HIS B 632 -19.02 -39.86 -55.55
N SER B 633 -20.07 -39.95 -56.36
CA SER B 633 -20.54 -41.22 -56.91
C SER B 633 -20.73 -42.25 -55.82
N GLN B 634 -19.91 -43.30 -55.82
CA GLN B 634 -20.04 -44.35 -54.82
C GLN B 634 -19.86 -43.80 -53.41
N GLY B 635 -18.92 -42.86 -53.24
CA GLY B 635 -18.73 -42.24 -51.95
C GLY B 635 -19.97 -41.59 -51.39
N GLU B 636 -20.87 -41.14 -52.29
CA GLU B 636 -22.13 -40.56 -51.84
C GLU B 636 -22.88 -41.53 -50.93
N ILE B 637 -22.84 -42.82 -51.26
CA ILE B 637 -23.47 -43.82 -50.40
C ILE B 637 -22.93 -43.73 -48.99
N ALA B 638 -21.60 -43.64 -48.86
CA ALA B 638 -20.99 -43.49 -47.54
C ALA B 638 -21.56 -42.30 -46.81
N ALA B 639 -21.82 -41.20 -47.55
CA ALA B 639 -22.41 -40.02 -46.92
C ALA B 639 -23.74 -40.37 -46.26
N ALA B 640 -24.59 -41.13 -46.95
CA ALA B 640 -25.85 -41.54 -46.36
C ALA B 640 -25.63 -42.35 -45.09
N CYS B 641 -24.55 -43.13 -45.06
CA CYS B 641 -24.24 -43.88 -43.85
C CYS B 641 -23.80 -42.95 -42.73
N VAL B 642 -23.08 -41.90 -43.06
CA VAL B 642 -22.48 -41.03 -42.03
C VAL B 642 -23.42 -39.90 -41.65
N SER B 643 -24.05 -39.26 -42.63
CA SER B 643 -24.90 -38.10 -42.38
C SER B 643 -26.15 -38.43 -41.57
N GLY B 644 -26.38 -39.69 -41.25
CA GLY B 644 -27.55 -40.07 -40.48
C GLY B 644 -28.83 -40.21 -41.27
N ALA B 645 -28.76 -40.06 -42.59
CA ALA B 645 -29.94 -40.22 -43.43
C ALA B 645 -30.30 -41.68 -43.67
N LEU B 646 -29.44 -42.61 -43.29
CA LEU B 646 -29.71 -44.03 -43.48
C LEU B 646 -29.02 -44.81 -42.37
N SER B 647 -29.52 -46.02 -42.13
CA SER B 647 -28.88 -46.92 -41.19
C SER B 647 -27.61 -47.50 -41.80
N LEU B 648 -26.70 -47.94 -40.93
CA LEU B 648 -25.48 -48.57 -41.41
C LEU B 648 -25.78 -49.83 -42.20
N GLU B 649 -26.68 -50.67 -41.68
CA GLU B 649 -27.02 -51.91 -42.36
C GLU B 649 -27.69 -51.63 -43.70
N ASP B 650 -28.60 -50.66 -43.73
CA ASP B 650 -29.28 -50.34 -44.98
C ASP B 650 -28.30 -49.84 -46.04
N ALA B 651 -27.40 -48.93 -45.66
CA ALA B 651 -26.42 -48.42 -46.61
C ALA B 651 -25.48 -49.52 -47.08
N ALA B 652 -25.04 -50.37 -46.17
CA ALA B 652 -24.16 -51.48 -46.55
C ALA B 652 -24.87 -52.42 -47.53
N LYS B 653 -26.13 -52.75 -47.25
CA LYS B 653 -26.90 -53.58 -48.16
C LYS B 653 -27.04 -52.92 -49.52
N VAL B 654 -27.32 -51.63 -49.54
CA VAL B 654 -27.54 -50.92 -50.81
C VAL B 654 -26.26 -50.93 -51.64
N VAL B 655 -25.13 -50.61 -51.01
CA VAL B 655 -23.88 -50.57 -51.77
C VAL B 655 -23.47 -51.97 -52.21
N ALA B 656 -23.75 -52.98 -51.38
CA ALA B 656 -23.42 -54.35 -51.76
C ALA B 656 -24.22 -54.78 -52.98
N LEU B 657 -25.51 -54.50 -53.00
CA LEU B 657 -26.33 -54.88 -54.15
C LEU B 657 -25.96 -54.08 -55.39
N ARG B 658 -25.62 -52.80 -55.20
CA ARG B 658 -25.20 -51.99 -56.33
C ARG B 658 -23.91 -52.54 -56.95
N SER B 659 -22.94 -52.90 -56.11
CA SER B 659 -21.72 -53.51 -56.60
C SER B 659 -22.01 -54.84 -57.29
N GLN B 660 -22.91 -55.63 -56.72
CA GLN B 660 -23.31 -56.89 -57.34
C GLN B 660 -23.85 -56.64 -58.75
N ALA B 661 -24.75 -55.68 -58.89
CA ALA B 661 -25.37 -55.42 -60.20
C ALA B 661 -24.34 -54.93 -61.20
N ILE B 662 -23.51 -53.95 -60.80
CA ILE B 662 -22.57 -53.37 -61.75
C ILE B 662 -21.54 -54.41 -62.18
N ALA B 663 -21.10 -55.25 -61.24
CA ALA B 663 -20.19 -56.33 -61.61
C ALA B 663 -20.86 -57.33 -62.53
N ALA B 664 -22.13 -57.66 -62.27
CA ALA B 664 -22.82 -58.67 -63.06
C ALA B 664 -23.03 -58.22 -64.49
N GLU B 665 -23.30 -56.93 -64.69
CA GLU B 665 -23.72 -56.47 -66.01
C GLU B 665 -22.73 -55.53 -66.69
N LEU B 666 -22.31 -54.46 -66.01
CA LEU B 666 -21.59 -53.39 -66.69
C LEU B 666 -20.17 -53.75 -67.07
N SER B 667 -19.66 -54.91 -66.64
CA SER B 667 -18.25 -55.23 -66.84
C SER B 667 -17.86 -55.24 -68.31
N GLY B 668 -16.70 -54.65 -68.61
CA GLY B 668 -16.14 -54.69 -69.95
C GLY B 668 -16.97 -53.99 -71.00
N ARG B 669 -17.51 -52.81 -70.68
CA ARG B 669 -18.40 -52.14 -71.63
C ARG B 669 -18.19 -50.63 -71.69
N GLY B 670 -16.97 -50.15 -71.39
CA GLY B 670 -16.71 -48.73 -71.47
C GLY B 670 -15.48 -48.36 -70.65
N GLY B 671 -15.39 -47.08 -70.30
CA GLY B 671 -14.28 -46.62 -69.51
C GLY B 671 -14.27 -45.13 -69.21
N MET B 672 -13.82 -44.76 -68.01
CA MET B 672 -13.61 -43.37 -67.67
C MET B 672 -12.31 -42.84 -68.25
N ALA B 673 -12.23 -41.52 -68.35
CA ALA B 673 -11.03 -40.83 -68.80
C ALA B 673 -11.02 -39.42 -68.23
N SER B 674 -9.88 -39.00 -67.71
CA SER B 674 -9.73 -37.67 -67.13
C SER B 674 -9.19 -36.72 -68.18
N VAL B 675 -9.82 -35.55 -68.31
CA VAL B 675 -9.47 -34.55 -69.29
C VAL B 675 -9.23 -33.24 -68.56
N ALA B 676 -8.05 -32.65 -68.79
CA ALA B 676 -7.71 -31.35 -68.22
C ALA B 676 -8.19 -30.23 -69.16
N LEU B 677 -9.48 -30.27 -69.46
CA LEU B 677 -10.09 -29.35 -70.39
C LEU B 677 -11.42 -28.85 -69.83
N GLY B 678 -11.86 -27.71 -70.36
CA GLY B 678 -13.13 -27.16 -69.94
C GLY B 678 -14.30 -28.03 -70.32
N GLU B 679 -15.42 -27.80 -69.64
CA GLU B 679 -16.62 -28.60 -69.88
C GLU B 679 -17.10 -28.46 -71.32
N ASP B 680 -17.46 -27.25 -71.72
CA ASP B 680 -17.89 -27.02 -73.09
C ASP B 680 -16.78 -27.28 -74.09
N ASP B 681 -15.53 -27.11 -73.68
CA ASP B 681 -14.40 -27.40 -74.56
C ASP B 681 -14.39 -28.87 -74.94
N VAL B 682 -14.61 -29.75 -73.97
CA VAL B 682 -14.77 -31.16 -74.27
C VAL B 682 -16.06 -31.40 -75.05
N VAL B 683 -17.11 -30.63 -74.72
CA VAL B 683 -18.38 -30.75 -75.44
C VAL B 683 -18.17 -30.43 -76.91
N SER B 684 -17.42 -29.37 -77.21
CA SER B 684 -17.07 -29.05 -78.58
C SER B 684 -16.18 -30.11 -79.22
N ARG B 685 -15.61 -31.01 -78.42
CA ARG B 685 -14.67 -32.02 -78.91
C ARG B 685 -15.22 -33.44 -78.86
N LEU B 686 -16.18 -33.73 -77.97
CA LEU B 686 -16.58 -35.10 -77.72
C LEU B 686 -17.04 -35.81 -79.00
N VAL B 687 -16.89 -37.13 -78.99
CA VAL B 687 -17.36 -37.97 -80.07
C VAL B 687 -18.60 -38.73 -79.60
N ASP B 688 -19.27 -39.39 -80.54
CA ASP B 688 -20.46 -40.15 -80.22
C ASP B 688 -20.12 -41.34 -79.34
N GLY B 689 -21.04 -41.67 -78.42
CA GLY B 689 -20.86 -42.78 -77.52
C GLY B 689 -20.12 -42.46 -76.24
N VAL B 690 -19.61 -41.25 -76.09
CA VAL B 690 -18.88 -40.82 -74.90
C VAL B 690 -19.59 -39.62 -74.30
N GLU B 691 -19.86 -39.68 -73.00
CA GLU B 691 -20.49 -38.59 -72.28
C GLU B 691 -19.60 -38.15 -71.13
N VAL B 692 -19.74 -36.88 -70.75
CA VAL B 692 -19.00 -36.37 -69.61
C VAL B 692 -19.46 -37.08 -68.34
N ALA B 693 -18.58 -37.88 -67.76
CA ALA B 693 -18.92 -38.62 -66.56
C ALA B 693 -19.21 -37.68 -65.38
N ALA B 694 -18.39 -36.64 -65.23
CA ALA B 694 -18.50 -35.76 -64.08
C ALA B 694 -17.85 -34.42 -64.39
N VAL B 695 -18.47 -33.36 -63.87
CA VAL B 695 -17.94 -32.02 -63.93
C VAL B 695 -17.34 -31.74 -62.56
N ASN B 696 -16.06 -32.03 -62.41
CA ASN B 696 -15.38 -31.84 -61.13
C ASN B 696 -14.73 -30.46 -60.99
N GLY B 697 -14.77 -29.64 -62.04
CA GLY B 697 -14.18 -28.32 -61.99
C GLY B 697 -14.25 -27.62 -63.32
N PRO B 698 -13.78 -26.37 -63.36
CA PRO B 698 -13.79 -25.62 -64.63
C PRO B 698 -13.00 -26.29 -65.73
N SER B 699 -11.90 -26.95 -65.41
CA SER B 699 -11.08 -27.62 -66.41
C SER B 699 -10.84 -29.09 -66.11
N SER B 700 -11.37 -29.61 -65.01
CA SER B 700 -11.24 -31.03 -64.67
C SER B 700 -12.55 -31.70 -65.06
N VAL B 701 -12.51 -32.46 -66.16
CA VAL B 701 -13.72 -33.08 -66.72
C VAL B 701 -13.47 -34.57 -66.86
N VAL B 702 -14.36 -35.39 -66.29
CA VAL B 702 -14.28 -36.82 -66.42
C VAL B 702 -15.30 -37.26 -67.47
N ILE B 703 -14.86 -38.03 -68.45
CA ILE B 703 -15.72 -38.52 -69.50
C ILE B 703 -15.84 -40.03 -69.38
N ALA B 704 -16.92 -40.57 -69.92
CA ALA B 704 -17.18 -42.00 -69.87
C ALA B 704 -17.99 -42.42 -71.08
N GLY B 705 -17.95 -43.71 -71.37
CA GLY B 705 -18.70 -44.25 -72.49
C GLY B 705 -18.09 -45.56 -72.97
N ASP B 706 -18.34 -45.85 -74.24
CA ASP B 706 -17.87 -47.09 -74.85
C ASP B 706 -16.35 -47.09 -74.96
N ALA B 707 -15.79 -48.29 -74.91
CA ALA B 707 -14.34 -48.43 -74.93
C ALA B 707 -13.73 -47.91 -76.23
N HIS B 708 -14.29 -48.32 -77.37
CA HIS B 708 -13.72 -47.93 -78.66
C HIS B 708 -13.84 -46.43 -78.89
N ALA B 709 -14.99 -45.84 -78.56
CA ALA B 709 -15.15 -44.40 -78.71
C ALA B 709 -14.17 -43.65 -77.81
N LEU B 710 -13.97 -44.15 -76.59
CA LEU B 710 -13.00 -43.55 -75.69
C LEU B 710 -11.59 -43.64 -76.28
N ASP B 711 -11.25 -44.78 -76.87
CA ASP B 711 -9.92 -44.93 -77.48
C ASP B 711 -9.73 -43.95 -78.63
N ALA B 712 -10.74 -43.82 -79.50
CA ALA B 712 -10.63 -42.88 -80.60
C ALA B 712 -10.49 -41.45 -80.10
N THR B 713 -11.28 -41.09 -79.07
CA THR B 713 -11.16 -39.76 -78.49
C THR B 713 -9.77 -39.54 -77.91
N LEU B 714 -9.22 -40.55 -77.24
CA LEU B 714 -7.87 -40.42 -76.69
C LEU B 714 -6.83 -40.23 -77.79
N GLU B 715 -6.96 -40.98 -78.89
CA GLU B 715 -6.02 -40.82 -79.99
C GLU B 715 -6.09 -39.43 -80.58
N ILE B 716 -7.30 -38.91 -80.79
CA ILE B 716 -7.42 -37.58 -81.36
C ILE B 716 -6.92 -36.52 -80.38
N LEU B 717 -7.17 -36.71 -79.08
CA LEU B 717 -6.68 -35.78 -78.08
C LEU B 717 -5.16 -35.76 -78.06
N SER B 718 -4.53 -36.93 -78.14
CA SER B 718 -3.07 -36.99 -78.24
C SER B 718 -2.58 -36.30 -79.50
N GLY B 719 -3.33 -36.46 -80.60
CA GLY B 719 -3.03 -35.67 -81.78
C GLY B 719 -3.06 -34.18 -81.52
N GLU B 720 -4.02 -33.73 -80.70
CA GLU B 720 -4.04 -32.35 -80.26
C GLU B 720 -2.99 -32.05 -79.21
N GLY B 721 -2.40 -33.07 -78.59
CA GLY B 721 -1.38 -32.87 -77.59
C GLY B 721 -1.91 -32.47 -76.22
N ILE B 722 -3.22 -32.54 -76.00
CA ILE B 722 -3.81 -32.13 -74.75
C ILE B 722 -3.55 -33.21 -73.69
N ARG B 723 -3.11 -32.78 -72.52
CA ARG B 723 -2.86 -33.70 -71.41
C ARG B 723 -4.14 -34.40 -70.98
N VAL B 724 -4.23 -35.70 -71.24
CA VAL B 724 -5.39 -36.51 -70.89
C VAL B 724 -4.89 -37.81 -70.29
N ARG B 725 -5.62 -38.32 -69.29
CA ARG B 725 -5.21 -39.53 -68.60
C ARG B 725 -6.31 -40.57 -68.69
N ARG B 726 -5.90 -41.84 -68.71
CA ARG B 726 -6.81 -42.97 -68.76
C ARG B 726 -7.09 -43.48 -67.35
N VAL B 727 -8.24 -44.13 -67.21
CA VAL B 727 -8.68 -44.69 -65.94
C VAL B 727 -8.87 -46.19 -66.12
N ALA B 728 -8.30 -46.96 -65.20
CA ALA B 728 -8.39 -48.42 -65.26
C ALA B 728 -9.79 -48.87 -64.88
N VAL B 729 -10.76 -48.61 -65.74
CA VAL B 729 -12.17 -48.89 -65.47
C VAL B 729 -12.70 -49.79 -66.58
N ASP B 730 -13.32 -50.90 -66.19
CA ASP B 730 -13.85 -51.89 -67.13
C ASP B 730 -15.37 -51.80 -67.25
N TYR B 731 -15.91 -50.60 -67.22
CA TYR B 731 -17.34 -50.38 -67.37
C TYR B 731 -17.55 -48.93 -67.81
N ALA B 732 -18.81 -48.57 -68.02
CA ALA B 732 -19.20 -47.23 -68.44
C ALA B 732 -20.30 -46.72 -67.50
N SER B 733 -19.89 -46.14 -66.38
CA SER B 733 -20.85 -45.57 -65.44
C SER B 733 -21.34 -44.21 -65.94
N HIS B 734 -22.48 -43.80 -65.40
CA HIS B 734 -23.11 -42.52 -65.73
C HIS B 734 -23.42 -42.39 -67.22
N THR B 735 -23.56 -43.51 -67.91
CA THR B 735 -23.82 -43.53 -69.34
C THR B 735 -25.17 -44.19 -69.62
N ARG B 736 -25.48 -44.36 -70.90
CA ARG B 736 -26.75 -44.98 -71.27
C ARG B 736 -26.82 -46.44 -70.85
N HIS B 737 -25.67 -47.10 -70.70
CA HIS B 737 -25.67 -48.49 -70.25
C HIS B 737 -26.25 -48.61 -68.85
N VAL B 738 -26.14 -47.56 -68.04
CA VAL B 738 -26.74 -47.58 -66.71
C VAL B 738 -28.25 -47.76 -66.81
N GLU B 739 -28.84 -47.35 -67.91
CA GLU B 739 -30.27 -47.55 -68.16
C GLU B 739 -30.62 -48.99 -68.45
N ASP B 740 -29.70 -49.95 -68.37
CA ASP B 740 -30.03 -51.33 -68.71
C ASP B 740 -30.67 -52.08 -67.56
N ILE B 741 -30.27 -51.80 -66.32
CA ILE B 741 -30.71 -52.60 -65.18
C ILE B 741 -31.40 -51.73 -64.14
N ARG B 742 -32.08 -50.67 -64.58
CA ARG B 742 -32.81 -49.82 -63.65
C ARG B 742 -33.91 -50.60 -62.93
N ASP B 743 -34.66 -51.40 -63.66
CA ASP B 743 -35.73 -52.17 -63.06
C ASP B 743 -35.19 -53.21 -62.09
N THR B 744 -34.07 -53.85 -62.44
CA THR B 744 -33.46 -54.84 -61.56
C THR B 744 -33.10 -54.23 -60.22
N LEU B 745 -32.38 -53.11 -60.24
CA LEU B 745 -31.99 -52.46 -58.99
C LEU B 745 -33.21 -51.95 -58.24
N ALA B 746 -34.20 -51.39 -58.96
CA ALA B 746 -35.41 -50.92 -58.29
C ALA B 746 -36.10 -52.05 -57.56
N GLU B 747 -36.11 -53.25 -58.13
CA GLU B 747 -36.63 -54.41 -57.42
C GLU B 747 -35.75 -54.77 -56.23
N THR B 748 -34.43 -54.74 -56.41
CA THR B 748 -33.53 -55.12 -55.31
C THR B 748 -33.45 -54.06 -54.24
N LEU B 749 -33.41 -52.78 -54.61
CA LEU B 749 -33.17 -51.69 -53.67
C LEU B 749 -34.45 -51.03 -53.19
N ALA B 750 -35.53 -51.80 -53.03
CA ALA B 750 -36.74 -51.28 -52.43
C ALA B 750 -36.60 -51.29 -50.91
N GLY B 751 -37.58 -50.69 -50.23
CA GLY B 751 -37.59 -50.67 -48.79
C GLY B 751 -36.43 -49.90 -48.17
N ILE B 752 -36.16 -48.71 -48.68
CA ILE B 752 -35.08 -47.87 -48.16
C ILE B 752 -35.69 -46.94 -47.11
N SER B 753 -35.30 -47.13 -45.85
CA SER B 753 -35.83 -46.34 -44.75
C SER B 753 -35.02 -45.04 -44.59
N ALA B 754 -35.10 -44.21 -45.63
CA ALA B 754 -34.37 -42.94 -45.64
C ALA B 754 -35.01 -41.99 -44.64
N GLN B 755 -34.33 -41.74 -43.53
CA GLN B 755 -34.78 -40.79 -42.53
C GLN B 755 -34.09 -39.45 -42.74
N ALA B 756 -34.46 -38.47 -41.93
CA ALA B 756 -33.84 -37.16 -42.02
C ALA B 756 -32.36 -37.26 -41.63
N PRO B 757 -31.46 -36.67 -42.42
CA PRO B 757 -30.03 -36.79 -42.10
C PRO B 757 -29.68 -36.03 -40.84
N ALA B 758 -28.82 -36.66 -40.02
CA ALA B 758 -28.32 -35.98 -38.82
C ALA B 758 -27.50 -34.75 -39.19
N VAL B 759 -26.67 -34.86 -40.21
CA VAL B 759 -25.90 -33.75 -40.75
C VAL B 759 -26.45 -33.42 -42.13
N PRO B 760 -26.68 -32.14 -42.44
CA PRO B 760 -27.23 -31.80 -43.76
C PRO B 760 -26.35 -32.33 -44.88
N PHE B 761 -26.98 -32.89 -45.90
CA PHE B 761 -26.30 -33.49 -47.03
C PHE B 761 -26.65 -32.70 -48.29
N TYR B 762 -25.66 -32.02 -48.87
CA TYR B 762 -25.84 -31.28 -50.10
C TYR B 762 -25.55 -32.24 -51.25
N SER B 763 -26.60 -32.89 -51.73
CA SER B 763 -26.44 -33.88 -52.80
C SER B 763 -26.07 -33.19 -54.10
N THR B 764 -25.13 -33.80 -54.83
CA THR B 764 -24.72 -33.26 -56.12
C THR B 764 -25.73 -33.56 -57.21
N VAL B 765 -26.43 -34.70 -57.13
CA VAL B 765 -27.44 -35.01 -58.13
C VAL B 765 -28.55 -33.98 -58.12
N THR B 766 -29.05 -33.65 -56.93
CA THR B 766 -29.98 -32.53 -56.80
C THR B 766 -29.25 -31.20 -56.68
N SER B 767 -27.94 -31.22 -56.41
CA SER B 767 -27.17 -30.00 -56.20
C SER B 767 -27.83 -29.12 -55.14
N GLU B 768 -28.27 -29.76 -54.06
CA GLU B 768 -29.07 -29.07 -53.06
C GLU B 768 -29.04 -29.87 -51.76
N TRP B 769 -29.17 -29.16 -50.65
CA TRP B 769 -29.35 -29.82 -49.36
C TRP B 769 -30.63 -30.63 -49.36
N VAL B 770 -30.55 -31.85 -48.85
CA VAL B 770 -31.69 -32.75 -48.78
C VAL B 770 -32.12 -32.82 -47.32
N ARG B 771 -33.16 -32.06 -46.98
CA ARG B 771 -33.68 -32.01 -45.62
C ARG B 771 -34.97 -32.82 -45.48
N ASP B 772 -35.11 -33.87 -46.29
CA ASP B 772 -36.32 -34.67 -46.31
C ASP B 772 -35.98 -36.13 -46.05
N ALA B 773 -36.99 -36.85 -45.54
CA ALA B 773 -36.87 -38.27 -45.27
C ALA B 773 -37.62 -39.06 -46.34
N GLY B 774 -37.17 -40.30 -46.57
CA GLY B 774 -37.77 -41.15 -47.57
C GLY B 774 -37.42 -40.81 -49.00
N VAL B 775 -36.90 -39.60 -49.26
CA VAL B 775 -36.54 -39.22 -50.61
C VAL B 775 -35.37 -40.04 -51.13
N LEU B 776 -34.43 -40.38 -50.25
CA LEU B 776 -33.22 -41.11 -50.64
C LEU B 776 -33.58 -42.57 -50.85
N ASP B 777 -34.07 -42.89 -52.03
CA ASP B 777 -34.53 -44.22 -52.37
C ASP B 777 -33.52 -44.91 -53.29
N GLY B 778 -33.85 -46.15 -53.66
CA GLY B 778 -33.04 -46.86 -54.64
C GLY B 778 -33.01 -46.18 -55.99
N GLY B 779 -34.13 -45.55 -56.37
CA GLY B 779 -34.14 -44.78 -57.60
C GLY B 779 -33.17 -43.62 -57.56
N TYR B 780 -32.99 -43.01 -56.40
CA TYR B 780 -32.00 -41.95 -56.27
C TYR B 780 -30.59 -42.50 -56.46
N TRP B 781 -30.32 -43.70 -55.94
CA TRP B 781 -29.01 -44.31 -56.17
C TRP B 781 -28.82 -44.61 -57.65
N TYR B 782 -29.88 -45.07 -58.33
CA TYR B 782 -29.77 -45.27 -59.77
C TYR B 782 -29.47 -43.96 -60.48
N ARG B 783 -30.14 -42.88 -60.07
CA ARG B 783 -29.89 -41.58 -60.69
C ARG B 783 -28.45 -41.14 -60.46
N ASN B 784 -27.91 -41.42 -59.27
CA ASN B 784 -26.50 -41.16 -59.01
C ASN B 784 -25.63 -41.93 -59.99
N LEU B 785 -25.93 -43.21 -60.19
CA LEU B 785 -25.15 -44.02 -61.12
C LEU B 785 -25.41 -43.64 -62.58
N ARG B 786 -26.47 -42.88 -62.85
CA ARG B 786 -26.90 -42.59 -64.21
C ARG B 786 -26.59 -41.16 -64.62
N ASN B 787 -27.05 -40.17 -63.87
CA ASN B 787 -26.82 -38.79 -64.23
C ASN B 787 -25.38 -38.40 -63.91
N GLN B 788 -24.97 -37.26 -64.49
CA GLN B 788 -23.61 -36.79 -64.29
C GLN B 788 -23.49 -36.04 -62.97
N VAL B 789 -22.27 -35.66 -62.63
CA VAL B 789 -21.97 -35.01 -61.36
C VAL B 789 -21.40 -33.63 -61.65
N ARG B 790 -22.06 -32.60 -61.10
CA ARG B 790 -21.53 -31.24 -61.13
C ARG B 790 -20.79 -30.96 -59.82
N PHE B 791 -19.69 -31.69 -59.63
CA PHE B 791 -18.94 -31.61 -58.39
C PHE B 791 -18.41 -30.21 -58.16
N GLY B 792 -17.89 -29.58 -59.21
CA GLY B 792 -17.41 -28.20 -59.08
C GLY B 792 -18.52 -27.24 -58.69
N ALA B 793 -19.71 -27.43 -59.27
CA ALA B 793 -20.84 -26.58 -58.91
C ALA B 793 -21.20 -26.73 -57.43
N ALA B 794 -21.21 -27.98 -56.94
CA ALA B 794 -21.49 -28.21 -55.53
C ALA B 794 -20.42 -27.57 -54.65
N ALA B 795 -19.15 -27.68 -55.06
CA ALA B 795 -18.07 -27.07 -54.28
C ALA B 795 -18.23 -25.56 -54.23
N THR B 796 -18.55 -24.93 -55.36
CA THR B 796 -18.75 -23.49 -55.38
C THR B 796 -19.95 -23.08 -54.51
N ALA B 797 -21.02 -23.86 -54.57
CA ALA B 797 -22.19 -23.57 -53.73
C ALA B 797 -21.84 -23.65 -52.26
N LEU B 798 -21.09 -24.69 -51.87
CA LEU B 798 -20.67 -24.81 -50.49
C LEU B 798 -19.76 -23.65 -50.09
N LEU B 799 -18.88 -23.23 -51.01
CA LEU B 799 -18.01 -22.08 -50.75
C LEU B 799 -18.83 -20.84 -50.46
N GLU B 800 -19.77 -20.51 -51.36
CA GLU B 800 -20.59 -19.32 -51.14
C GLU B 800 -21.55 -19.49 -49.99
N GLN B 801 -21.76 -20.70 -49.49
CA GLN B 801 -22.55 -20.93 -48.29
C GLN B 801 -21.72 -20.86 -47.01
N GLY B 802 -20.52 -20.28 -47.09
CA GLY B 802 -19.69 -20.09 -45.91
C GLY B 802 -18.79 -21.25 -45.55
N HIS B 803 -18.81 -22.33 -46.33
CA HIS B 803 -17.96 -23.48 -46.02
C HIS B 803 -16.55 -23.26 -46.56
N THR B 804 -15.56 -23.49 -45.70
CA THR B 804 -14.16 -23.29 -46.05
C THR B 804 -13.32 -24.55 -45.94
N VAL B 805 -13.54 -25.36 -44.92
CA VAL B 805 -12.71 -26.54 -44.70
C VAL B 805 -13.26 -27.69 -45.52
N PHE B 806 -12.39 -28.32 -46.31
CA PHE B 806 -12.75 -29.46 -47.14
C PHE B 806 -11.73 -30.58 -46.89
N VAL B 807 -12.17 -31.66 -46.28
CA VAL B 807 -11.32 -32.80 -45.99
C VAL B 807 -11.73 -33.96 -46.88
N GLU B 808 -10.79 -34.47 -47.65
CA GLU B 808 -11.01 -35.64 -48.49
C GLU B 808 -10.72 -36.88 -47.65
N VAL B 809 -11.77 -37.54 -47.19
CA VAL B 809 -11.65 -38.75 -46.38
C VAL B 809 -11.45 -39.92 -47.34
N SER B 810 -10.22 -40.41 -47.41
CA SER B 810 -9.90 -41.52 -48.31
C SER B 810 -8.50 -42.02 -47.97
N ALA B 811 -8.14 -43.15 -48.57
CA ALA B 811 -6.80 -43.70 -48.41
C ALA B 811 -5.77 -43.05 -49.32
N HIS B 812 -6.21 -42.22 -50.26
CA HIS B 812 -5.31 -41.53 -51.16
C HIS B 812 -6.00 -40.26 -51.65
N PRO B 813 -5.32 -39.12 -51.64
CA PRO B 813 -5.95 -37.87 -52.09
C PRO B 813 -6.03 -37.84 -53.61
N VAL B 814 -7.27 -37.88 -54.13
CA VAL B 814 -7.51 -37.87 -55.56
C VAL B 814 -8.27 -36.62 -56.00
N THR B 815 -9.23 -36.16 -55.20
CA THR B 815 -10.00 -34.98 -55.50
C THR B 815 -9.49 -33.74 -54.77
N VAL B 816 -8.32 -33.83 -54.14
CA VAL B 816 -7.80 -32.69 -53.39
C VAL B 816 -7.46 -31.54 -54.32
N GLN B 817 -6.72 -31.82 -55.39
CA GLN B 817 -6.17 -30.74 -56.22
C GLN B 817 -7.21 -29.84 -56.88
N PRO B 818 -8.32 -30.32 -57.45
CA PRO B 818 -9.23 -29.38 -58.12
C PRO B 818 -9.83 -28.36 -57.16
N LEU B 819 -10.38 -28.81 -56.04
CA LEU B 819 -10.93 -27.87 -55.06
C LEU B 819 -9.82 -27.04 -54.42
N SER B 820 -8.62 -27.61 -54.25
CA SER B 820 -7.52 -26.83 -53.71
C SER B 820 -7.20 -25.66 -54.61
N GLU B 821 -7.24 -25.87 -55.93
CA GLU B 821 -7.17 -24.75 -56.85
C GLU B 821 -8.37 -23.83 -56.68
N LEU B 822 -9.56 -24.40 -56.50
CA LEU B 822 -10.76 -23.60 -56.40
C LEU B 822 -10.87 -22.91 -55.04
N THR B 823 -10.57 -23.63 -53.96
CA THR B 823 -10.78 -23.13 -52.61
C THR B 823 -9.51 -22.81 -51.86
N GLY B 824 -8.47 -23.63 -52.01
CA GLY B 824 -7.24 -23.44 -51.25
C GLY B 824 -7.22 -24.06 -49.87
N ASP B 825 -8.27 -24.79 -49.50
CA ASP B 825 -8.34 -25.46 -48.20
C ASP B 825 -8.73 -26.91 -48.44
N ALA B 826 -7.73 -27.76 -48.67
CA ALA B 826 -7.93 -29.18 -48.90
C ALA B 826 -7.07 -29.95 -47.92
N ILE B 827 -7.68 -30.93 -47.24
CA ILE B 827 -7.01 -31.71 -46.21
C ILE B 827 -7.09 -33.17 -46.59
N GLY B 828 -5.92 -33.78 -46.83
CA GLY B 828 -5.89 -35.20 -47.12
C GLY B 828 -5.97 -36.05 -45.86
N THR B 829 -6.45 -37.28 -46.03
CA THR B 829 -6.59 -38.22 -44.92
C THR B 829 -5.45 -39.23 -44.89
N LEU B 830 -5.26 -39.97 -45.99
CA LEU B 830 -4.19 -40.94 -46.11
C LEU B 830 -3.63 -40.89 -47.51
N ARG B 831 -2.48 -41.53 -47.70
CA ARG B 831 -1.80 -41.57 -48.99
C ARG B 831 -1.50 -43.00 -49.36
N ARG B 832 -1.41 -43.25 -50.67
CA ARG B 832 -1.10 -44.58 -51.17
C ARG B 832 0.25 -45.04 -50.65
N GLU B 833 0.32 -46.28 -50.18
CA GLU B 833 1.49 -46.87 -49.54
C GLU B 833 1.92 -46.10 -48.31
N ASP B 834 1.11 -45.17 -47.82
CA ASP B 834 1.39 -44.37 -46.64
C ASP B 834 0.20 -44.37 -45.70
N GLY B 835 -0.38 -45.54 -45.48
CA GLY B 835 -1.49 -45.68 -44.56
C GLY B 835 -1.11 -45.82 -43.11
N GLY B 836 0.17 -45.61 -42.78
CA GLY B 836 0.61 -45.76 -41.42
C GLY B 836 0.05 -44.70 -40.50
N LEU B 837 0.15 -44.97 -39.19
CA LEU B 837 -0.40 -44.06 -38.21
C LEU B 837 0.28 -42.69 -38.25
N ARG B 838 1.53 -42.64 -38.71
CA ARG B 838 2.23 -41.35 -38.79
C ARG B 838 1.55 -40.41 -39.77
N ARG B 839 1.16 -40.93 -40.94
CA ARG B 839 0.53 -40.07 -41.94
C ARG B 839 -0.81 -39.56 -41.45
N LEU B 840 -1.61 -40.43 -40.83
CA LEU B 840 -2.91 -40.01 -40.31
C LEU B 840 -2.73 -39.00 -39.18
N LEU B 841 -1.70 -39.19 -38.36
CA LEU B 841 -1.39 -38.24 -37.29
C LEU B 841 -1.05 -36.88 -37.86
N ALA B 842 -0.18 -36.84 -38.88
CA ALA B 842 0.09 -35.58 -39.54
C ALA B 842 -1.17 -35.00 -40.15
N SER B 843 -2.08 -35.86 -40.63
CA SER B 843 -3.30 -35.37 -41.24
C SER B 843 -4.16 -34.60 -40.25
N MET B 844 -4.46 -35.20 -39.10
CA MET B 844 -5.32 -34.39 -38.24
C MET B 844 -4.53 -33.31 -37.53
N GLY B 845 -3.19 -33.42 -37.46
CA GLY B 845 -2.40 -32.30 -36.97
C GLY B 845 -2.52 -31.09 -37.87
N GLU B 846 -2.45 -31.31 -39.18
CA GLU B 846 -2.67 -30.23 -40.14
C GLU B 846 -4.09 -29.70 -40.01
N LEU B 847 -5.07 -30.59 -39.83
CA LEU B 847 -6.45 -30.14 -39.69
C LEU B 847 -6.59 -29.26 -38.45
N PHE B 848 -5.97 -29.65 -37.33
CA PHE B 848 -6.04 -28.87 -36.10
C PHE B 848 -5.35 -27.53 -36.26
N VAL B 849 -4.15 -27.51 -36.86
CA VAL B 849 -3.45 -26.26 -37.05
C VAL B 849 -4.19 -25.37 -38.05
N ARG B 850 -5.05 -25.94 -38.88
CA ARG B 850 -5.85 -25.13 -39.78
C ARG B 850 -6.81 -24.21 -39.05
N GLY B 851 -7.14 -24.52 -37.80
CA GLY B 851 -8.01 -23.66 -37.02
C GLY B 851 -8.99 -24.42 -36.14
N ILE B 852 -9.24 -25.68 -36.47
CA ILE B 852 -10.18 -26.50 -35.72
C ILE B 852 -9.55 -26.96 -34.42
N ASP B 853 -10.37 -27.48 -33.50
CA ASP B 853 -9.89 -28.01 -32.23
C ASP B 853 -10.06 -29.52 -32.21
N VAL B 854 -9.06 -30.20 -31.65
CA VAL B 854 -9.02 -31.66 -31.58
C VAL B 854 -8.68 -32.07 -30.15
N ASP B 855 -9.38 -33.09 -29.65
CA ASP B 855 -9.09 -33.65 -28.33
C ASP B 855 -8.04 -34.73 -28.49
N TRP B 856 -6.77 -34.33 -28.44
CA TRP B 856 -5.67 -35.27 -28.63
C TRP B 856 -5.52 -36.26 -27.49
N THR B 857 -6.41 -36.24 -26.51
CA THR B 857 -6.35 -37.22 -25.43
C THR B 857 -6.71 -38.62 -25.91
N ALA B 858 -7.32 -38.74 -27.10
CA ALA B 858 -7.77 -40.03 -27.58
C ALA B 858 -6.62 -40.99 -27.79
N MET B 859 -5.61 -40.58 -28.55
CA MET B 859 -4.49 -41.44 -28.86
C MET B 859 -3.27 -41.22 -27.98
N VAL B 860 -3.31 -40.23 -27.09
CA VAL B 860 -2.20 -39.92 -26.21
C VAL B 860 -2.70 -39.98 -24.77
N PRO B 861 -2.56 -41.13 -24.12
CA PRO B 861 -2.97 -41.23 -22.72
C PRO B 861 -1.99 -40.51 -21.80
N ALA B 862 -2.46 -40.21 -20.60
CA ALA B 862 -1.63 -39.52 -19.61
C ALA B 862 -0.57 -40.48 -19.07
N ALA B 863 0.46 -39.88 -18.46
CA ALA B 863 1.58 -40.64 -17.92
C ALA B 863 2.10 -39.90 -16.69
N GLY B 864 3.31 -40.26 -16.25
CA GLY B 864 3.89 -39.64 -15.10
C GLY B 864 4.22 -38.18 -15.33
N TRP B 865 4.37 -37.45 -14.23
CA TRP B 865 4.63 -36.01 -14.32
C TRP B 865 6.02 -35.75 -14.88
N VAL B 866 6.12 -34.70 -15.71
CA VAL B 866 7.38 -34.23 -16.24
C VAL B 866 7.39 -32.71 -16.20
N ASP B 867 8.50 -32.14 -15.74
CA ASP B 867 8.64 -30.69 -15.63
C ASP B 867 8.94 -30.11 -17.00
N LEU B 868 8.03 -29.29 -17.51
CA LEU B 868 8.13 -28.67 -18.82
C LEU B 868 8.64 -27.25 -18.70
N PRO B 869 9.16 -26.68 -19.79
CA PRO B 869 9.55 -25.26 -19.76
C PRO B 869 8.34 -24.34 -19.76
N THR B 870 8.56 -23.04 -19.80
CA THR B 870 7.49 -22.06 -19.73
C THR B 870 7.34 -21.32 -21.05
N TYR B 871 6.31 -20.48 -21.12
CA TYR B 871 6.06 -19.69 -22.31
C TYR B 871 7.20 -18.69 -22.52
N ALA B 872 7.61 -18.55 -23.78
CA ALA B 872 8.65 -17.60 -24.16
C ALA B 872 7.99 -16.30 -24.61
N PHE B 873 8.21 -15.24 -23.86
CA PHE B 873 7.60 -13.96 -24.13
C PHE B 873 8.43 -13.15 -25.13
N GLU B 874 7.80 -12.13 -25.70
CA GLU B 874 8.49 -11.15 -26.53
C GLU B 874 8.74 -9.91 -25.70
N HIS B 875 9.99 -9.46 -25.65
CA HIS B 875 10.40 -8.43 -24.71
C HIS B 875 10.82 -7.17 -25.44
N ARG B 876 10.27 -6.04 -25.01
CA ARG B 876 10.73 -4.72 -25.43
C ARG B 876 10.96 -3.87 -24.18
N HIS B 877 11.96 -3.01 -24.25
CA HIS B 877 12.30 -2.19 -23.08
C HIS B 877 11.25 -1.11 -22.89
N TYR B 878 10.63 -1.10 -21.71
CA TYR B 878 9.64 -0.10 -21.35
C TYR B 878 10.05 0.52 -20.02
N TRP B 879 10.21 1.83 -20.01
CA TRP B 879 10.73 2.51 -18.82
C TRP B 879 10.43 3.99 -18.91
N LEU B 880 10.35 4.63 -17.75
CA LEU B 880 10.19 6.07 -17.63
C LEU B 880 11.41 6.66 -16.96
N GLU B 881 11.96 7.71 -17.57
CA GLU B 881 13.12 8.44 -17.04
C GLU B 881 12.72 9.91 -16.92
N PRO B 882 12.14 10.32 -15.81
CA PRO B 882 11.69 11.71 -15.67
C PRO B 882 12.85 12.69 -15.50
N ALA B 883 12.53 13.96 -15.32
CA ALA B 883 13.52 15.02 -15.15
C ALA B 883 13.18 15.81 -13.89
N GLU B 884 14.04 16.76 -13.56
CA GLU B 884 13.87 17.58 -12.36
C GLU B 884 14.63 18.89 -12.55
N PRO B 885 14.25 19.93 -11.83
CA PRO B 885 14.98 21.20 -11.91
C PRO B 885 16.29 21.15 -11.13
N ALA B 886 17.18 22.06 -11.49
CA ALA B 886 18.50 22.17 -10.85
C ALA B 886 18.81 23.62 -10.57
N SER B 887 17.84 24.35 -10.03
CA SER B 887 18.01 25.77 -9.74
C SER B 887 19.01 25.92 -8.60
N ALA B 888 20.23 26.36 -8.93
CA ALA B 888 21.27 26.57 -7.95
C ALA B 888 21.62 28.04 -7.75
N GLY B 889 21.00 28.94 -8.52
CA GLY B 889 21.29 30.35 -8.37
C GLY B 889 20.76 30.91 -7.07
N ASP B 890 21.37 32.01 -6.65
CA ASP B 890 20.94 32.67 -5.42
C ASP B 890 19.51 33.18 -5.60
N PRO B 891 18.66 33.04 -4.57
CA PRO B 891 17.24 33.44 -4.73
C PRO B 891 17.07 34.89 -5.14
N LEU B 892 17.91 35.80 -4.62
CA LEU B 892 17.85 37.18 -5.04
C LEU B 892 18.62 37.45 -6.33
N LEU B 893 19.46 36.50 -6.76
CA LEU B 893 20.19 36.64 -8.02
C LEU B 893 19.51 35.91 -9.17
N GLY B 894 18.87 34.77 -8.90
CA GLY B 894 18.20 34.05 -9.96
C GLY B 894 19.18 33.54 -10.99
N THR B 895 18.94 33.88 -12.25
CA THR B 895 19.77 33.44 -13.36
C THR B 895 20.72 34.57 -13.76
N VAL B 896 22.00 34.23 -13.90
CA VAL B 896 23.03 35.19 -14.27
C VAL B 896 23.41 34.98 -15.72
N VAL B 897 23.40 36.05 -16.51
CA VAL B 897 23.70 36.00 -17.93
C VAL B 897 24.85 36.96 -18.21
N SER B 898 25.83 36.48 -18.97
CA SER B 898 26.96 37.29 -19.39
C SER B 898 26.79 37.67 -20.85
N THR B 899 26.89 38.96 -21.14
CA THR B 899 26.75 39.43 -22.51
C THR B 899 27.96 39.01 -23.32
N PRO B 900 27.78 38.27 -24.43
CA PRO B 900 28.93 37.91 -25.26
C PRO B 900 29.64 39.14 -25.78
N GLY B 901 30.98 39.10 -25.73
CA GLY B 901 31.76 40.24 -26.15
C GLY B 901 31.75 41.41 -25.19
N SER B 902 31.23 41.24 -23.99
CA SER B 902 31.14 42.33 -23.03
C SER B 902 31.19 41.76 -21.61
N ASP B 903 31.51 42.63 -20.67
CA ASP B 903 31.55 42.25 -19.26
C ASP B 903 30.22 42.54 -18.55
N ARG B 904 29.25 43.12 -19.23
CA ARG B 904 27.97 43.42 -18.62
C ARG B 904 27.26 42.15 -18.19
N LEU B 905 26.77 42.12 -16.96
CA LEU B 905 26.15 40.94 -16.37
C LEU B 905 24.73 41.27 -15.96
N THR B 906 23.79 40.39 -16.31
CA THR B 906 22.39 40.60 -16.00
C THR B 906 21.89 39.47 -15.11
N ALA B 907 21.41 39.82 -13.93
CA ALA B 907 20.80 38.85 -13.02
C ALA B 907 19.29 39.04 -13.06
N VAL B 908 18.57 37.98 -13.43
CA VAL B 908 17.12 38.01 -13.57
C VAL B 908 16.52 37.09 -12.51
N ALA B 909 15.61 37.62 -11.71
CA ALA B 909 14.99 36.86 -10.64
C ALA B 909 13.49 37.16 -10.62
N GLN B 910 12.74 36.21 -10.09
CA GLN B 910 11.30 36.38 -9.87
C GLN B 910 11.08 36.43 -8.37
N TRP B 911 10.64 37.57 -7.86
CA TRP B 911 10.47 37.79 -6.44
C TRP B 911 8.99 37.83 -6.09
N SER B 912 8.58 36.97 -5.17
CA SER B 912 7.21 36.91 -4.70
C SER B 912 7.21 36.81 -3.18
N ARG B 913 6.11 37.25 -2.57
CA ARG B 913 5.98 37.16 -1.12
C ARG B 913 6.09 35.71 -0.66
N ARG B 914 5.61 34.76 -1.47
CA ARG B 914 5.83 33.35 -1.16
C ARG B 914 7.31 33.02 -1.21
N ALA B 915 8.02 33.53 -2.22
CA ALA B 915 9.46 33.28 -2.31
C ALA B 915 10.25 34.11 -1.31
N GLN B 916 9.74 35.29 -0.93
CA GLN B 916 10.43 36.20 -0.02
C GLN B 916 9.48 36.56 1.12
N PRO B 917 9.36 35.70 2.13
CA PRO B 917 8.52 36.04 3.28
C PRO B 917 8.99 37.28 4.02
N TRP B 918 10.30 37.55 4.00
CA TRP B 918 10.85 38.70 4.72
C TRP B 918 10.42 40.02 4.11
N ALA B 919 9.92 40.03 2.89
CA ALA B 919 9.35 41.22 2.28
C ALA B 919 7.96 41.42 2.84
N VAL B 920 7.88 42.13 3.96
CA VAL B 920 6.60 42.38 4.61
C VAL B 920 5.69 43.15 3.67
N ASP B 921 4.47 42.66 3.49
CA ASP B 921 3.48 43.22 2.57
C ASP B 921 3.95 43.17 1.12
N GLY B 922 5.11 42.58 0.87
CA GLY B 922 5.77 42.68 -0.41
C GLY B 922 6.80 43.78 -0.50
N LEU B 923 6.91 44.61 0.53
CA LEU B 923 7.91 45.67 0.55
C LEU B 923 9.27 45.05 0.86
N VAL B 924 10.13 45.00 -0.15
CA VAL B 924 11.45 44.39 0.00
C VAL B 924 12.35 45.34 0.79
N PRO B 925 12.92 44.91 1.91
CA PRO B 925 13.88 45.77 2.63
C PRO B 925 15.09 46.07 1.77
N ASN B 926 15.63 47.28 1.95
CA ASN B 926 16.80 47.70 1.18
C ASN B 926 18.00 46.78 1.45
N ALA B 927 18.04 46.16 2.63
CA ALA B 927 19.11 45.22 2.94
C ALA B 927 19.14 44.06 1.96
N ALA B 928 17.97 43.63 1.47
CA ALA B 928 17.95 42.58 0.46
C ALA B 928 18.61 43.03 -0.82
N LEU B 929 18.35 44.27 -1.25
CA LEU B 929 19.02 44.79 -2.43
C LEU B 929 20.52 44.88 -2.22
N VAL B 930 20.95 45.34 -1.05
CA VAL B 930 22.38 45.41 -0.76
C VAL B 930 23.01 44.03 -0.82
N GLU B 931 22.35 43.04 -0.22
CA GLU B 931 22.88 41.69 -0.20
C GLU B 931 22.96 41.11 -1.62
N ALA B 932 21.92 41.34 -2.42
CA ALA B 932 21.95 40.83 -3.79
C ALA B 932 23.06 41.50 -4.61
N ALA B 933 23.24 42.80 -4.43
CA ALA B 933 24.32 43.49 -5.11
C ALA B 933 25.67 42.92 -4.71
N ILE B 934 25.87 42.67 -3.42
CA ILE B 934 27.13 42.07 -2.97
C ILE B 934 27.31 40.68 -3.57
N ARG B 935 26.23 39.89 -3.60
CA ARG B 935 26.32 38.54 -4.15
C ARG B 935 26.74 38.56 -5.61
N LEU B 936 26.13 39.45 -6.40
CA LEU B 936 26.49 39.51 -7.81
C LEU B 936 27.88 40.09 -8.01
N GLY B 937 28.27 41.07 -7.19
CA GLY B 937 29.60 41.62 -7.30
C GLY B 937 30.67 40.62 -6.92
N ASP B 938 30.33 39.64 -6.09
CA ASP B 938 31.26 38.55 -5.82
C ASP B 938 31.59 37.80 -7.10
N LEU B 939 30.58 37.53 -7.94
CA LEU B 939 30.83 36.88 -9.22
C LEU B 939 31.58 37.80 -10.18
N ALA B 940 31.41 39.11 -10.04
CA ALA B 940 32.09 40.08 -10.89
C ALA B 940 33.48 40.43 -10.38
N GLY B 941 33.90 39.89 -9.23
CA GLY B 941 35.19 40.19 -8.68
C GLY B 941 35.28 41.49 -7.91
N THR B 942 34.19 42.24 -7.79
CA THR B 942 34.16 43.51 -7.08
C THR B 942 33.21 43.39 -5.90
N PRO B 943 33.71 43.08 -4.70
CA PRO B 943 32.80 42.83 -3.57
C PRO B 943 32.39 44.07 -2.82
N VAL B 944 33.18 45.14 -2.92
CA VAL B 944 32.97 46.34 -2.12
C VAL B 944 32.05 47.28 -2.89
N VAL B 945 30.87 47.54 -2.32
CA VAL B 945 29.92 48.48 -2.93
C VAL B 945 30.49 49.88 -2.78
N GLY B 946 30.98 50.46 -3.88
CA GLY B 946 31.48 51.81 -3.83
C GLY B 946 30.41 52.82 -3.46
N GLU B 947 29.23 52.69 -4.06
CA GLU B 947 28.12 53.58 -3.76
C GLU B 947 26.84 52.94 -4.24
N LEU B 948 25.79 53.04 -3.43
CA LEU B 948 24.47 52.54 -3.79
C LEU B 948 23.42 53.53 -3.29
N VAL B 949 22.53 53.94 -4.18
CA VAL B 949 21.43 54.83 -3.85
C VAL B 949 20.15 54.19 -4.37
N VAL B 950 19.20 53.95 -3.46
CA VAL B 950 17.94 53.32 -3.80
C VAL B 950 16.92 54.42 -4.08
N ASP B 951 16.54 54.56 -5.35
CA ASP B 951 15.54 55.55 -5.71
C ASP B 951 14.20 55.24 -5.05
N ALA B 952 13.80 53.98 -5.05
CA ALA B 952 12.55 53.56 -4.43
C ALA B 952 12.64 52.08 -4.11
N PRO B 953 11.97 51.62 -3.07
CA PRO B 953 11.97 50.18 -2.75
C PRO B 953 11.07 49.43 -3.71
N VAL B 954 10.93 48.13 -3.47
CA VAL B 954 10.20 47.22 -4.33
C VAL B 954 9.02 46.65 -3.55
N VAL B 955 7.83 46.71 -4.15
CA VAL B 955 6.61 46.16 -3.57
C VAL B 955 6.26 44.91 -4.35
N LEU B 956 6.35 43.75 -3.70
CA LEU B 956 6.01 42.51 -4.38
C LEU B 956 4.50 42.38 -4.54
N PRO B 957 4.01 41.93 -5.69
CA PRO B 957 2.57 41.77 -5.88
C PRO B 957 2.01 40.66 -5.00
N ARG B 958 0.73 40.82 -4.66
CA ARG B 958 0.05 39.82 -3.84
C ARG B 958 -0.05 38.50 -4.60
N ARG B 959 -0.50 38.54 -5.84
CA ARG B 959 -0.44 37.39 -6.74
C ARG B 959 0.61 37.61 -7.82
N GLY B 960 1.34 36.54 -8.13
CA GLY B 960 2.42 36.62 -9.10
C GLY B 960 3.72 37.09 -8.49
N SER B 961 4.75 37.08 -9.32
CA SER B 961 6.08 37.49 -8.90
C SER B 961 6.58 38.60 -9.82
N ARG B 962 7.29 39.55 -9.22
CA ARG B 962 7.88 40.66 -9.96
C ARG B 962 9.21 40.24 -10.56
N GLU B 963 9.41 40.58 -11.83
CA GLU B 963 10.67 40.34 -12.50
C GLU B 963 11.66 41.43 -12.11
N VAL B 964 12.79 41.04 -11.50
CA VAL B 964 13.81 41.96 -11.04
C VAL B 964 15.08 41.68 -11.81
N GLN B 965 15.63 42.71 -12.44
CA GLN B 965 16.85 42.61 -13.23
C GLN B 965 17.90 43.53 -12.62
N LEU B 966 19.05 42.97 -12.27
CA LEU B 966 20.18 43.74 -11.76
C LEU B 966 21.27 43.70 -12.82
N ILE B 967 21.72 44.87 -13.25
CA ILE B 967 22.62 45.02 -14.38
C ILE B 967 23.96 45.55 -13.88
N VAL B 968 25.03 44.88 -14.27
CA VAL B 968 26.40 45.21 -13.92
C VAL B 968 27.09 45.68 -15.19
N GLY B 969 27.61 46.91 -15.18
CA GLY B 969 28.23 47.49 -16.34
C GLY B 969 29.71 47.18 -16.44
N GLU B 970 30.33 47.75 -17.46
CA GLU B 970 31.74 47.52 -17.71
C GLU B 970 32.60 48.16 -16.62
N PRO B 971 33.71 47.54 -16.26
CA PRO B 971 34.59 48.13 -15.23
C PRO B 971 35.26 49.39 -15.75
N GLY B 972 35.05 50.50 -15.05
CA GLY B 972 35.65 51.78 -15.38
C GLY B 972 36.94 52.01 -14.61
N GLU B 973 37.15 53.27 -14.22
CA GLU B 973 38.31 53.60 -13.41
C GLU B 973 38.22 52.89 -12.06
N GLN B 974 39.39 52.55 -11.51
CA GLN B 974 39.50 51.78 -10.27
C GLN B 974 38.76 50.45 -10.35
N ARG B 975 38.57 49.95 -11.58
CA ARG B 975 37.80 48.72 -11.83
C ARG B 975 36.40 48.79 -11.24
N ARG B 976 35.82 49.99 -11.24
CA ARG B 976 34.46 50.20 -10.76
C ARG B 976 33.47 50.01 -11.90
N ARG B 977 32.33 49.42 -11.57
CA ARG B 977 31.34 49.08 -12.56
C ARG B 977 30.00 49.71 -12.20
N PRO B 978 29.27 50.25 -13.18
CA PRO B 978 27.95 50.81 -12.88
C PRO B 978 26.96 49.71 -12.54
N ILE B 979 26.14 49.96 -11.53
CA ILE B 979 25.18 49.01 -11.01
C ILE B 979 23.79 49.63 -11.13
N GLU B 980 22.85 48.90 -11.72
CA GLU B 980 21.48 49.36 -11.80
C GLU B 980 20.50 48.25 -11.44
N VAL B 981 19.34 48.64 -10.92
CA VAL B 981 18.30 47.72 -10.51
C VAL B 981 17.00 48.15 -11.17
N PHE B 982 16.30 47.20 -11.78
CA PHE B 982 15.00 47.45 -12.38
C PHE B 982 14.05 46.33 -11.98
N SER B 983 12.75 46.63 -12.02
CA SER B 983 11.75 45.63 -11.69
C SER B 983 10.44 45.98 -12.38
N ARG B 984 9.68 44.94 -12.72
CA ARG B 984 8.36 45.12 -13.32
C ARG B 984 7.45 43.93 -13.05
N GLU B 988 4.41 45.64 -17.55
CA GLU B 988 4.51 47.02 -17.12
C GLU B 988 5.91 47.58 -17.41
N PRO B 989 6.00 48.90 -17.62
CA PRO B 989 7.30 49.52 -17.94
C PRO B 989 8.36 49.28 -16.88
N TRP B 990 9.62 49.21 -17.31
CA TRP B 990 10.73 49.00 -16.40
C TRP B 990 10.80 50.12 -15.37
N THR B 991 10.93 49.73 -14.10
CA THR B 991 10.99 50.68 -12.99
C THR B 991 12.35 50.54 -12.31
N ARG B 992 13.17 51.59 -12.41
CA ARG B 992 14.47 51.59 -11.75
C ARG B 992 14.29 51.86 -10.26
N HIS B 993 14.93 51.05 -9.44
CA HIS B 993 14.82 51.16 -7.99
C HIS B 993 16.11 51.59 -7.30
N ALA B 994 17.26 51.22 -7.84
CA ALA B 994 18.53 51.59 -7.22
C ALA B 994 19.61 51.67 -8.28
N HIS B 995 20.66 52.41 -7.98
CA HIS B 995 21.78 52.60 -8.91
C HIS B 995 23.00 53.03 -8.12
N GLY B 996 24.16 52.84 -8.75
CA GLY B 996 25.40 53.23 -8.10
C GLY B 996 26.62 52.67 -8.82
N THR B 997 27.71 52.57 -8.07
CA THR B 997 28.97 52.05 -8.58
C THR B 997 29.49 50.98 -7.64
N LEU B 998 30.23 50.02 -8.22
CA LEU B 998 30.76 48.89 -7.49
C LEU B 998 32.28 48.86 -7.63
N ALA B 999 32.97 48.56 -6.54
CA ALA B 999 34.43 48.64 -6.47
C ALA B 999 35.01 47.31 -6.01
N PRO B 1000 36.27 47.02 -6.36
CA PRO B 1000 36.90 45.78 -5.91
C PRO B 1000 37.23 45.81 -4.42
N ALA B 1001 37.79 44.72 -3.91
CA ALA B 1001 38.13 44.64 -2.51
C ALA B 1001 39.29 45.59 -2.18
N ALA B 1002 39.13 46.33 -1.09
CA ALA B 1002 40.16 47.26 -0.66
C ALA B 1002 41.27 46.52 0.08
N ALA B 1003 42.52 46.89 -0.20
CA ALA B 1003 43.65 46.28 0.48
C ALA B 1003 43.63 46.59 1.98
N ALA B 1004 43.28 47.82 2.34
CA ALA B 1004 43.24 48.25 3.73
C ALA B 1004 41.79 48.34 4.19
N VAL B 1005 41.50 47.75 5.34
CA VAL B 1005 40.17 47.81 5.93
C VAL B 1005 40.25 48.65 7.21
N PRO B 1006 40.10 49.97 7.11
CA PRO B 1006 40.20 50.81 8.32
C PRO B 1006 39.05 50.56 9.27
N GLU B 1007 39.31 50.78 10.55
CA GLU B 1007 38.31 50.60 11.59
C GLU B 1007 37.87 51.96 12.13
N PRO B 1008 36.71 52.46 11.73
CA PRO B 1008 36.27 53.76 12.21
C PRO B 1008 35.91 53.71 13.70
N ALA B 1009 35.96 54.89 14.33
CA ALA B 1009 35.68 54.99 15.75
C ALA B 1009 34.22 54.63 16.04
N ALA B 1010 34.00 54.05 17.21
CA ALA B 1010 32.65 53.69 17.63
C ALA B 1010 31.90 54.94 18.07
N ALA B 1011 30.76 55.21 17.45
CA ALA B 1011 29.93 56.37 17.78
C ALA B 1011 28.67 55.99 18.55
N GLY B 1012 28.58 54.75 19.02
CA GLY B 1012 27.39 54.34 19.75
C GLY B 1012 27.61 52.98 20.40
N ASP B 1013 26.62 52.59 21.20
CA ASP B 1013 26.70 51.35 21.95
C ASP B 1013 26.43 50.16 21.04
N ALA B 1014 27.27 49.13 21.14
CA ALA B 1014 27.05 47.91 20.38
C ALA B 1014 25.87 47.15 20.95
N THR B 1015 24.98 46.69 20.08
CA THR B 1015 23.78 45.98 20.48
C THR B 1015 23.69 44.66 19.72
N ASP B 1016 23.17 43.63 20.37
CA ASP B 1016 23.04 42.33 19.74
C ASP B 1016 21.72 42.28 18.96
N VAL B 1017 21.82 41.97 17.67
CA VAL B 1017 20.68 41.90 16.77
C VAL B 1017 20.48 40.44 16.38
N THR B 1018 19.29 39.93 16.65
CA THR B 1018 18.85 38.61 16.22
C THR B 1018 17.46 38.73 15.61
N VAL B 1019 17.14 37.81 14.71
CA VAL B 1019 15.86 37.80 14.02
C VAL B 1019 15.19 36.46 14.25
N ALA B 1020 14.00 36.49 14.85
CA ALA B 1020 13.20 35.28 14.96
C ALA B 1020 12.63 34.91 13.59
N GLY B 1021 12.74 33.64 13.23
CA GLY B 1021 12.32 33.21 11.91
C GLY B 1021 13.35 33.45 10.81
N LEU B 1022 14.59 33.78 11.17
CA LEU B 1022 15.63 33.97 10.18
C LEU B 1022 16.10 32.63 9.63
N ARG B 1023 15.32 32.03 8.75
CA ARG B 1023 15.61 30.72 8.20
C ARG B 1023 16.56 30.84 7.01
N ASP B 1024 17.14 29.69 6.65
CA ASP B 1024 18.10 29.54 5.54
C ASP B 1024 19.12 30.67 5.48
N ALA B 1025 19.64 31.07 6.65
CA ALA B 1025 20.66 32.12 6.70
C ALA B 1025 21.93 31.71 5.98
N ASP B 1026 22.16 30.41 5.78
CA ASP B 1026 23.35 29.96 5.06
C ASP B 1026 23.33 30.41 3.60
N ARG B 1027 22.14 30.43 2.98
CA ARG B 1027 22.01 30.82 1.58
C ARG B 1027 22.43 32.27 1.32
N TYR B 1028 22.51 33.09 2.37
CA TYR B 1028 22.99 34.45 2.25
C TYR B 1028 24.32 34.57 3.00
N GLY B 1029 25.20 35.44 2.51
CA GLY B 1029 26.31 35.86 3.36
C GLY B 1029 25.81 36.59 4.58
N ILE B 1030 25.00 37.62 4.39
CA ILE B 1030 24.18 38.25 5.43
C ILE B 1030 22.72 38.13 5.00
N HIS B 1031 21.89 37.60 5.89
CA HIS B 1031 20.48 37.55 5.60
C HIS B 1031 19.90 38.97 5.57
N PRO B 1032 19.07 39.29 4.58
CA PRO B 1032 18.50 40.65 4.52
C PRO B 1032 17.73 41.04 5.77
N ALA B 1033 16.94 40.12 6.33
CA ALA B 1033 16.17 40.42 7.51
C ALA B 1033 17.05 40.67 8.73
N LEU B 1034 18.30 40.23 8.69
CA LEU B 1034 19.24 40.58 9.75
C LEU B 1034 19.86 41.95 9.50
N LEU B 1035 20.28 42.21 8.27
CA LEU B 1035 20.96 43.46 7.95
C LEU B 1035 20.03 44.66 8.14
N ASP B 1036 18.77 44.55 7.71
CA ASP B 1036 17.85 45.67 7.87
C ASP B 1036 17.59 45.97 9.34
N ALA B 1037 17.42 44.93 10.15
CA ALA B 1037 17.22 45.14 11.58
C ALA B 1037 18.46 45.76 12.22
N ALA B 1038 19.65 45.31 11.80
CA ALA B 1038 20.88 45.87 12.36
C ALA B 1038 21.04 47.34 11.98
N VAL B 1039 20.70 47.69 10.75
CA VAL B 1039 20.88 49.07 10.30
C VAL B 1039 19.78 49.99 10.82
N ARG B 1040 18.61 49.45 11.17
CA ARG B 1040 17.57 50.27 11.77
C ARG B 1040 17.98 50.82 13.13
N THR B 1041 18.97 50.20 13.78
CA THR B 1041 19.47 50.70 15.05
C THR B 1041 20.17 52.05 14.91
N VAL B 1042 20.51 52.47 13.69
CA VAL B 1042 21.16 53.74 13.44
C VAL B 1042 20.31 54.61 12.52
N VAL B 1043 19.91 54.07 11.36
CA VAL B 1043 19.06 54.81 10.43
C VAL B 1043 17.70 55.10 11.05
N GLY B 1044 17.11 54.09 11.69
CA GLY B 1044 15.79 54.26 12.28
C GLY B 1044 14.74 53.39 11.60
N ASP B 1045 13.75 52.94 12.38
CA ASP B 1045 12.70 52.11 11.83
C ASP B 1045 11.86 52.88 10.81
N ASP B 1046 11.54 54.14 11.11
CA ASP B 1046 10.71 54.95 10.23
C ASP B 1046 11.43 55.30 8.92
N LEU B 1047 12.76 55.39 8.94
CA LEU B 1047 13.53 55.81 7.78
C LEU B 1047 14.04 54.59 7.04
N LEU B 1048 13.72 54.50 5.76
CA LEU B 1048 14.26 53.44 4.92
C LEU B 1048 15.71 53.78 4.57
N PRO B 1049 16.67 52.93 4.91
CA PRO B 1049 18.07 53.23 4.56
C PRO B 1049 18.32 53.09 3.08
N SER B 1050 18.49 54.21 2.38
CA SER B 1050 18.58 54.20 0.93
C SER B 1050 19.98 54.53 0.40
N VAL B 1051 20.88 54.99 1.25
CA VAL B 1051 22.23 55.35 0.84
C VAL B 1051 23.21 54.39 1.52
N TRP B 1052 24.11 53.83 0.73
CA TRP B 1052 25.13 52.93 1.26
C TRP B 1052 26.45 53.21 0.57
N THR B 1053 27.51 53.37 1.35
CA THR B 1053 28.85 53.59 0.82
C THR B 1053 29.84 52.69 1.53
N GLY B 1054 30.86 52.26 0.78
CA GLY B 1054 31.95 51.49 1.35
C GLY B 1054 31.50 50.20 2.02
N VAL B 1055 30.56 49.49 1.41
CA VAL B 1055 30.05 48.26 2.00
C VAL B 1055 31.04 47.14 1.75
N SER B 1056 31.54 46.52 2.82
CA SER B 1056 32.49 45.42 2.73
C SER B 1056 32.00 44.27 3.59
N LEU B 1057 32.22 43.05 3.08
CA LEU B 1057 31.76 41.84 3.74
C LEU B 1057 32.93 40.92 4.03
N LEU B 1058 32.96 40.37 5.24
CA LEU B 1058 34.02 39.46 5.66
C LEU B 1058 33.53 38.09 6.08
N ALA B 1059 32.23 37.91 6.31
CA ALA B 1059 31.71 36.65 6.83
C ALA B 1059 30.46 36.26 6.06
N SER B 1060 30.05 35.00 6.25
CA SER B 1060 28.89 34.46 5.56
C SER B 1060 28.05 33.63 6.53
N GLY B 1061 26.77 33.53 6.22
CA GLY B 1061 25.87 32.71 7.02
C GLY B 1061 25.66 33.16 8.45
N ALA B 1062 25.55 34.47 8.68
CA ALA B 1062 25.36 34.97 10.03
C ALA B 1062 23.92 34.78 10.49
N THR B 1063 23.75 34.55 11.78
CA THR B 1063 22.43 34.44 12.41
C THR B 1063 22.21 35.47 13.50
N ALA B 1064 23.22 35.76 14.31
CA ALA B 1064 23.20 36.83 15.29
C ALA B 1064 24.40 37.74 15.07
N VAL B 1065 24.20 39.03 15.32
CA VAL B 1065 25.25 40.00 15.08
C VAL B 1065 25.36 40.96 16.26
N THR B 1066 26.49 41.66 16.31
CA THR B 1066 26.71 42.76 17.24
C THR B 1066 26.96 44.02 16.42
N VAL B 1067 26.20 45.07 16.70
CA VAL B 1067 26.20 46.30 15.93
C VAL B 1067 26.94 47.36 16.73
N THR B 1068 28.05 47.85 16.17
CA THR B 1068 28.78 48.99 16.71
C THR B 1068 28.70 50.11 15.69
N PRO B 1069 27.84 51.10 15.90
CA PRO B 1069 27.73 52.20 14.94
C PRO B 1069 28.98 53.06 14.92
N THR B 1070 29.26 53.63 13.75
CA THR B 1070 30.36 54.56 13.56
C THR B 1070 29.78 55.96 13.34
N ALA B 1071 30.67 56.91 13.03
CA ALA B 1071 30.23 58.28 12.80
C ALA B 1071 29.27 58.35 11.63
N THR B 1072 29.55 57.56 10.59
CA THR B 1072 28.69 57.58 9.37
C THR B 1072 28.13 56.20 9.13
N GLY B 1073 28.96 55.16 9.21
CA GLY B 1073 28.50 53.81 8.92
C GLY B 1073 28.29 52.99 10.18
N LEU B 1074 28.53 51.68 10.09
CA LEU B 1074 28.37 50.79 11.23
C LEU B 1074 29.20 49.53 10.99
N ARG B 1075 29.40 48.77 12.06
CA ARG B 1075 30.14 47.52 11.99
C ARG B 1075 29.28 46.41 12.59
N LEU B 1076 29.16 45.30 11.86
CA LEU B 1076 28.48 44.12 12.35
C LEU B 1076 29.51 43.03 12.57
N THR B 1077 29.55 42.48 13.76
CA THR B 1077 30.50 41.44 14.13
C THR B 1077 29.76 40.18 14.57
N ASP B 1078 30.41 39.04 14.42
CA ASP B 1078 29.81 37.78 14.84
C ASP B 1078 29.80 37.69 16.36
N PRO B 1079 28.96 36.81 16.92
CA PRO B 1079 29.01 36.59 18.37
C PRO B 1079 30.37 36.12 18.85
N ALA B 1080 31.16 35.49 17.97
CA ALA B 1080 32.55 35.15 18.29
C ALA B 1080 33.43 36.39 18.43
N GLY B 1081 32.95 37.55 17.97
CA GLY B 1081 33.66 38.80 18.10
C GLY B 1081 34.38 39.27 16.85
N GLN B 1082 34.60 38.38 15.89
CA GLN B 1082 35.29 38.76 14.67
C GLN B 1082 34.39 39.64 13.81
N PRO B 1083 34.98 40.58 13.06
CA PRO B 1083 34.17 41.42 12.18
C PRO B 1083 33.49 40.62 11.09
N VAL B 1084 32.29 41.05 10.69
CA VAL B 1084 31.49 40.40 9.68
C VAL B 1084 31.21 41.32 8.50
N LEU B 1085 30.64 42.49 8.77
CA LEU B 1085 30.30 43.44 7.73
C LEU B 1085 30.65 44.85 8.19
N THR B 1086 30.98 45.71 7.24
CA THR B 1086 31.30 47.10 7.51
C THR B 1086 30.59 47.99 6.51
N VAL B 1087 29.96 49.05 7.00
CA VAL B 1087 29.33 50.06 6.16
C VAL B 1087 30.02 51.39 6.45
N GLU B 1088 30.66 51.97 5.42
CA GLU B 1088 31.36 53.26 5.59
C GLU B 1088 30.33 54.34 5.98
N SER B 1089 29.19 54.38 5.30
CA SER B 1089 28.16 55.36 5.60
C SER B 1089 26.81 54.84 5.12
N VAL B 1090 25.78 55.05 5.93
CA VAL B 1090 24.42 54.69 5.56
C VAL B 1090 23.51 55.86 5.95
N ARG B 1091 22.58 56.19 5.06
CA ARG B 1091 21.65 57.29 5.27
C ARG B 1091 20.24 56.84 4.92
N GLY B 1092 19.27 57.28 5.72
CA GLY B 1092 17.89 56.89 5.56
C GLY B 1092 17.04 58.05 5.07
N THR B 1093 15.95 57.71 4.39
CA THR B 1093 14.99 58.66 3.86
C THR B 1093 13.59 58.27 4.31
N PRO B 1094 12.70 59.25 4.46
CA PRO B 1094 11.31 58.92 4.79
C PRO B 1094 10.65 58.12 3.67
N PHE B 1095 9.76 57.22 4.07
CA PHE B 1095 9.06 56.39 3.10
C PHE B 1095 8.09 57.25 2.29
N VAL B 1096 8.12 57.10 0.98
CA VAL B 1096 7.23 57.80 0.07
C VAL B 1096 6.38 56.76 -0.66
N ALA B 1097 5.06 56.90 -0.56
CA ALA B 1097 4.16 55.97 -1.22
C ALA B 1097 4.26 56.15 -2.74
N GLU B 1098 4.74 55.12 -3.41
CA GLU B 1098 4.87 55.18 -4.87
C GLU B 1098 3.50 55.29 -5.52
N GLN B 1099 3.42 56.08 -6.58
CA GLN B 1099 2.16 56.29 -7.28
C GLN B 1099 1.71 55.00 -7.96
N GLY B 1100 0.41 54.89 -8.18
CA GLY B 1100 -0.14 53.76 -8.91
C GLY B 1100 0.44 53.64 -10.30
N THR B 1101 0.83 52.43 -10.68
CA THR B 1101 1.51 52.23 -11.95
C THR B 1101 0.61 52.63 -13.12
N THR B 1102 1.17 53.42 -14.03
CA THR B 1102 0.43 53.93 -15.19
C THR B 1102 0.73 53.10 -16.43
N ASP B 1103 0.36 51.82 -16.37
CA ASP B 1103 0.60 50.89 -17.46
C ASP B 1103 -0.65 50.63 -18.29
N ALA B 1104 -1.73 51.37 -18.05
CA ALA B 1104 -2.98 51.17 -18.77
C ALA B 1104 -3.16 52.12 -19.95
N LEU B 1105 -2.17 52.98 -20.23
CA LEU B 1105 -2.28 53.95 -21.30
C LEU B 1105 -1.98 53.29 -22.64
N PHE B 1106 -2.92 53.39 -23.57
CA PHE B 1106 -2.74 52.86 -24.91
C PHE B 1106 -3.12 53.92 -25.94
N ARG B 1107 -2.43 53.87 -27.08
CA ARG B 1107 -2.68 54.76 -28.20
C ARG B 1107 -3.19 53.96 -29.40
N VAL B 1108 -3.89 54.65 -30.28
CA VAL B 1108 -4.45 54.05 -31.49
C VAL B 1108 -3.35 54.09 -32.56
N ASP B 1109 -2.68 52.97 -32.75
CA ASP B 1109 -1.64 52.83 -33.75
C ASP B 1109 -2.26 52.13 -34.95
N TRP B 1110 -1.66 52.31 -36.12
CA TRP B 1110 -2.21 51.80 -37.38
C TRP B 1110 -1.17 50.92 -38.08
N PRO B 1111 -1.00 49.68 -37.63
CA PRO B 1111 -0.08 48.77 -38.31
C PRO B 1111 -0.55 48.42 -39.71
N GLU B 1112 0.42 48.18 -40.58
CA GLU B 1112 0.15 47.79 -41.96
C GLU B 1112 -0.36 46.35 -42.04
N ILE B 1113 -1.23 46.13 -43.02
CA ILE B 1113 -1.78 44.79 -43.26
C ILE B 1113 -1.82 44.53 -44.75
N PRO B 1114 -1.68 43.26 -45.14
CA PRO B 1114 -1.80 42.91 -46.56
C PRO B 1114 -3.19 43.17 -47.09
N LEU B 1115 -3.25 43.58 -48.35
CA LEU B 1115 -4.52 43.74 -49.05
C LEU B 1115 -4.69 42.58 -50.03
N PRO B 1116 -5.63 41.67 -49.79
CA PRO B 1116 -5.76 40.51 -50.67
C PRO B 1116 -6.19 40.90 -52.08
N THR B 1117 -5.74 40.10 -53.05
CA THR B 1117 -6.06 40.33 -54.45
C THR B 1117 -7.50 39.88 -54.70
N ALA B 1118 -8.44 40.79 -54.47
CA ALA B 1118 -9.85 40.51 -54.64
C ALA B 1118 -10.48 41.57 -55.55
N GLU B 1119 -11.43 41.13 -56.36
CA GLU B 1119 -12.14 42.02 -57.28
C GLU B 1119 -13.63 42.12 -57.01
N THR B 1120 -14.27 41.03 -56.60
CA THR B 1120 -15.68 41.03 -56.21
C THR B 1120 -15.80 40.45 -54.81
N ALA B 1121 -16.68 41.06 -54.00
CA ALA B 1121 -16.84 40.64 -52.62
C ALA B 1121 -18.27 40.92 -52.18
N ASP B 1122 -18.65 40.30 -51.07
CA ASP B 1122 -19.98 40.48 -50.48
C ASP B 1122 -19.98 41.79 -49.69
N PHE B 1123 -20.26 42.89 -50.38
CA PHE B 1123 -20.26 44.19 -49.74
C PHE B 1123 -21.35 45.06 -50.35
N LEU B 1124 -21.84 46.00 -49.55
CA LEU B 1124 -22.78 47.02 -50.01
C LEU B 1124 -22.10 48.38 -49.94
N PRO B 1125 -21.67 48.94 -51.07
CA PRO B 1125 -20.93 50.21 -51.02
C PRO B 1125 -21.86 51.39 -50.78
N TYR B 1126 -21.39 52.31 -49.94
CA TYR B 1126 -22.11 53.54 -49.65
C TYR B 1126 -21.12 54.56 -49.12
N GLU B 1127 -21.27 55.82 -49.55
CA GLU B 1127 -20.37 56.90 -49.14
C GLU B 1127 -21.00 57.62 -47.95
N ALA B 1128 -20.51 57.35 -46.76
CA ALA B 1128 -21.01 57.99 -45.56
C ALA B 1128 -20.43 59.40 -45.44
N THR B 1129 -21.30 60.39 -45.34
CA THR B 1129 -20.89 61.80 -45.33
C THR B 1129 -20.86 62.40 -43.94
N SER B 1130 -21.89 62.16 -43.13
CA SER B 1130 -21.97 62.74 -41.80
C SER B 1130 -22.40 61.68 -40.80
N ALA B 1131 -22.34 62.04 -39.52
CA ALA B 1131 -22.78 61.13 -38.47
C ALA B 1131 -24.27 60.84 -38.60
N GLU B 1132 -25.08 61.88 -38.86
CA GLU B 1132 -26.51 61.67 -39.01
C GLU B 1132 -26.82 60.83 -40.24
N ALA B 1133 -26.15 61.12 -41.36
CA ALA B 1133 -26.37 60.33 -42.56
C ALA B 1133 -25.94 58.88 -42.36
N THR B 1134 -24.81 58.67 -41.68
CA THR B 1134 -24.36 57.31 -41.40
C THR B 1134 -25.36 56.57 -40.52
N LEU B 1135 -25.89 57.23 -39.49
CA LEU B 1135 -26.87 56.59 -38.63
C LEU B 1135 -28.16 56.27 -39.39
N SER B 1136 -28.59 57.18 -40.27
CA SER B 1136 -29.79 56.92 -41.07
C SER B 1136 -29.57 55.73 -42.00
N ALA B 1137 -28.41 55.66 -42.65
CA ALA B 1137 -28.12 54.53 -43.53
C ALA B 1137 -28.04 53.23 -42.75
N LEU B 1138 -27.44 53.26 -41.55
CA LEU B 1138 -27.38 52.06 -40.72
C LEU B 1138 -28.77 51.61 -40.30
N GLN B 1139 -29.64 52.56 -39.95
CA GLN B 1139 -31.02 52.21 -39.61
C GLN B 1139 -31.74 51.61 -40.81
N ALA B 1140 -31.53 52.19 -42.00
CA ALA B 1140 -32.15 51.65 -43.20
C ALA B 1140 -31.68 50.22 -43.48
N TRP B 1141 -30.37 49.98 -43.32
CA TRP B 1141 -29.86 48.63 -43.56
C TRP B 1141 -30.32 47.64 -42.50
N LEU B 1142 -30.45 48.09 -41.24
CA LEU B 1142 -30.99 47.23 -40.20
C LEU B 1142 -32.46 46.93 -40.45
N ALA B 1143 -33.19 47.85 -41.06
CA ALA B 1143 -34.52 47.57 -41.55
C ALA B 1143 -34.49 46.76 -42.84
N ASP B 1144 -33.35 46.73 -43.52
CA ASP B 1144 -33.21 45.92 -44.73
C ASP B 1144 -32.92 44.47 -44.35
N PRO B 1145 -33.75 43.51 -44.75
CA PRO B 1145 -33.51 42.11 -44.36
C PRO B 1145 -32.35 41.47 -45.08
N ALA B 1146 -31.70 42.17 -46.01
CA ALA B 1146 -30.59 41.59 -46.76
C ALA B 1146 -29.43 41.24 -45.83
N GLU B 1147 -28.92 40.02 -45.96
CA GLU B 1147 -27.76 39.57 -45.20
C GLU B 1147 -26.46 39.82 -45.96
N THR B 1148 -26.30 41.06 -46.42
CA THR B 1148 -25.12 41.46 -47.18
C THR B 1148 -24.37 42.53 -46.39
N ARG B 1149 -23.06 42.36 -46.27
CA ARG B 1149 -22.25 43.27 -45.49
C ARG B 1149 -22.22 44.66 -46.12
N LEU B 1150 -22.07 45.67 -45.27
CA LEU B 1150 -22.01 47.07 -45.69
C LEU B 1150 -20.58 47.57 -45.53
N ALA B 1151 -20.06 48.19 -46.57
CA ALA B 1151 -18.71 48.76 -46.57
C ALA B 1151 -18.84 50.28 -46.43
N VAL B 1152 -18.66 50.77 -45.21
CA VAL B 1152 -18.77 52.20 -44.94
C VAL B 1152 -17.50 52.89 -45.43
N VAL B 1153 -17.64 53.72 -46.46
CA VAL B 1153 -16.52 54.45 -47.04
C VAL B 1153 -16.63 55.90 -46.58
N THR B 1154 -15.64 56.35 -45.82
CA THR B 1154 -15.60 57.69 -45.27
C THR B 1154 -14.34 58.42 -45.75
N GLY B 1155 -14.16 59.63 -45.23
CA GLY B 1155 -12.92 60.36 -45.43
C GLY B 1155 -11.87 59.88 -44.45
N ASP B 1156 -10.81 60.68 -44.32
CA ASP B 1156 -9.75 60.34 -43.38
C ASP B 1156 -10.31 60.29 -41.97
N CYS B 1157 -10.01 59.20 -41.25
CA CYS B 1157 -10.65 58.95 -39.96
C CYS B 1157 -10.32 60.02 -38.94
N THR B 1158 -9.18 60.70 -39.09
CA THR B 1158 -8.82 61.75 -38.15
C THR B 1158 -9.73 62.97 -38.25
N GLU B 1159 -10.48 63.09 -39.34
CA GLU B 1159 -11.41 64.21 -39.48
C GLU B 1159 -12.57 64.05 -38.51
N PRO B 1160 -12.97 65.12 -37.81
CA PRO B 1160 -14.00 64.97 -36.77
C PRO B 1160 -15.31 64.39 -37.28
N GLY B 1161 -15.78 64.81 -38.45
CA GLY B 1161 -16.97 64.21 -39.01
C GLY B 1161 -16.77 62.74 -39.36
N ALA B 1162 -15.66 62.43 -40.03
CA ALA B 1162 -15.34 61.04 -40.31
C ALA B 1162 -15.06 60.26 -39.03
N ALA B 1163 -14.53 60.93 -38.00
CA ALA B 1163 -14.35 60.28 -36.70
C ALA B 1163 -15.69 59.88 -36.09
N ALA B 1164 -16.68 60.79 -36.17
CA ALA B 1164 -18.02 60.45 -35.67
C ALA B 1164 -18.64 59.32 -36.47
N ILE B 1165 -18.46 59.36 -37.80
CA ILE B 1165 -18.97 58.28 -38.65
C ILE B 1165 -18.34 56.95 -38.24
N TRP B 1166 -17.02 56.94 -38.06
CA TRP B 1166 -16.32 55.72 -37.67
C TRP B 1166 -16.79 55.22 -36.31
N GLY B 1167 -17.00 56.14 -35.36
CA GLY B 1167 -17.48 55.74 -34.06
C GLY B 1167 -18.87 55.12 -34.11
N LEU B 1168 -19.77 55.74 -34.89
CA LEU B 1168 -21.11 55.18 -35.03
C LEU B 1168 -21.08 53.80 -35.68
N VAL B 1169 -20.27 53.64 -36.73
CA VAL B 1169 -20.18 52.33 -37.38
C VAL B 1169 -19.55 51.31 -36.45
N ARG B 1170 -18.57 51.73 -35.63
CA ARG B 1170 -17.97 50.83 -34.66
C ARG B 1170 -18.98 50.37 -33.63
N SER B 1171 -19.82 51.30 -33.15
CA SER B 1171 -20.87 50.92 -32.22
C SER B 1171 -21.86 49.95 -32.85
N ALA B 1172 -22.25 50.21 -34.10
CA ALA B 1172 -23.17 49.31 -34.79
C ALA B 1172 -22.55 47.93 -34.97
N GLN B 1173 -21.27 47.88 -35.31
CA GLN B 1173 -20.57 46.60 -35.42
C GLN B 1173 -20.52 45.88 -34.08
N SER B 1174 -20.28 46.63 -32.99
CA SER B 1174 -20.34 46.03 -31.66
C SER B 1174 -21.73 45.46 -31.39
N GLU B 1175 -22.76 46.11 -31.93
CA GLU B 1175 -24.11 45.55 -31.84
C GLU B 1175 -24.28 44.39 -32.82
N HIS B 1176 -23.75 44.52 -34.04
CA HIS B 1176 -23.93 43.54 -35.11
C HIS B 1176 -22.57 43.16 -35.67
N PRO B 1177 -21.84 42.26 -35.00
CA PRO B 1177 -20.50 41.90 -35.47
C PRO B 1177 -20.52 41.16 -36.80
N GLY B 1178 -19.46 41.37 -37.57
CA GLY B 1178 -19.26 40.65 -38.81
C GLY B 1178 -20.16 41.04 -39.96
N ARG B 1179 -20.85 42.17 -39.85
CA ARG B 1179 -21.82 42.56 -40.87
C ARG B 1179 -21.58 43.96 -41.45
N ILE B 1180 -20.73 44.78 -40.84
CA ILE B 1180 -20.45 46.12 -41.33
C ILE B 1180 -18.94 46.30 -41.42
N VAL B 1181 -18.50 47.02 -42.45
CA VAL B 1181 -17.07 47.25 -42.70
C VAL B 1181 -16.83 48.75 -42.78
N LEU B 1182 -15.80 49.23 -42.08
CA LEU B 1182 -15.39 50.63 -42.13
C LEU B 1182 -14.22 50.77 -43.09
N ALA B 1183 -14.30 51.74 -43.99
CA ALA B 1183 -13.28 51.95 -45.00
C ALA B 1183 -12.90 53.43 -45.06
N ASP B 1184 -11.59 53.69 -45.00
CA ASP B 1184 -11.03 55.03 -45.23
C ASP B 1184 -10.02 54.87 -46.37
N LEU B 1185 -10.52 54.96 -47.60
CA LEU B 1185 -9.73 54.65 -48.78
C LEU B 1185 -9.52 55.91 -49.61
N ASP B 1186 -8.27 56.21 -49.94
CA ASP B 1186 -7.99 57.22 -50.95
C ASP B 1186 -8.50 56.78 -52.31
N ASP B 1187 -8.34 55.50 -52.62
CA ASP B 1187 -8.90 54.91 -53.85
C ASP B 1187 -9.88 53.80 -53.45
N PRO B 1188 -11.18 53.98 -53.68
CA PRO B 1188 -12.15 52.95 -53.27
C PRO B 1188 -12.13 51.70 -54.15
N ALA B 1189 -11.26 51.64 -55.16
CA ALA B 1189 -11.19 50.44 -56.00
C ALA B 1189 -10.68 49.25 -55.22
N VAL B 1190 -9.95 49.48 -54.13
CA VAL B 1190 -9.47 48.40 -53.27
C VAL B 1190 -10.52 48.06 -52.24
N LEU B 1191 -11.72 48.64 -52.39
CA LEU B 1191 -12.80 48.38 -51.43
C LEU B 1191 -13.15 46.91 -51.32
N PRO B 1192 -13.37 46.16 -52.42
CA PRO B 1192 -13.58 44.71 -52.25
C PRO B 1192 -12.40 44.02 -51.56
N ALA B 1193 -11.17 44.42 -51.90
CA ALA B 1193 -10.01 43.83 -51.26
C ALA B 1193 -10.04 44.06 -49.75
N VAL B 1194 -10.36 45.29 -49.34
CA VAL B 1194 -10.55 45.56 -47.92
C VAL B 1194 -11.64 44.66 -47.35
N VAL B 1195 -12.72 44.47 -48.10
CA VAL B 1195 -13.77 43.55 -47.66
C VAL B 1195 -13.23 42.13 -47.57
N ALA B 1196 -12.32 41.77 -48.46
CA ALA B 1196 -11.65 40.47 -48.38
C ALA B 1196 -10.53 40.47 -47.35
N SER B 1197 -10.13 41.63 -46.83
CA SER B 1197 -9.08 41.67 -45.82
C SER B 1197 -9.54 41.02 -44.52
N GLY B 1198 -10.81 41.20 -44.15
CA GLY B 1198 -11.34 40.65 -42.94
C GLY B 1198 -11.35 41.58 -41.75
N GLU B 1199 -10.66 42.71 -41.83
CA GLU B 1199 -10.65 43.68 -40.74
C GLU B 1199 -11.76 44.69 -40.94
N PRO B 1200 -12.68 44.85 -39.99
CA PRO B 1200 -13.78 45.81 -40.19
C PRO B 1200 -13.32 47.24 -40.37
N GLN B 1201 -12.22 47.63 -39.72
CA GLN B 1201 -11.74 49.01 -39.75
C GLN B 1201 -10.39 49.03 -40.47
N VAL B 1202 -10.36 49.65 -41.65
CA VAL B 1202 -9.17 49.70 -42.49
C VAL B 1202 -9.05 51.09 -43.09
N ARG B 1203 -7.83 51.63 -43.11
CA ARG B 1203 -7.50 52.85 -43.83
C ARG B 1203 -6.45 52.52 -44.88
N VAL B 1204 -6.76 52.77 -46.15
CA VAL B 1204 -5.86 52.45 -47.25
C VAL B 1204 -5.32 53.75 -47.84
N ARG B 1205 -3.99 53.82 -47.97
CA ARG B 1205 -3.33 54.93 -48.63
C ARG B 1205 -2.27 54.37 -49.57
N ASN B 1206 -2.30 54.82 -50.82
CA ASN B 1206 -1.32 54.42 -51.84
C ASN B 1206 -1.26 52.89 -51.99
N GLY B 1207 -2.41 52.24 -51.83
CA GLY B 1207 -2.49 50.80 -51.98
C GLY B 1207 -2.05 50.00 -50.76
N VAL B 1208 -1.63 50.67 -49.69
CA VAL B 1208 -1.19 50.00 -48.46
C VAL B 1208 -2.22 50.27 -47.38
N ALA B 1209 -2.68 49.21 -46.73
CA ALA B 1209 -3.74 49.29 -45.74
C ALA B 1209 -3.17 49.25 -44.33
N SER B 1210 -3.86 49.91 -43.40
CA SER B 1210 -3.50 49.91 -41.99
C SER B 1210 -4.77 49.73 -41.17
N VAL B 1211 -4.60 49.18 -39.97
CA VAL B 1211 -5.75 48.88 -39.11
C VAL B 1211 -5.57 49.51 -37.73
N PRO B 1212 -6.64 49.90 -37.05
CA PRO B 1212 -6.50 50.50 -35.72
C PRO B 1212 -6.27 49.44 -34.66
N ARG B 1213 -5.31 49.70 -33.77
CA ARG B 1213 -4.99 48.83 -32.65
C ARG B 1213 -4.65 49.70 -31.45
N LEU B 1214 -4.76 49.11 -30.26
CA LEU B 1214 -4.41 49.79 -29.03
C LEU B 1214 -3.06 49.27 -28.55
N THR B 1215 -2.08 50.16 -28.43
CA THR B 1215 -0.73 49.79 -28.06
C THR B 1215 -0.29 50.59 -26.84
N ARG B 1216 0.27 49.90 -25.84
CA ARG B 1216 0.73 50.57 -24.63
C ARG B 1216 1.88 51.52 -24.94
N VAL B 1217 1.93 52.63 -24.22
CA VAL B 1217 2.96 53.65 -24.38
C VAL B 1217 3.65 53.87 -23.04
N THR B 1218 4.97 53.92 -23.06
CA THR B 1218 5.74 54.19 -21.85
C THR B 1218 5.45 55.60 -21.35
N PRO B 1219 5.06 55.78 -20.09
CA PRO B 1219 4.77 57.13 -19.60
C PRO B 1219 5.99 58.03 -19.64
N ARG B 1220 5.75 59.32 -19.85
CA ARG B 1220 6.82 60.29 -19.99
C ARG B 1220 7.23 60.85 -18.64
N GLN B 1221 8.50 61.24 -18.54
CA GLN B 1221 9.06 61.78 -17.31
C GLN B 1221 9.09 63.31 -17.33
N ASP B 1222 9.63 63.91 -18.39
CA ASP B 1222 9.86 65.34 -18.45
C ASP B 1222 8.56 66.05 -18.86
N ALA B 1223 7.69 66.24 -17.87
CA ALA B 1223 6.44 66.96 -18.07
C ALA B 1223 6.55 68.37 -17.52
N ARG B 1224 5.95 69.32 -18.22
CA ARG B 1224 5.93 70.70 -17.75
C ARG B 1224 5.11 70.78 -16.46
N PRO B 1225 5.68 71.25 -15.36
CA PRO B 1225 4.93 71.28 -14.10
C PRO B 1225 3.78 72.25 -14.15
N LEU B 1226 2.72 71.91 -13.43
CA LEU B 1226 1.57 72.81 -13.31
C LEU B 1226 1.91 73.95 -12.37
N ASP B 1227 1.66 75.17 -12.80
CA ASP B 1227 2.03 76.35 -12.02
C ASP B 1227 1.09 76.51 -10.83
N PRO B 1228 1.60 76.52 -9.59
CA PRO B 1228 0.72 76.76 -8.44
C PRO B 1228 0.03 78.10 -8.48
N GLU B 1229 0.68 79.13 -9.04
CA GLU B 1229 0.07 80.45 -9.15
C GLU B 1229 -1.01 80.52 -10.22
N GLY B 1230 -1.12 79.51 -11.08
CA GLY B 1230 -2.09 79.53 -12.15
C GLY B 1230 -3.47 79.11 -11.70
N THR B 1231 -4.38 79.06 -12.67
CA THR B 1231 -5.76 78.66 -12.44
C THR B 1231 -6.11 77.49 -13.35
N VAL B 1232 -6.80 76.51 -12.80
CA VAL B 1232 -7.24 75.33 -13.55
C VAL B 1232 -8.76 75.35 -13.61
N LEU B 1233 -9.30 75.34 -14.83
CA LEU B 1233 -10.74 75.32 -15.06
C LEU B 1233 -11.20 73.90 -15.31
N ILE B 1234 -12.25 73.47 -14.61
CA ILE B 1234 -12.78 72.12 -14.72
C ILE B 1234 -14.23 72.21 -15.19
N THR B 1235 -14.53 71.47 -16.26
CA THR B 1235 -15.89 71.40 -16.79
C THR B 1235 -16.63 70.25 -16.15
N GLY B 1236 -17.86 70.51 -15.70
CA GLY B 1236 -18.63 69.50 -14.99
C GLY B 1236 -18.05 69.11 -13.66
N GLY B 1237 -17.60 70.09 -12.87
CA GLY B 1237 -16.96 69.81 -11.60
C GLY B 1237 -17.91 69.37 -10.50
N THR B 1238 -19.21 69.65 -10.65
CA THR B 1238 -20.18 69.27 -9.63
C THR B 1238 -20.49 67.78 -9.63
N GLY B 1239 -20.09 67.05 -10.67
CA GLY B 1239 -20.26 65.61 -10.68
C GLY B 1239 -19.23 64.92 -9.81
N THR B 1240 -19.39 63.61 -9.70
CA THR B 1240 -18.46 62.81 -8.89
C THR B 1240 -17.05 62.85 -9.49
N LEU B 1241 -16.96 62.67 -10.81
CA LEU B 1241 -15.65 62.66 -11.47
C LEU B 1241 -14.98 64.03 -11.40
N GLY B 1242 -15.76 65.12 -11.55
CA GLY B 1242 -15.18 66.44 -11.45
C GLY B 1242 -14.63 66.74 -10.07
N ALA B 1243 -15.39 66.38 -9.03
CA ALA B 1243 -14.90 66.54 -7.66
C ALA B 1243 -13.66 65.69 -7.42
N LEU B 1244 -13.65 64.46 -7.93
CA LEU B 1244 -12.48 63.60 -7.78
C LEU B 1244 -11.25 64.21 -8.45
N THR B 1245 -11.42 64.73 -9.66
CA THR B 1245 -10.29 65.36 -10.36
C THR B 1245 -9.80 66.60 -9.63
N ALA B 1246 -10.72 67.41 -9.12
CA ALA B 1246 -10.32 68.60 -8.37
C ALA B 1246 -9.54 68.21 -7.11
N ARG B 1247 -10.04 67.22 -6.37
CA ARG B 1247 -9.34 66.77 -5.17
C ARG B 1247 -7.96 66.23 -5.51
N HIS B 1248 -7.86 65.43 -6.57
CA HIS B 1248 -6.56 64.87 -6.96
C HIS B 1248 -5.59 65.97 -7.35
N LEU B 1249 -6.04 66.96 -8.13
CA LEU B 1249 -5.16 68.05 -8.52
C LEU B 1249 -4.67 68.82 -7.31
N VAL B 1250 -5.58 69.16 -6.40
CA VAL B 1250 -5.19 69.93 -5.21
C VAL B 1250 -4.22 69.13 -4.36
N THR B 1251 -4.48 67.83 -4.17
CA THR B 1251 -3.63 67.04 -3.29
C THR B 1251 -2.25 66.79 -3.89
N ALA B 1252 -2.18 66.49 -5.18
CA ALA B 1252 -0.92 66.10 -5.80
C ALA B 1252 -0.18 67.30 -6.41
N HIS B 1253 -0.80 67.97 -7.37
CA HIS B 1253 -0.14 69.04 -8.09
C HIS B 1253 -0.19 70.38 -7.36
N GLY B 1254 -0.86 70.44 -6.20
CA GLY B 1254 -0.92 71.66 -5.44
C GLY B 1254 -1.66 72.80 -6.12
N VAL B 1255 -2.71 72.49 -6.87
CA VAL B 1255 -3.49 73.52 -7.56
C VAL B 1255 -4.26 74.31 -6.50
N ARG B 1256 -3.84 75.54 -6.25
CA ARG B 1256 -4.46 76.37 -5.23
C ARG B 1256 -5.65 77.16 -5.73
N HIS B 1257 -5.90 77.18 -7.04
CA HIS B 1257 -7.00 77.92 -7.62
C HIS B 1257 -7.72 77.06 -8.66
N LEU B 1258 -9.03 76.90 -8.46
CA LEU B 1258 -9.84 76.08 -9.34
C LEU B 1258 -11.12 76.82 -9.72
N VAL B 1259 -11.57 76.62 -10.95
CA VAL B 1259 -12.84 77.15 -11.43
C VAL B 1259 -13.65 75.95 -11.92
N LEU B 1260 -14.58 75.48 -11.11
CA LEU B 1260 -15.39 74.31 -11.43
C LEU B 1260 -16.74 74.80 -11.96
N VAL B 1261 -17.06 74.44 -13.19
CA VAL B 1261 -18.26 74.92 -13.85
C VAL B 1261 -19.10 73.72 -14.31
N SER B 1262 -20.41 73.88 -14.22
CA SER B 1262 -21.34 72.85 -14.65
C SER B 1262 -22.71 73.46 -14.84
N ARG B 1263 -23.68 72.63 -15.21
CA ARG B 1263 -25.04 73.10 -15.39
C ARG B 1263 -25.64 73.57 -14.06
N ARG B 1264 -25.35 72.85 -12.98
CA ARG B 1264 -25.90 73.17 -11.67
C ARG B 1264 -25.04 74.18 -10.91
N GLY B 1265 -23.74 73.92 -10.79
CA GLY B 1265 -22.84 74.86 -10.14
C GLY B 1265 -23.17 75.13 -8.69
N GLU B 1266 -23.52 74.10 -7.93
CA GLU B 1266 -23.88 74.24 -6.52
C GLU B 1266 -23.28 73.07 -5.76
N ALA B 1267 -22.28 73.35 -4.91
CA ALA B 1267 -21.64 72.31 -4.11
C ALA B 1267 -20.92 72.93 -2.92
N PRO B 1268 -21.64 73.32 -1.87
CA PRO B 1268 -20.95 73.84 -0.67
C PRO B 1268 -20.04 72.81 -0.02
N GLU B 1269 -20.42 71.54 -0.06
CA GLU B 1269 -19.60 70.49 0.54
C GLU B 1269 -18.27 70.36 -0.19
N LEU B 1270 -18.31 70.28 -1.53
CA LEU B 1270 -17.07 70.19 -2.30
C LEU B 1270 -16.25 71.46 -2.18
N GLN B 1271 -16.92 72.61 -2.14
CA GLN B 1271 -16.21 73.88 -1.96
C GLN B 1271 -15.45 73.90 -0.64
N GLU B 1272 -16.11 73.47 0.45
CA GLU B 1272 -15.44 73.42 1.74
C GLU B 1272 -14.32 72.39 1.75
N GLU B 1273 -14.54 71.23 1.10
CA GLU B 1273 -13.50 70.21 1.05
C GLU B 1273 -12.26 70.73 0.34
N LEU B 1274 -12.44 71.45 -0.76
CA LEU B 1274 -11.29 71.96 -1.51
C LEU B 1274 -10.63 73.13 -0.79
N THR B 1275 -11.43 74.01 -0.16
CA THR B 1275 -10.86 75.14 0.57
C THR B 1275 -10.06 74.67 1.78
N ALA B 1276 -10.59 73.67 2.50
CA ALA B 1276 -9.85 73.10 3.62
C ALA B 1276 -8.55 72.45 3.18
N LEU B 1277 -8.44 72.07 1.91
CA LEU B 1277 -7.20 71.58 1.33
C LEU B 1277 -6.32 72.70 0.80
N GLY B 1278 -6.76 73.95 0.94
CA GLY B 1278 -5.96 75.09 0.51
C GLY B 1278 -6.24 75.59 -0.89
N ALA B 1279 -7.36 75.21 -1.49
CA ALA B 1279 -7.69 75.58 -2.86
C ALA B 1279 -8.77 76.65 -2.87
N SER B 1280 -8.49 77.76 -3.54
CA SER B 1280 -9.49 78.80 -3.79
C SER B 1280 -10.33 78.37 -4.98
N VAL B 1281 -11.59 78.01 -4.74
CA VAL B 1281 -12.43 77.38 -5.75
C VAL B 1281 -13.64 78.27 -6.00
N ALA B 1282 -13.86 78.58 -7.28
CA ALA B 1282 -15.04 79.29 -7.73
C ALA B 1282 -15.93 78.31 -8.49
N ILE B 1283 -17.17 78.15 -8.04
CA ILE B 1283 -18.09 77.19 -8.62
C ILE B 1283 -19.17 77.95 -9.39
N ALA B 1284 -19.39 77.55 -10.63
CA ALA B 1284 -20.24 78.31 -11.55
C ALA B 1284 -21.29 77.39 -12.19
N ALA B 1285 -22.49 77.93 -12.34
CA ALA B 1285 -23.57 77.28 -13.08
C ALA B 1285 -23.49 77.77 -14.52
N CYS B 1286 -22.81 77.00 -15.37
CA CYS B 1286 -22.54 77.44 -16.73
C CYS B 1286 -22.69 76.27 -17.69
N ASP B 1287 -23.12 76.59 -18.91
CA ASP B 1287 -23.14 75.63 -20.01
C ASP B 1287 -21.79 75.72 -20.72
N VAL B 1288 -20.97 74.69 -20.56
CA VAL B 1288 -19.63 74.70 -21.12
C VAL B 1288 -19.65 74.80 -22.64
N ALA B 1289 -20.71 74.33 -23.28
CA ALA B 1289 -20.87 74.45 -24.72
C ALA B 1289 -21.46 75.78 -25.15
N ASP B 1290 -21.79 76.66 -24.21
CA ASP B 1290 -22.36 77.97 -24.50
C ASP B 1290 -21.25 79.01 -24.51
N ARG B 1291 -21.20 79.82 -25.56
CA ARG B 1291 -20.10 80.76 -25.74
C ARG B 1291 -20.10 81.85 -24.66
N ALA B 1292 -21.25 82.48 -24.44
CA ALA B 1292 -21.30 83.62 -23.53
C ALA B 1292 -20.95 83.21 -22.11
N GLN B 1293 -21.52 82.10 -21.64
CA GLN B 1293 -21.27 81.70 -20.25
C GLN B 1293 -19.84 81.21 -20.05
N LEU B 1294 -19.31 80.46 -21.02
CA LEU B 1294 -17.93 80.01 -20.92
C LEU B 1294 -16.97 81.20 -20.94
N GLU B 1295 -17.23 82.19 -21.79
CA GLU B 1295 -16.39 83.38 -21.83
C GLU B 1295 -16.48 84.17 -20.53
N ALA B 1296 -17.69 84.26 -19.96
CA ALA B 1296 -17.84 84.94 -18.68
C ALA B 1296 -17.08 84.21 -17.57
N VAL B 1297 -17.12 82.88 -17.58
CA VAL B 1297 -16.37 82.10 -16.59
C VAL B 1297 -14.87 82.34 -16.74
N LEU B 1298 -14.37 82.27 -17.97
CA LEU B 1298 -12.94 82.45 -18.21
C LEU B 1298 -12.50 83.85 -17.81
N ARG B 1299 -13.31 84.87 -18.14
CA ARG B 1299 -12.99 86.23 -17.74
C ARG B 1299 -13.18 86.44 -16.24
N ALA B 1300 -14.02 85.64 -15.58
CA ALA B 1300 -14.14 85.72 -14.14
C ALA B 1300 -12.87 85.29 -13.44
N ILE B 1301 -12.00 84.55 -14.12
CA ILE B 1301 -10.70 84.19 -13.53
C ILE B 1301 -9.84 85.44 -13.40
N PRO B 1302 -9.28 85.72 -12.23
CA PRO B 1302 -8.44 86.91 -12.08
C PRO B 1302 -7.22 86.85 -12.98
N ALA B 1303 -6.81 88.04 -13.46
CA ALA B 1303 -5.64 88.11 -14.33
C ALA B 1303 -4.36 87.71 -13.60
N GLU B 1304 -4.29 88.00 -12.30
CA GLU B 1304 -3.11 87.65 -11.52
C GLU B 1304 -2.96 86.14 -11.29
N HIS B 1305 -3.98 85.36 -11.64
CA HIS B 1305 -3.93 83.90 -11.56
C HIS B 1305 -4.28 83.36 -12.95
N PRO B 1306 -3.32 83.39 -13.87
CA PRO B 1306 -3.63 83.04 -15.27
C PRO B 1306 -4.02 81.58 -15.42
N LEU B 1307 -4.85 81.32 -16.42
CA LEU B 1307 -5.29 79.97 -16.72
C LEU B 1307 -4.13 79.15 -17.28
N THR B 1308 -3.95 77.94 -16.75
CA THR B 1308 -2.86 77.07 -17.17
C THR B 1308 -3.30 75.63 -17.48
N ALA B 1309 -4.52 75.23 -17.14
CA ALA B 1309 -4.98 73.88 -17.41
C ALA B 1309 -6.50 73.88 -17.52
N VAL B 1310 -7.00 73.25 -18.58
CA VAL B 1310 -8.43 73.10 -18.80
C VAL B 1310 -8.72 71.60 -18.93
N ILE B 1311 -9.48 71.05 -17.98
CA ILE B 1311 -9.87 69.66 -18.00
C ILE B 1311 -11.34 69.59 -18.38
N HIS B 1312 -11.61 69.00 -19.54
CA HIS B 1312 -12.97 68.94 -20.09
C HIS B 1312 -13.59 67.61 -19.70
N THR B 1313 -14.17 67.56 -18.50
CA THR B 1313 -14.86 66.38 -18.01
C THR B 1313 -16.36 66.41 -18.26
N ALA B 1314 -16.85 67.48 -18.89
CA ALA B 1314 -18.28 67.58 -19.15
C ALA B 1314 -18.71 66.52 -20.16
N GLY B 1315 -19.86 65.89 -19.88
CA GLY B 1315 -20.39 64.87 -20.76
C GLY B 1315 -21.73 64.36 -20.30
N VAL B 1316 -22.68 64.25 -21.22
CA VAL B 1316 -24.03 63.76 -20.93
C VAL B 1316 -24.17 62.37 -21.52
N LEU B 1317 -24.55 61.41 -20.69
CA LEU B 1317 -24.71 60.03 -21.11
C LEU B 1317 -26.17 59.79 -21.49
N ASP B 1318 -26.43 59.69 -22.79
CA ASP B 1318 -27.76 59.36 -23.31
C ASP B 1318 -27.60 58.08 -24.13
N ASP B 1319 -27.69 56.94 -23.43
CA ASP B 1319 -27.46 55.65 -24.07
C ASP B 1319 -28.59 55.32 -25.06
N GLY B 1320 -28.22 54.67 -26.15
CA GLY B 1320 -29.18 54.30 -27.17
C GLY B 1320 -28.60 53.39 -28.24
N VAL B 1321 -29.42 52.49 -28.75
CA VAL B 1321 -29.00 51.56 -29.80
C VAL B 1321 -29.09 52.26 -31.15
N VAL B 1322 -28.51 51.66 -32.18
CA VAL B 1322 -28.52 52.25 -33.51
C VAL B 1322 -29.95 52.28 -34.06
N THR B 1323 -30.73 51.23 -33.80
CA THR B 1323 -32.08 51.14 -34.35
C THR B 1323 -33.01 52.23 -33.82
N GLU B 1324 -32.69 52.82 -32.65
CA GLU B 1324 -33.58 53.79 -32.03
C GLU B 1324 -33.02 55.21 -32.00
N LEU B 1325 -31.71 55.38 -32.19
CA LEU B 1325 -31.10 56.69 -32.05
C LEU B 1325 -31.57 57.64 -33.15
N THR B 1326 -31.60 58.93 -32.81
CA THR B 1326 -32.02 59.99 -33.71
C THR B 1326 -30.97 61.09 -33.70
N PRO B 1327 -30.90 61.90 -34.75
CA PRO B 1327 -29.92 63.00 -34.78
C PRO B 1327 -30.09 63.97 -33.62
N ASP B 1328 -31.31 64.15 -33.11
CA ASP B 1328 -31.52 65.03 -31.96
C ASP B 1328 -30.77 64.48 -30.75
N ARG B 1329 -30.86 63.18 -30.51
CA ARG B 1329 -30.12 62.57 -29.41
C ARG B 1329 -28.62 62.65 -29.65
N LEU B 1330 -28.20 62.49 -30.91
CA LEU B 1330 -26.78 62.62 -31.22
C LEU B 1330 -26.27 64.02 -30.90
N ALA B 1331 -27.04 65.05 -31.24
CA ALA B 1331 -26.65 66.41 -30.90
C ALA B 1331 -26.65 66.63 -29.39
N THR B 1332 -27.64 66.05 -28.69
CA THR B 1332 -27.70 66.20 -27.25
C THR B 1332 -26.48 65.57 -26.57
N VAL B 1333 -26.02 64.43 -27.08
CA VAL B 1333 -24.81 63.82 -26.55
C VAL B 1333 -23.58 64.63 -26.93
N ARG B 1334 -23.51 65.10 -28.17
CA ARG B 1334 -22.30 65.70 -28.71
C ARG B 1334 -22.05 67.11 -28.17
N ARG B 1335 -23.12 67.86 -27.86
CA ARG B 1335 -22.96 69.25 -27.46
C ARG B 1335 -22.15 69.43 -26.18
N PRO B 1336 -22.44 68.74 -25.07
CA PRO B 1336 -21.65 68.97 -23.85
C PRO B 1336 -20.22 68.48 -23.94
N LYS B 1337 -19.90 67.61 -24.89
CA LYS B 1337 -18.53 67.12 -25.05
C LYS B 1337 -17.79 67.80 -26.19
N VAL B 1338 -18.29 67.63 -27.42
CA VAL B 1338 -17.52 68.03 -28.59
C VAL B 1338 -17.58 69.52 -28.83
N ASP B 1339 -18.79 70.09 -28.82
CA ASP B 1339 -18.92 71.54 -28.96
C ASP B 1339 -18.23 72.25 -27.81
N ALA B 1340 -18.35 71.70 -26.60
CA ALA B 1340 -17.69 72.31 -25.45
C ALA B 1340 -16.18 72.27 -25.59
N ALA B 1341 -15.62 71.15 -26.05
CA ALA B 1341 -14.18 71.07 -26.25
C ALA B 1341 -13.72 72.04 -27.33
N ARG B 1342 -14.49 72.15 -28.43
CA ARG B 1342 -14.17 73.12 -29.48
C ARG B 1342 -14.14 74.53 -28.93
N LEU B 1343 -15.17 74.88 -28.16
CA LEU B 1343 -15.25 76.22 -27.57
C LEU B 1343 -14.07 76.47 -26.62
N LEU B 1344 -13.75 75.47 -25.79
CA LEU B 1344 -12.65 75.63 -24.84
C LEU B 1344 -11.32 75.80 -25.54
N ASP B 1345 -11.05 75.00 -26.57
CA ASP B 1345 -9.75 75.09 -27.24
C ASP B 1345 -9.64 76.37 -28.05
N GLU B 1346 -10.72 76.76 -28.74
CA GLU B 1346 -10.68 77.99 -29.52
C GLU B 1346 -10.55 79.21 -28.62
N LEU B 1347 -11.26 79.22 -27.50
CA LEU B 1347 -11.16 80.35 -26.57
C LEU B 1347 -9.79 80.41 -25.90
N THR B 1348 -9.18 79.25 -25.64
CA THR B 1348 -7.89 79.19 -24.97
C THR B 1348 -6.75 78.96 -25.96
N ARG B 1349 -6.93 79.38 -27.20
CA ARG B 1349 -5.83 79.30 -28.17
C ARG B 1349 -4.69 80.23 -27.81
N GLU B 1350 -5.00 81.40 -27.27
CA GLU B 1350 -4.00 82.40 -26.91
C GLU B 1350 -3.48 82.26 -25.49
N ALA B 1351 -4.00 81.32 -24.72
CA ALA B 1351 -3.61 81.15 -23.32
C ALA B 1351 -2.45 80.17 -23.20
N ASP B 1352 -1.51 80.50 -22.31
CA ASP B 1352 -0.37 79.63 -22.02
C ASP B 1352 -0.87 78.47 -21.15
N LEU B 1353 -1.28 77.39 -21.82
CA LEU B 1353 -1.87 76.25 -21.14
C LEU B 1353 -0.83 75.14 -20.98
N ALA B 1354 -0.67 74.66 -19.75
CA ALA B 1354 0.23 73.54 -19.49
C ALA B 1354 -0.41 72.22 -19.92
N ALA B 1355 -1.72 72.09 -19.75
CA ALA B 1355 -2.43 70.86 -20.09
C ALA B 1355 -3.84 71.21 -20.54
N PHE B 1356 -4.36 70.42 -21.47
CA PHE B 1356 -5.73 70.57 -21.98
C PHE B 1356 -6.31 69.17 -22.10
N VAL B 1357 -7.06 68.74 -21.07
CA VAL B 1357 -7.55 67.38 -20.98
C VAL B 1357 -8.97 67.30 -21.53
N LEU B 1358 -9.20 66.33 -22.41
CA LEU B 1358 -10.53 66.02 -22.93
C LEU B 1358 -10.92 64.65 -22.40
N PHE B 1359 -11.89 64.60 -21.49
CA PHE B 1359 -12.31 63.35 -20.86
C PHE B 1359 -13.16 62.57 -21.85
N SER B 1360 -12.50 61.85 -22.74
CA SER B 1360 -13.16 60.99 -23.69
C SER B 1360 -13.52 59.66 -23.01
N SER B 1361 -13.92 58.66 -23.80
CA SER B 1361 -14.20 57.35 -23.24
C SER B 1361 -13.83 56.30 -24.28
N ALA B 1362 -13.60 55.08 -23.80
CA ALA B 1362 -13.21 53.99 -24.69
C ALA B 1362 -14.34 53.55 -25.61
N ALA B 1363 -15.58 53.95 -25.31
CA ALA B 1363 -16.71 53.54 -26.13
C ALA B 1363 -16.56 53.98 -27.57
N GLY B 1364 -15.90 55.12 -27.81
CA GLY B 1364 -15.66 55.59 -29.16
C GLY B 1364 -14.51 54.93 -29.88
N VAL B 1365 -13.70 54.15 -29.18
CA VAL B 1365 -12.55 53.46 -29.78
C VAL B 1365 -12.79 51.95 -29.84
N LEU B 1366 -13.03 51.32 -28.70
CA LEU B 1366 -13.29 49.89 -28.66
C LEU B 1366 -14.69 49.55 -29.15
N GLY B 1367 -15.59 50.53 -29.25
CA GLY B 1367 -16.96 50.26 -29.60
C GLY B 1367 -17.76 49.79 -28.40
N ASN B 1368 -19.02 50.21 -28.31
CA ASN B 1368 -19.84 49.85 -27.16
C ASN B 1368 -21.31 49.83 -27.57
N PRO B 1369 -21.98 48.68 -27.51
CA PRO B 1369 -23.40 48.63 -27.85
C PRO B 1369 -24.23 49.51 -26.91
N GLY B 1370 -25.24 50.17 -27.49
CA GLY B 1370 -26.09 51.04 -26.72
C GLY B 1370 -25.48 52.39 -26.38
N GLN B 1371 -24.32 52.72 -26.95
CA GLN B 1371 -23.64 53.99 -26.67
C GLN B 1371 -23.14 54.61 -27.97
N ALA B 1372 -23.93 54.47 -29.05
CA ALA B 1372 -23.47 54.93 -30.36
C ALA B 1372 -23.24 56.44 -30.37
N GLY B 1373 -24.19 57.21 -29.83
CA GLY B 1373 -23.99 58.65 -29.73
C GLY B 1373 -22.83 59.02 -28.83
N TYR B 1374 -22.71 58.32 -27.70
CA TYR B 1374 -21.58 58.55 -26.80
C TYR B 1374 -20.26 58.17 -27.49
N ALA B 1375 -20.27 57.08 -28.26
CA ALA B 1375 -19.07 56.69 -28.99
C ALA B 1375 -18.67 57.74 -30.02
N ALA B 1376 -19.65 58.27 -30.76
CA ALA B 1376 -19.35 59.32 -31.72
C ALA B 1376 -18.82 60.57 -31.03
N ALA B 1377 -19.40 60.92 -29.88
CA ALA B 1377 -18.91 62.08 -29.14
C ALA B 1377 -17.47 61.87 -28.68
N ASN B 1378 -17.15 60.67 -28.16
CA ASN B 1378 -15.80 60.39 -27.71
C ASN B 1378 -14.81 60.41 -28.87
N ALA B 1379 -15.18 59.81 -30.00
CA ALA B 1379 -14.29 59.79 -31.15
C ALA B 1379 -14.04 61.19 -31.68
N GLU B 1380 -15.08 62.02 -31.75
CA GLU B 1380 -14.88 63.39 -32.20
C GLU B 1380 -14.10 64.20 -31.18
N LEU B 1381 -14.24 63.90 -29.89
CA LEU B 1381 -13.41 64.55 -28.88
C LEU B 1381 -11.93 64.21 -29.09
N ASP B 1382 -11.65 62.94 -29.37
CA ASP B 1382 -10.28 62.54 -29.67
C ASP B 1382 -9.77 63.23 -30.94
N ALA B 1383 -10.63 63.35 -31.95
CA ALA B 1383 -10.24 64.05 -33.18
C ALA B 1383 -9.95 65.51 -32.91
N LEU B 1384 -10.74 66.15 -32.06
CA LEU B 1384 -10.50 67.54 -31.69
C LEU B 1384 -9.19 67.69 -30.93
N ALA B 1385 -8.90 66.75 -30.04
CA ALA B 1385 -7.61 66.78 -29.35
C ALA B 1385 -6.46 66.64 -30.34
N ARG B 1386 -6.61 65.74 -31.32
CA ARG B 1386 -5.57 65.58 -32.34
C ARG B 1386 -5.38 66.86 -33.14
N GLN B 1387 -6.48 67.50 -33.53
CA GLN B 1387 -6.37 68.75 -34.30
C GLN B 1387 -5.75 69.86 -33.47
N ARG B 1388 -6.12 69.94 -32.19
CA ARG B 1388 -5.53 70.95 -31.31
C ARG B 1388 -4.04 70.72 -31.13
N ASN B 1389 -3.62 69.47 -30.97
CA ASN B 1389 -2.20 69.16 -30.87
C ASN B 1389 -1.47 69.52 -32.17
N SER B 1390 -2.10 69.23 -33.32
CA SER B 1390 -1.52 69.64 -34.60
C SER B 1390 -1.47 71.15 -34.75
N LEU B 1391 -2.29 71.88 -33.99
CA LEU B 1391 -2.30 73.34 -34.03
C LEU B 1391 -1.29 73.96 -33.05
N ASP B 1392 -0.24 73.22 -32.70
CA ASP B 1392 0.84 73.72 -31.83
C ASP B 1392 0.31 74.13 -30.46
N LEU B 1393 -0.72 73.47 -29.97
CA LEU B 1393 -1.25 73.73 -28.65
C LEU B 1393 -1.45 72.41 -27.90
N PRO B 1394 -1.30 72.43 -26.57
CA PRO B 1394 -1.44 71.18 -25.81
C PRO B 1394 -2.84 70.61 -25.91
N ALA B 1395 -2.93 69.28 -25.97
CA ALA B 1395 -4.21 68.60 -26.00
C ALA B 1395 -3.99 67.14 -25.63
N VAL B 1396 -4.64 66.68 -24.56
CA VAL B 1396 -4.58 65.29 -24.14
C VAL B 1396 -6.01 64.78 -23.96
N SER B 1397 -6.34 63.70 -24.66
CA SER B 1397 -7.65 63.08 -24.57
C SER B 1397 -7.49 61.64 -24.10
N ILE B 1398 -8.20 61.29 -23.04
CA ILE B 1398 -8.14 59.96 -22.44
C ILE B 1398 -9.44 59.23 -22.76
N ALA B 1399 -9.34 58.13 -23.48
CA ALA B 1399 -10.50 57.27 -23.76
C ALA B 1399 -10.53 56.18 -22.70
N TRP B 1400 -10.90 56.57 -21.49
CA TRP B 1400 -10.86 55.67 -20.36
C TRP B 1400 -11.84 54.51 -20.54
N GLY B 1401 -11.46 53.36 -19.99
CA GLY B 1401 -12.39 52.25 -19.89
C GLY B 1401 -13.31 52.41 -18.70
N TYR B 1402 -14.22 51.45 -18.56
CA TYR B 1402 -15.18 51.50 -17.46
C TYR B 1402 -14.44 51.45 -16.13
N TRP B 1403 -14.83 52.34 -15.22
CA TRP B 1403 -14.12 52.49 -13.96
C TRP B 1403 -14.46 51.33 -13.02
N ALA B 1404 -13.84 51.33 -11.84
CA ALA B 1404 -14.11 50.31 -10.85
C ALA B 1404 -15.48 50.53 -10.22
N THR B 1405 -16.16 49.41 -9.92
CA THR B 1405 -17.45 49.52 -9.25
C THR B 1405 -17.30 50.09 -7.85
N VAL B 1406 -16.12 49.93 -7.24
CA VAL B 1406 -15.89 50.45 -5.90
C VAL B 1406 -15.78 51.98 -5.93
N SER B 1407 -15.48 52.56 -7.09
CA SER B 1407 -15.34 54.00 -7.19
C SER B 1407 -16.67 54.73 -7.16
N GLY B 1408 -17.77 54.02 -7.38
CA GLY B 1408 -19.09 54.62 -7.32
C GLY B 1408 -19.51 55.41 -8.53
N MET B 1409 -18.81 55.27 -9.65
CA MET B 1409 -19.13 55.98 -10.88
C MET B 1409 -19.31 55.03 -12.06
N THR B 1410 -19.76 53.80 -11.79
CA THR B 1410 -20.17 52.86 -12.82
C THR B 1410 -21.54 52.27 -12.48
N GLU B 1411 -22.37 53.03 -11.77
CA GLU B 1411 -23.67 52.53 -11.33
C GLU B 1411 -24.62 52.32 -12.50
N HIS B 1412 -24.50 53.14 -13.56
CA HIS B 1412 -25.37 53.03 -14.71
C HIS B 1412 -24.95 51.92 -15.66
N LEU B 1413 -23.81 51.27 -15.41
CA LEU B 1413 -23.38 50.15 -16.24
C LEU B 1413 -24.22 48.92 -15.96
N GLY B 1414 -24.71 48.29 -17.02
CA GLY B 1414 -25.51 47.10 -16.87
C GLY B 1414 -24.65 45.85 -16.69
N ASP B 1415 -25.33 44.76 -16.32
CA ASP B 1415 -24.65 43.48 -16.18
C ASP B 1415 -24.11 42.98 -17.51
N ALA B 1416 -24.83 43.25 -18.61
CA ALA B 1416 -24.33 42.89 -19.92
C ALA B 1416 -23.04 43.65 -20.25
N ASP B 1417 -22.95 44.92 -19.84
CA ASP B 1417 -21.73 45.68 -20.04
C ASP B 1417 -20.57 45.05 -19.29
N LEU B 1418 -20.80 44.65 -18.03
CA LEU B 1418 -19.74 44.02 -17.25
C LEU B 1418 -19.31 42.68 -17.86
N ARG B 1419 -20.27 41.88 -18.31
CA ARG B 1419 -19.95 40.60 -18.91
C ARG B 1419 -19.16 40.78 -20.21
N ARG B 1420 -19.56 41.74 -21.04
CA ARG B 1420 -18.81 42.02 -22.26
C ARG B 1420 -17.41 42.54 -21.94
N ASN B 1421 -17.29 43.39 -20.92
CA ASN B 1421 -15.99 43.89 -20.52
C ASN B 1421 -15.07 42.77 -20.07
N GLN B 1422 -15.58 41.85 -19.26
CA GLN B 1422 -14.77 40.71 -18.83
C GLN B 1422 -14.45 39.79 -20.00
N ARG B 1423 -15.37 39.66 -20.96
CA ARG B 1423 -15.11 38.85 -22.15
C ARG B 1423 -13.95 39.43 -22.96
N ILE B 1424 -13.93 40.75 -23.12
CA ILE B 1424 -12.89 41.40 -23.92
C ILE B 1424 -11.71 41.74 -23.04
N GLY B 1425 -11.78 41.33 -21.77
CA GLY B 1425 -10.67 41.51 -20.85
C GLY B 1425 -10.69 42.79 -20.05
N MET B 1426 -11.65 43.68 -20.27
CA MET B 1426 -11.73 44.91 -19.49
C MET B 1426 -11.96 44.63 -18.01
N SER B 1427 -11.32 45.42 -17.17
CA SER B 1427 -11.50 45.36 -15.72
C SER B 1427 -11.64 46.77 -15.19
N GLY B 1428 -12.26 46.89 -14.02
CA GLY B 1428 -12.55 48.20 -13.47
C GLY B 1428 -11.30 48.97 -13.12
N LEU B 1429 -11.39 50.30 -13.20
CA LEU B 1429 -10.28 51.19 -12.92
C LEU B 1429 -10.54 51.91 -11.60
N PRO B 1430 -9.71 51.69 -10.57
CA PRO B 1430 -9.86 52.46 -9.34
C PRO B 1430 -9.60 53.93 -9.56
N ALA B 1431 -10.11 54.76 -8.65
CA ALA B 1431 -9.96 56.20 -8.77
C ALA B 1431 -8.50 56.62 -8.73
N ASP B 1432 -7.72 56.04 -7.82
CA ASP B 1432 -6.32 56.43 -7.67
C ASP B 1432 -5.53 56.16 -8.94
N GLU B 1433 -5.63 54.93 -9.47
CA GLU B 1433 -4.93 54.62 -10.71
C GLU B 1433 -5.49 55.43 -11.88
N GLY B 1434 -6.79 55.75 -11.86
CA GLY B 1434 -7.34 56.57 -12.91
C GLY B 1434 -6.74 57.96 -12.96
N MET B 1435 -6.63 58.60 -11.79
CA MET B 1435 -6.00 59.92 -11.75
C MET B 1435 -4.51 59.84 -12.04
N ALA B 1436 -3.83 58.77 -11.61
CA ALA B 1436 -2.43 58.60 -11.96
C ALA B 1436 -2.25 58.48 -13.47
N LEU B 1437 -3.11 57.71 -14.13
CA LEU B 1437 -3.07 57.61 -15.58
C LEU B 1437 -3.42 58.93 -16.25
N LEU B 1438 -4.32 59.71 -15.66
CA LEU B 1438 -4.60 61.04 -16.17
C LEU B 1438 -3.35 61.91 -16.13
N ASP B 1439 -2.63 61.88 -15.02
CA ASP B 1439 -1.39 62.64 -14.91
C ASP B 1439 -0.36 62.15 -15.91
N ALA B 1440 -0.25 60.84 -16.08
CA ALA B 1440 0.72 60.29 -17.03
C ALA B 1440 0.38 60.68 -18.47
N ALA B 1441 -0.91 60.70 -18.81
CA ALA B 1441 -1.32 61.13 -20.14
C ALA B 1441 -1.10 62.62 -20.34
N ILE B 1442 -1.32 63.42 -19.28
CA ILE B 1442 -0.98 64.84 -19.34
C ILE B 1442 0.50 65.01 -19.62
N ALA B 1443 1.33 64.19 -18.98
CA ALA B 1443 2.76 64.20 -19.27
C ALA B 1443 3.03 63.79 -20.72
N THR B 1444 2.25 62.83 -21.23
CA THR B 1444 2.49 62.29 -22.57
C THR B 1444 1.83 63.14 -23.65
N GLY B 1445 0.56 63.48 -23.46
CA GLY B 1445 -0.17 64.23 -24.46
C GLY B 1445 -0.75 63.34 -25.55
N GLY B 1446 -1.33 64.00 -26.56
CA GLY B 1446 -1.95 63.26 -27.65
C GLY B 1446 -3.24 62.58 -27.20
N THR B 1447 -3.59 61.51 -27.89
CA THR B 1447 -4.76 60.72 -27.57
C THR B 1447 -4.31 59.37 -27.01
N LEU B 1448 -4.78 59.03 -25.82
CA LEU B 1448 -4.43 57.79 -25.16
C LEU B 1448 -5.67 57.12 -24.60
N VAL B 1449 -5.62 55.79 -24.51
CA VAL B 1449 -6.69 54.99 -23.95
C VAL B 1449 -6.19 54.42 -22.63
N ALA B 1450 -6.79 54.85 -21.53
CA ALA B 1450 -6.41 54.39 -20.20
C ALA B 1450 -7.42 53.36 -19.72
N ALA B 1451 -7.10 52.09 -19.91
CA ALA B 1451 -8.00 51.00 -19.55
C ALA B 1451 -7.20 49.82 -19.04
N LYS B 1452 -7.73 49.12 -18.06
CA LYS B 1452 -7.06 47.96 -17.49
C LYS B 1452 -7.60 46.69 -18.12
N PHE B 1453 -6.70 45.85 -18.61
CA PHE B 1453 -7.05 44.59 -19.25
C PHE B 1453 -6.30 43.45 -18.58
N ASP B 1454 -6.96 42.29 -18.46
CA ASP B 1454 -6.31 41.08 -17.98
C ASP B 1454 -5.39 40.56 -19.07
N VAL B 1455 -4.08 40.66 -18.84
CA VAL B 1455 -3.10 40.31 -19.87
C VAL B 1455 -3.14 38.82 -20.16
N ALA B 1456 -2.86 38.00 -19.14
CA ALA B 1456 -2.73 36.57 -19.34
C ALA B 1456 -4.02 35.95 -19.85
N ALA B 1457 -5.16 36.43 -19.38
CA ALA B 1457 -6.44 35.92 -19.85
C ALA B 1457 -6.62 36.15 -21.34
N LEU B 1458 -6.28 37.36 -21.81
CA LEU B 1458 -6.44 37.65 -23.23
C LEU B 1458 -5.41 36.90 -24.07
N ARG B 1459 -4.19 36.73 -23.55
CA ARG B 1459 -3.20 35.93 -24.28
C ARG B 1459 -3.66 34.49 -24.41
N ALA B 1460 -4.23 33.92 -23.35
CA ALA B 1460 -4.77 32.57 -23.42
C ALA B 1460 -5.95 32.49 -24.38
N THR B 1461 -6.79 33.53 -24.38
CA THR B 1461 -7.91 33.59 -25.33
C THR B 1461 -7.41 33.57 -26.76
N ALA B 1462 -6.35 34.33 -27.04
CA ALA B 1462 -5.73 34.27 -28.36
C ALA B 1462 -5.15 32.89 -28.66
N LYS B 1463 -4.50 32.29 -27.65
CA LYS B 1463 -3.96 30.94 -27.83
C LYS B 1463 -5.06 29.90 -28.00
N ALA B 1464 -6.22 30.14 -27.40
CA ALA B 1464 -7.36 29.25 -27.55
C ALA B 1464 -8.22 29.59 -28.77
N GLY B 1465 -7.83 30.60 -29.55
CA GLY B 1465 -8.63 31.01 -30.67
C GLY B 1465 -9.91 31.73 -30.29
N GLY B 1466 -9.95 32.33 -29.11
CA GLY B 1466 -11.15 32.97 -28.63
C GLY B 1466 -11.41 34.29 -29.31
N PRO B 1467 -12.45 34.97 -28.85
CA PRO B 1467 -12.91 36.22 -29.51
C PRO B 1467 -12.10 37.45 -29.11
N VAL B 1468 -10.94 37.58 -29.73
CA VAL B 1468 -10.11 38.79 -29.56
C VAL B 1468 -10.67 39.88 -30.46
N PRO B 1469 -11.03 41.04 -29.91
CA PRO B 1469 -11.57 42.10 -30.76
C PRO B 1469 -10.53 42.59 -31.74
N PRO B 1470 -10.95 43.09 -32.90
CA PRO B 1470 -9.98 43.58 -33.88
C PRO B 1470 -9.07 44.67 -33.34
N LEU B 1471 -9.59 45.55 -32.48
CA LEU B 1471 -8.75 46.58 -31.88
C LEU B 1471 -7.73 45.97 -30.91
N LEU B 1472 -8.07 44.83 -30.29
CA LEU B 1472 -7.17 44.14 -29.38
C LEU B 1472 -6.31 43.10 -30.08
N ARG B 1473 -6.38 43.01 -31.41
CA ARG B 1473 -5.52 42.08 -32.13
C ARG B 1473 -4.04 42.39 -31.90
N GLY B 1474 -3.68 43.67 -31.85
CA GLY B 1474 -2.33 44.03 -31.47
C GLY B 1474 -2.01 43.59 -30.06
N LEU B 1475 -2.97 43.72 -29.14
CA LEU B 1475 -2.78 43.25 -27.78
C LEU B 1475 -2.62 41.73 -27.74
N ALA B 1476 -3.45 41.01 -28.50
CA ALA B 1476 -3.46 39.55 -28.52
C ALA B 1476 -3.37 39.08 -29.97
N PRO B 1477 -2.16 39.01 -30.53
CA PRO B 1477 -2.03 38.55 -31.92
C PRO B 1477 -2.53 37.12 -32.09
N LEU B 1478 -3.16 36.87 -33.24
CA LEU B 1478 -3.72 35.56 -33.52
C LEU B 1478 -2.63 34.62 -34.01
N PRO B 1479 -2.70 33.34 -33.63
CA PRO B 1479 -1.71 32.38 -34.09
C PRO B 1479 -1.87 32.09 -35.58
N ARG B 1480 -0.77 31.61 -36.17
CA ARG B 1480 -0.79 31.22 -37.58
C ARG B 1480 -1.71 30.02 -37.79
N ARG B 1481 -2.22 29.90 -39.02
CA ARG B 1481 -3.06 28.76 -39.38
C ARG B 1481 -2.26 27.47 -39.25
N ALA B 1482 -2.87 26.48 -38.60
CA ALA B 1482 -2.21 25.20 -38.42
C ALA B 1482 -2.12 24.46 -39.75
N ALA B 1483 -0.92 23.92 -40.05
CA ALA B 1483 -0.73 23.18 -41.28
C ALA B 1483 -1.53 21.88 -41.24
N ALA B 1484 -2.24 21.60 -42.33
CA ALA B 1484 -3.05 20.39 -42.40
C ALA B 1484 -2.17 19.16 -42.55
N LYS B 1485 -2.38 18.17 -41.70
CA LYS B 1485 -1.63 16.92 -41.78
C LYS B 1485 -2.07 16.04 -42.93
N THR B 1486 -3.23 16.31 -43.52
CA THR B 1486 -3.70 15.59 -44.69
C THR B 1486 -4.57 16.55 -45.50
N ALA B 1487 -4.80 16.20 -46.77
CA ALA B 1487 -5.58 17.09 -47.63
C ALA B 1487 -7.07 17.00 -47.28
N SER B 1488 -7.67 15.84 -47.50
CA SER B 1488 -9.05 15.55 -47.10
C SER B 1488 -9.36 14.10 -47.43
N LEU B 1489 -10.14 13.46 -46.56
CA LEU B 1489 -10.68 12.15 -46.91
C LEU B 1489 -11.74 12.27 -47.99
N THR B 1490 -12.64 13.25 -47.86
CA THR B 1490 -13.78 13.36 -48.76
C THR B 1490 -13.35 13.62 -50.20
N GLU B 1491 -12.21 14.28 -50.39
CA GLU B 1491 -11.71 14.48 -51.75
C GLU B 1491 -11.42 13.15 -52.44
N ARG B 1492 -10.80 12.22 -51.71
CA ARG B 1492 -10.54 10.90 -52.27
C ARG B 1492 -11.82 10.09 -52.38
N LEU B 1493 -12.65 10.11 -51.34
CA LEU B 1493 -13.88 9.31 -51.33
C LEU B 1493 -14.79 9.67 -52.50
N ALA B 1494 -14.66 10.89 -53.02
CA ALA B 1494 -15.35 11.25 -54.25
C ALA B 1494 -14.73 10.50 -55.42
N GLY B 1495 -15.39 9.44 -55.86
CA GLY B 1495 -14.87 8.63 -56.95
C GLY B 1495 -14.64 7.18 -56.60
N LEU B 1496 -14.11 6.92 -55.41
CA LEU B 1496 -13.87 5.54 -54.99
C LEU B 1496 -15.20 4.82 -54.75
N ALA B 1497 -15.23 3.54 -55.09
CA ALA B 1497 -16.40 2.73 -54.78
C ALA B 1497 -16.53 2.54 -53.27
N GLU B 1498 -17.75 2.20 -52.84
CA GLU B 1498 -17.98 1.97 -51.41
C GLU B 1498 -17.07 0.86 -50.88
N THR B 1499 -16.84 -0.16 -51.69
CA THR B 1499 -15.84 -1.17 -51.33
C THR B 1499 -14.45 -0.54 -51.24
N GLU B 1500 -14.12 0.31 -52.22
CA GLU B 1500 -12.86 1.04 -52.15
C GLU B 1500 -12.85 2.00 -50.98
N GLN B 1501 -13.99 2.66 -50.73
CA GLN B 1501 -14.09 3.52 -49.55
C GLN B 1501 -13.87 2.72 -48.28
N ALA B 1502 -14.52 1.56 -48.17
CA ALA B 1502 -14.34 0.73 -46.99
C ALA B 1502 -12.89 0.28 -46.85
N ALA B 1503 -12.25 -0.08 -47.96
CA ALA B 1503 -10.83 -0.39 -47.94
C ALA B 1503 -10.03 0.83 -47.52
N ALA B 1504 -10.41 2.01 -48.04
CA ALA B 1504 -9.75 3.25 -47.63
C ALA B 1504 -9.97 3.51 -46.14
N LEU B 1505 -11.18 3.27 -45.65
CA LEU B 1505 -11.44 3.43 -44.23
C LEU B 1505 -10.58 2.47 -43.41
N LEU B 1506 -10.48 1.22 -43.86
CA LEU B 1506 -9.78 0.20 -43.09
C LEU B 1506 -8.35 0.61 -42.78
N ASP B 1507 -7.60 1.04 -43.80
CA ASP B 1507 -6.23 1.47 -43.56
C ASP B 1507 -6.16 2.72 -42.70
N LEU B 1508 -7.06 3.68 -42.94
CA LEU B 1508 -7.00 4.92 -42.17
C LEU B 1508 -7.39 4.69 -40.72
N VAL B 1509 -8.42 3.87 -40.48
CA VAL B 1509 -8.79 3.58 -39.09
C VAL B 1509 -7.71 2.74 -38.42
N ARG B 1510 -7.04 1.86 -39.18
CA ARG B 1510 -5.93 1.11 -38.62
C ARG B 1510 -4.80 2.03 -38.18
N ARG B 1511 -4.45 3.00 -39.03
CA ARG B 1511 -3.40 3.95 -38.68
C ARG B 1511 -3.82 4.83 -37.50
N HIS B 1512 -5.08 5.26 -37.49
CA HIS B 1512 -5.57 6.07 -36.38
C HIS B 1512 -5.49 5.31 -35.06
N ALA B 1513 -5.92 4.04 -35.07
CA ALA B 1513 -5.83 3.22 -33.87
C ALA B 1513 -4.39 2.97 -33.47
N ALA B 1514 -3.49 2.79 -34.45
CA ALA B 1514 -2.08 2.59 -34.13
C ALA B 1514 -1.50 3.81 -33.44
N GLU B 1515 -1.82 5.01 -33.94
CA GLU B 1515 -1.29 6.21 -33.32
C GLU B 1515 -1.96 6.51 -31.98
N VAL B 1516 -3.23 6.14 -31.83
CA VAL B 1516 -3.92 6.35 -30.55
C VAL B 1516 -3.36 5.41 -29.49
N LEU B 1517 -3.20 4.14 -29.83
CA LEU B 1517 -2.83 3.11 -28.89
C LEU B 1517 -1.33 3.08 -28.60
N GLY B 1518 -0.53 3.82 -29.35
CA GLY B 1518 0.89 3.85 -29.15
C GLY B 1518 1.69 2.95 -30.05
N HIS B 1519 1.07 2.33 -31.05
CA HIS B 1519 1.80 1.49 -31.98
C HIS B 1519 2.72 2.33 -32.86
N SER B 1520 3.85 1.74 -33.22
CA SER B 1520 4.78 2.41 -34.12
C SER B 1520 4.15 2.64 -35.49
N GLY B 1521 3.42 1.64 -36.00
CA GLY B 1521 2.79 1.76 -37.30
C GLY B 1521 1.52 0.95 -37.36
N ALA B 1522 0.73 1.20 -38.41
CA ALA B 1522 -0.54 0.51 -38.60
C ALA B 1522 -0.37 -0.96 -38.94
N GLU B 1523 0.82 -1.40 -39.31
CA GLU B 1523 1.03 -2.80 -39.66
C GLU B 1523 0.81 -3.71 -38.46
N SER B 1524 1.27 -3.28 -37.28
CA SER B 1524 1.19 -4.14 -36.10
C SER B 1524 -0.26 -4.42 -35.72
N VAL B 1525 -1.10 -3.40 -35.72
CA VAL B 1525 -2.52 -3.60 -35.44
C VAL B 1525 -3.18 -4.22 -36.66
N HIS B 1526 -3.97 -5.26 -36.44
CA HIS B 1526 -4.63 -5.97 -37.52
C HIS B 1526 -6.09 -6.24 -37.15
N SER B 1527 -6.92 -6.42 -38.17
CA SER B 1527 -8.34 -6.61 -38.01
C SER B 1527 -8.70 -7.95 -37.40
N GLY B 1528 -7.73 -8.83 -37.16
CA GLY B 1528 -8.04 -10.15 -36.63
C GLY B 1528 -8.65 -10.10 -35.24
N ARG B 1529 -8.22 -9.15 -34.43
CA ARG B 1529 -8.69 -9.02 -33.06
C ARG B 1529 -9.77 -7.95 -32.97
N THR B 1530 -10.20 -7.65 -31.74
CA THR B 1530 -11.18 -6.62 -31.47
C THR B 1530 -10.54 -5.47 -30.71
N PHE B 1531 -11.28 -4.36 -30.64
CA PHE B 1531 -10.76 -3.17 -29.96
C PHE B 1531 -10.52 -3.43 -28.48
N LYS B 1532 -11.45 -4.14 -27.83
CA LYS B 1532 -11.30 -4.41 -26.40
C LYS B 1532 -10.07 -5.25 -26.14
N ASP B 1533 -9.81 -6.26 -26.96
CA ASP B 1533 -8.62 -7.08 -26.80
C ASP B 1533 -7.36 -6.25 -27.03
N ALA B 1534 -7.42 -5.27 -27.95
CA ALA B 1534 -6.28 -4.41 -28.19
C ALA B 1534 -5.95 -3.53 -26.98
N GLY B 1535 -6.87 -3.39 -26.03
CA GLY B 1535 -6.65 -2.56 -24.87
C GLY B 1535 -7.36 -1.22 -24.89
N PHE B 1536 -8.20 -0.97 -25.88
CA PHE B 1536 -8.92 0.29 -25.95
C PHE B 1536 -9.93 0.39 -24.81
N ASP B 1537 -10.03 1.58 -24.23
CA ASP B 1537 -11.03 1.85 -23.20
C ASP B 1537 -11.86 3.07 -23.57
O 4HH B 1538 -12.97 6.85 -23.90
C 4HH B 1538 -12.62 5.94 -23.10
CA 4HH B 1538 -13.52 4.69 -22.89
N 4HH B 1538 -12.72 3.50 -22.66
CB 4HH B 1538 -14.49 5.02 -21.74
OG 4HH B 1538 -13.77 5.15 -20.54
CJ 4HH B 1538 -14.40 5.81 -17.82
CK 4HH B 1538 -14.57 5.84 -16.29
CL1 4HH B 1538 -15.39 4.63 -15.85
CL2 4HH B 1538 -15.35 7.08 -15.90
CL3 4HH B 1538 -12.98 6.86 -14.49
CM 4HH B 1538 -13.18 5.82 -15.61
OM 4HH B 1538 -12.12 6.01 -16.54
NN 4HH B 1538 -13.19 6.49 -13.18
ON 4HH B 1538 -12.62 8.03 -14.79
P 4HH B 1538 -13.77 3.90 -19.50
O1P 4HH B 1538 -12.40 3.85 -18.92
O2P 4HH B 1538 -14.46 2.71 -20.03
O3P 4HH B 1538 -14.76 4.59 -18.36
CO 4HH B 1538 -13.60 5.15 -12.82
CP 4HH B 1538 -14.61 5.08 -11.67
CQ 4HH B 1538 -15.42 3.80 -11.81
CS 4HH B 1538 -15.70 3.77 -9.36
CT 4HH B 1538 -15.17 2.77 -8.35
NR 4HH B 1538 -15.92 3.23 -10.67
OR 4HH B 1538 -15.63 3.30 -12.94
SU 4HH B 1538 -14.73 3.52 -6.82
N LEU B 1539 -11.49 5.97 -22.41
CA LEU B 1539 -10.50 7.05 -22.55
C LEU B 1539 -10.05 7.14 -24.00
N THR B 1540 -9.61 6.01 -24.55
CA THR B 1540 -9.21 5.97 -25.95
C THR B 1540 -10.41 6.18 -26.86
N ALA B 1541 -11.58 5.70 -26.45
CA ALA B 1541 -12.76 5.72 -27.33
C ALA B 1541 -13.17 7.13 -27.68
N VAL B 1542 -13.23 8.03 -26.68
CA VAL B 1542 -13.76 9.36 -26.91
C VAL B 1542 -12.85 10.15 -27.85
N GLU B 1543 -11.55 10.16 -27.56
CA GLU B 1543 -10.63 10.92 -28.41
C GLU B 1543 -10.47 10.28 -29.78
N LEU B 1544 -10.54 8.95 -29.85
CA LEU B 1544 -10.53 8.29 -31.15
C LEU B 1544 -11.76 8.71 -31.97
N ARG B 1545 -12.92 8.78 -31.32
CA ARG B 1545 -14.12 9.26 -32.00
C ARG B 1545 -13.94 10.70 -32.47
N ASN B 1546 -13.34 11.54 -31.63
CA ASN B 1546 -13.11 12.93 -32.00
C ASN B 1546 -12.24 13.02 -33.25
N ARG B 1547 -11.10 12.33 -33.24
CA ARG B 1547 -10.19 12.40 -34.37
C ARG B 1547 -10.80 11.80 -35.63
N LEU B 1548 -11.50 10.67 -35.50
CA LEU B 1548 -12.13 10.06 -36.66
C LEU B 1548 -13.21 10.96 -37.25
N ALA B 1549 -14.03 11.57 -36.39
CA ALA B 1549 -15.07 12.48 -36.86
C ALA B 1549 -14.46 13.69 -37.55
N ALA B 1550 -13.39 14.25 -36.98
CA ALA B 1550 -12.73 15.38 -37.61
C ALA B 1550 -12.17 14.99 -38.97
N ALA B 1551 -11.59 13.80 -39.08
CA ALA B 1551 -11.05 13.35 -40.35
C ALA B 1551 -12.16 13.16 -41.38
N THR B 1552 -13.26 12.52 -40.99
CA THR B 1552 -14.33 12.21 -41.92
C THR B 1552 -15.41 13.28 -42.00
N GLY B 1553 -15.41 14.25 -41.09
CA GLY B 1553 -16.43 15.28 -41.11
C GLY B 1553 -17.83 14.78 -40.81
N LEU B 1554 -17.95 13.59 -40.21
CA LEU B 1554 -19.24 13.02 -39.88
C LEU B 1554 -19.37 12.86 -38.37
N THR B 1555 -20.61 12.95 -37.90
CA THR B 1555 -20.90 12.82 -36.47
C THR B 1555 -20.86 11.34 -36.08
N LEU B 1556 -20.20 11.06 -34.95
CA LEU B 1556 -20.05 9.69 -34.47
C LEU B 1556 -20.40 9.63 -33.00
N SER B 1557 -20.73 8.43 -32.54
CA SER B 1557 -21.04 8.19 -31.14
C SER B 1557 -19.85 7.59 -30.41
N PRO B 1558 -19.65 7.96 -29.14
CA PRO B 1558 -18.50 7.44 -28.39
C PRO B 1558 -18.55 5.93 -28.18
N ALA B 1559 -19.72 5.31 -28.30
CA ALA B 1559 -19.88 3.90 -27.95
C ALA B 1559 -19.88 2.98 -29.16
N MET B 1560 -19.51 3.47 -30.35
CA MET B 1560 -19.51 2.60 -31.51
C MET B 1560 -18.45 1.51 -31.41
N ILE B 1561 -17.47 1.69 -30.52
CA ILE B 1561 -16.38 0.73 -30.38
C ILE B 1561 -16.92 -0.64 -30.00
N PHE B 1562 -17.84 -0.67 -29.04
CA PHE B 1562 -18.44 -1.95 -28.64
C PHE B 1562 -19.46 -2.42 -29.67
N ASP B 1563 -20.08 -1.49 -30.39
CA ASP B 1563 -21.04 -1.87 -31.43
C ASP B 1563 -20.35 -2.64 -32.55
N TYR B 1564 -19.17 -2.21 -32.94
CA TYR B 1564 -18.40 -2.86 -34.00
C TYR B 1564 -16.98 -3.08 -33.50
N PRO B 1565 -16.78 -4.06 -32.61
CA PRO B 1565 -15.42 -4.32 -32.12
C PRO B 1565 -14.44 -4.68 -33.21
N LYS B 1566 -14.89 -5.37 -34.25
CA LYS B 1566 -14.02 -5.69 -35.37
C LYS B 1566 -13.81 -4.46 -36.23
N PRO B 1567 -12.56 -4.11 -36.54
CA PRO B 1567 -12.30 -2.92 -37.36
C PRO B 1567 -13.03 -2.94 -38.69
N PRO B 1568 -13.10 -4.08 -39.39
CA PRO B 1568 -13.88 -4.09 -40.64
C PRO B 1568 -15.35 -3.74 -40.42
N ALA B 1569 -15.95 -4.18 -39.32
CA ALA B 1569 -17.34 -3.83 -39.05
C ALA B 1569 -17.48 -2.32 -38.83
N LEU B 1570 -16.53 -1.72 -38.11
CA LEU B 1570 -16.55 -0.29 -37.90
C LEU B 1570 -16.43 0.46 -39.22
N ALA B 1571 -15.53 0.01 -40.10
CA ALA B 1571 -15.39 0.65 -41.41
C ALA B 1571 -16.67 0.51 -42.23
N ASP B 1572 -17.27 -0.67 -42.21
CA ASP B 1572 -18.50 -0.89 -42.97
C ASP B 1572 -19.63 0.01 -42.46
N HIS B 1573 -19.74 0.16 -41.14
CA HIS B 1573 -20.73 1.10 -40.60
C HIS B 1573 -20.41 2.52 -41.01
N LEU B 1574 -19.12 2.89 -40.98
CA LEU B 1574 -18.71 4.23 -41.37
C LEU B 1574 -18.93 4.49 -42.85
N ARG B 1575 -19.10 3.44 -43.66
CA ARG B 1575 -19.40 3.65 -45.07
C ARG B 1575 -20.69 4.44 -45.25
N ALA B 1576 -21.71 4.11 -44.47
CA ALA B 1576 -22.99 4.81 -44.53
C ALA B 1576 -22.86 6.23 -43.98
N GLU C 3 -24.66 -24.43 34.62
CA GLU C 3 -23.84 -25.56 34.20
C GLU C 3 -23.87 -26.67 35.25
N VAL C 4 -23.39 -27.86 34.87
CA VAL C 4 -23.40 -29.01 35.76
C VAL C 4 -22.41 -28.74 36.89
N GLN C 5 -22.92 -28.46 38.08
CA GLN C 5 -22.09 -28.11 39.22
C GLN C 5 -22.52 -28.92 40.43
N LEU C 6 -21.54 -29.36 41.21
CA LEU C 6 -21.77 -30.16 42.42
C LEU C 6 -21.23 -29.41 43.63
N VAL C 7 -22.00 -29.40 44.72
CA VAL C 7 -21.54 -28.88 45.99
C VAL C 7 -21.67 -29.99 47.04
N GLN C 8 -20.65 -30.14 47.87
CA GLN C 8 -20.65 -31.13 48.93
C GLN C 8 -20.52 -30.43 50.28
N SER C 9 -21.26 -30.92 51.27
CA SER C 9 -21.21 -30.34 52.60
C SER C 9 -21.60 -31.40 53.62
N GLY C 10 -21.38 -31.07 54.89
CA GLY C 10 -21.71 -31.96 55.99
C GLY C 10 -20.52 -32.62 56.65
N GLY C 11 -19.34 -32.57 56.05
CA GLY C 11 -18.17 -33.17 56.65
C GLY C 11 -17.67 -32.37 57.84
N GLY C 12 -16.84 -33.03 58.65
CA GLY C 12 -16.28 -32.38 59.82
C GLY C 12 -15.68 -33.39 60.76
N LEU C 13 -15.24 -32.89 61.91
CA LEU C 13 -14.62 -33.71 62.94
C LEU C 13 -15.66 -34.14 63.96
N VAL C 14 -15.78 -35.45 64.17
CA VAL C 14 -16.73 -36.02 65.13
C VAL C 14 -16.04 -37.15 65.86
N GLN C 15 -16.28 -37.27 67.16
CA GLN C 15 -15.70 -38.33 67.95
C GLN C 15 -16.27 -39.68 67.52
N PRO C 16 -15.54 -40.77 67.78
CA PRO C 16 -15.98 -42.08 67.29
C PRO C 16 -17.32 -42.49 67.87
N GLY C 17 -18.07 -43.28 67.09
CA GLY C 17 -19.30 -43.88 67.56
C GLY C 17 -20.54 -43.04 67.34
N ARG C 18 -20.51 -42.05 66.46
CA ARG C 18 -21.64 -41.15 66.24
C ARG C 18 -22.12 -41.28 64.80
N SER C 19 -23.05 -40.39 64.43
CA SER C 19 -23.65 -40.34 63.11
C SER C 19 -23.38 -38.98 62.47
N LEU C 20 -23.41 -38.95 61.14
CA LEU C 20 -23.18 -37.71 60.42
C LEU C 20 -23.93 -37.77 59.09
N ARG C 21 -24.25 -36.60 58.56
CA ARG C 21 -24.95 -36.51 57.28
C ARG C 21 -24.11 -35.66 56.34
N LEU C 22 -23.81 -36.20 55.15
CA LEU C 22 -23.16 -35.44 54.10
C LEU C 22 -24.10 -35.32 52.92
N SER C 23 -24.34 -34.08 52.50
CA SER C 23 -25.29 -33.75 51.45
C SER C 23 -24.56 -33.13 50.28
N CYS C 24 -24.86 -33.61 49.08
CA CYS C 24 -24.29 -33.08 47.85
C CYS C 24 -25.43 -32.64 46.94
N THR C 25 -25.41 -31.38 46.54
CA THR C 25 -26.44 -30.81 45.69
C THR C 25 -25.91 -30.60 44.28
N ALA C 26 -26.75 -30.88 43.29
CA ALA C 26 -26.41 -30.75 41.88
C ALA C 26 -27.17 -29.59 41.27
N SER C 27 -26.58 -29.01 40.22
CA SER C 27 -27.20 -27.89 39.55
C SER C 27 -26.82 -27.91 38.07
N GLY C 28 -27.66 -27.28 37.26
CA GLY C 28 -27.39 -27.12 35.84
C GLY C 28 -27.77 -28.29 34.96
N PHE C 29 -28.43 -29.30 35.50
CA PHE C 29 -28.81 -30.46 34.69
C PHE C 29 -29.88 -31.24 35.43
N THR C 30 -30.42 -32.25 34.75
CA THR C 30 -31.44 -33.13 35.32
C THR C 30 -30.75 -34.10 36.26
N PHE C 31 -30.76 -33.79 37.55
CA PHE C 31 -30.12 -34.65 38.54
C PHE C 31 -30.75 -36.03 38.58
N GLY C 32 -32.09 -36.08 38.54
CA GLY C 32 -32.80 -37.33 38.69
C GLY C 32 -32.58 -38.33 37.57
N ASP C 33 -32.00 -37.90 36.45
CA ASP C 33 -31.80 -38.76 35.31
C ASP C 33 -30.51 -39.57 35.39
N TYR C 34 -29.67 -39.31 36.38
CA TYR C 34 -28.39 -40.00 36.52
C TYR C 34 -28.41 -40.88 37.77
N ALA C 35 -27.29 -41.55 38.01
CA ALA C 35 -27.11 -42.40 39.18
C ALA C 35 -25.93 -41.88 39.99
N MET C 36 -26.19 -41.50 41.24
CA MET C 36 -25.11 -40.97 42.07
C MET C 36 -24.24 -42.09 42.62
N SER C 37 -23.03 -41.72 43.02
CA SER C 37 -22.11 -42.65 43.64
C SER C 37 -21.27 -41.90 44.67
N TRP C 38 -20.74 -42.65 45.63
CA TRP C 38 -19.90 -42.10 46.69
C TRP C 38 -18.65 -42.95 46.79
N VAL C 39 -17.49 -42.29 46.83
CA VAL C 39 -16.20 -42.97 46.89
C VAL C 39 -15.32 -42.23 47.88
N ARG C 40 -14.63 -42.97 48.75
CA ARG C 40 -13.75 -42.38 49.74
C ARG C 40 -12.30 -42.74 49.45
N GLN C 41 -11.40 -41.85 49.85
CA GLN C 41 -9.96 -42.06 49.70
C GLN C 41 -9.30 -41.84 51.05
N ALA C 42 -8.57 -42.86 51.51
CA ALA C 42 -7.86 -42.74 52.77
C ALA C 42 -6.67 -41.78 52.60
N PRO C 43 -6.31 -41.05 53.66
CA PRO C 43 -5.16 -40.14 53.55
C PRO C 43 -3.87 -40.94 53.38
N GLY C 44 -3.01 -40.47 52.47
CA GLY C 44 -1.81 -41.19 52.15
C GLY C 44 -2.05 -42.56 51.54
N LYS C 45 -3.24 -42.78 50.99
CA LYS C 45 -3.61 -44.06 50.42
C LYS C 45 -4.41 -43.83 49.15
N GLY C 46 -4.87 -44.93 48.54
CA GLY C 46 -5.66 -44.85 47.33
C GLY C 46 -7.13 -44.58 47.61
N LEU C 47 -7.90 -44.52 46.53
CA LEU C 47 -9.33 -44.32 46.61
C LEU C 47 -10.04 -45.66 46.78
N GLU C 48 -11.22 -45.60 47.41
CA GLU C 48 -11.99 -46.79 47.71
C GLU C 48 -13.46 -46.52 47.41
N TRP C 49 -14.05 -47.35 46.55
CA TRP C 49 -15.47 -47.22 46.24
C TRP C 49 -16.30 -47.50 47.49
N VAL C 50 -17.39 -46.75 47.64
CA VAL C 50 -18.22 -46.88 48.83
C VAL C 50 -19.62 -47.36 48.43
N GLY C 51 -20.31 -46.58 47.62
CA GLY C 51 -21.68 -46.95 47.31
C GLY C 51 -22.17 -46.27 46.05
N PHE C 52 -23.35 -46.68 45.60
CA PHE C 52 -23.95 -46.05 44.43
C PHE C 52 -25.46 -46.30 44.43
N ILE C 53 -26.21 -45.29 43.99
CA ILE C 53 -27.66 -45.34 43.92
C ILE C 53 -28.09 -44.97 42.50
N ARG C 54 -29.01 -45.77 41.95
CA ARG C 54 -29.49 -45.59 40.59
C ARG C 54 -30.54 -44.48 40.56
N SER C 55 -31.23 -44.35 39.44
CA SER C 55 -32.30 -43.38 39.27
C SER C 55 -33.65 -44.06 39.33
N LYS C 56 -34.71 -43.24 39.28
CA LYS C 56 -36.06 -43.78 39.34
C LYS C 56 -36.38 -44.68 38.16
N ALA C 57 -35.70 -44.47 37.03
CA ALA C 57 -35.92 -45.31 35.87
C ALA C 57 -35.57 -46.77 36.16
N TYR C 58 -34.59 -46.99 37.02
CA TYR C 58 -34.22 -48.34 37.44
C TYR C 58 -34.63 -48.62 38.88
N GLY C 59 -35.56 -47.82 39.42
CA GLY C 59 -36.05 -48.01 40.77
C GLY C 59 -35.27 -47.30 41.84
N GLY C 60 -34.14 -46.69 41.50
CA GLY C 60 -33.35 -45.98 42.49
C GLY C 60 -32.80 -46.86 43.60
N THR C 61 -32.46 -48.11 43.28
CA THR C 61 -31.92 -49.01 44.28
C THR C 61 -30.54 -48.53 44.72
N THR C 62 -30.24 -48.74 46.00
CA THR C 62 -28.97 -48.35 46.60
C THR C 62 -28.14 -49.59 46.89
N GLU C 63 -26.88 -49.57 46.47
CA GLU C 63 -25.98 -50.68 46.67
C GLU C 63 -24.71 -50.18 47.34
N TYR C 64 -24.20 -50.96 48.28
CA TYR C 64 -23.07 -50.58 49.11
C TYR C 64 -22.07 -51.72 49.17
N ALA C 65 -20.82 -51.38 49.47
CA ALA C 65 -19.83 -52.40 49.75
C ALA C 65 -20.16 -53.11 51.05
N ALA C 66 -19.66 -54.34 51.19
CA ALA C 66 -19.94 -55.12 52.39
C ALA C 66 -19.33 -54.47 53.62
N SER C 67 -18.15 -53.86 53.49
CA SER C 67 -17.49 -53.26 54.64
C SER C 67 -18.31 -52.11 55.21
N VAL C 68 -18.89 -51.28 54.35
CA VAL C 68 -19.69 -50.13 54.81
C VAL C 68 -21.13 -50.50 55.08
N LYS C 69 -21.52 -51.75 54.86
CA LYS C 69 -22.89 -52.17 55.10
C LYS C 69 -23.24 -52.07 56.58
N GLY C 70 -24.46 -51.62 56.86
CA GLY C 70 -25.00 -51.61 58.20
C GLY C 70 -25.00 -50.26 58.89
N ARG C 71 -24.29 -49.28 58.35
CA ARG C 71 -24.23 -47.98 59.01
C ARG C 71 -24.52 -46.85 58.04
N PHE C 72 -24.24 -47.05 56.76
CA PHE C 72 -24.29 -45.98 55.78
C PHE C 72 -25.46 -46.19 54.81
N THR C 73 -26.21 -45.13 54.57
CA THR C 73 -27.34 -45.15 53.66
C THR C 73 -27.27 -43.93 52.74
N ILE C 74 -27.66 -44.14 51.48
CA ILE C 74 -27.66 -43.10 50.46
C ILE C 74 -29.09 -42.90 49.98
N SER C 75 -29.53 -41.64 49.96
CA SER C 75 -30.86 -41.29 49.47
C SER C 75 -30.74 -40.07 48.57
N ARG C 76 -31.72 -39.90 47.69
CA ARG C 76 -31.72 -38.79 46.76
C ARG C 76 -33.07 -38.09 46.77
N ASP C 77 -33.05 -36.77 46.64
CA ASP C 77 -34.24 -35.95 46.55
C ASP C 77 -34.19 -35.18 45.23
N ASP C 78 -35.13 -35.49 44.34
CA ASP C 78 -35.19 -34.81 43.05
C ASP C 78 -35.73 -33.40 43.18
N SER C 79 -36.56 -33.14 44.20
CA SER C 79 -37.13 -31.82 44.36
C SER C 79 -36.04 -30.78 44.61
N LYS C 80 -35.07 -31.11 45.44
CA LYS C 80 -33.91 -30.25 45.67
C LYS C 80 -32.68 -30.75 44.94
N SER C 81 -32.76 -31.89 44.27
CA SER C 81 -31.65 -32.46 43.51
C SER C 81 -30.42 -32.62 44.40
N ILE C 82 -30.60 -33.33 45.51
CA ILE C 82 -29.55 -33.46 46.52
C ILE C 82 -29.52 -34.88 47.04
N ALA C 83 -28.31 -35.42 47.19
CA ALA C 83 -28.10 -36.77 47.70
C ALA C 83 -27.49 -36.71 49.08
N TYR C 84 -28.04 -37.47 50.01
CA TYR C 84 -27.56 -37.54 51.39
C TYR C 84 -26.99 -38.91 51.67
N LEU C 85 -25.84 -38.95 52.33
CA LEU C 85 -25.20 -40.18 52.77
C LEU C 85 -24.97 -40.08 54.28
N GLN C 86 -25.29 -41.17 54.99
CA GLN C 86 -25.47 -41.15 56.44
C GLN C 86 -24.46 -42.06 57.14
N MET C 87 -23.42 -41.46 57.73
CA MET C 87 -22.57 -42.17 58.67
C MET C 87 -23.33 -42.54 59.94
N ASN C 88 -23.11 -43.77 60.40
CA ASN C 88 -23.57 -44.23 61.69
C ASN C 88 -22.44 -45.01 62.34
N SER C 89 -22.38 -44.96 63.67
CA SER C 89 -21.34 -45.65 64.43
C SER C 89 -19.95 -45.32 63.88
N LEU C 90 -19.67 -44.02 63.86
CA LEU C 90 -18.47 -43.52 63.21
C LEU C 90 -17.22 -44.06 63.88
N LYS C 91 -16.21 -44.38 63.08
CA LYS C 91 -14.98 -45.00 63.56
C LYS C 91 -13.76 -44.28 63.01
N THR C 92 -12.66 -44.38 63.76
CA THR C 92 -11.43 -43.70 63.36
C THR C 92 -10.86 -44.30 62.08
N GLU C 93 -10.93 -45.62 61.93
CA GLU C 93 -10.38 -46.28 60.75
C GLU C 93 -11.09 -45.84 59.47
N ASP C 94 -12.28 -45.26 59.60
CA ASP C 94 -13.04 -44.78 58.45
C ASP C 94 -12.65 -43.36 58.04
N THR C 95 -11.65 -42.77 58.69
CA THR C 95 -11.19 -41.43 58.31
C THR C 95 -10.73 -41.42 56.87
N ALA C 96 -11.43 -40.65 56.04
CA ALA C 96 -11.10 -40.54 54.63
C ALA C 96 -11.72 -39.28 54.07
N VAL C 97 -11.25 -38.86 52.91
CA VAL C 97 -11.86 -37.77 52.17
C VAL C 97 -12.89 -38.36 51.22
N TYR C 98 -14.11 -37.86 51.29
CA TYR C 98 -15.24 -38.47 50.59
C TYR C 98 -15.64 -37.63 49.39
N TYR C 99 -16.08 -38.30 48.34
CA TYR C 99 -16.43 -37.65 47.07
C TYR C 99 -17.76 -38.20 46.57
N CYS C 100 -18.59 -37.29 46.08
CA CYS C 100 -19.84 -37.63 45.41
C CYS C 100 -19.67 -37.44 43.92
N THR C 101 -19.97 -38.47 43.15
CA THR C 101 -19.76 -38.47 41.72
C THR C 101 -21.06 -38.79 40.98
N ARG C 102 -21.15 -38.27 39.76
CA ARG C 102 -22.30 -38.54 38.90
C ARG C 102 -22.00 -39.73 38.00
N GLY C 103 -22.99 -40.59 37.82
CA GLY C 103 -22.83 -41.76 36.99
C GLY C 103 -22.60 -43.03 37.80
N GLY C 104 -23.38 -44.07 37.53
CA GLY C 104 -23.25 -45.31 38.27
C GLY C 104 -21.92 -45.99 38.07
N THR C 105 -21.64 -46.42 36.85
CA THR C 105 -20.37 -47.08 36.56
C THR C 105 -19.29 -46.05 36.19
N LEU C 106 -19.54 -45.28 35.13
CA LEU C 106 -18.61 -44.23 34.77
C LEU C 106 -18.78 -43.04 35.71
N PHE C 107 -17.68 -42.41 36.07
CA PHE C 107 -17.68 -41.25 36.96
C PHE C 107 -17.19 -40.04 36.18
N ASP C 108 -18.13 -39.22 35.72
CA ASP C 108 -17.82 -38.08 34.87
C ASP C 108 -17.57 -36.79 35.64
N TYR C 109 -17.83 -36.77 36.94
CA TYR C 109 -17.76 -35.53 37.68
C TYR C 109 -17.49 -35.84 39.15
N TRP C 110 -16.80 -34.91 39.81
CA TRP C 110 -16.52 -35.02 41.23
C TRP C 110 -16.76 -33.67 41.90
N GLY C 111 -17.20 -33.71 43.14
CA GLY C 111 -17.32 -32.51 43.93
C GLY C 111 -15.99 -32.05 44.48
N GLN C 112 -16.04 -30.99 45.28
CA GLN C 112 -14.82 -30.49 45.92
C GLN C 112 -14.25 -31.49 46.92
N GLY C 113 -15.06 -32.43 47.40
CA GLY C 113 -14.57 -33.43 48.33
C GLY C 113 -14.58 -32.94 49.77
N THR C 114 -14.99 -33.80 50.69
CA THR C 114 -15.05 -33.48 52.11
C THR C 114 -14.20 -34.47 52.89
N LEU C 115 -13.53 -33.97 53.93
CA LEU C 115 -12.68 -34.78 54.78
C LEU C 115 -13.43 -35.16 56.05
N VAL C 116 -13.15 -36.35 56.56
CA VAL C 116 -13.76 -36.85 57.79
C VAL C 116 -12.66 -37.09 58.79
N THR C 117 -12.76 -36.45 59.95
CA THR C 117 -11.79 -36.60 61.03
C THR C 117 -12.49 -37.24 62.22
N VAL C 118 -11.89 -38.30 62.74
CA VAL C 118 -12.46 -39.06 63.86
C VAL C 118 -11.40 -39.16 64.94
N SER C 119 -11.67 -38.56 66.10
CA SER C 119 -10.71 -38.58 67.19
C SER C 119 -11.44 -38.32 68.50
N SER C 120 -10.82 -38.74 69.60
CA SER C 120 -11.32 -38.48 70.93
C SER C 120 -10.53 -37.38 71.65
N ALA C 121 -9.35 -37.04 71.15
CA ALA C 121 -8.53 -36.00 71.77
C ALA C 121 -9.10 -34.62 71.47
N SER C 122 -8.56 -33.62 72.16
CA SER C 122 -8.98 -32.24 72.01
C SER C 122 -7.76 -31.38 71.68
N THR C 123 -7.96 -30.06 71.71
CA THR C 123 -6.90 -29.14 71.34
C THR C 123 -5.71 -29.27 72.28
N LYS C 124 -4.52 -29.09 71.73
CA LYS C 124 -3.29 -29.24 72.50
C LYS C 124 -2.19 -28.47 71.80
N GLY C 125 -1.43 -27.69 72.56
CA GLY C 125 -0.35 -26.91 72.02
C GLY C 125 0.78 -27.78 71.51
N PRO C 126 1.52 -27.28 70.52
CA PRO C 126 2.66 -28.05 69.99
C PRO C 126 3.76 -28.19 71.02
N SER C 127 4.50 -29.29 70.91
CA SER C 127 5.69 -29.53 71.70
C SER C 127 6.89 -29.38 70.76
N VAL C 128 7.59 -28.26 70.86
CA VAL C 128 8.65 -27.91 69.93
C VAL C 128 9.98 -28.27 70.54
N PHE C 129 10.85 -28.88 69.73
CA PHE C 129 12.12 -29.39 70.20
C PHE C 129 13.21 -29.00 69.21
N PRO C 130 14.34 -28.47 69.68
CA PRO C 130 15.45 -28.20 68.78
C PRO C 130 16.06 -29.49 68.26
N LEU C 131 16.76 -29.39 67.14
CA LEU C 131 17.32 -30.55 66.45
C LEU C 131 18.62 -30.09 65.80
N ALA C 132 19.78 -30.31 66.51
CA ALA C 132 21.07 -29.73 66.17
C ALA C 132 22.06 -30.80 65.73
N PRO C 133 23.02 -30.44 64.86
CA PRO C 133 23.98 -31.43 64.38
C PRO C 133 25.11 -31.69 65.36
N SER C 134 26.10 -32.50 64.94
CA SER C 134 27.23 -32.84 65.79
C SER C 134 28.46 -31.99 65.52
N SER C 135 28.68 -31.55 64.29
CA SER C 135 29.85 -30.75 63.96
C SER C 135 29.61 -29.27 64.27
N ALA C 143 25.79 -30.25 58.59
CA ALA C 143 25.45 -29.00 57.91
C ALA C 143 23.94 -28.78 57.93
N ALA C 144 23.23 -29.61 58.68
CA ALA C 144 21.78 -29.55 58.77
C ALA C 144 21.34 -29.26 60.20
N LEU C 145 20.11 -28.80 60.34
CA LEU C 145 19.50 -28.51 61.63
C LEU C 145 18.00 -28.38 61.41
N GLY C 146 17.26 -28.20 62.49
CA GLY C 146 15.83 -28.01 62.36
C GLY C 146 15.13 -28.03 63.70
N CYS C 147 13.80 -28.00 63.62
CA CYS C 147 12.93 -28.04 64.79
C CYS C 147 11.84 -29.08 64.57
N LEU C 148 11.66 -29.94 65.57
CA LEU C 148 10.68 -31.02 65.51
C LEU C 148 9.49 -30.66 66.39
N VAL C 149 8.29 -30.72 65.82
CA VAL C 149 7.06 -30.44 66.55
C VAL C 149 6.33 -31.75 66.75
N LYS C 150 5.93 -32.02 67.99
CA LYS C 150 5.30 -33.28 68.34
C LYS C 150 4.18 -33.03 69.34
N ASP C 151 3.17 -33.90 69.32
CA ASP C 151 2.06 -33.86 70.27
C ASP C 151 1.31 -32.53 70.21
N TYR C 152 0.67 -32.30 69.06
CA TYR C 152 -0.25 -31.21 68.88
C TYR C 152 -1.50 -31.72 68.17
N PHE C 153 -2.64 -31.10 68.49
CA PHE C 153 -3.92 -31.52 67.93
C PHE C 153 -4.88 -30.35 68.03
N PRO C 154 -5.75 -30.14 67.04
CA PRO C 154 -5.81 -30.83 65.75
C PRO C 154 -5.04 -30.08 64.66
N GLU C 155 -5.18 -30.51 63.42
CA GLU C 155 -4.55 -29.81 62.31
C GLU C 155 -5.23 -28.48 62.07
N PRO C 156 -4.51 -27.51 61.47
CA PRO C 156 -3.11 -27.54 61.04
C PRO C 156 -2.18 -26.77 61.96
N VAL C 157 -0.90 -26.70 61.59
CA VAL C 157 0.11 -25.92 62.31
C VAL C 157 0.99 -25.24 61.28
N THR C 158 1.41 -24.02 61.55
CA THR C 158 2.27 -23.27 60.64
C THR C 158 3.65 -23.08 61.26
N VAL C 159 4.68 -23.44 60.49
CA VAL C 159 6.06 -23.35 60.95
C VAL C 159 6.83 -22.44 60.01
N SER C 160 7.50 -21.44 60.58
CA SER C 160 8.34 -20.51 59.84
C SER C 160 9.74 -20.54 60.41
N TRP C 161 10.70 -20.05 59.64
CA TRP C 161 12.09 -19.96 60.07
C TRP C 161 12.50 -18.49 60.08
N ASN C 162 12.80 -17.98 61.27
CA ASN C 162 13.10 -16.55 61.47
C ASN C 162 11.95 -15.69 60.93
N SER C 163 10.73 -16.09 61.28
CA SER C 163 9.51 -15.40 60.82
C SER C 163 9.45 -15.32 59.31
N GLY C 164 9.83 -16.41 58.64
CA GLY C 164 9.82 -16.46 57.19
C GLY C 164 11.05 -15.91 56.52
N ALA C 165 12.03 -15.43 57.29
CA ALA C 165 13.26 -14.92 56.68
C ALA C 165 14.05 -16.03 56.02
N LEU C 166 14.10 -17.21 56.64
CA LEU C 166 14.85 -18.34 56.13
C LEU C 166 13.89 -19.28 55.40
N THR C 167 14.02 -19.36 54.08
CA THR C 167 13.18 -20.22 53.26
C THR C 167 13.98 -21.21 52.42
N SER C 168 15.15 -20.80 51.92
CA SER C 168 15.96 -21.71 51.11
C SER C 168 16.47 -22.86 51.95
N GLY C 169 16.40 -24.07 51.38
CA GLY C 169 16.81 -25.26 52.10
C GLY C 169 15.87 -25.70 53.19
N VAL C 170 14.72 -25.03 53.35
CA VAL C 170 13.77 -25.38 54.39
C VAL C 170 12.78 -26.40 53.83
N HIS C 171 12.65 -27.52 54.51
CA HIS C 171 11.73 -28.58 54.14
C HIS C 171 10.83 -28.87 55.33
N THR C 172 9.53 -28.81 55.11
CA THR C 172 8.52 -29.07 56.14
C THR C 172 7.81 -30.37 55.77
N PHE C 173 8.18 -31.44 56.45
CA PHE C 173 7.59 -32.73 56.16
C PHE C 173 6.11 -32.74 56.55
N PRO C 174 5.26 -33.45 55.80
CA PRO C 174 3.84 -33.50 56.16
C PRO C 174 3.63 -34.12 57.53
N ALA C 175 2.64 -33.60 58.25
CA ALA C 175 2.33 -34.11 59.57
C ALA C 175 1.84 -35.55 59.50
N VAL C 176 2.15 -36.32 60.54
CA VAL C 176 1.74 -37.72 60.64
C VAL C 176 0.96 -37.89 61.94
N LEU C 177 -0.20 -38.52 61.83
CA LEU C 177 -1.02 -38.78 63.00
C LEU C 177 -0.37 -39.83 63.89
N GLN C 178 -0.19 -39.49 65.16
CA GLN C 178 0.39 -40.44 66.10
C GLN C 178 -0.64 -41.51 66.47
N SER C 179 -0.14 -42.58 67.08
CA SER C 179 -1.03 -43.59 67.64
C SER C 179 -1.81 -43.06 68.82
N SER C 180 -1.39 -41.94 69.41
CA SER C 180 -2.07 -41.31 70.53
C SER C 180 -3.11 -40.30 70.10
N GLY C 181 -3.33 -40.14 68.80
CA GLY C 181 -4.27 -39.15 68.31
C GLY C 181 -3.69 -37.76 68.13
N LEU C 182 -2.38 -37.60 68.25
CA LEU C 182 -1.72 -36.31 68.07
C LEU C 182 -0.92 -36.33 66.77
N TYR C 183 -0.25 -35.23 66.49
CA TYR C 183 0.47 -35.06 65.24
C TYR C 183 1.94 -34.72 65.51
N SER C 184 2.79 -35.11 64.56
CA SER C 184 4.21 -34.82 64.65
C SER C 184 4.75 -34.54 63.25
N LEU C 185 5.78 -33.71 63.20
CA LEU C 185 6.46 -33.35 61.96
C LEU C 185 7.73 -32.58 62.33
N SER C 186 8.45 -32.11 61.32
CA SER C 186 9.66 -31.35 61.57
C SER C 186 9.92 -30.41 60.41
N SER C 187 10.64 -29.33 60.70
CA SER C 187 11.12 -28.38 59.69
C SER C 187 12.63 -28.39 59.72
N VAL C 188 13.25 -28.67 58.58
CA VAL C 188 14.69 -28.92 58.50
C VAL C 188 15.31 -27.98 57.49
N VAL C 189 16.39 -27.31 57.88
CA VAL C 189 17.17 -26.45 57.01
C VAL C 189 18.63 -26.91 57.04
N THR C 190 19.24 -27.01 55.87
CA THR C 190 20.62 -27.47 55.73
C THR C 190 21.50 -26.29 55.37
N VAL C 191 22.34 -25.86 56.32
CA VAL C 191 23.28 -24.76 56.09
C VAL C 191 24.61 -25.11 56.74
N PRO C 192 25.70 -25.18 55.97
CA PRO C 192 27.01 -25.48 56.57
C PRO C 192 27.47 -24.34 57.48
N SER C 193 28.29 -24.70 58.47
CA SER C 193 28.84 -23.75 59.43
C SER C 193 27.75 -22.99 60.18
N THR C 200 21.14 -17.14 64.76
CA THR C 200 20.45 -16.70 63.56
C THR C 200 19.66 -17.84 62.93
N TYR C 201 19.33 -18.85 63.74
CA TYR C 201 18.60 -20.03 63.30
C TYR C 201 17.39 -20.19 64.21
N ILE C 202 16.31 -19.50 63.87
CA ILE C 202 15.15 -19.33 64.74
C ILE C 202 13.94 -19.94 64.06
N CYS C 203 13.26 -20.84 64.77
CA CYS C 203 12.05 -21.47 64.25
C CYS C 203 10.85 -21.00 65.07
N ASN C 204 9.74 -20.75 64.38
CA ASN C 204 8.52 -20.24 65.00
C ASN C 204 7.37 -21.17 64.62
N VAL C 205 6.64 -21.63 65.63
CA VAL C 205 5.56 -22.60 65.44
C VAL C 205 4.27 -22.01 66.00
N ASN C 206 3.23 -21.98 65.17
CA ASN C 206 1.94 -21.44 65.58
C ASN C 206 0.87 -22.49 65.34
N HIS C 207 0.12 -22.80 66.40
CA HIS C 207 -1.05 -23.68 66.33
C HIS C 207 -2.28 -22.83 66.67
N LYS C 208 -3.08 -22.54 65.65
CA LYS C 208 -4.30 -21.76 65.86
C LYS C 208 -5.29 -22.43 66.79
N PRO C 209 -5.61 -23.73 66.67
CA PRO C 209 -6.62 -24.30 67.58
C PRO C 209 -6.25 -24.19 69.05
N SER C 210 -4.98 -24.34 69.39
CA SER C 210 -4.51 -24.13 70.75
C SER C 210 -4.05 -22.71 71.00
N ASN C 211 -4.04 -21.86 69.96
CA ASN C 211 -3.59 -20.47 70.07
C ASN C 211 -2.19 -20.39 70.67
N THR C 212 -1.34 -21.35 70.31
CA THR C 212 -0.03 -21.51 70.92
C THR C 212 1.05 -21.07 69.94
N LYS C 213 1.87 -20.10 70.37
CA LYS C 213 3.00 -19.62 69.59
C LYS C 213 4.27 -19.92 70.36
N VAL C 214 5.18 -20.68 69.76
CA VAL C 214 6.42 -21.08 70.40
C VAL C 214 7.59 -20.74 69.48
N ASP C 215 8.57 -20.04 70.01
CA ASP C 215 9.81 -19.73 69.29
C ASP C 215 10.94 -20.54 69.91
N LYS C 216 11.78 -21.11 69.05
CA LYS C 216 12.87 -21.96 69.51
C LYS C 216 14.14 -21.63 68.72
N LYS C 217 15.27 -21.86 69.39
CA LYS C 217 16.60 -21.65 68.84
C LYS C 217 17.32 -22.98 68.73
N VAL C 218 18.20 -23.08 67.74
CA VAL C 218 18.95 -24.31 67.50
C VAL C 218 20.43 -23.97 67.47
N GLU C 219 21.19 -24.56 68.39
CA GLU C 219 22.64 -24.42 68.45
C GLU C 219 23.25 -25.77 68.76
N PRO C 220 24.47 -26.04 68.27
CA PRO C 220 25.16 -27.32 68.53
C PRO C 220 25.41 -27.56 70.02
N GLU D 3 -14.07 -45.33 3.94
CA GLU D 3 -15.50 -45.04 3.99
C GLU D 3 -16.32 -46.32 3.86
N VAL D 4 -17.63 -46.19 4.06
CA VAL D 4 -18.54 -47.33 4.10
C VAL D 4 -19.36 -47.34 2.82
N GLN D 5 -19.51 -48.53 2.23
CA GLN D 5 -20.26 -48.66 1.00
C GLN D 5 -20.89 -50.05 0.94
N LEU D 6 -21.90 -50.17 0.08
CA LEU D 6 -22.53 -51.46 -0.17
C LEU D 6 -23.16 -51.44 -1.56
N VAL D 7 -23.16 -52.60 -2.20
CA VAL D 7 -23.63 -52.76 -3.57
C VAL D 7 -24.72 -53.83 -3.58
N GLN D 8 -25.85 -53.51 -4.20
CA GLN D 8 -26.96 -54.43 -4.35
C GLN D 8 -26.95 -55.01 -5.77
N SER D 9 -27.28 -56.29 -5.88
CA SER D 9 -27.28 -56.95 -7.17
C SER D 9 -28.21 -58.16 -7.11
N GLY D 10 -28.57 -58.65 -8.30
CA GLY D 10 -29.41 -59.82 -8.43
C GLY D 10 -30.83 -59.57 -8.89
N GLY D 11 -31.17 -58.35 -9.30
CA GLY D 11 -32.51 -58.03 -9.74
C GLY D 11 -32.67 -58.11 -11.25
N GLY D 12 -33.88 -57.82 -11.70
CA GLY D 12 -34.23 -57.83 -13.10
C GLY D 12 -35.63 -58.39 -13.30
N LEU D 13 -36.00 -58.52 -14.57
CA LEU D 13 -37.30 -59.09 -14.92
C LEU D 13 -37.40 -60.53 -14.44
N VAL D 14 -38.55 -60.87 -13.86
CA VAL D 14 -38.83 -62.24 -13.44
C VAL D 14 -40.30 -62.53 -13.72
N GLN D 15 -40.60 -63.81 -13.88
CA GLN D 15 -41.98 -64.21 -14.12
C GLN D 15 -42.64 -64.63 -12.82
N PRO D 16 -43.97 -64.49 -12.72
CA PRO D 16 -44.66 -64.87 -11.47
C PRO D 16 -44.49 -66.36 -11.17
N GLY D 17 -44.37 -66.67 -9.89
CA GLY D 17 -44.35 -68.04 -9.45
C GLY D 17 -42.99 -68.58 -9.03
N ARG D 18 -41.95 -68.21 -9.76
CA ARG D 18 -40.62 -68.76 -9.53
C ARG D 18 -39.96 -68.05 -8.34
N SER D 19 -38.67 -68.29 -8.16
CA SER D 19 -37.92 -67.76 -7.03
C SER D 19 -36.66 -67.05 -7.53
N LEU D 20 -36.16 -66.14 -6.70
CA LEU D 20 -34.98 -65.37 -7.03
C LEU D 20 -34.22 -65.07 -5.75
N ARG D 21 -32.99 -64.60 -5.89
CA ARG D 21 -32.17 -64.19 -4.76
C ARG D 21 -31.51 -62.86 -5.06
N LEU D 22 -31.43 -62.01 -4.03
CA LEU D 22 -30.81 -60.69 -4.11
C LEU D 22 -29.63 -60.66 -3.16
N SER D 23 -28.47 -60.27 -3.66
CA SER D 23 -27.25 -60.22 -2.87
C SER D 23 -26.84 -58.78 -2.63
N CYS D 24 -26.18 -58.53 -1.51
CA CYS D 24 -25.69 -57.21 -1.17
C CYS D 24 -24.33 -57.34 -0.51
N THR D 25 -23.32 -56.71 -1.11
CA THR D 25 -21.96 -56.74 -0.61
C THR D 25 -21.68 -55.44 0.14
N ALA D 26 -21.39 -55.56 1.44
CA ALA D 26 -21.11 -54.41 2.29
C ALA D 26 -19.64 -54.43 2.68
N SER D 27 -18.99 -53.28 2.59
CA SER D 27 -17.58 -53.19 2.95
C SER D 27 -17.29 -51.79 3.47
N GLY D 28 -16.15 -51.66 4.15
CA GLY D 28 -15.75 -50.42 4.77
C GLY D 28 -16.04 -50.33 6.25
N PHE D 29 -16.45 -51.42 6.89
CA PHE D 29 -16.77 -51.42 8.30
C PHE D 29 -16.82 -52.86 8.79
N THR D 30 -17.09 -53.03 10.09
CA THR D 30 -17.25 -54.35 10.67
C THR D 30 -18.63 -54.87 10.30
N PHE D 31 -18.69 -55.71 9.26
CA PHE D 31 -19.97 -56.18 8.74
C PHE D 31 -20.73 -56.98 9.79
N GLY D 32 -20.04 -57.88 10.50
CA GLY D 32 -20.72 -58.77 11.41
C GLY D 32 -21.31 -58.10 12.62
N ASP D 33 -20.78 -56.94 13.03
CA ASP D 33 -21.26 -56.29 14.24
C ASP D 33 -22.66 -55.72 14.04
N TYR D 34 -22.92 -55.10 12.89
CA TYR D 34 -24.19 -54.43 12.67
C TYR D 34 -25.27 -55.43 12.30
N ALA D 35 -26.51 -54.94 12.22
CA ALA D 35 -27.65 -55.73 11.80
C ALA D 35 -28.25 -55.09 10.56
N MET D 36 -28.40 -55.88 9.50
CA MET D 36 -28.88 -55.37 8.22
C MET D 36 -30.39 -55.57 8.09
N SER D 37 -30.95 -54.83 7.14
CA SER D 37 -32.39 -54.85 6.90
C SER D 37 -32.66 -54.61 5.43
N TRP D 38 -33.88 -54.95 5.01
CA TRP D 38 -34.34 -54.76 3.66
C TRP D 38 -35.67 -54.04 3.67
N VAL D 39 -35.83 -53.11 2.74
CA VAL D 39 -37.02 -52.29 2.58
C VAL D 39 -37.45 -52.34 1.13
N ARG D 40 -38.73 -52.10 0.88
CA ARG D 40 -39.27 -52.09 -0.47
C ARG D 40 -40.01 -50.79 -0.73
N GLN D 41 -39.97 -50.35 -1.98
CA GLN D 41 -40.64 -49.13 -2.44
C GLN D 41 -41.38 -49.45 -3.73
N ALA D 42 -42.71 -49.36 -3.68
CA ALA D 42 -43.53 -49.58 -4.85
C ALA D 42 -43.49 -48.36 -5.76
N PRO D 43 -43.66 -48.54 -7.07
CA PRO D 43 -43.66 -47.40 -7.99
C PRO D 43 -44.79 -46.43 -7.68
N GLY D 44 -44.42 -45.18 -7.46
CA GLY D 44 -45.40 -44.14 -7.17
C GLY D 44 -46.19 -44.36 -5.89
N LYS D 45 -45.56 -44.95 -4.87
CA LYS D 45 -46.22 -45.18 -3.59
C LYS D 45 -45.21 -44.93 -2.48
N GLY D 46 -45.58 -45.31 -1.26
CA GLY D 46 -44.68 -45.23 -0.14
C GLY D 46 -43.71 -46.39 -0.10
N LEU D 47 -42.92 -46.43 0.98
CA LEU D 47 -41.91 -47.45 1.17
C LEU D 47 -42.28 -48.34 2.35
N GLU D 48 -42.03 -49.64 2.19
CA GLU D 48 -42.50 -50.65 3.13
C GLU D 48 -41.32 -51.48 3.62
N TRP D 49 -41.21 -51.66 4.93
CA TRP D 49 -40.09 -52.37 5.52
C TRP D 49 -40.23 -53.86 5.31
N VAL D 50 -39.36 -54.45 4.49
CA VAL D 50 -39.44 -55.88 4.21
C VAL D 50 -39.10 -56.69 5.44
N GLY D 51 -37.93 -56.47 6.01
CA GLY D 51 -37.52 -57.25 7.16
C GLY D 51 -36.12 -56.90 7.59
N PHE D 52 -35.58 -57.71 8.48
CA PHE D 52 -34.21 -57.50 8.94
C PHE D 52 -33.65 -58.78 9.56
N ILE D 53 -32.34 -58.77 9.80
CA ILE D 53 -31.65 -59.85 10.47
C ILE D 53 -30.79 -59.27 11.59
N ARG D 54 -30.87 -59.86 12.77
CA ARG D 54 -30.08 -59.38 13.89
C ARG D 54 -28.62 -59.80 13.74
N SER D 55 -27.78 -59.22 14.58
CA SER D 55 -26.37 -59.57 14.60
C SER D 55 -26.16 -60.88 15.34
N LYS D 56 -24.99 -61.50 15.12
CA LYS D 56 -24.66 -62.73 15.81
C LYS D 56 -24.51 -62.53 17.31
N ALA D 57 -24.31 -61.30 17.76
CA ALA D 57 -24.27 -61.03 19.20
C ALA D 57 -25.61 -61.36 19.84
N TYR D 58 -26.70 -61.06 19.15
CA TYR D 58 -28.04 -61.33 19.66
C TYR D 58 -28.60 -62.65 19.15
N GLY D 59 -27.76 -63.50 18.56
CA GLY D 59 -28.19 -64.78 18.03
C GLY D 59 -28.47 -64.78 16.55
N GLY D 60 -28.39 -63.64 15.89
CA GLY D 60 -28.65 -63.58 14.46
C GLY D 60 -30.07 -63.95 14.09
N THR D 61 -31.05 -63.49 14.86
CA THR D 61 -32.43 -63.82 14.58
C THR D 61 -32.90 -63.10 13.32
N THR D 62 -34.06 -63.53 12.83
CA THR D 62 -34.63 -63.01 11.60
C THR D 62 -36.00 -62.40 11.89
N GLU D 63 -36.41 -61.47 11.04
CA GLU D 63 -37.73 -60.87 11.17
C GLU D 63 -38.22 -60.47 9.79
N TYR D 64 -39.46 -60.84 9.47
CA TYR D 64 -40.06 -60.60 8.17
C TYR D 64 -41.42 -59.94 8.33
N ALA D 65 -41.75 -59.04 7.41
CA ALA D 65 -43.09 -58.47 7.39
C ALA D 65 -44.12 -59.56 7.18
N ALA D 66 -45.19 -59.51 7.97
CA ALA D 66 -46.18 -60.58 7.96
C ALA D 66 -46.82 -60.76 6.59
N SER D 67 -46.95 -59.66 5.83
CA SER D 67 -47.51 -59.77 4.48
C SER D 67 -46.62 -60.63 3.59
N VAL D 68 -45.31 -60.49 3.73
CA VAL D 68 -44.35 -61.24 2.93
C VAL D 68 -43.70 -62.36 3.73
N LYS D 69 -44.13 -62.58 4.97
CA LYS D 69 -43.55 -63.63 5.78
C LYS D 69 -43.91 -65.00 5.22
N GLY D 70 -43.01 -65.96 5.44
CA GLY D 70 -43.20 -67.31 4.95
C GLY D 70 -42.79 -67.51 3.51
N ARG D 71 -42.58 -66.43 2.75
CA ARG D 71 -42.16 -66.52 1.36
C ARG D 71 -40.77 -65.99 1.10
N PHE D 72 -40.29 -65.08 1.94
CA PHE D 72 -38.97 -64.49 1.80
C PHE D 72 -38.09 -64.92 2.96
N THR D 73 -36.80 -65.11 2.66
CA THR D 73 -35.84 -65.58 3.66
C THR D 73 -34.54 -64.80 3.53
N ILE D 74 -34.14 -64.11 4.58
CA ILE D 74 -32.87 -63.40 4.57
C ILE D 74 -31.81 -64.25 5.25
N SER D 75 -30.56 -64.03 4.85
CA SER D 75 -29.44 -64.82 5.34
C SER D 75 -28.18 -63.98 5.27
N ARG D 76 -27.17 -64.41 6.04
CA ARG D 76 -25.93 -63.66 6.18
C ARG D 76 -24.74 -64.54 5.84
N ASP D 77 -23.74 -63.93 5.19
CA ASP D 77 -22.43 -64.55 4.97
C ASP D 77 -21.43 -63.55 5.53
N ASP D 78 -21.17 -63.64 6.83
CA ASP D 78 -20.26 -62.70 7.47
C ASP D 78 -18.82 -62.91 7.00
N SER D 79 -18.48 -64.12 6.55
CA SER D 79 -17.15 -64.38 6.02
C SER D 79 -16.90 -63.53 4.79
N LYS D 80 -17.87 -63.46 3.88
CA LYS D 80 -17.78 -62.63 2.69
C LYS D 80 -18.52 -61.30 2.85
N SER D 81 -19.20 -61.11 3.98
CA SER D 81 -19.94 -59.88 4.27
C SER D 81 -21.01 -59.62 3.22
N ILE D 82 -21.87 -60.63 3.00
CA ILE D 82 -22.93 -60.55 2.00
C ILE D 82 -24.26 -60.80 2.69
N ALA D 83 -25.23 -59.94 2.41
CA ALA D 83 -26.60 -60.13 2.86
C ALA D 83 -27.43 -60.66 1.70
N TYR D 84 -28.11 -61.77 1.90
CA TYR D 84 -28.91 -62.41 0.87
C TYR D 84 -30.39 -62.34 1.26
N LEU D 85 -31.23 -62.10 0.26
CA LEU D 85 -32.68 -62.18 0.44
C LEU D 85 -33.24 -63.05 -0.67
N GLN D 86 -33.81 -64.18 -0.29
CA GLN D 86 -34.38 -65.15 -1.22
C GLN D 86 -35.89 -64.93 -1.25
N MET D 87 -36.39 -64.47 -2.39
CA MET D 87 -37.83 -64.33 -2.60
C MET D 87 -38.35 -65.55 -3.35
N ASN D 88 -39.54 -66.01 -2.97
CA ASN D 88 -40.15 -67.20 -3.56
C ASN D 88 -41.61 -66.94 -3.88
N SER D 89 -42.10 -67.62 -4.91
CA SER D 89 -43.50 -67.55 -5.33
C SER D 89 -43.93 -66.11 -5.59
N LEU D 90 -43.25 -65.47 -6.52
CA LEU D 90 -43.42 -64.05 -6.74
C LEU D 90 -44.76 -63.75 -7.41
N LYS D 91 -45.32 -62.59 -7.05
CA LYS D 91 -46.57 -62.10 -7.62
C LYS D 91 -46.31 -60.78 -8.32
N THR D 92 -47.30 -60.34 -9.10
CA THR D 92 -47.19 -59.05 -9.78
C THR D 92 -47.12 -57.90 -8.78
N GLU D 93 -47.75 -58.06 -7.62
CA GLU D 93 -47.73 -57.01 -6.61
C GLU D 93 -46.33 -56.76 -6.06
N ASP D 94 -45.45 -57.75 -6.13
CA ASP D 94 -44.10 -57.62 -5.60
C ASP D 94 -43.19 -56.80 -6.51
N THR D 95 -43.66 -56.43 -7.70
CA THR D 95 -42.87 -55.58 -8.59
C THR D 95 -42.63 -54.23 -7.93
N ALA D 96 -41.37 -53.97 -7.56
CA ALA D 96 -41.01 -52.75 -6.84
C ALA D 96 -39.50 -52.68 -6.78
N VAL D 97 -38.98 -51.62 -6.18
CA VAL D 97 -37.55 -51.50 -5.94
C VAL D 97 -37.28 -51.94 -4.51
N TYR D 98 -36.08 -52.43 -4.26
CA TYR D 98 -35.71 -52.96 -2.97
C TYR D 98 -34.35 -52.41 -2.56
N TYR D 99 -34.26 -51.98 -1.31
CA TYR D 99 -33.05 -51.38 -0.75
C TYR D 99 -32.58 -52.21 0.43
N CYS D 100 -31.27 -52.31 0.57
CA CYS D 100 -30.64 -52.94 1.73
C CYS D 100 -29.92 -51.88 2.54
N THR D 101 -30.11 -51.92 3.85
CA THR D 101 -29.65 -50.85 4.72
C THR D 101 -29.05 -51.42 6.00
N ARG D 102 -27.88 -50.91 6.37
CA ARG D 102 -27.26 -51.27 7.64
C ARG D 102 -28.01 -50.60 8.80
N GLY D 103 -28.22 -51.36 9.87
CA GLY D 103 -28.90 -50.83 11.03
C GLY D 103 -30.31 -51.37 11.18
N GLY D 104 -30.55 -52.12 12.27
CA GLY D 104 -31.87 -52.69 12.47
C GLY D 104 -32.93 -51.64 12.70
N THR D 105 -32.63 -50.65 13.54
CA THR D 105 -33.57 -49.58 13.85
C THR D 105 -33.23 -48.27 13.13
N LEU D 106 -32.03 -47.75 13.34
CA LEU D 106 -31.58 -46.60 12.56
C LEU D 106 -31.15 -47.07 11.17
N PHE D 107 -31.68 -46.41 10.14
CA PHE D 107 -31.34 -46.74 8.76
C PHE D 107 -30.27 -45.77 8.30
N ASP D 108 -29.07 -45.96 8.85
CA ASP D 108 -27.97 -45.01 8.64
C ASP D 108 -27.59 -44.94 7.17
N TYR D 109 -27.08 -46.03 6.61
CA TYR D 109 -26.57 -46.05 5.26
C TYR D 109 -27.48 -46.88 4.36
N TRP D 110 -27.73 -46.38 3.16
CA TRP D 110 -28.61 -47.02 2.20
C TRP D 110 -27.86 -47.32 0.91
N GLY D 111 -28.26 -48.40 0.24
CA GLY D 111 -27.67 -48.77 -1.02
C GLY D 111 -28.27 -48.02 -2.19
N GLN D 112 -27.80 -48.36 -3.38
CA GLN D 112 -28.29 -47.74 -4.60
C GLN D 112 -29.66 -48.25 -5.01
N GLY D 113 -30.12 -49.36 -4.44
CA GLY D 113 -31.40 -49.92 -4.78
C GLY D 113 -31.32 -50.92 -5.92
N THR D 114 -32.37 -51.72 -6.05
CA THR D 114 -32.46 -52.68 -7.15
C THR D 114 -33.92 -52.90 -7.49
N LEU D 115 -34.29 -52.65 -8.74
CA LEU D 115 -35.67 -52.78 -9.18
C LEU D 115 -35.93 -54.19 -9.68
N VAL D 116 -36.92 -54.85 -9.10
CA VAL D 116 -37.35 -56.18 -9.51
C VAL D 116 -38.78 -56.09 -9.99
N THR D 117 -39.03 -56.53 -11.22
CA THR D 117 -40.34 -56.45 -11.84
C THR D 117 -40.83 -57.86 -12.16
N VAL D 118 -42.02 -58.19 -11.67
CA VAL D 118 -42.65 -59.48 -11.89
C VAL D 118 -43.86 -59.25 -12.79
N SER D 119 -43.83 -59.83 -13.98
CA SER D 119 -44.93 -59.64 -14.92
C SER D 119 -44.97 -60.82 -15.88
N SER D 120 -46.19 -61.24 -16.23
CA SER D 120 -46.40 -62.30 -17.21
C SER D 120 -46.30 -61.78 -18.64
N ALA D 121 -46.36 -60.47 -18.85
CA ALA D 121 -46.31 -59.92 -20.20
C ALA D 121 -44.95 -60.15 -20.84
N SER D 122 -44.97 -60.36 -22.14
CA SER D 122 -43.75 -60.54 -22.92
C SER D 122 -43.45 -59.28 -23.71
N THR D 123 -42.25 -59.24 -24.28
CA THR D 123 -41.83 -58.09 -25.07
C THR D 123 -42.70 -57.95 -26.31
N LYS D 124 -42.97 -56.71 -26.70
CA LYS D 124 -43.83 -56.45 -27.85
C LYS D 124 -43.52 -55.05 -28.38
N GLY D 125 -43.98 -54.80 -29.61
CA GLY D 125 -43.72 -53.55 -30.29
C GLY D 125 -44.74 -52.49 -29.95
N PRO D 126 -44.27 -51.27 -29.70
CA PRO D 126 -45.19 -50.18 -29.34
C PRO D 126 -46.05 -49.74 -30.53
N SER D 127 -47.20 -49.18 -30.19
CA SER D 127 -48.13 -48.61 -31.16
C SER D 127 -48.25 -47.12 -30.89
N VAL D 128 -48.09 -46.32 -31.93
CA VAL D 128 -48.05 -44.86 -31.82
C VAL D 128 -49.23 -44.27 -32.58
N PHE D 129 -49.96 -43.39 -31.93
CA PHE D 129 -51.12 -42.72 -32.51
C PHE D 129 -50.98 -41.22 -32.32
N PRO D 130 -51.06 -40.43 -33.40
CA PRO D 130 -51.02 -38.98 -33.24
C PRO D 130 -52.32 -38.46 -32.62
N LEU D 131 -52.21 -37.30 -31.99
CA LEU D 131 -53.35 -36.58 -31.42
C LEU D 131 -53.47 -35.25 -32.18
N ALA D 132 -54.21 -35.27 -33.27
CA ALA D 132 -54.30 -34.10 -34.13
C ALA D 132 -55.08 -32.98 -33.45
N PRO D 133 -54.54 -31.78 -33.36
CA PRO D 133 -55.30 -30.67 -32.77
C PRO D 133 -56.47 -30.27 -33.65
N SER D 134 -57.54 -29.80 -32.99
CA SER D 134 -58.72 -29.32 -33.68
C SER D 134 -58.72 -27.81 -33.91
N SER D 135 -57.74 -27.09 -33.37
CA SER D 135 -57.67 -25.65 -33.53
C SER D 135 -56.21 -25.18 -33.51
N ALA D 143 -53.31 -25.17 -29.09
CA ALA D 143 -51.93 -24.90 -29.49
C ALA D 143 -51.00 -26.02 -29.02
N ALA D 144 -51.53 -27.25 -28.96
CA ALA D 144 -50.77 -28.40 -28.50
C ALA D 144 -51.00 -29.57 -29.44
N LEU D 145 -50.06 -30.51 -29.42
CA LEU D 145 -50.16 -31.71 -30.24
C LEU D 145 -49.20 -32.75 -29.69
N GLY D 146 -49.55 -34.03 -29.84
CA GLY D 146 -48.74 -35.06 -29.23
C GLY D 146 -48.88 -36.40 -29.90
N CYS D 147 -48.13 -37.37 -29.36
CA CYS D 147 -48.16 -38.75 -29.81
C CYS D 147 -48.40 -39.64 -28.58
N LEU D 148 -49.36 -40.55 -28.70
CA LEU D 148 -49.67 -41.50 -27.64
C LEU D 148 -49.09 -42.85 -28.03
N VAL D 149 -48.23 -43.40 -27.17
CA VAL D 149 -47.60 -44.70 -27.40
C VAL D 149 -48.17 -45.67 -26.39
N LYS D 150 -48.46 -46.89 -26.83
CA LYS D 150 -49.07 -47.88 -25.95
C LYS D 150 -48.67 -49.28 -26.39
N ASP D 151 -48.86 -50.23 -25.49
CA ASP D 151 -48.63 -51.65 -25.77
C ASP D 151 -47.16 -51.90 -26.15
N TYR D 152 -46.28 -51.58 -25.21
CA TYR D 152 -44.86 -51.88 -25.33
C TYR D 152 -44.38 -52.49 -24.03
N PHE D 153 -43.42 -53.41 -24.14
CA PHE D 153 -42.93 -54.09 -22.96
C PHE D 153 -41.54 -54.64 -23.21
N PRO D 154 -40.63 -54.56 -22.23
CA PRO D 154 -40.77 -53.85 -20.96
C PRO D 154 -40.17 -52.45 -21.04
N GLU D 155 -40.00 -51.78 -19.92
CA GLU D 155 -39.41 -50.45 -19.91
C GLU D 155 -37.93 -50.52 -20.27
N PRO D 156 -37.36 -49.43 -20.78
CA PRO D 156 -37.97 -48.14 -21.11
C PRO D 156 -38.20 -47.95 -22.61
N VAL D 157 -38.69 -46.77 -22.98
CA VAL D 157 -38.90 -46.41 -24.38
C VAL D 157 -38.48 -44.95 -24.57
N THR D 158 -37.73 -44.69 -25.64
CA THR D 158 -37.20 -43.35 -25.88
C THR D 158 -38.11 -42.60 -26.85
N VAL D 159 -38.46 -41.38 -26.49
CA VAL D 159 -39.35 -40.54 -27.29
C VAL D 159 -38.66 -39.20 -27.54
N SER D 160 -38.68 -38.76 -28.79
CA SER D 160 -38.11 -37.46 -29.16
C SER D 160 -39.08 -36.73 -30.07
N TRP D 161 -38.99 -35.40 -30.08
CA TRP D 161 -39.84 -34.56 -30.91
C TRP D 161 -38.98 -33.93 -32.00
N ASN D 162 -39.32 -34.23 -33.26
CA ASN D 162 -38.54 -33.75 -34.41
C ASN D 162 -37.08 -34.15 -34.28
N SER D 163 -36.84 -35.38 -33.81
CA SER D 163 -35.50 -35.93 -33.61
C SER D 163 -34.66 -35.00 -32.73
N GLY D 164 -35.28 -34.44 -31.70
CA GLY D 164 -34.61 -33.56 -30.77
C GLY D 164 -34.61 -32.10 -31.16
N ALA D 165 -35.00 -31.77 -32.39
CA ALA D 165 -35.09 -30.37 -32.77
C ALA D 165 -36.16 -29.64 -31.97
N LEU D 166 -37.32 -30.29 -31.77
CA LEU D 166 -38.41 -29.70 -31.02
C LEU D 166 -38.26 -30.08 -29.55
N THR D 167 -37.98 -29.08 -28.71
CA THR D 167 -37.75 -29.33 -27.29
C THR D 167 -38.63 -28.45 -26.40
N SER D 168 -38.92 -27.23 -26.86
CA SER D 168 -39.69 -26.30 -26.04
C SER D 168 -41.14 -26.75 -25.94
N GLY D 169 -41.67 -26.70 -24.73
CA GLY D 169 -43.04 -27.12 -24.49
C GLY D 169 -43.25 -28.61 -24.50
N VAL D 170 -42.18 -29.41 -24.56
CA VAL D 170 -42.30 -30.86 -24.65
C VAL D 170 -42.54 -31.42 -23.26
N HIS D 171 -43.65 -32.15 -23.11
CA HIS D 171 -44.00 -32.82 -21.86
C HIS D 171 -44.06 -34.31 -22.14
N THR D 172 -43.20 -35.07 -21.48
CA THR D 172 -43.13 -36.52 -21.63
C THR D 172 -43.67 -37.13 -20.34
N PHE D 173 -44.97 -37.41 -20.32
CA PHE D 173 -45.59 -37.91 -19.11
C PHE D 173 -45.07 -39.30 -18.78
N PRO D 174 -44.86 -39.62 -17.50
CA PRO D 174 -44.36 -40.94 -17.14
C PRO D 174 -45.33 -42.03 -17.54
N ALA D 175 -44.78 -43.17 -17.98
CA ALA D 175 -45.60 -44.29 -18.39
C ALA D 175 -46.30 -44.91 -17.18
N VAL D 176 -47.50 -45.41 -17.40
CA VAL D 176 -48.31 -46.04 -16.38
C VAL D 176 -48.65 -47.46 -16.83
N LEU D 177 -48.42 -48.43 -15.95
CA LEU D 177 -48.78 -49.80 -16.26
C LEU D 177 -50.29 -49.93 -16.37
N GLN D 178 -50.74 -50.57 -17.44
CA GLN D 178 -52.16 -50.75 -17.67
C GLN D 178 -52.65 -52.03 -17.02
N SER D 179 -53.97 -52.08 -16.78
CA SER D 179 -54.57 -53.27 -16.18
C SER D 179 -54.38 -54.51 -17.03
N SER D 180 -54.16 -54.34 -18.33
CA SER D 180 -53.83 -55.45 -19.21
C SER D 180 -52.40 -55.96 -19.00
N GLY D 181 -51.61 -55.27 -18.20
CA GLY D 181 -50.22 -55.60 -18.02
C GLY D 181 -49.27 -54.92 -18.99
N LEU D 182 -49.79 -54.09 -19.89
CA LEU D 182 -48.97 -53.39 -20.87
C LEU D 182 -48.66 -51.98 -20.39
N TYR D 183 -47.70 -51.35 -21.07
CA TYR D 183 -47.23 -50.02 -20.72
C TYR D 183 -47.67 -49.01 -21.78
N SER D 184 -47.97 -47.80 -21.32
CA SER D 184 -48.43 -46.75 -22.22
C SER D 184 -48.06 -45.39 -21.64
N LEU D 185 -47.81 -44.44 -22.54
CA LEU D 185 -47.51 -43.07 -22.17
C LEU D 185 -47.96 -42.14 -23.30
N SER D 186 -47.91 -40.85 -23.03
CA SER D 186 -48.21 -39.83 -24.04
C SER D 186 -47.15 -38.74 -23.96
N SER D 187 -46.62 -38.34 -25.11
CA SER D 187 -45.63 -37.27 -25.19
C SER D 187 -46.22 -36.15 -26.04
N VAL D 188 -46.36 -34.97 -25.44
CA VAL D 188 -47.02 -33.85 -26.11
C VAL D 188 -46.05 -32.68 -26.19
N VAL D 189 -46.45 -31.67 -26.94
CA VAL D 189 -45.68 -30.43 -27.08
C VAL D 189 -46.66 -29.33 -27.47
N THR D 190 -46.50 -28.17 -26.84
CA THR D 190 -47.41 -27.03 -27.04
C THR D 190 -46.73 -26.01 -27.93
N VAL D 191 -47.29 -25.80 -29.12
CA VAL D 191 -46.77 -24.81 -30.07
C VAL D 191 -47.96 -24.15 -30.77
N PRO D 192 -48.05 -22.82 -30.75
CA PRO D 192 -49.14 -22.15 -31.47
C PRO D 192 -49.00 -22.32 -32.97
N SER D 193 -50.15 -22.35 -33.64
CA SER D 193 -50.22 -22.49 -35.11
C SER D 193 -49.50 -23.74 -35.59
N THR D 200 -44.14 -30.55 -40.24
CA THR D 200 -42.81 -30.33 -39.69
C THR D 200 -42.74 -30.79 -38.24
N TYR D 201 -43.83 -31.36 -37.76
CA TYR D 201 -43.96 -31.81 -36.37
C TYR D 201 -43.99 -33.33 -36.37
N ILE D 202 -42.86 -33.94 -36.03
CA ILE D 202 -42.74 -35.39 -36.01
C ILE D 202 -42.27 -35.84 -34.64
N CYS D 203 -42.67 -37.06 -34.27
CA CYS D 203 -42.24 -37.70 -33.04
C CYS D 203 -41.59 -39.03 -33.40
N ASN D 204 -40.43 -39.30 -32.80
CA ASN D 204 -39.67 -40.50 -33.03
C ASN D 204 -39.67 -41.34 -31.75
N VAL D 205 -40.12 -42.59 -31.88
CA VAL D 205 -40.25 -43.49 -30.74
C VAL D 205 -39.38 -44.71 -31.01
N ASN D 206 -38.54 -45.06 -30.04
CA ASN D 206 -37.68 -46.23 -30.15
C ASN D 206 -37.90 -47.13 -28.94
N HIS D 207 -38.11 -48.42 -29.21
CA HIS D 207 -38.30 -49.44 -28.19
C HIS D 207 -37.18 -50.46 -28.34
N LYS D 208 -36.21 -50.41 -27.42
CA LYS D 208 -35.07 -51.33 -27.48
C LYS D 208 -35.48 -52.80 -27.40
N PRO D 209 -36.37 -53.23 -26.49
CA PRO D 209 -36.69 -54.67 -26.44
C PRO D 209 -37.26 -55.20 -27.73
N SER D 210 -38.31 -54.57 -28.27
CA SER D 210 -38.79 -54.93 -29.59
C SER D 210 -37.95 -54.33 -30.70
N ASN D 211 -37.01 -53.44 -30.36
CA ASN D 211 -36.14 -52.79 -31.34
C ASN D 211 -36.93 -52.14 -32.46
N THR D 212 -38.01 -51.46 -32.07
CA THR D 212 -38.91 -50.82 -33.03
C THR D 212 -38.64 -49.32 -33.09
N LYS D 213 -38.54 -48.80 -34.31
CA LYS D 213 -38.29 -47.37 -34.54
C LYS D 213 -39.44 -46.83 -35.39
N VAL D 214 -40.30 -46.01 -34.79
CA VAL D 214 -41.50 -45.51 -35.44
C VAL D 214 -41.44 -43.98 -35.46
N ASP D 215 -41.61 -43.41 -36.65
CA ASP D 215 -41.67 -41.96 -36.82
C ASP D 215 -43.09 -41.60 -37.23
N LYS D 216 -43.70 -40.68 -36.49
CA LYS D 216 -45.09 -40.30 -36.72
C LYS D 216 -45.20 -38.80 -36.86
N LYS D 217 -46.26 -38.35 -37.52
CA LYS D 217 -46.52 -36.94 -37.73
C LYS D 217 -47.90 -36.59 -37.22
N VAL D 218 -48.03 -35.38 -36.66
CA VAL D 218 -49.28 -34.88 -36.10
C VAL D 218 -49.63 -33.61 -36.84
N GLU D 219 -50.60 -33.69 -37.74
CA GLU D 219 -51.07 -32.53 -38.48
C GLU D 219 -52.59 -32.64 -38.66
N PRO D 220 -53.29 -31.50 -38.74
CA PRO D 220 -54.74 -31.47 -38.95
C PRO D 220 -55.16 -32.13 -40.26
N ASP E 17 -11.43 -65.43 38.98
CA ASP E 17 -12.59 -65.08 38.18
C ASP E 17 -12.60 -63.59 37.86
N VAL E 18 -12.42 -62.76 38.89
CA VAL E 18 -12.41 -61.31 38.70
C VAL E 18 -11.18 -60.93 37.89
N VAL E 19 -11.40 -60.12 36.85
CA VAL E 19 -10.32 -59.72 35.97
C VAL E 19 -9.33 -58.85 36.74
N MET E 20 -8.04 -59.03 36.46
CA MET E 20 -6.97 -58.29 37.09
C MET E 20 -6.31 -57.43 36.03
N THR E 21 -6.18 -56.13 36.31
CA THR E 21 -5.58 -55.18 35.38
C THR E 21 -4.27 -54.67 35.98
N GLN E 22 -3.22 -54.65 35.17
CA GLN E 22 -1.90 -54.25 35.62
C GLN E 22 -1.34 -53.19 34.66
N SER E 23 -0.22 -52.60 35.08
CA SER E 23 0.43 -51.54 34.33
C SER E 23 1.79 -51.28 34.99
N PRO E 24 2.71 -50.62 34.29
CA PRO E 24 3.95 -50.19 34.93
C PRO E 24 3.65 -49.34 36.16
N LEU E 25 4.39 -49.62 37.25
CA LEU E 25 4.08 -48.98 38.52
C LEU E 25 4.32 -47.48 38.47
N SER E 26 5.37 -47.04 37.79
CA SER E 26 5.66 -45.61 37.67
C SER E 26 6.47 -45.39 36.42
N LEU E 27 6.24 -44.24 35.79
CA LEU E 27 6.91 -43.88 34.54
C LEU E 27 7.40 -42.44 34.64
N PRO E 28 8.52 -42.22 35.33
CA PRO E 28 9.11 -40.88 35.34
C PRO E 28 9.44 -40.42 33.94
N VAL E 29 9.18 -39.15 33.65
CA VAL E 29 9.27 -38.64 32.30
C VAL E 29 9.58 -37.14 32.34
N THR E 30 10.33 -36.68 31.35
CA THR E 30 10.70 -35.31 31.09
C THR E 30 9.63 -34.63 30.23
N PRO E 31 9.52 -33.31 30.30
CA PRO E 31 8.56 -32.61 29.44
C PRO E 31 9.08 -32.47 28.01
N GLY E 32 8.14 -32.26 27.10
CA GLY E 32 8.44 -31.94 25.73
C GLY E 32 8.42 -33.12 24.77
N GLU E 33 8.38 -34.34 25.28
CA GLU E 33 8.38 -35.50 24.40
C GLU E 33 7.25 -36.45 24.76
N PRO E 34 6.78 -37.24 23.79
CA PRO E 34 5.67 -38.15 24.07
C PRO E 34 6.04 -39.27 25.04
N ALA E 35 5.04 -39.76 25.75
CA ALA E 35 5.18 -40.90 26.64
C ALA E 35 4.02 -41.85 26.41
N SER E 36 4.20 -43.10 26.85
CA SER E 36 3.17 -44.11 26.67
C SER E 36 3.10 -44.98 27.92
N ILE E 37 1.89 -45.26 28.37
CA ILE E 37 1.64 -46.10 29.53
C ILE E 37 0.73 -47.25 29.10
N SER E 38 1.19 -48.48 29.35
CA SER E 38 0.43 -49.66 28.95
C SER E 38 -0.48 -50.13 30.09
N CYS E 39 -1.39 -51.03 29.75
CA CYS E 39 -2.29 -51.62 30.72
C CYS E 39 -2.76 -52.97 30.20
N ARG E 40 -2.61 -54.00 31.02
CA ARG E 40 -2.94 -55.37 30.67
C ARG E 40 -4.20 -55.81 31.41
N SER E 41 -4.62 -57.04 31.11
CA SER E 41 -5.81 -57.60 31.72
C SER E 41 -5.69 -59.12 31.74
N SER E 42 -6.44 -59.74 32.65
CA SER E 42 -6.52 -61.19 32.75
C SER E 42 -7.68 -61.78 31.98
N GLN E 43 -8.44 -60.96 31.26
CA GLN E 43 -9.58 -61.43 30.49
C GLN E 43 -9.82 -60.47 29.34
N SER E 44 -10.44 -60.98 28.28
CA SER E 44 -10.81 -60.12 27.15
C SER E 44 -11.92 -59.17 27.57
N LEU E 45 -11.71 -57.88 27.29
CA LEU E 45 -12.67 -56.85 27.66
C LEU E 45 -13.69 -56.55 26.56
N LEU E 46 -13.55 -57.16 25.40
CA LEU E 46 -14.53 -56.96 24.34
C LEU E 46 -15.85 -57.61 24.72
N HIS E 47 -16.94 -56.93 24.39
CA HIS E 47 -18.28 -57.44 24.59
C HIS E 47 -18.88 -57.84 23.25
N SER E 48 -19.97 -58.59 23.31
CA SER E 48 -20.65 -59.02 22.09
C SER E 48 -21.07 -57.83 21.24
N ASN E 49 -21.41 -56.71 21.88
CA ASN E 49 -21.71 -55.49 21.13
C ASN E 49 -20.49 -54.97 20.38
N GLY E 50 -19.29 -55.29 20.86
CA GLY E 50 -18.08 -54.90 20.16
C GLY E 50 -17.39 -53.69 20.75
N TYR E 51 -17.28 -53.63 22.08
CA TYR E 51 -16.69 -52.48 22.75
C TYR E 51 -15.76 -52.94 23.86
N ASN E 52 -14.69 -52.16 24.07
CA ASN E 52 -13.73 -52.45 25.11
C ASN E 52 -14.05 -51.63 26.36
N TYR E 53 -14.52 -52.29 27.40
CA TYR E 53 -15.04 -51.61 28.59
C TYR E 53 -13.86 -51.23 29.48
N LEU E 54 -13.07 -50.28 29.01
CA LEU E 54 -11.93 -49.79 29.78
C LEU E 54 -11.95 -48.27 29.77
N ASP E 55 -11.75 -47.67 30.94
CA ASP E 55 -11.69 -46.24 31.10
C ASP E 55 -10.39 -45.85 31.79
N TRP E 56 -9.99 -44.60 31.61
CA TRP E 56 -8.78 -44.06 32.20
C TRP E 56 -9.15 -42.84 33.04
N TYR E 57 -8.66 -42.81 34.28
CA TYR E 57 -8.88 -41.70 35.18
C TYR E 57 -7.54 -41.16 35.65
N LEU E 58 -7.49 -39.84 35.84
CA LEU E 58 -6.27 -39.17 36.32
C LEU E 58 -6.61 -38.32 37.52
N GLN E 59 -5.80 -38.44 38.57
CA GLN E 59 -5.92 -37.62 39.77
C GLN E 59 -4.67 -36.78 39.93
N LYS E 60 -4.84 -35.46 40.02
CA LYS E 60 -3.74 -34.57 40.30
C LYS E 60 -3.32 -34.70 41.76
N PRO E 61 -2.08 -34.34 42.09
CA PRO E 61 -1.66 -34.37 43.49
C PRO E 61 -2.53 -33.45 44.33
N GLY E 62 -3.19 -34.03 45.33
CA GLY E 62 -4.05 -33.26 46.21
C GLY E 62 -5.22 -32.61 45.51
N GLN E 63 -5.83 -33.31 44.56
CA GLN E 63 -6.96 -32.76 43.81
C GLN E 63 -7.93 -33.87 43.48
N SER E 64 -9.09 -33.49 42.96
CA SER E 64 -10.13 -34.43 42.61
C SER E 64 -9.68 -35.28 41.41
N PRO E 65 -10.22 -36.48 41.26
CA PRO E 65 -9.92 -37.29 40.07
C PRO E 65 -10.49 -36.65 38.83
N GLN E 66 -9.95 -37.07 37.69
CA GLN E 66 -10.38 -36.53 36.40
C GLN E 66 -10.52 -37.66 35.39
N LEU E 67 -11.57 -37.60 34.58
CA LEU E 67 -11.82 -38.58 33.54
C LEU E 67 -11.28 -38.06 32.21
N LEU E 68 -10.56 -38.92 31.49
CA LEU E 68 -9.96 -38.54 30.22
C LEU E 68 -10.46 -39.36 29.05
N ILE E 69 -10.47 -40.69 29.18
CA ILE E 69 -10.73 -41.58 28.05
C ILE E 69 -11.66 -42.69 28.49
N TYR E 70 -12.65 -42.99 27.65
CA TYR E 70 -13.51 -44.14 27.83
C TYR E 70 -13.61 -44.91 26.52
N LEU E 71 -13.79 -46.24 26.62
CA LEU E 71 -13.64 -47.14 25.49
C LEU E 71 -12.26 -47.10 24.86
N GLY E 72 -11.26 -46.52 25.54
CA GLY E 72 -9.88 -46.57 25.11
C GLY E 72 -9.62 -45.97 23.74
N SER E 73 -10.66 -45.38 23.15
CA SER E 73 -10.58 -44.86 21.79
C SER E 73 -10.89 -43.38 21.73
N ASN E 74 -12.01 -42.94 22.30
CA ASN E 74 -12.46 -41.58 22.19
C ASN E 74 -12.30 -40.85 23.52
N ARG E 75 -12.10 -39.53 23.42
CA ARG E 75 -11.68 -38.69 24.53
C ARG E 75 -12.81 -37.79 25.00
N ALA E 76 -12.89 -37.59 26.31
CA ALA E 76 -13.92 -36.74 26.89
C ALA E 76 -13.60 -35.27 26.64
N SER E 77 -14.49 -34.38 27.05
CA SER E 77 -14.29 -32.96 26.86
C SER E 77 -13.31 -32.40 27.88
N GLY E 78 -12.79 -31.22 27.59
CA GLY E 78 -11.90 -30.54 28.51
C GLY E 78 -10.47 -31.06 28.46
N VAL E 79 -10.33 -32.35 28.23
CA VAL E 79 -9.00 -32.97 28.18
C VAL E 79 -8.22 -32.40 27.00
N PRO E 80 -6.94 -32.06 27.17
CA PRO E 80 -6.15 -31.60 26.03
C PRO E 80 -6.09 -32.65 24.94
N ASP E 81 -6.08 -32.19 23.69
CA ASP E 81 -6.09 -33.09 22.56
C ASP E 81 -4.80 -33.90 22.45
N ARG E 82 -3.75 -33.50 23.17
CA ARG E 82 -2.50 -34.24 23.13
C ARG E 82 -2.63 -35.64 23.73
N PHE E 83 -3.70 -35.91 24.48
CA PHE E 83 -3.95 -37.23 25.00
C PHE E 83 -4.56 -38.13 23.93
N SER E 84 -4.27 -39.42 24.03
CA SER E 84 -4.89 -40.40 23.13
C SER E 84 -4.79 -41.77 23.79
N GLY E 85 -5.54 -42.72 23.23
CA GLY E 85 -5.50 -44.08 23.72
C GLY E 85 -5.87 -45.05 22.63
N SER E 86 -5.46 -46.31 22.82
CA SER E 86 -5.75 -47.35 21.84
C SER E 86 -5.59 -48.71 22.53
N GLY E 87 -5.85 -49.76 21.76
CA GLY E 87 -5.69 -51.12 22.22
C GLY E 87 -6.91 -51.95 21.92
N SER E 88 -6.81 -53.23 22.26
CA SER E 88 -7.90 -54.19 22.05
C SER E 88 -7.63 -55.39 22.95
N GLY E 89 -8.42 -56.45 22.77
CA GLY E 89 -8.23 -57.68 23.51
C GLY E 89 -8.09 -57.49 25.00
N THR E 90 -6.90 -57.75 25.54
CA THR E 90 -6.58 -57.49 26.93
C THR E 90 -5.43 -56.51 27.10
N ASP E 91 -4.95 -55.91 26.01
CA ASP E 91 -3.86 -54.96 26.05
C ASP E 91 -4.34 -53.59 25.58
N PHE E 92 -3.91 -52.54 26.27
CA PHE E 92 -4.28 -51.18 25.89
C PHE E 92 -3.14 -50.26 26.26
N THR E 93 -3.15 -49.06 25.67
CA THR E 93 -2.08 -48.10 25.89
C THR E 93 -2.61 -46.69 25.75
N LEU E 94 -2.29 -45.86 26.74
CA LEU E 94 -2.55 -44.42 26.68
C LEU E 94 -1.27 -43.71 26.28
N LYS E 95 -1.38 -42.83 25.29
CA LYS E 95 -0.23 -42.12 24.75
C LYS E 95 -0.43 -40.62 24.92
N ILE E 96 0.56 -39.97 25.51
CA ILE E 96 0.64 -38.52 25.56
C ILE E 96 1.73 -38.09 24.59
N SER E 97 1.55 -36.89 24.02
CA SER E 97 2.52 -36.38 23.06
C SER E 97 3.42 -35.30 23.63
N ARG E 98 2.89 -34.44 24.50
CA ARG E 98 3.65 -33.34 25.10
C ARG E 98 3.51 -33.42 26.61
N VAL E 99 4.54 -33.96 27.27
CA VAL E 99 4.54 -34.01 28.73
C VAL E 99 4.65 -32.60 29.26
N GLU E 100 3.79 -32.25 30.21
CA GLU E 100 3.74 -30.92 30.79
C GLU E 100 3.97 -31.00 32.30
N ALA E 101 4.18 -29.83 32.90
CA ALA E 101 4.50 -29.77 34.32
C ALA E 101 3.35 -30.30 35.17
N GLU E 102 2.12 -29.90 34.84
CA GLU E 102 0.96 -30.34 35.60
C GLU E 102 0.52 -31.75 35.23
N ASP E 103 1.13 -32.37 34.22
CA ASP E 103 0.74 -33.71 33.79
C ASP E 103 1.07 -34.78 34.83
N VAL E 104 1.86 -34.45 35.85
CA VAL E 104 2.18 -35.43 36.89
C VAL E 104 0.93 -35.74 37.70
N GLY E 105 0.77 -37.00 38.06
CA GLY E 105 -0.40 -37.43 38.80
C GLY E 105 -0.47 -38.94 38.83
N VAL E 106 -1.65 -39.43 39.24
CA VAL E 106 -1.88 -40.86 39.37
C VAL E 106 -2.94 -41.26 38.35
N TYR E 107 -2.60 -42.21 37.48
CA TYR E 107 -3.49 -42.73 36.47
C TYR E 107 -4.04 -44.08 36.89
N TYR E 108 -5.24 -44.38 36.42
CA TYR E 108 -5.91 -45.65 36.69
C TYR E 108 -6.62 -46.10 35.43
N CYS E 109 -6.19 -47.25 34.90
CA CYS E 109 -6.90 -47.91 33.79
C CYS E 109 -7.85 -48.91 34.42
N MET E 110 -9.11 -48.51 34.60
CA MET E 110 -10.08 -49.29 35.32
C MET E 110 -11.16 -49.81 34.38
N GLN E 111 -11.56 -51.05 34.59
CA GLN E 111 -12.49 -51.74 33.70
C GLN E 111 -13.91 -51.64 34.22
N SER E 112 -14.87 -52.02 33.36
CA SER E 112 -16.28 -51.93 33.69
C SER E 112 -17.06 -53.15 33.24
N LEU E 113 -16.39 -54.23 32.81
CA LEU E 113 -17.10 -55.42 32.37
C LEU E 113 -17.88 -56.05 33.51
N GLN E 114 -17.30 -56.13 34.69
CA GLN E 114 -17.95 -56.68 35.87
C GLN E 114 -18.23 -55.54 36.85
N THR E 115 -19.46 -55.51 37.36
CA THR E 115 -19.87 -54.45 38.28
C THR E 115 -20.38 -55.05 39.58
N PRO E 116 -20.21 -54.35 40.70
CA PRO E 116 -19.53 -53.06 40.87
C PRO E 116 -18.02 -53.23 41.00
N ARG E 117 -17.32 -52.16 41.33
CA ARG E 117 -15.87 -52.19 41.52
C ARG E 117 -15.55 -51.84 42.96
N LEU E 118 -14.65 -52.61 43.57
CA LEU E 118 -14.30 -52.37 44.96
C LEU E 118 -13.32 -51.23 45.11
N THR E 119 -12.24 -51.24 44.32
CA THR E 119 -11.23 -50.20 44.36
C THR E 119 -10.74 -49.94 42.94
N PHE E 120 -9.72 -49.10 42.83
CA PHE E 120 -9.12 -48.75 41.56
C PHE E 120 -7.74 -49.36 41.36
N GLY E 121 -7.29 -50.21 42.28
CA GLY E 121 -5.97 -50.78 42.18
C GLY E 121 -4.90 -49.80 42.61
N PRO E 122 -3.64 -50.24 42.59
CA PRO E 122 -2.55 -49.33 42.99
C PRO E 122 -2.43 -48.09 42.11
N GLY E 123 -2.74 -48.21 40.83
CA GLY E 123 -2.57 -47.09 39.92
C GLY E 123 -1.12 -46.89 39.55
N THR E 124 -0.89 -45.95 38.64
CA THR E 124 0.44 -45.63 38.16
C THR E 124 0.73 -44.16 38.39
N LYS E 125 1.73 -43.87 39.20
CA LYS E 125 2.15 -42.49 39.42
C LYS E 125 3.15 -42.07 38.36
N VAL E 126 3.13 -40.80 38.02
CA VAL E 126 4.08 -40.23 37.06
C VAL E 126 4.73 -39.01 37.70
N ASP E 127 6.06 -38.92 37.57
CA ASP E 127 6.84 -37.83 38.10
C ASP E 127 7.77 -37.31 37.01
N ILE E 128 8.33 -36.13 37.23
CA ILE E 128 9.32 -35.61 36.32
C ILE E 128 10.57 -36.48 36.39
N LYS E 129 11.34 -36.49 35.30
CA LYS E 129 12.52 -37.33 35.20
C LYS E 129 13.77 -36.48 35.35
N ARG E 130 14.66 -36.91 36.24
CA ARG E 130 15.93 -36.24 36.47
C ARG E 130 17.00 -37.30 36.70
N THR E 131 18.22 -36.84 36.99
CA THR E 131 19.31 -37.77 37.25
C THR E 131 19.14 -38.45 38.60
N VAL E 132 19.71 -39.64 38.73
CA VAL E 132 19.64 -40.38 39.97
C VAL E 132 20.46 -39.66 41.03
N ALA E 133 19.85 -39.41 42.18
CA ALA E 133 20.48 -38.66 43.26
C ALA E 133 20.60 -39.53 44.50
N ALA E 134 21.79 -39.52 45.11
CA ALA E 134 22.03 -40.24 46.34
C ALA E 134 21.59 -39.40 47.54
N PRO E 135 20.92 -39.99 48.51
CA PRO E 135 20.45 -39.20 49.66
C PRO E 135 21.58 -38.74 50.56
N SER E 136 21.33 -37.65 51.28
CA SER E 136 22.22 -37.15 52.32
C SER E 136 21.69 -37.66 53.66
N VAL E 137 22.37 -38.66 54.20
CA VAL E 137 21.91 -39.31 55.43
C VAL E 137 22.40 -38.51 56.63
N PHE E 138 21.47 -38.15 57.51
CA PHE E 138 21.79 -37.46 58.75
C PHE E 138 21.06 -38.14 59.89
N ILE E 139 21.68 -38.18 61.07
CA ILE E 139 21.06 -38.68 62.28
C ILE E 139 21.10 -37.58 63.32
N PHE E 140 19.97 -37.29 63.94
CA PHE E 140 19.93 -36.20 64.89
C PHE E 140 19.44 -36.69 66.25
N PRO E 141 20.10 -36.29 67.34
CA PRO E 141 19.74 -36.82 68.65
C PRO E 141 18.45 -36.17 69.14
N PRO E 142 17.76 -36.80 70.10
CA PRO E 142 16.58 -36.16 70.70
C PRO E 142 16.96 -34.90 71.47
N SER E 143 16.04 -33.94 71.49
CA SER E 143 16.31 -32.69 72.18
C SER E 143 16.36 -32.90 73.68
N ASP E 144 17.21 -32.10 74.34
CA ASP E 144 17.45 -32.29 75.77
C ASP E 144 16.17 -32.14 76.58
N GLU E 145 15.38 -31.11 76.29
CA GLU E 145 14.15 -30.93 77.06
C GLU E 145 13.08 -31.93 76.67
N GLN E 146 13.11 -32.46 75.44
CA GLN E 146 12.26 -33.60 75.14
C GLN E 146 12.67 -34.81 75.97
N LEU E 147 13.98 -35.01 76.16
CA LEU E 147 14.44 -36.05 77.07
C LEU E 147 13.94 -35.80 78.48
N LYS E 148 13.99 -34.54 78.93
CA LYS E 148 13.43 -34.20 80.23
C LYS E 148 11.95 -34.49 80.30
N SER E 149 11.24 -34.39 79.17
CA SER E 149 9.83 -34.73 79.12
C SER E 149 9.57 -36.22 79.31
N GLY E 150 10.62 -37.04 79.24
CA GLY E 150 10.47 -38.47 79.42
C GLY E 150 10.42 -39.27 78.15
N THR E 151 10.63 -38.66 76.99
CA THR E 151 10.61 -39.35 75.70
C THR E 151 11.88 -39.02 74.94
N ALA E 152 12.19 -39.87 73.96
CA ALA E 152 13.38 -39.68 73.14
C ALA E 152 13.04 -40.07 71.71
N SER E 153 13.24 -39.13 70.77
CA SER E 153 12.99 -39.37 69.36
C SER E 153 14.29 -39.17 68.59
N VAL E 154 14.73 -40.21 67.90
CA VAL E 154 15.89 -40.16 67.03
C VAL E 154 15.40 -40.15 65.59
N VAL E 155 15.94 -39.23 64.78
CA VAL E 155 15.46 -39.02 63.42
C VAL E 155 16.62 -39.24 62.45
N CYS E 156 16.36 -40.01 61.41
CA CYS E 156 17.28 -40.20 60.29
C CYS E 156 16.66 -39.57 59.05
N LEU E 157 17.40 -38.67 58.42
CA LEU E 157 16.93 -37.88 57.30
C LEU E 157 17.72 -38.22 56.05
N LEU E 158 17.00 -38.37 54.94
CA LEU E 158 17.57 -38.55 53.61
C LEU E 158 17.22 -37.33 52.79
N ASN E 159 18.23 -36.61 52.32
CA ASN E 159 18.02 -35.35 51.64
C ASN E 159 18.41 -35.45 50.18
N ASN E 160 17.66 -34.74 49.34
CA ASN E 160 17.90 -34.60 47.90
C ASN E 160 18.31 -35.91 47.24
N PHE E 161 17.40 -36.88 47.30
CA PHE E 161 17.59 -38.16 46.65
C PHE E 161 16.56 -38.35 45.55
N TYR E 162 16.92 -39.18 44.57
CA TYR E 162 16.09 -39.50 43.44
C TYR E 162 16.59 -40.80 42.85
N PRO E 163 15.70 -41.69 42.40
CA PRO E 163 14.23 -41.62 42.49
C PRO E 163 13.69 -42.19 43.79
N ARG E 164 12.42 -42.60 43.80
CA ARG E 164 11.81 -43.21 44.97
C ARG E 164 12.48 -44.52 45.33
N GLY E 165 12.04 -45.14 46.42
CA GLY E 165 12.52 -46.45 46.80
C GLY E 165 13.48 -46.50 47.97
N ALA E 166 13.64 -45.40 48.71
CA ALA E 166 14.52 -45.40 49.87
C ALA E 166 14.00 -46.36 50.94
N LYS E 167 14.92 -47.01 51.64
CA LYS E 167 14.59 -48.00 52.66
C LYS E 167 15.41 -47.69 53.91
N VAL E 168 14.74 -47.55 55.04
CA VAL E 168 15.39 -47.16 56.29
C VAL E 168 15.05 -48.18 57.37
N GLN E 169 16.08 -48.60 58.10
CA GLN E 169 15.91 -49.49 59.25
C GLN E 169 16.73 -48.94 60.42
N TRP E 170 16.30 -49.24 61.63
CA TRP E 170 17.01 -48.80 62.83
C TRP E 170 17.70 -49.99 63.50
N LYS E 171 18.94 -49.76 63.93
CA LYS E 171 19.70 -50.76 64.67
C LYS E 171 20.41 -50.09 65.83
N VAL E 172 20.68 -50.86 66.87
CA VAL E 172 21.39 -50.36 68.05
C VAL E 172 22.03 -51.51 68.81
N GLN E 177 15.35 -53.44 64.79
CA GLN E 177 14.38 -52.57 65.46
C GLN E 177 13.24 -52.20 64.51
N SER E 178 12.01 -52.34 64.99
CA SER E 178 10.84 -52.05 64.20
C SER E 178 9.65 -51.84 65.13
N GLY E 179 8.57 -51.32 64.55
CA GLY E 179 7.33 -51.13 65.28
C GLY E 179 7.18 -49.77 65.93
N ASN E 180 8.21 -48.92 65.91
CA ASN E 180 8.14 -47.59 66.49
C ASN E 180 8.66 -46.52 65.53
N SER E 181 8.71 -46.82 64.23
CA SER E 181 9.27 -45.92 63.24
C SER E 181 8.15 -45.35 62.39
N GLN E 182 8.09 -44.02 62.32
CA GLN E 182 7.15 -43.31 61.45
C GLN E 182 7.93 -42.59 60.37
N GLU E 183 7.50 -42.76 59.12
CA GLU E 183 8.24 -42.27 57.96
C GLU E 183 7.40 -41.24 57.24
N SER E 184 7.99 -40.06 57.01
CA SER E 184 7.36 -38.99 56.24
C SER E 184 8.17 -38.76 54.97
N VAL E 185 7.49 -38.75 53.83
CA VAL E 185 8.13 -38.59 52.54
C VAL E 185 7.52 -37.39 51.84
N THR E 186 8.36 -36.45 51.42
CA THR E 186 7.89 -35.31 50.67
C THR E 186 7.74 -35.65 49.19
N GLU E 187 6.89 -34.89 48.51
CA GLU E 187 6.70 -35.06 47.08
C GLU E 187 7.91 -34.53 46.32
N GLN E 188 7.88 -34.68 45.00
CA GLN E 188 8.96 -34.19 44.16
C GLN E 188 9.10 -32.67 44.33
N ASP E 189 10.34 -32.23 44.51
CA ASP E 189 10.59 -30.80 44.66
C ASP E 189 10.50 -30.10 43.31
N SER E 190 10.04 -28.85 43.35
CA SER E 190 9.93 -28.08 42.11
C SER E 190 11.29 -27.59 41.63
N LYS E 191 12.25 -27.39 42.53
CA LYS E 191 13.53 -26.81 42.15
C LYS E 191 14.46 -27.84 41.55
N ASP E 192 14.84 -28.85 42.35
CA ASP E 192 15.82 -29.84 41.95
C ASP E 192 15.23 -31.19 41.60
N SER E 193 13.91 -31.36 41.76
CA SER E 193 13.19 -32.58 41.42
C SER E 193 13.64 -33.79 42.23
N THR E 194 14.37 -33.57 43.31
CA THR E 194 14.80 -34.66 44.19
C THR E 194 13.72 -34.88 45.26
N TYR E 195 14.03 -35.69 46.27
CA TYR E 195 13.08 -36.01 47.33
C TYR E 195 13.77 -35.93 48.67
N SER E 196 12.95 -35.89 49.73
CA SER E 196 13.43 -35.89 51.11
C SER E 196 12.57 -36.83 51.93
N LEU E 197 13.20 -37.59 52.81
CA LEU E 197 12.52 -38.55 53.67
C LEU E 197 13.01 -38.37 55.10
N SER E 198 12.11 -38.58 56.05
CA SER E 198 12.44 -38.47 57.47
C SER E 198 11.83 -39.66 58.21
N SER E 199 12.68 -40.45 58.86
CA SER E 199 12.24 -41.57 59.69
C SER E 199 12.47 -41.22 61.15
N THR E 200 11.43 -41.42 61.97
CA THR E 200 11.47 -41.06 63.38
C THR E 200 11.23 -42.30 64.24
N LEU E 201 12.11 -42.51 65.20
CA LEU E 201 11.96 -43.54 66.22
C LEU E 201 11.70 -42.86 67.56
N THR E 202 10.61 -43.22 68.22
CA THR E 202 10.27 -42.65 69.51
C THR E 202 10.21 -43.75 70.56
N LEU E 203 10.85 -43.50 71.69
CA LEU E 203 10.86 -44.44 72.80
C LEU E 203 10.84 -43.68 74.12
N SER E 204 10.74 -44.41 75.21
CA SER E 204 10.88 -43.80 76.53
C SER E 204 12.35 -43.52 76.82
N LYS E 205 12.59 -42.73 77.86
CA LYS E 205 13.95 -42.33 78.20
C LYS E 205 14.81 -43.53 78.58
N ALA E 206 14.24 -44.47 79.33
CA ALA E 206 14.99 -45.66 79.74
C ALA E 206 15.43 -46.47 78.53
N ASP E 207 14.52 -46.69 77.58
CA ASP E 207 14.87 -47.47 76.39
C ASP E 207 15.95 -46.77 75.58
N TYR E 208 15.90 -45.44 75.50
CA TYR E 208 16.97 -44.70 74.84
C TYR E 208 18.29 -44.88 75.57
N GLU E 209 18.26 -44.88 76.90
CA GLU E 209 19.47 -45.03 77.69
C GLU E 209 19.79 -46.49 78.03
N LYS E 210 18.94 -47.44 77.64
CA LYS E 210 19.25 -48.85 77.84
C LYS E 210 20.28 -49.38 76.86
N HIS E 211 20.50 -48.69 75.75
CA HIS E 211 21.47 -49.11 74.74
C HIS E 211 22.24 -47.90 74.23
N LYS E 212 23.53 -48.07 74.00
CA LYS E 212 24.38 -47.00 73.52
C LYS E 212 25.18 -47.45 72.31
N ALA E 215 22.01 -46.08 64.84
CA ALA E 215 22.53 -46.69 63.62
C ALA E 215 21.42 -46.93 62.60
N CYS E 216 20.99 -45.87 61.93
CA CYS E 216 19.92 -45.98 60.94
C CYS E 216 20.52 -46.44 59.61
N GLU E 217 20.34 -47.72 59.31
CA GLU E 217 20.75 -48.24 58.01
C GLU E 217 19.86 -47.69 56.90
N VAL E 218 20.49 -47.24 55.82
CA VAL E 218 19.82 -46.65 54.68
C VAL E 218 20.22 -47.43 53.43
N THR E 219 19.23 -47.82 52.63
CA THR E 219 19.44 -48.54 51.38
C THR E 219 18.64 -47.84 50.30
N HIS E 220 19.33 -47.24 49.33
CA HIS E 220 18.70 -46.57 48.21
C HIS E 220 19.50 -46.86 46.95
N GLN E 221 18.81 -46.86 45.81
CA GLN E 221 19.49 -47.07 44.54
C GLN E 221 20.41 -45.91 44.18
N GLY E 222 20.17 -44.72 44.71
CA GLY E 222 21.11 -43.63 44.51
C GLY E 222 22.44 -43.89 45.19
N LEU E 223 22.40 -44.47 46.39
CA LEU E 223 23.61 -44.85 47.10
C LEU E 223 24.18 -46.13 46.52
N SER E 224 25.52 -46.25 46.58
CA SER E 224 26.16 -47.47 46.13
C SER E 224 25.96 -48.61 47.12
N SER E 225 26.08 -48.31 48.40
CA SER E 225 25.95 -49.30 49.47
C SER E 225 25.12 -48.71 50.59
N PRO E 226 24.49 -49.55 51.41
CA PRO E 226 23.75 -49.04 52.57
C PRO E 226 24.68 -48.27 53.50
N VAL E 227 24.15 -47.17 54.05
CA VAL E 227 24.90 -46.27 54.91
C VAL E 227 24.36 -46.39 56.32
N THR E 228 25.24 -46.58 57.28
CA THR E 228 24.88 -46.73 58.68
C THR E 228 25.46 -45.58 59.50
N LYS E 229 24.62 -44.90 60.27
CA LYS E 229 25.03 -43.77 61.08
C LYS E 229 24.39 -43.90 62.45
N SER E 230 25.20 -43.84 63.51
CA SER E 230 24.71 -43.99 64.87
C SER E 230 24.62 -42.63 65.56
N PHE E 231 23.98 -42.64 66.73
CA PHE E 231 23.80 -41.43 67.52
C PHE E 231 25.14 -40.87 68.01
N ASP F 17 -52.41 -49.12 21.01
CA ASP F 17 -51.24 -48.65 21.77
C ASP F 17 -50.18 -48.09 20.84
N VAL F 18 -50.26 -48.46 19.56
CA VAL F 18 -49.33 -47.96 18.57
C VAL F 18 -49.55 -46.48 18.36
N VAL F 19 -48.47 -45.70 18.36
CA VAL F 19 -48.52 -44.24 18.26
C VAL F 19 -48.38 -43.85 16.80
N MET F 20 -49.36 -43.13 16.28
CA MET F 20 -49.32 -42.62 14.92
C MET F 20 -48.75 -41.21 14.88
N THR F 21 -48.26 -40.83 13.70
CA THR F 21 -47.63 -39.54 13.50
C THR F 21 -48.28 -38.82 12.33
N GLN F 22 -48.25 -37.49 12.39
CA GLN F 22 -48.86 -36.66 11.35
C GLN F 22 -48.10 -35.34 11.25
N SER F 23 -48.31 -34.66 10.13
CA SER F 23 -47.60 -33.43 9.82
C SER F 23 -48.33 -32.73 8.68
N PRO F 24 -48.05 -31.44 8.45
CA PRO F 24 -48.59 -30.78 7.25
C PRO F 24 -48.13 -31.50 5.99
N LEU F 25 -49.05 -31.61 5.04
CA LEU F 25 -48.82 -32.50 3.90
C LEU F 25 -47.79 -31.94 2.93
N SER F 26 -47.91 -30.66 2.59
CA SER F 26 -47.01 -30.06 1.60
C SER F 26 -46.78 -28.59 1.95
N LEU F 27 -45.53 -28.16 1.82
CA LEU F 27 -45.14 -26.80 2.20
C LEU F 27 -44.09 -26.29 1.21
N PRO F 28 -44.53 -25.69 0.11
CA PRO F 28 -43.57 -25.03 -0.78
C PRO F 28 -42.85 -23.91 -0.03
N VAL F 29 -41.57 -23.76 -0.31
CA VAL F 29 -40.72 -22.82 0.41
C VAL F 29 -39.87 -22.04 -0.57
N THR F 30 -39.84 -20.72 -0.42
CA THR F 30 -38.94 -19.90 -1.22
C THR F 30 -37.50 -20.17 -0.80
N PRO F 31 -36.56 -20.20 -1.75
CA PRO F 31 -35.18 -20.54 -1.41
C PRO F 31 -34.55 -19.51 -0.48
N GLY F 32 -33.63 -19.99 0.35
CA GLY F 32 -32.95 -19.10 1.28
C GLY F 32 -33.81 -18.57 2.40
N GLU F 33 -34.88 -19.28 2.75
CA GLU F 33 -35.80 -18.82 3.77
C GLU F 33 -35.94 -19.91 4.83
N PRO F 34 -35.94 -19.56 6.11
CA PRO F 34 -36.05 -20.59 7.16
C PRO F 34 -37.42 -21.26 7.13
N ALA F 35 -37.41 -22.58 7.10
CA ALA F 35 -38.65 -23.35 7.05
C ALA F 35 -38.70 -24.32 8.22
N SER F 36 -39.92 -24.70 8.60
CA SER F 36 -40.12 -25.60 9.73
C SER F 36 -41.24 -26.57 9.39
N ILE F 37 -41.02 -27.83 9.74
CA ILE F 37 -42.02 -28.90 9.56
C ILE F 37 -42.29 -29.50 10.93
N SER F 38 -43.56 -29.53 11.31
CA SER F 38 -43.97 -30.01 12.63
C SER F 38 -44.54 -31.42 12.51
N CYS F 39 -44.02 -32.32 13.34
CA CYS F 39 -44.48 -33.70 13.38
C CYS F 39 -45.15 -33.94 14.73
N ARG F 40 -46.41 -34.34 14.70
CA ARG F 40 -47.17 -34.63 15.90
C ARG F 40 -47.32 -36.13 16.08
N SER F 41 -47.67 -36.54 17.30
CA SER F 41 -47.85 -37.94 17.63
C SER F 41 -49.07 -38.09 18.53
N SER F 42 -49.61 -39.31 18.54
CA SER F 42 -50.77 -39.62 19.37
C SER F 42 -50.41 -39.91 20.83
N GLN F 43 -49.12 -39.96 21.16
CA GLN F 43 -48.69 -40.25 22.52
C GLN F 43 -47.27 -39.75 22.68
N SER F 44 -46.86 -39.57 23.94
CA SER F 44 -45.49 -39.18 24.21
C SER F 44 -44.54 -40.33 23.92
N LEU F 45 -43.38 -39.99 23.36
CA LEU F 45 -42.36 -40.98 23.00
C LEU F 45 -41.19 -41.01 23.97
N LEU F 46 -41.13 -40.08 24.92
CA LEU F 46 -40.01 -40.04 25.85
C LEU F 46 -39.98 -41.29 26.71
N HIS F 47 -38.80 -41.88 26.85
CA HIS F 47 -38.61 -43.08 27.65
C HIS F 47 -38.06 -42.72 29.02
N SER F 48 -38.15 -43.68 29.94
CA SER F 48 -37.69 -43.45 31.31
C SER F 48 -36.22 -43.08 31.35
N ASN F 49 -35.40 -43.61 30.43
CA ASN F 49 -33.99 -43.27 30.40
C ASN F 49 -33.75 -41.82 30.03
N GLY F 50 -34.76 -41.13 29.50
CA GLY F 50 -34.63 -39.72 29.19
C GLY F 50 -34.24 -39.44 27.76
N TYR F 51 -34.92 -40.09 26.81
CA TYR F 51 -34.66 -39.89 25.40
C TYR F 51 -35.95 -40.03 24.62
N ASN F 52 -36.13 -39.17 23.62
CA ASN F 52 -37.25 -39.28 22.69
C ASN F 52 -36.82 -40.11 21.50
N TYR F 53 -37.64 -41.11 21.15
CA TYR F 53 -37.28 -42.10 20.15
C TYR F 53 -37.91 -41.69 18.82
N LEU F 54 -37.31 -40.69 18.20
CA LEU F 54 -37.81 -40.15 16.94
C LEU F 54 -36.65 -39.93 15.98
N ASP F 55 -36.98 -39.89 14.69
CA ASP F 55 -35.99 -39.61 13.66
C ASP F 55 -36.70 -39.07 12.42
N TRP F 56 -35.88 -38.49 11.54
CA TRP F 56 -36.36 -37.86 10.31
C TRP F 56 -35.53 -38.36 9.14
N TYR F 57 -36.21 -38.70 8.05
CA TYR F 57 -35.56 -39.18 6.83
C TYR F 57 -35.93 -38.28 5.66
N LEU F 58 -34.94 -38.05 4.79
CA LEU F 58 -35.15 -37.31 3.56
C LEU F 58 -35.13 -38.27 2.38
N GLN F 59 -35.80 -37.87 1.30
CA GLN F 59 -35.85 -38.68 0.09
C GLN F 59 -35.90 -37.74 -1.10
N LYS F 60 -34.79 -37.65 -1.84
CA LYS F 60 -34.74 -36.92 -3.08
C LYS F 60 -35.34 -37.75 -4.21
N PRO F 61 -35.94 -37.11 -5.21
CA PRO F 61 -36.46 -37.87 -6.35
C PRO F 61 -35.35 -38.63 -7.04
N GLY F 62 -35.62 -39.90 -7.36
CA GLY F 62 -34.60 -40.74 -7.95
C GLY F 62 -33.38 -40.90 -7.07
N GLN F 63 -33.57 -41.05 -5.76
CA GLN F 63 -32.45 -41.13 -4.83
C GLN F 63 -32.89 -41.91 -3.60
N SER F 64 -31.95 -42.67 -3.04
CA SER F 64 -32.25 -43.45 -1.86
C SER F 64 -32.50 -42.55 -0.66
N PRO F 65 -33.32 -42.99 0.30
CA PRO F 65 -33.58 -42.17 1.48
C PRO F 65 -32.32 -41.94 2.30
N GLN F 66 -32.28 -40.80 2.98
CA GLN F 66 -31.15 -40.41 3.80
C GLN F 66 -31.64 -39.96 5.17
N LEU F 67 -30.80 -40.18 6.18
CA LEU F 67 -31.12 -39.85 7.56
C LEU F 67 -30.53 -38.48 7.92
N LEU F 68 -31.33 -37.65 8.58
CA LEU F 68 -30.89 -36.33 9.00
C LEU F 68 -30.83 -36.20 10.52
N ILE F 69 -31.94 -36.45 11.21
CA ILE F 69 -32.06 -36.18 12.63
C ILE F 69 -32.46 -37.47 13.33
N TYR F 70 -31.82 -37.74 14.47
CA TYR F 70 -32.13 -38.90 15.28
C TYR F 70 -32.34 -38.46 16.72
N LEU F 71 -33.20 -39.20 17.42
CA LEU F 71 -33.64 -38.92 18.79
C LEU F 71 -33.97 -37.45 19.00
N GLY F 72 -34.50 -36.79 17.98
CA GLY F 72 -35.03 -35.45 18.11
C GLY F 72 -34.12 -34.27 17.91
N SER F 73 -32.98 -34.25 18.60
CA SER F 73 -32.12 -33.07 18.64
C SER F 73 -30.67 -33.46 18.36
N ASN F 74 -30.45 -34.24 17.31
CA ASN F 74 -29.10 -34.64 16.94
C ASN F 74 -29.02 -34.86 15.44
N ARG F 75 -27.98 -34.29 14.82
CA ARG F 75 -27.81 -34.30 13.37
C ARG F 75 -26.60 -35.15 13.01
N ALA F 76 -26.75 -35.97 11.97
CA ALA F 76 -25.67 -36.83 11.52
C ALA F 76 -24.75 -36.08 10.55
N SER F 77 -23.64 -36.73 10.18
CA SER F 77 -22.69 -36.15 9.25
C SER F 77 -23.28 -36.14 7.85
N GLY F 78 -22.66 -35.35 6.97
CA GLY F 78 -23.14 -35.14 5.62
C GLY F 78 -24.31 -34.18 5.58
N VAL F 79 -25.22 -34.32 6.53
CA VAL F 79 -26.33 -33.37 6.65
C VAL F 79 -25.77 -32.00 7.00
N PRO F 80 -26.07 -30.96 6.23
CA PRO F 80 -25.52 -29.64 6.53
C PRO F 80 -26.04 -29.09 7.85
N ASP F 81 -25.26 -28.17 8.42
CA ASP F 81 -25.57 -27.63 9.75
C ASP F 81 -26.93 -26.94 9.76
N ARG F 82 -27.39 -26.45 8.61
CA ARG F 82 -28.64 -25.69 8.54
C ARG F 82 -29.82 -26.47 9.12
N PHE F 83 -29.79 -27.80 9.02
CA PHE F 83 -30.86 -28.62 9.60
C PHE F 83 -30.72 -28.70 11.12
N SER F 84 -31.86 -28.73 11.79
CA SER F 84 -31.87 -28.90 13.24
C SER F 84 -33.22 -29.46 13.65
N GLY F 85 -33.25 -30.04 14.85
CA GLY F 85 -34.48 -30.61 15.38
C GLY F 85 -34.74 -30.13 16.80
N SER F 86 -36.01 -30.17 17.17
CA SER F 86 -36.41 -29.76 18.51
C SER F 86 -37.73 -30.44 18.85
N GLY F 87 -38.11 -30.33 20.12
CA GLY F 87 -39.36 -30.91 20.59
C GLY F 87 -39.13 -32.12 21.47
N SER F 88 -40.21 -32.61 22.04
CA SER F 88 -40.18 -33.73 22.98
C SER F 88 -41.62 -34.22 23.17
N GLY F 89 -41.80 -35.13 24.12
CA GLY F 89 -43.12 -35.62 24.44
C GLY F 89 -43.85 -36.17 23.22
N THR F 90 -44.86 -35.44 22.77
CA THR F 90 -45.64 -35.84 21.61
C THR F 90 -45.40 -34.97 20.38
N ASP F 91 -44.74 -33.83 20.52
CA ASP F 91 -44.57 -32.90 19.41
C ASP F 91 -43.09 -32.75 19.08
N PHE F 92 -42.80 -32.50 17.80
CA PHE F 92 -41.44 -32.31 17.34
C PHE F 92 -41.45 -31.37 16.15
N THR F 93 -40.30 -30.78 15.87
CA THR F 93 -40.19 -29.81 14.79
C THR F 93 -38.80 -29.92 14.17
N LEU F 94 -38.75 -30.11 12.86
CA LEU F 94 -37.52 -30.05 12.10
C LEU F 94 -37.44 -28.66 11.45
N LYS F 95 -36.42 -27.90 11.83
CA LYS F 95 -36.20 -26.56 11.29
C LYS F 95 -35.03 -26.61 10.34
N ILE F 96 -35.28 -26.29 9.07
CA ILE F 96 -34.21 -26.08 8.11
C ILE F 96 -33.92 -24.59 8.07
N SER F 97 -32.70 -24.22 8.45
CA SER F 97 -32.36 -22.80 8.59
C SER F 97 -32.46 -22.09 7.26
N ARG F 98 -31.88 -22.66 6.21
CA ARG F 98 -31.86 -22.03 4.89
C ARG F 98 -31.97 -23.09 3.82
N VAL F 99 -32.82 -22.84 2.84
CA VAL F 99 -33.21 -23.82 1.83
C VAL F 99 -32.60 -23.41 0.49
N GLU F 100 -31.86 -24.33 -0.11
CA GLU F 100 -31.33 -24.19 -1.45
C GLU F 100 -32.16 -25.06 -2.39
N ALA F 101 -31.69 -25.18 -3.64
CA ALA F 101 -32.47 -25.90 -4.66
C ALA F 101 -32.54 -27.40 -4.38
N GLU F 102 -31.58 -27.96 -3.66
CA GLU F 102 -31.49 -29.42 -3.49
C GLU F 102 -32.14 -29.89 -2.19
N ASP F 103 -33.06 -29.12 -1.63
CA ASP F 103 -33.83 -29.54 -0.46
C ASP F 103 -35.23 -30.00 -0.80
N VAL F 104 -35.58 -30.05 -2.08
CA VAL F 104 -36.91 -30.47 -2.51
C VAL F 104 -36.98 -31.99 -2.48
N GLY F 105 -38.06 -32.52 -1.89
CA GLY F 105 -38.17 -33.98 -1.81
C GLY F 105 -39.31 -34.39 -0.90
N VAL F 106 -39.12 -35.51 -0.21
CA VAL F 106 -40.10 -36.05 0.71
C VAL F 106 -39.44 -36.29 2.06
N TYR F 107 -40.10 -35.85 3.13
CA TYR F 107 -39.58 -35.98 4.48
C TYR F 107 -40.50 -36.87 5.30
N TYR F 108 -39.92 -37.84 5.99
CA TYR F 108 -40.65 -38.79 6.81
C TYR F 108 -40.23 -38.65 8.27
N CYS F 109 -41.21 -38.60 9.16
CA CYS F 109 -40.98 -38.51 10.60
C CYS F 109 -41.36 -39.84 11.22
N MET F 110 -40.36 -40.61 11.65
CA MET F 110 -40.57 -41.94 12.21
C MET F 110 -40.36 -41.93 13.73
N GLN F 111 -41.16 -42.73 14.42
CA GLN F 111 -40.93 -43.02 15.82
C GLN F 111 -40.01 -44.23 15.95
N SER F 112 -39.48 -44.43 17.16
CA SER F 112 -38.58 -45.55 17.41
C SER F 112 -38.87 -46.32 18.68
N LEU F 113 -39.79 -45.86 19.53
CA LEU F 113 -40.04 -46.54 20.80
C LEU F 113 -40.63 -47.92 20.59
N GLN F 114 -41.66 -48.02 19.75
CA GLN F 114 -42.34 -49.28 19.49
C GLN F 114 -41.80 -49.88 18.20
N THR F 115 -41.51 -51.17 18.21
CA THR F 115 -40.92 -51.85 17.08
C THR F 115 -41.69 -53.13 16.77
N PRO F 116 -41.72 -53.56 15.50
CA PRO F 116 -41.13 -52.92 14.32
C PRO F 116 -42.07 -51.89 13.69
N ARG F 117 -41.54 -51.07 12.78
CA ARG F 117 -42.34 -50.08 12.06
C ARG F 117 -42.63 -50.61 10.67
N LEU F 118 -43.91 -50.68 10.31
CA LEU F 118 -44.27 -51.23 9.00
C LEU F 118 -43.95 -50.25 7.87
N THR F 119 -44.23 -48.97 8.04
CA THR F 119 -44.09 -48.03 6.96
C THR F 119 -43.63 -46.69 7.48
N PHE F 120 -43.27 -45.80 6.55
CA PHE F 120 -42.76 -44.47 6.84
C PHE F 120 -43.85 -43.41 6.84
N GLY F 121 -45.10 -43.79 6.64
CA GLY F 121 -46.19 -42.86 6.65
C GLY F 121 -46.29 -42.06 5.37
N PRO F 122 -47.33 -41.22 5.27
CA PRO F 122 -47.49 -40.40 4.06
C PRO F 122 -46.34 -39.45 3.82
N GLY F 123 -45.71 -38.93 4.87
CA GLY F 123 -44.62 -38.00 4.71
C GLY F 123 -45.09 -36.60 4.35
N THR F 124 -44.12 -35.77 3.98
CA THR F 124 -44.36 -34.37 3.64
C THR F 124 -43.61 -34.04 2.36
N LYS F 125 -44.27 -33.34 1.45
CA LYS F 125 -43.72 -33.04 0.15
C LYS F 125 -43.22 -31.60 0.16
N VAL F 126 -41.94 -31.41 -0.18
CA VAL F 126 -41.30 -30.10 -0.17
C VAL F 126 -40.91 -29.76 -1.60
N ASP F 127 -41.46 -28.65 -2.09
CA ASP F 127 -41.16 -28.15 -3.43
C ASP F 127 -40.82 -26.67 -3.39
N ILE F 128 -40.71 -26.06 -4.56
CA ILE F 128 -40.40 -24.64 -4.67
C ILE F 128 -41.69 -23.84 -4.56
N LYS F 129 -41.58 -22.61 -4.03
CA LYS F 129 -42.72 -21.72 -3.92
C LYS F 129 -42.80 -20.80 -5.14
N ARG F 130 -44.01 -20.63 -5.66
CA ARG F 130 -44.25 -19.79 -6.83
C ARG F 130 -45.70 -19.35 -6.81
N THR F 131 -46.07 -18.52 -7.79
CA THR F 131 -47.43 -18.01 -7.87
C THR F 131 -48.39 -19.12 -8.33
N VAL F 132 -49.66 -18.97 -7.92
CA VAL F 132 -50.69 -19.91 -8.34
C VAL F 132 -50.92 -19.80 -9.83
N ALA F 133 -51.04 -20.94 -10.50
CA ALA F 133 -51.23 -20.99 -11.95
C ALA F 133 -52.48 -21.79 -12.28
N ALA F 134 -53.16 -21.35 -13.35
CA ALA F 134 -54.39 -21.99 -13.81
C ALA F 134 -54.06 -23.02 -14.89
N PRO F 135 -54.61 -24.22 -14.81
CA PRO F 135 -54.34 -25.24 -15.83
C PRO F 135 -54.89 -24.84 -17.19
N SER F 136 -54.22 -25.32 -18.24
CA SER F 136 -54.64 -25.11 -19.62
C SER F 136 -55.20 -26.43 -20.14
N VAL F 137 -56.50 -26.62 -19.96
CA VAL F 137 -57.14 -27.87 -20.35
C VAL F 137 -57.16 -27.98 -21.88
N PHE F 138 -56.96 -29.19 -22.38
CA PHE F 138 -57.01 -29.44 -23.81
C PHE F 138 -57.39 -30.91 -24.02
N ILE F 139 -58.57 -31.14 -24.59
CA ILE F 139 -59.08 -32.49 -24.83
C ILE F 139 -58.86 -32.83 -26.30
N PHE F 140 -58.36 -34.05 -26.56
CA PHE F 140 -58.06 -34.46 -27.91
C PHE F 140 -58.87 -35.71 -28.28
N PRO F 141 -59.33 -35.81 -29.51
CA PRO F 141 -60.04 -37.02 -29.94
C PRO F 141 -59.06 -38.15 -30.20
N PRO F 142 -59.49 -39.39 -30.03
CA PRO F 142 -58.59 -40.52 -30.31
C PRO F 142 -58.28 -40.61 -31.80
N SER F 143 -57.10 -41.13 -32.10
CA SER F 143 -56.68 -41.28 -33.49
C SER F 143 -57.56 -42.32 -34.20
N ASP F 144 -57.76 -42.10 -35.50
CA ASP F 144 -58.64 -42.98 -36.27
C ASP F 144 -58.12 -44.41 -36.29
N GLU F 145 -56.82 -44.58 -36.51
CA GLU F 145 -56.24 -45.92 -36.51
C GLU F 145 -56.34 -46.58 -35.15
N GLN F 146 -56.25 -45.78 -34.08
CA GLN F 146 -56.46 -46.32 -32.74
C GLN F 146 -57.88 -46.85 -32.59
N LEU F 147 -58.85 -46.13 -33.16
CA LEU F 147 -60.22 -46.63 -33.17
C LEU F 147 -60.32 -47.93 -33.95
N LYS F 148 -59.73 -47.96 -35.15
CA LYS F 148 -59.78 -49.16 -35.97
C LYS F 148 -59.09 -50.35 -35.33
N SER F 149 -58.13 -50.11 -34.43
CA SER F 149 -57.56 -51.20 -33.66
C SER F 149 -58.60 -51.85 -32.76
N GLY F 150 -59.62 -51.09 -32.33
CA GLY F 150 -60.68 -51.62 -31.52
C GLY F 150 -60.74 -51.02 -30.13
N THR F 151 -60.34 -49.76 -30.00
CA THR F 151 -60.32 -49.09 -28.71
C THR F 151 -60.52 -47.60 -28.91
N ALA F 152 -60.92 -46.91 -27.84
CA ALA F 152 -61.11 -45.46 -27.84
C ALA F 152 -60.56 -44.93 -26.52
N SER F 153 -59.51 -44.12 -26.60
CA SER F 153 -58.86 -43.54 -25.42
C SER F 153 -58.85 -42.03 -25.61
N VAL F 154 -59.80 -41.35 -24.99
CA VAL F 154 -59.90 -39.90 -25.10
C VAL F 154 -59.09 -39.28 -23.97
N VAL F 155 -58.22 -38.34 -24.32
CA VAL F 155 -57.23 -37.80 -23.39
C VAL F 155 -57.41 -36.29 -23.31
N CYS F 156 -57.54 -35.78 -22.09
CA CYS F 156 -57.44 -34.34 -21.86
C CYS F 156 -56.26 -34.04 -20.96
N LEU F 157 -55.51 -33.01 -21.33
CA LEU F 157 -54.27 -32.64 -20.66
C LEU F 157 -54.45 -31.30 -19.94
N LEU F 158 -53.86 -31.21 -18.76
CA LEU F 158 -53.83 -30.00 -17.96
C LEU F 158 -52.38 -29.57 -17.82
N ASN F 159 -52.07 -28.34 -18.22
CA ASN F 159 -50.70 -27.88 -18.25
C ASN F 159 -50.58 -26.53 -17.54
N ASN F 160 -49.41 -26.32 -16.94
CA ASN F 160 -49.03 -25.04 -16.34
C ASN F 160 -50.02 -24.62 -15.25
N PHE F 161 -50.17 -25.49 -14.25
CA PHE F 161 -50.94 -25.17 -13.06
C PHE F 161 -50.12 -25.43 -11.82
N TYR F 162 -50.20 -24.51 -10.85
CA TYR F 162 -49.51 -24.65 -9.59
C TYR F 162 -50.47 -24.20 -8.48
N PRO F 163 -50.49 -24.91 -7.35
CA PRO F 163 -49.78 -26.16 -7.07
C PRO F 163 -50.61 -27.36 -7.51
N ARG F 164 -50.35 -28.55 -6.98
CA ARG F 164 -51.17 -29.70 -7.29
C ARG F 164 -52.56 -29.53 -6.68
N GLY F 165 -53.42 -30.52 -6.93
CA GLY F 165 -54.79 -30.49 -6.44
C GLY F 165 -55.84 -30.51 -7.54
N ALA F 166 -55.46 -30.59 -8.81
CA ALA F 166 -56.44 -30.66 -9.88
C ALA F 166 -57.12 -32.03 -9.90
N LYS F 167 -58.44 -32.02 -10.00
CA LYS F 167 -59.24 -33.24 -10.06
C LYS F 167 -60.00 -33.27 -11.38
N VAL F 168 -59.99 -34.43 -12.02
CA VAL F 168 -60.65 -34.62 -13.32
C VAL F 168 -61.68 -35.73 -13.17
N GLN F 169 -62.92 -35.44 -13.57
CA GLN F 169 -64.00 -36.41 -13.51
C GLN F 169 -64.65 -36.52 -14.88
N TRP F 170 -65.02 -37.74 -15.27
CA TRP F 170 -65.57 -38.00 -16.59
C TRP F 170 -67.08 -38.15 -16.54
N LYS F 171 -67.76 -37.41 -17.41
CA LYS F 171 -69.19 -37.54 -17.63
C LYS F 171 -69.47 -37.53 -19.12
N VAL F 172 -70.47 -38.32 -19.54
CA VAL F 172 -70.83 -38.41 -20.94
C VAL F 172 -72.14 -37.68 -21.21
N GLN F 177 -67.99 -40.72 -14.42
CA GLN F 177 -67.76 -42.16 -14.50
C GLN F 177 -66.40 -42.52 -13.89
N SER F 178 -66.19 -43.81 -13.64
CA SER F 178 -64.98 -44.27 -12.98
C SER F 178 -64.71 -45.71 -13.38
N GLY F 179 -63.51 -46.18 -13.02
CA GLY F 179 -63.09 -47.53 -13.31
C GLY F 179 -62.35 -47.71 -14.62
N ASN F 180 -62.28 -46.67 -15.46
CA ASN F 180 -61.58 -46.78 -16.73
C ASN F 180 -60.78 -45.53 -17.05
N SER F 181 -60.49 -44.69 -16.06
CA SER F 181 -59.76 -43.45 -16.25
C SER F 181 -58.38 -43.58 -15.61
N GLN F 182 -57.35 -43.22 -16.38
CA GLN F 182 -55.97 -43.27 -15.92
C GLN F 182 -55.38 -41.85 -15.94
N GLU F 183 -54.78 -41.45 -14.83
CA GLU F 183 -54.23 -40.11 -14.69
C GLU F 183 -52.72 -40.21 -14.44
N SER F 184 -51.95 -39.53 -15.28
CA SER F 184 -50.51 -39.48 -15.16
C SER F 184 -50.09 -38.07 -14.75
N VAL F 185 -49.25 -37.98 -13.72
CA VAL F 185 -48.75 -36.71 -13.21
C VAL F 185 -47.26 -36.65 -13.46
N THR F 186 -46.80 -35.58 -14.09
CA THR F 186 -45.39 -35.41 -14.37
C THR F 186 -44.71 -34.65 -13.25
N GLU F 187 -43.38 -34.60 -13.32
CA GLU F 187 -42.60 -33.85 -12.35
C GLU F 187 -42.75 -32.35 -12.59
N GLN F 188 -42.52 -31.57 -11.54
CA GLN F 188 -42.56 -30.12 -11.66
C GLN F 188 -41.55 -29.63 -12.68
N ASP F 189 -41.97 -28.70 -13.53
CA ASP F 189 -41.07 -28.14 -14.53
C ASP F 189 -39.92 -27.40 -13.86
N SER F 190 -38.71 -27.60 -14.39
CA SER F 190 -37.53 -27.01 -13.79
C SER F 190 -37.59 -25.49 -13.81
N LYS F 191 -38.05 -24.90 -14.92
CA LYS F 191 -38.16 -23.46 -15.05
C LYS F 191 -39.57 -22.96 -14.78
N ASP F 192 -40.58 -23.58 -15.40
CA ASP F 192 -41.95 -23.11 -15.26
C ASP F 192 -42.43 -23.28 -13.82
N SER F 193 -42.07 -24.40 -13.19
CA SER F 193 -42.33 -24.69 -11.78
C SER F 193 -43.79 -24.96 -11.46
N THR F 194 -44.58 -25.31 -12.47
CA THR F 194 -45.95 -25.78 -12.27
C THR F 194 -45.97 -27.31 -12.43
N TYR F 195 -47.17 -27.86 -12.51
CA TYR F 195 -47.36 -29.29 -12.73
C TYR F 195 -48.30 -29.50 -13.91
N SER F 196 -48.30 -30.71 -14.44
CA SER F 196 -49.16 -31.09 -15.55
C SER F 196 -49.71 -32.48 -15.31
N LEU F 197 -50.94 -32.70 -15.79
CA LEU F 197 -51.61 -33.98 -15.66
C LEU F 197 -52.17 -34.40 -17.02
N SER F 198 -52.26 -35.71 -17.24
CA SER F 198 -52.89 -36.26 -18.43
C SER F 198 -53.92 -37.27 -17.98
N SER F 199 -55.19 -37.03 -18.31
CA SER F 199 -56.28 -37.90 -17.92
C SER F 199 -56.83 -38.58 -19.17
N THR F 200 -56.81 -39.91 -19.19
CA THR F 200 -57.25 -40.70 -20.33
C THR F 200 -58.41 -41.58 -19.89
N LEU F 201 -59.55 -41.41 -20.56
CA LEU F 201 -60.69 -42.30 -20.41
C LEU F 201 -60.62 -43.34 -21.53
N THR F 202 -60.51 -44.60 -21.15
CA THR F 202 -60.29 -45.70 -22.08
C THR F 202 -61.50 -46.61 -22.11
N LEU F 203 -61.90 -47.03 -23.30
CA LEU F 203 -63.05 -47.92 -23.47
C LEU F 203 -62.88 -48.68 -24.77
N SER F 204 -63.70 -49.69 -24.95
CA SER F 204 -63.81 -50.34 -26.25
C SER F 204 -64.41 -49.37 -27.24
N LYS F 205 -64.05 -49.54 -28.52
CA LYS F 205 -64.53 -48.62 -29.54
C LYS F 205 -66.06 -48.62 -29.62
N ALA F 206 -66.67 -49.79 -29.43
CA ALA F 206 -68.13 -49.88 -29.50
C ALA F 206 -68.78 -49.00 -28.45
N ASP F 207 -68.26 -49.00 -27.23
CA ASP F 207 -68.83 -48.18 -26.16
C ASP F 207 -68.78 -46.71 -26.53
N TYR F 208 -67.67 -46.25 -27.11
CA TYR F 208 -67.60 -44.89 -27.59
C TYR F 208 -68.62 -44.65 -28.71
N GLU F 209 -68.86 -45.68 -29.53
CA GLU F 209 -69.82 -45.52 -30.63
C GLU F 209 -71.25 -45.42 -30.13
N LYS F 210 -71.56 -46.01 -28.96
CA LYS F 210 -72.92 -45.94 -28.45
C LYS F 210 -73.33 -44.50 -28.16
N HIS F 211 -72.43 -43.71 -27.56
CA HIS F 211 -72.75 -42.36 -27.13
C HIS F 211 -71.57 -41.45 -27.40
N LYS F 212 -71.85 -40.28 -27.97
CA LYS F 212 -70.81 -39.29 -28.23
C LYS F 212 -70.82 -38.22 -27.15
N ALA F 215 -66.72 -36.30 -21.84
CA ALA F 215 -66.37 -35.00 -21.27
C ALA F 215 -65.61 -35.17 -19.97
N CYS F 216 -64.58 -34.35 -19.76
CA CYS F 216 -63.84 -34.33 -18.51
C CYS F 216 -63.93 -32.95 -17.87
N GLU F 217 -64.19 -32.93 -16.57
CA GLU F 217 -64.36 -31.72 -15.79
C GLU F 217 -63.21 -31.59 -14.80
N VAL F 218 -62.68 -30.38 -14.69
CA VAL F 218 -61.46 -30.08 -13.95
C VAL F 218 -61.79 -29.11 -12.82
N THR F 219 -61.36 -29.46 -11.61
CA THR F 219 -61.48 -28.60 -10.44
C THR F 219 -60.09 -28.36 -9.85
N HIS F 220 -59.74 -27.09 -9.67
CA HIS F 220 -58.43 -26.73 -9.16
C HIS F 220 -58.51 -25.38 -8.47
N GLN F 221 -57.64 -25.18 -7.47
CA GLN F 221 -57.58 -23.90 -6.79
C GLN F 221 -57.12 -22.77 -7.70
N GLY F 222 -56.40 -23.10 -8.78
CA GLY F 222 -56.07 -22.09 -9.77
C GLY F 222 -57.20 -21.70 -10.68
N LEU F 223 -58.33 -22.40 -10.57
CA LEU F 223 -59.52 -22.12 -11.37
C LEU F 223 -60.61 -21.59 -10.45
N SER F 224 -61.23 -20.47 -10.86
CA SER F 224 -62.36 -19.93 -10.11
C SER F 224 -63.52 -20.91 -10.10
N SER F 225 -63.82 -21.52 -11.23
CA SER F 225 -64.87 -22.51 -11.37
C SER F 225 -64.36 -23.71 -12.15
N PRO F 226 -64.92 -24.89 -11.90
CA PRO F 226 -64.49 -26.07 -12.66
C PRO F 226 -64.77 -25.89 -14.15
N VAL F 227 -63.86 -26.41 -14.97
CA VAL F 227 -63.93 -26.26 -16.42
C VAL F 227 -64.20 -27.64 -17.02
N THR F 228 -65.28 -27.75 -17.79
CA THR F 228 -65.67 -29.02 -18.41
C THR F 228 -65.41 -28.93 -19.90
N LYS F 229 -64.63 -29.87 -20.44
CA LYS F 229 -64.34 -29.94 -21.86
C LYS F 229 -64.82 -31.29 -22.38
N SER F 230 -65.63 -31.26 -23.44
CA SER F 230 -66.29 -32.45 -23.96
C SER F 230 -65.62 -32.90 -25.24
N PHE F 231 -66.21 -33.93 -25.85
CA PHE F 231 -65.75 -34.51 -27.11
C PHE F 231 -65.70 -33.46 -28.21
#